data_2C6Q
#
_entry.id   2C6Q
#
_cell.length_a   131.676
_cell.length_b   141.366
_cell.length_c   164.318
_cell.angle_alpha   90.00
_cell.angle_beta   90.00
_cell.angle_gamma   90.00
#
_symmetry.space_group_name_H-M   'P 21 21 21'
#
loop_
_entity.id
_entity.type
_entity.pdbx_description
1 polymer 'GMP REDUCTASE 2'
2 non-polymer 'INOSINIC ACID'
3 non-polymer 'NADPH DIHYDRO-NICOTINAMIDE-ADENINE-DINUCLEOTIDE PHOSPHATE'
4 water water
#
_entity_poly.entity_id   1
_entity_poly.type   'polypeptide(L)'
_entity_poly.pdbx_seq_one_letter_code
;MGSSHHHHHHSSGLVPRGSLDFKDVLLRPKRSTLKSRSEVDLTRSFSFRNSKQTYSGVPIIAANMDTVGTFEMAKVLCKF
SLFTAVHKHYSLVQWQEFAGQNPDCLEHLAASSGTGSSDFEQLEQILEAIPQVKYICLDVANGYSEHFVEFVKDVRKRFP
QHTIMAGNVVTGEMVEELILSGADIIKVGIGPGSVCTTRKKTGVGYPQLSAVMECADAAHGLKGHIISDGGCSCPGDVAK
AFGAGADFVMLGGMLAGHSESGGELIERDGKKYKLFYGMSSEMAMKKYAGGVAEYRASEGKTVEVPFKGDVEHTIRDILG
GIRSTCTYVGAAKLKELSRRTTFIRVTQQVN
;
_entity_poly.pdbx_strand_id   A,B,C,D,E,F,G,H
#
# COMPACT_ATOMS: atom_id res chain seq x y z
N SER A 19 5.48 -30.80 21.61
CA SER A 19 6.43 -29.97 20.76
C SER A 19 6.09 -28.51 20.81
N LEU A 20 6.26 -27.91 21.95
CA LEU A 20 5.68 -26.64 22.24
C LEU A 20 6.64 -25.52 21.98
N ASP A 21 6.12 -24.49 21.33
CA ASP A 21 6.71 -23.17 21.30
C ASP A 21 5.95 -22.29 22.31
N PHE A 22 6.53 -21.13 22.59
CA PHE A 22 5.91 -20.19 23.53
C PHE A 22 4.46 -19.85 23.18
N LYS A 23 4.18 -19.67 21.89
CA LYS A 23 2.82 -19.31 21.42
C LYS A 23 1.79 -20.38 21.69
N ASP A 24 2.23 -21.57 22.00
CA ASP A 24 1.34 -22.67 22.11
C ASP A 24 0.72 -22.78 23.48
N VAL A 25 1.17 -21.97 24.46
CA VAL A 25 0.66 -22.11 25.81
C VAL A 25 0.32 -20.77 26.47
N LEU A 26 -0.49 -20.84 27.54
CA LEU A 26 -0.69 -19.78 28.51
C LEU A 26 -0.45 -20.33 29.91
N LEU A 27 -0.09 -19.46 30.85
CA LEU A 27 -0.02 -19.87 32.25
C LEU A 27 -1.40 -19.75 32.95
N ARG A 28 -1.79 -20.82 33.64
CA ARG A 28 -3.05 -20.80 34.39
C ARG A 28 -2.90 -19.93 35.64
N PRO A 29 -3.81 -18.96 35.87
CA PRO A 29 -3.77 -18.24 37.16
C PRO A 29 -4.19 -19.11 38.34
N LYS A 30 -3.71 -18.75 39.53
CA LYS A 30 -3.96 -19.52 40.73
C LYS A 30 -4.17 -18.64 41.97
N ARG A 31 -4.84 -19.16 42.98
CA ARG A 31 -5.10 -18.39 44.19
C ARG A 31 -3.78 -17.89 44.77
N SER A 32 -3.74 -16.59 45.15
CA SER A 32 -2.48 -15.92 45.61
C SER A 32 -2.77 -15.07 46.87
N THR A 33 -1.74 -14.90 47.70
CA THR A 33 -1.79 -14.01 48.84
C THR A 33 -1.00 -12.74 48.50
N LEU A 34 -0.58 -12.62 47.25
CA LEU A 34 -0.01 -11.36 46.79
C LEU A 34 -1.07 -10.24 46.63
N LYS A 35 -0.69 -9.06 47.08
CA LYS A 35 -1.54 -7.88 47.05
C LYS A 35 -1.15 -6.97 45.89
N SER A 36 0.15 -6.94 45.59
CA SER A 36 0.71 -6.00 44.64
C SER A 36 1.86 -6.64 43.87
N ARG A 37 1.94 -6.30 42.59
CA ARG A 37 3.09 -6.66 41.76
C ARG A 37 4.43 -6.17 42.37
N SER A 38 4.40 -5.07 43.13
CA SER A 38 5.59 -4.58 43.85
C SER A 38 6.11 -5.52 44.91
N GLU A 39 5.28 -6.44 45.40
CA GLU A 39 5.72 -7.42 46.37
C GLU A 39 6.65 -8.53 45.81
N VAL A 40 6.69 -8.67 44.49
CA VAL A 40 7.42 -9.75 43.84
C VAL A 40 8.92 -9.47 43.70
N ASP A 41 9.73 -10.41 44.20
CA ASP A 41 11.19 -10.38 44.08
C ASP A 41 11.64 -11.17 42.85
N LEU A 42 12.21 -10.49 41.86
CA LEU A 42 12.63 -11.11 40.61
C LEU A 42 14.09 -11.58 40.64
N THR A 43 14.78 -11.32 41.76
CA THR A 43 16.13 -11.83 41.86
C THR A 43 16.11 -13.35 42.21
N ARG A 44 17.19 -14.03 41.85
CA ARG A 44 17.42 -15.41 42.18
C ARG A 44 18.81 -15.48 42.77
N SER A 45 19.02 -16.51 43.59
CA SER A 45 20.35 -16.89 44.11
C SER A 45 20.68 -18.27 43.60
N PHE A 46 21.82 -18.40 42.92
CA PHE A 46 22.27 -19.66 42.40
C PHE A 46 23.62 -20.00 43.00
N SER A 47 23.84 -21.29 43.16
CA SER A 47 25.12 -21.86 43.52
C SER A 47 25.51 -22.81 42.42
N PHE A 48 26.61 -22.52 41.73
CA PHE A 48 26.91 -23.25 40.49
C PHE A 48 27.68 -24.51 40.77
N ARG A 49 27.39 -25.54 39.98
CA ARG A 49 27.83 -26.91 40.25
C ARG A 49 29.34 -27.09 40.21
N ASN A 50 29.98 -26.45 39.23
CA ASN A 50 31.36 -26.78 38.91
C ASN A 50 32.33 -25.70 39.35
N SER A 51 31.97 -24.43 39.19
CA SER A 51 32.80 -23.32 39.63
C SER A 51 32.70 -23.12 41.15
N LYS A 52 31.58 -23.62 41.71
CA LYS A 52 31.22 -23.45 43.12
C LYS A 52 30.99 -21.99 43.49
N GLN A 53 30.79 -21.14 42.48
CA GLN A 53 30.56 -19.74 42.73
C GLN A 53 29.06 -19.51 42.97
N THR A 54 28.74 -18.36 43.54
CA THR A 54 27.38 -18.03 43.85
C THR A 54 26.95 -16.80 43.02
N TYR A 55 25.66 -16.72 42.73
CA TYR A 55 25.07 -15.66 41.94
C TYR A 55 23.89 -15.07 42.69
N SER A 56 23.73 -13.76 42.57
CA SER A 56 22.52 -13.11 43.01
C SER A 56 22.23 -11.98 42.06
N GLY A 57 21.08 -12.05 41.39
CA GLY A 57 20.63 -10.98 40.52
C GLY A 57 19.35 -11.34 39.79
N VAL A 58 18.92 -10.45 38.91
CA VAL A 58 17.77 -10.75 38.07
C VAL A 58 18.25 -11.53 36.85
N PRO A 59 17.84 -12.80 36.69
CA PRO A 59 18.52 -13.66 35.72
C PRO A 59 18.05 -13.51 34.25
N ILE A 60 18.08 -12.28 33.73
CA ILE A 60 17.87 -11.97 32.33
C ILE A 60 19.21 -11.44 31.77
N ILE A 61 19.58 -11.99 30.62
CA ILE A 61 20.88 -11.76 30.01
C ILE A 61 20.75 -11.17 28.65
N ALA A 62 21.46 -10.05 28.42
CA ALA A 62 21.60 -9.52 27.08
C ALA A 62 22.52 -10.45 26.31
N ALA A 63 22.05 -10.89 25.15
CA ALA A 63 22.83 -11.75 24.29
C ALA A 63 24.21 -11.18 23.87
N ASN A 64 25.16 -12.10 23.69
CA ASN A 64 26.50 -11.78 23.21
C ASN A 64 26.58 -11.52 21.71
N MET A 65 25.53 -10.95 21.14
CA MET A 65 25.58 -10.48 19.77
C MET A 65 26.22 -9.11 19.76
N ASP A 66 26.95 -8.79 18.70
CA ASP A 66 27.65 -7.52 18.61
C ASP A 66 26.80 -6.27 18.65
N THR A 67 25.51 -6.37 18.37
CA THR A 67 24.63 -5.26 18.51
C THR A 67 23.84 -5.30 19.85
N VAL A 68 24.05 -6.29 20.72
CA VAL A 68 23.24 -6.40 21.96
C VAL A 68 24.10 -6.40 23.20
N GLY A 69 25.12 -7.26 23.23
CA GLY A 69 26.00 -7.38 24.40
C GLY A 69 27.09 -6.32 24.39
N THR A 70 26.65 -5.07 24.40
CA THR A 70 27.56 -3.93 24.40
C THR A 70 27.84 -3.38 25.81
N PHE A 71 28.91 -2.59 25.92
CA PHE A 71 29.18 -1.92 27.19
C PHE A 71 28.09 -0.94 27.57
N GLU A 72 27.49 -0.30 26.58
CA GLU A 72 26.46 0.70 26.88
C GLU A 72 25.23 -0.02 27.41
N MET A 73 24.94 -1.19 26.86
CA MET A 73 23.89 -2.04 27.35
C MET A 73 24.14 -2.45 28.79
N ALA A 74 25.31 -2.99 29.04
CA ALA A 74 25.67 -3.42 30.40
C ALA A 74 25.47 -2.39 31.48
N LYS A 75 25.89 -1.17 31.16
CA LYS A 75 25.82 -0.07 32.11
C LYS A 75 24.39 0.18 32.56
N VAL A 76 23.42 0.08 31.63
CA VAL A 76 22.04 0.24 32.03
C VAL A 76 21.47 -1.00 32.73
N LEU A 77 21.75 -2.19 32.19
CA LEU A 77 21.22 -3.42 32.73
C LEU A 77 21.70 -3.65 34.17
N CYS A 78 22.95 -3.28 34.40
CA CYS A 78 23.57 -3.29 35.69
C CYS A 78 22.70 -2.60 36.72
N LYS A 79 22.12 -1.46 36.35
CA LYS A 79 21.32 -0.71 37.34
C LYS A 79 20.08 -1.51 37.75
N PHE A 80 19.64 -2.45 36.89
CA PHE A 80 18.49 -3.29 37.22
C PHE A 80 18.92 -4.66 37.77
N SER A 81 20.21 -4.88 37.96
CA SER A 81 20.77 -6.23 38.30
C SER A 81 20.60 -7.34 37.23
N LEU A 82 20.44 -6.92 35.99
CA LEU A 82 20.50 -7.84 34.88
C LEU A 82 21.95 -8.06 34.44
N PHE A 83 22.11 -9.08 33.59
CA PHE A 83 23.36 -9.65 33.17
C PHE A 83 23.60 -9.39 31.69
N THR A 84 24.87 -9.18 31.39
CA THR A 84 25.31 -8.94 30.04
C THR A 84 26.40 -9.94 29.66
N ALA A 85 26.12 -10.73 28.62
CA ALA A 85 27.12 -11.52 27.95
C ALA A 85 27.72 -10.60 26.89
N VAL A 86 28.92 -10.17 27.16
CA VAL A 86 29.56 -9.17 26.32
C VAL A 86 29.98 -9.86 24.99
N HIS A 87 29.80 -9.17 23.89
CA HIS A 87 30.22 -9.72 22.61
C HIS A 87 31.73 -9.89 22.49
N LYS A 88 32.15 -10.65 21.49
CA LYS A 88 33.55 -11.02 21.46
C LYS A 88 34.38 -10.13 20.57
N HIS A 89 33.91 -8.92 20.28
CA HIS A 89 34.61 -8.07 19.32
C HIS A 89 35.03 -6.72 19.92
N TYR A 90 35.27 -6.71 21.23
CA TYR A 90 35.97 -5.57 21.84
C TYR A 90 37.45 -5.91 22.02
N SER A 91 38.28 -4.91 21.89
CA SER A 91 39.70 -5.07 22.20
C SER A 91 39.94 -5.12 23.70
N LEU A 92 41.15 -5.52 24.11
CA LEU A 92 41.49 -5.57 25.54
C LEU A 92 41.47 -4.16 26.13
N VAL A 93 41.99 -3.19 25.37
CA VAL A 93 41.92 -1.78 25.77
C VAL A 93 40.49 -1.32 26.03
N GLN A 94 39.55 -1.74 25.18
CA GLN A 94 38.15 -1.38 25.38
C GLN A 94 37.57 -1.90 26.72
N TRP A 95 37.88 -3.16 27.02
CA TRP A 95 37.47 -3.78 28.28
C TRP A 95 38.05 -3.08 29.49
N GLN A 96 39.34 -2.70 29.40
CA GLN A 96 40.00 -2.05 30.54
C GLN A 96 39.41 -0.69 30.79
N GLU A 97 39.17 0.06 29.72
CA GLU A 97 38.45 1.33 29.82
C GLU A 97 37.07 1.19 30.51
N PHE A 98 36.26 0.24 30.04
CA PHE A 98 34.97 -0.03 30.69
C PHE A 98 35.09 -0.38 32.18
N ALA A 99 36.02 -1.25 32.49
CA ALA A 99 36.22 -1.68 33.85
C ALA A 99 36.70 -0.55 34.75
N GLY A 100 37.57 0.30 34.21
CA GLY A 100 38.06 1.46 34.94
C GLY A 100 36.96 2.46 35.23
N GLN A 101 36.07 2.65 34.28
CA GLN A 101 34.96 3.59 34.44
C GLN A 101 33.73 3.03 35.17
N ASN A 102 33.58 1.71 35.21
CA ASN A 102 32.37 1.09 35.74
C ASN A 102 32.69 -0.07 36.69
N PRO A 103 33.44 0.21 37.75
CA PRO A 103 33.90 -0.88 38.56
C PRO A 103 32.76 -1.65 39.20
N ASP A 104 31.62 -1.02 39.39
CA ASP A 104 30.51 -1.70 40.00
C ASP A 104 29.58 -2.42 39.04
N CYS A 105 29.95 -2.52 37.77
CA CYS A 105 29.13 -3.23 36.78
C CYS A 105 29.80 -4.46 36.25
N LEU A 106 30.81 -4.94 36.96
CA LEU A 106 31.60 -6.07 36.47
C LEU A 106 31.09 -7.41 36.99
N GLU A 107 30.25 -7.40 38.03
CA GLU A 107 29.75 -8.61 38.68
C GLU A 107 28.85 -9.46 37.79
N HIS A 108 28.03 -8.81 36.96
CA HIS A 108 27.11 -9.58 36.13
C HIS A 108 27.46 -9.37 34.68
N LEU A 109 28.72 -9.65 34.36
CA LEU A 109 29.23 -9.62 33.01
C LEU A 109 29.88 -10.98 32.74
N ALA A 110 29.70 -11.45 31.52
CA ALA A 110 30.52 -12.54 31.01
C ALA A 110 31.35 -12.06 29.81
N ALA A 111 32.56 -12.60 29.74
CA ALA A 111 33.39 -12.50 28.54
C ALA A 111 33.13 -13.75 27.66
N SER A 112 32.98 -13.53 26.36
CA SER A 112 32.54 -14.53 25.44
C SER A 112 33.68 -15.00 24.56
N SER A 113 33.56 -16.24 24.12
CA SER A 113 34.50 -16.84 23.17
C SER A 113 33.86 -17.99 22.43
N GLY A 114 34.30 -18.20 21.19
CA GLY A 114 34.11 -19.46 20.50
C GLY A 114 35.28 -20.42 20.74
N THR A 115 35.48 -21.40 19.87
CA THR A 115 36.47 -22.47 20.12
C THR A 115 37.87 -22.22 19.54
N GLY A 116 38.03 -21.22 18.69
CA GLY A 116 39.31 -21.00 18.02
C GLY A 116 40.40 -20.54 18.97
N SER A 117 41.65 -20.83 18.64
CA SER A 117 42.74 -20.49 19.56
C SER A 117 42.84 -18.97 19.77
N SER A 118 42.55 -18.19 18.73
CA SER A 118 42.62 -16.73 18.84
C SER A 118 41.51 -16.16 19.73
N ASP A 119 40.31 -16.74 19.62
CA ASP A 119 39.23 -16.47 20.56
C ASP A 119 39.67 -16.80 21.97
N PHE A 120 40.30 -17.96 22.18
CA PHE A 120 40.68 -18.35 23.52
C PHE A 120 41.75 -17.39 24.09
N GLU A 121 42.73 -17.05 23.27
CA GLU A 121 43.82 -16.18 23.67
C GLU A 121 43.27 -14.81 24.09
N GLN A 122 42.32 -14.28 23.34
CA GLN A 122 41.71 -12.99 23.66
C GLN A 122 40.92 -13.05 24.96
N LEU A 123 40.19 -14.14 25.13
CA LEU A 123 39.43 -14.37 26.35
C LEU A 123 40.36 -14.40 27.56
N GLU A 124 41.46 -15.11 27.40
CA GLU A 124 42.42 -15.28 28.48
C GLU A 124 43.03 -13.95 28.89
N GLN A 125 43.34 -13.10 27.92
CA GLN A 125 43.86 -11.74 28.20
C GLN A 125 42.87 -10.93 29.01
N ILE A 126 41.60 -11.00 28.63
CA ILE A 126 40.55 -10.27 29.34
C ILE A 126 40.47 -10.74 30.78
N LEU A 127 40.31 -12.05 31.00
CA LEU A 127 40.16 -12.58 32.35
C LEU A 127 41.33 -12.33 33.28
N GLU A 128 42.54 -12.39 32.75
CA GLU A 128 43.76 -12.12 33.50
C GLU A 128 43.88 -10.65 33.92
N ALA A 129 43.49 -9.74 33.02
CA ALA A 129 43.62 -8.32 33.25
C ALA A 129 42.50 -7.76 34.09
N ILE A 130 41.37 -8.47 34.12
CA ILE A 130 40.14 -8.01 34.76
C ILE A 130 39.60 -9.14 35.63
N PRO A 131 40.19 -9.33 36.81
CA PRO A 131 39.80 -10.42 37.69
C PRO A 131 38.38 -10.34 38.21
N GLN A 132 37.76 -9.17 38.12
CA GLN A 132 36.39 -8.99 38.58
C GLN A 132 35.41 -9.70 37.61
N VAL A 133 35.83 -9.94 36.36
CA VAL A 133 35.02 -10.69 35.40
C VAL A 133 35.12 -12.17 35.73
N LYS A 134 34.01 -12.76 36.17
CA LYS A 134 34.00 -14.13 36.75
C LYS A 134 33.10 -15.12 36.01
N TYR A 135 32.55 -14.65 34.90
CA TYR A 135 31.80 -15.51 34.03
C TYR A 135 32.40 -15.55 32.61
N ILE A 136 32.27 -16.73 32.01
CA ILE A 136 32.72 -17.02 30.67
C ILE A 136 31.51 -17.56 29.88
N CYS A 137 31.29 -16.99 28.70
CA CYS A 137 30.25 -17.44 27.78
C CYS A 137 30.88 -18.14 26.54
N LEU A 138 30.81 -19.49 26.53
CA LEU A 138 31.34 -20.32 25.45
C LEU A 138 30.20 -20.66 24.49
N ASP A 139 30.31 -20.13 23.27
CA ASP A 139 29.16 -20.07 22.39
C ASP A 139 29.56 -20.53 20.98
N VAL A 140 28.88 -21.58 20.50
CA VAL A 140 29.01 -22.07 19.13
C VAL A 140 27.59 -22.35 18.64
N ALA A 141 27.41 -22.34 17.32
CA ALA A 141 26.11 -22.65 16.73
C ALA A 141 25.76 -24.09 17.06
N ASN A 142 26.74 -24.98 17.01
CA ASN A 142 26.52 -26.40 17.16
C ASN A 142 27.30 -26.94 18.35
N GLY A 143 26.63 -26.94 19.49
CA GLY A 143 27.16 -27.47 20.75
C GLY A 143 27.20 -28.98 20.87
N TYR A 144 26.85 -29.66 19.79
CA TYR A 144 26.80 -31.10 19.77
C TYR A 144 28.10 -31.70 19.39
N SER A 145 29.04 -30.85 18.95
CA SER A 145 30.36 -31.32 18.50
C SER A 145 31.26 -31.78 19.64
N GLU A 146 31.92 -32.93 19.48
CA GLU A 146 32.89 -33.41 20.46
C GLU A 146 34.01 -32.37 20.64
N HIS A 147 34.31 -31.62 19.57
CA HIS A 147 35.31 -30.57 19.64
C HIS A 147 34.92 -29.49 20.64
N PHE A 148 33.65 -29.10 20.65
CA PHE A 148 33.17 -28.11 21.63
C PHE A 148 33.22 -28.68 23.06
N VAL A 149 32.81 -29.93 23.21
CA VAL A 149 32.89 -30.61 24.49
C VAL A 149 34.31 -30.55 25.06
N GLU A 150 35.30 -30.85 24.23
CA GLU A 150 36.69 -30.88 24.68
C GLU A 150 37.17 -29.45 25.00
N PHE A 151 36.67 -28.48 24.27
CA PHE A 151 37.02 -27.07 24.52
C PHE A 151 36.48 -26.62 25.88
N VAL A 152 35.23 -26.96 26.16
CA VAL A 152 34.60 -26.70 27.45
C VAL A 152 35.49 -27.28 28.58
N LYS A 153 35.87 -28.53 28.44
CA LYS A 153 36.75 -29.19 29.39
C LYS A 153 38.06 -28.39 29.63
N ASP A 154 38.69 -27.94 28.56
CA ASP A 154 39.94 -27.20 28.65
C ASP A 154 39.78 -25.86 29.34
N VAL A 155 38.71 -25.17 29.01
CA VAL A 155 38.38 -23.87 29.65
C VAL A 155 38.12 -24.05 31.17
N ARG A 156 37.42 -25.14 31.53
CA ARG A 156 37.16 -25.49 32.93
C ARG A 156 38.46 -25.73 33.71
N LYS A 157 39.36 -26.50 33.11
CA LYS A 157 40.68 -26.73 33.68
C LYS A 157 41.50 -25.43 33.84
N ARG A 158 41.43 -24.54 32.87
CA ARG A 158 42.26 -23.32 32.89
C ARG A 158 41.68 -22.31 33.91
N PHE A 159 40.36 -22.24 34.02
CA PHE A 159 39.70 -21.26 34.88
C PHE A 159 38.73 -21.92 35.87
N PRO A 160 39.25 -22.59 36.89
CA PRO A 160 38.41 -23.43 37.75
C PRO A 160 37.41 -22.71 38.66
N GLN A 161 37.63 -21.43 38.90
CA GLN A 161 36.72 -20.65 39.70
C GLN A 161 35.89 -19.69 38.88
N HIS A 162 36.03 -19.71 37.55
CA HIS A 162 35.09 -18.98 36.69
C HIS A 162 33.83 -19.81 36.36
N THR A 163 32.67 -19.14 36.35
CA THR A 163 31.40 -19.80 36.03
C THR A 163 31.29 -19.85 34.52
N ILE A 164 31.02 -21.03 33.98
CA ILE A 164 31.00 -21.21 32.53
C ILE A 164 29.58 -21.46 32.01
N MET A 165 29.15 -20.57 31.11
CA MET A 165 27.96 -20.79 30.29
C MET A 165 28.42 -21.44 28.99
N ALA A 166 27.72 -22.48 28.54
CA ALA A 166 28.17 -23.16 27.32
C ALA A 166 26.99 -23.58 26.46
N GLY A 167 27.07 -23.31 25.15
CA GLY A 167 26.00 -23.71 24.25
C GLY A 167 26.35 -23.52 22.79
N ASN A 168 25.42 -23.86 21.87
CA ASN A 168 24.03 -24.12 22.19
C ASN A 168 23.62 -25.54 21.89
N VAL A 169 22.68 -26.03 22.68
CA VAL A 169 22.14 -27.39 22.48
C VAL A 169 20.62 -27.33 22.71
N VAL A 170 19.87 -28.40 22.39
CA VAL A 170 18.42 -28.42 22.64
C VAL A 170 17.91 -29.71 23.29
N THR A 171 18.80 -30.63 23.64
CA THR A 171 18.36 -31.90 24.24
C THR A 171 19.13 -32.30 25.48
N GLY A 172 18.49 -33.14 26.27
CA GLY A 172 19.01 -33.49 27.60
C GLY A 172 20.33 -34.19 27.62
N GLU A 173 20.53 -35.13 26.70
CA GLU A 173 21.77 -35.90 26.71
C GLU A 173 22.99 -34.99 26.62
N MET A 174 22.84 -33.95 25.87
CA MET A 174 23.95 -33.06 25.59
C MET A 174 24.13 -32.02 26.69
N VAL A 175 23.02 -31.67 27.33
CA VAL A 175 23.06 -30.83 28.53
C VAL A 175 23.95 -31.49 29.56
N GLU A 176 23.65 -32.78 29.75
CA GLU A 176 24.37 -33.61 30.69
C GLU A 176 25.84 -33.73 30.35
N GLU A 177 26.16 -34.08 29.11
CA GLU A 177 27.53 -34.20 28.75
C GLU A 177 28.29 -32.89 29.06
N LEU A 178 27.71 -31.76 28.68
CA LEU A 178 28.40 -30.46 28.86
C LEU A 178 28.60 -30.08 30.32
N ILE A 179 27.63 -30.40 31.16
CA ILE A 179 27.77 -30.12 32.61
C ILE A 179 28.84 -31.02 33.23
N LEU A 180 28.82 -32.29 32.83
CA LEU A 180 29.80 -33.22 33.31
C LEU A 180 31.21 -32.94 32.74
N SER A 181 31.27 -32.21 31.64
CA SER A 181 32.54 -31.81 31.09
C SER A 181 33.03 -30.50 31.70
N GLY A 182 32.25 -29.88 32.57
CA GLY A 182 32.70 -28.69 33.25
C GLY A 182 31.87 -27.45 33.11
N ALA A 183 30.85 -27.43 32.26
CA ALA A 183 30.06 -26.20 32.13
C ALA A 183 29.09 -26.10 33.31
N ASP A 184 28.85 -24.89 33.82
CA ASP A 184 27.87 -24.66 34.90
C ASP A 184 26.46 -24.42 34.40
N ILE A 185 26.33 -23.66 33.32
CA ILE A 185 25.07 -23.21 32.83
C ILE A 185 25.00 -23.57 31.32
N ILE A 186 23.95 -24.23 30.87
CA ILE A 186 23.91 -24.68 29.47
C ILE A 186 22.97 -23.77 28.71
N LYS A 187 23.44 -23.25 27.55
CA LYS A 187 22.65 -22.37 26.75
C LYS A 187 21.83 -23.22 25.76
N VAL A 188 20.51 -23.03 25.82
CA VAL A 188 19.53 -23.89 25.10
C VAL A 188 18.85 -23.10 23.97
N GLY A 189 18.94 -23.64 22.74
CA GLY A 189 18.16 -23.12 21.61
C GLY A 189 18.95 -23.26 20.33
N ILE A 190 18.36 -23.94 19.33
CA ILE A 190 18.93 -24.02 18.03
C ILE A 190 17.85 -23.60 17.04
N GLY A 191 18.07 -22.45 16.45
CA GLY A 191 17.13 -21.90 15.47
C GLY A 191 15.97 -21.01 15.87
N PRO A 192 15.73 -20.75 17.17
CA PRO A 192 14.56 -19.93 17.48
C PRO A 192 14.72 -18.39 17.34
N GLY A 193 15.95 -17.92 17.11
CA GLY A 193 16.23 -16.51 17.25
C GLY A 193 15.59 -15.67 16.15
N SER A 194 15.28 -14.44 16.50
CA SER A 194 14.53 -13.57 15.61
C SER A 194 15.25 -13.27 14.30
N VAL A 195 16.58 -13.30 14.32
CA VAL A 195 17.37 -13.06 13.09
C VAL A 195 18.16 -14.28 12.62
N CYS A 196 17.72 -15.45 13.08
CA CYS A 196 18.35 -16.71 12.74
C CYS A 196 17.68 -17.24 11.53
N THR A 197 18.44 -17.88 10.66
CA THR A 197 17.88 -18.58 9.51
C THR A 197 18.34 -20.06 9.47
N THR A 198 18.97 -20.55 10.52
CA THR A 198 19.37 -21.96 10.61
C THR A 198 18.26 -22.92 10.18
N ARG A 199 17.04 -22.69 10.64
CA ARG A 199 15.98 -23.61 10.29
C ARG A 199 15.66 -23.62 8.82
N LYS A 200 15.63 -22.44 8.19
CA LYS A 200 15.39 -22.37 6.76
C LYS A 200 16.52 -23.00 5.98
N LYS A 201 17.75 -22.85 6.48
CA LYS A 201 18.93 -23.23 5.69
C LYS A 201 19.28 -24.71 5.90
N THR A 202 18.87 -25.26 7.04
CA THR A 202 19.27 -26.62 7.48
C THR A 202 18.18 -27.54 7.88
N GLY A 203 17.02 -27.00 8.23
CA GLY A 203 15.93 -27.82 8.76
C GLY A 203 16.12 -28.30 10.20
N VAL A 204 17.18 -27.87 10.86
CA VAL A 204 17.49 -28.34 12.18
C VAL A 204 16.94 -27.37 13.26
N GLY A 205 16.44 -27.93 14.36
CA GLY A 205 15.85 -27.16 15.44
C GLY A 205 15.01 -28.01 16.37
N TYR A 206 14.44 -27.34 17.37
CA TYR A 206 13.58 -27.98 18.34
C TYR A 206 12.72 -26.87 18.87
N PRO A 207 11.42 -27.08 18.99
CA PRO A 207 10.60 -26.02 19.56
C PRO A 207 11.08 -25.59 20.94
N GLN A 208 11.21 -24.29 21.14
CA GLN A 208 11.95 -23.75 22.27
C GLN A 208 11.34 -24.01 23.64
N LEU A 209 10.02 -24.04 23.79
CA LEU A 209 9.47 -24.30 25.10
C LEU A 209 9.72 -25.75 25.49
N SER A 210 9.48 -26.68 24.58
CA SER A 210 9.80 -28.07 24.86
C SER A 210 11.28 -28.24 25.13
N ALA A 211 12.15 -27.55 24.36
CA ALA A 211 13.59 -27.64 24.62
C ALA A 211 13.90 -27.24 26.05
N VAL A 212 13.34 -26.12 26.48
CA VAL A 212 13.57 -25.61 27.82
C VAL A 212 13.15 -26.62 28.92
N MET A 213 11.95 -27.17 28.79
CA MET A 213 11.43 -28.14 29.76
C MET A 213 12.31 -29.38 29.88
N GLU A 214 12.58 -30.01 28.74
CA GLU A 214 13.49 -31.14 28.69
C GLU A 214 14.92 -30.84 29.23
N CYS A 215 15.50 -29.71 28.80
CA CYS A 215 16.87 -29.37 29.17
C CYS A 215 16.98 -28.91 30.62
N ALA A 216 15.97 -28.18 31.10
CA ALA A 216 15.95 -27.78 32.50
C ALA A 216 15.93 -29.01 33.45
N ASP A 217 15.13 -29.99 33.11
CA ASP A 217 15.06 -31.24 33.92
C ASP A 217 16.41 -31.96 33.93
N ALA A 218 17.03 -32.05 32.75
CA ALA A 218 18.32 -32.70 32.66
C ALA A 218 19.35 -31.96 33.50
N ALA A 219 19.38 -30.64 33.37
CA ALA A 219 20.35 -29.86 34.09
C ALA A 219 20.15 -29.92 35.59
N HIS A 220 18.91 -29.77 36.01
CA HIS A 220 18.60 -29.70 37.41
C HIS A 220 18.86 -31.00 38.13
N GLY A 221 18.77 -32.11 37.39
CA GLY A 221 19.08 -33.41 37.96
C GLY A 221 20.53 -33.55 38.35
N LEU A 222 21.40 -32.77 37.72
CA LEU A 222 22.80 -32.67 38.09
C LEU A 222 23.17 -31.46 38.94
N LYS A 223 22.17 -30.69 39.38
CA LYS A 223 22.39 -29.46 40.12
C LYS A 223 23.11 -28.37 39.29
N GLY A 224 22.96 -28.45 37.97
CA GLY A 224 23.34 -27.40 37.07
C GLY A 224 22.15 -26.53 36.69
N HIS A 225 22.38 -25.64 35.73
CA HIS A 225 21.47 -24.59 35.31
C HIS A 225 21.44 -24.44 33.81
N ILE A 226 20.38 -23.83 33.33
CA ILE A 226 20.25 -23.48 31.90
C ILE A 226 19.85 -22.06 31.63
N ILE A 227 20.13 -21.63 30.40
CA ILE A 227 19.67 -20.39 29.82
C ILE A 227 18.76 -20.73 28.63
N SER A 228 17.56 -20.19 28.63
CA SER A 228 16.73 -20.23 27.42
C SER A 228 17.19 -19.11 26.49
N ASP A 229 17.83 -19.48 25.38
CA ASP A 229 18.47 -18.53 24.50
C ASP A 229 17.73 -18.41 23.19
N GLY A 230 17.04 -17.29 22.99
CA GLY A 230 16.34 -17.07 21.76
C GLY A 230 14.84 -17.30 21.78
N GLY A 231 14.18 -16.57 20.88
CA GLY A 231 12.78 -16.83 20.54
C GLY A 231 11.80 -16.03 21.38
N CYS A 232 12.25 -15.26 22.37
CA CYS A 232 11.29 -14.41 23.10
C CYS A 232 11.06 -13.10 22.38
N SER A 233 9.80 -12.74 22.19
CA SER A 233 9.48 -11.49 21.52
C SER A 233 8.54 -10.56 22.34
N CYS A 234 8.20 -10.97 23.57
CA CYS A 234 7.35 -10.20 24.44
C CYS A 234 7.70 -10.63 25.86
N PRO A 235 7.37 -9.81 26.84
CA PRO A 235 7.67 -10.25 28.21
C PRO A 235 6.99 -11.57 28.61
N GLY A 236 5.81 -11.83 28.07
CA GLY A 236 5.11 -13.09 28.31
C GLY A 236 5.93 -14.32 27.94
N ASP A 237 6.70 -14.23 26.87
CA ASP A 237 7.56 -15.34 26.45
C ASP A 237 8.66 -15.58 27.49
N VAL A 238 9.25 -14.50 27.98
CA VAL A 238 10.27 -14.60 29.02
C VAL A 238 9.68 -15.30 30.27
N ALA A 239 8.47 -14.90 30.63
CA ALA A 239 7.78 -15.47 31.79
C ALA A 239 7.54 -16.95 31.53
N LYS A 240 7.14 -17.29 30.30
CA LYS A 240 6.92 -18.71 29.94
C LYS A 240 8.20 -19.56 30.05
N ALA A 241 9.32 -18.99 29.59
CA ALA A 241 10.61 -19.67 29.69
C ALA A 241 10.95 -19.94 31.12
N PHE A 242 10.84 -18.92 31.98
CA PHE A 242 11.08 -19.12 33.41
C PHE A 242 10.10 -20.15 33.99
N GLY A 243 8.83 -20.14 33.57
CA GLY A 243 7.83 -21.05 34.12
C GLY A 243 8.10 -22.50 33.74
N ALA A 244 8.72 -22.68 32.58
CA ALA A 244 9.12 -24.00 32.06
C ALA A 244 10.38 -24.51 32.67
N GLY A 245 11.03 -23.68 33.48
CA GLY A 245 12.17 -24.12 34.28
C GLY A 245 13.53 -23.47 33.99
N ALA A 246 13.57 -22.59 33.01
CA ALA A 246 14.82 -21.89 32.67
C ALA A 246 15.32 -21.10 33.89
N ASP A 247 16.61 -21.21 34.22
CA ASP A 247 17.18 -20.49 35.36
C ASP A 247 17.42 -19.03 34.94
N PHE A 248 17.91 -18.89 33.71
CA PHE A 248 18.10 -17.60 33.01
C PHE A 248 17.41 -17.59 31.64
N VAL A 249 17.11 -16.39 31.17
CA VAL A 249 16.59 -16.16 29.79
C VAL A 249 17.50 -15.13 29.13
N MET A 250 17.97 -15.49 27.93
CA MET A 250 18.81 -14.61 27.09
C MET A 250 18.02 -13.98 25.97
N LEU A 251 18.21 -12.65 25.77
CA LEU A 251 17.45 -11.86 24.83
C LEU A 251 18.38 -11.13 23.85
N GLY A 252 18.07 -11.30 22.57
CA GLY A 252 18.66 -10.56 21.46
C GLY A 252 17.74 -9.45 20.95
N GLY A 253 16.83 -9.85 20.09
CA GLY A 253 15.89 -8.94 19.46
C GLY A 253 15.16 -7.95 20.32
N MET A 254 14.71 -8.41 21.48
CA MET A 254 14.03 -7.50 22.42
C MET A 254 14.91 -6.35 22.89
N LEU A 255 16.22 -6.51 22.82
CA LEU A 255 17.18 -5.52 23.30
C LEU A 255 17.86 -4.80 22.15
N ALA A 256 17.62 -5.28 20.92
CA ALA A 256 18.12 -4.59 19.77
C ALA A 256 17.33 -3.32 19.51
N GLY A 257 17.95 -2.35 18.87
CA GLY A 257 17.24 -1.17 18.42
C GLY A 257 17.12 -0.01 19.35
N HIS A 258 17.82 -0.11 20.49
CA HIS A 258 17.84 0.94 21.52
C HIS A 258 19.08 1.87 21.32
N SER A 259 19.13 2.96 22.09
CA SER A 259 20.24 3.86 22.03
C SER A 259 21.49 3.10 22.36
N GLU A 260 21.37 2.20 23.33
CA GLU A 260 22.49 1.45 23.92
C GLU A 260 22.89 0.26 23.11
N SER A 261 22.04 -0.11 22.16
CA SER A 261 22.32 -1.22 21.26
C SER A 261 23.43 -0.74 20.31
N GLY A 262 24.15 -1.70 19.77
CA GLY A 262 24.96 -1.46 18.59
C GLY A 262 24.12 -1.54 17.32
N GLY A 263 24.79 -1.52 16.18
CA GLY A 263 24.12 -1.42 14.92
C GLY A 263 23.97 0.00 14.46
N GLU A 264 24.25 0.22 13.19
CA GLU A 264 24.24 1.58 12.66
C GLU A 264 22.85 2.18 12.78
N LEU A 265 22.82 3.46 13.13
CA LEU A 265 21.60 4.21 13.11
C LEU A 265 21.41 4.76 11.70
N ILE A 266 20.28 4.43 11.11
CA ILE A 266 19.94 4.80 9.76
C ILE A 266 18.64 5.59 9.81
N GLU A 267 18.72 6.84 9.43
CA GLU A 267 17.57 7.70 9.22
C GLU A 267 17.26 7.81 7.76
N ARG A 268 16.10 7.30 7.36
CA ARG A 268 15.71 7.31 5.96
C ARG A 268 14.22 7.46 5.86
N ASP A 269 13.79 8.26 4.88
CA ASP A 269 12.38 8.56 4.63
C ASP A 269 11.71 9.02 5.91
N GLY A 270 12.43 9.87 6.63
CA GLY A 270 11.99 10.49 7.88
C GLY A 270 11.76 9.58 9.08
N LYS A 271 12.30 8.37 9.06
CA LYS A 271 12.16 7.47 10.18
C LYS A 271 13.54 6.98 10.55
N LYS A 272 13.70 6.57 11.80
CA LYS A 272 14.99 6.09 12.36
C LYS A 272 14.92 4.61 12.60
N TYR A 273 16.01 3.94 12.20
CA TYR A 273 16.16 2.48 12.32
C TYR A 273 17.54 2.18 12.84
N LYS A 274 17.70 0.98 13.37
CA LYS A 274 19.02 0.50 13.76
C LYS A 274 19.19 -0.88 13.16
N LEU A 275 20.34 -1.13 12.57
CA LEU A 275 20.63 -2.48 12.07
C LEU A 275 20.69 -3.52 13.17
N PHE A 276 20.20 -4.72 12.85
CA PHE A 276 20.29 -5.85 13.76
C PHE A 276 20.48 -7.05 12.89
N TYR A 277 21.50 -7.86 13.15
CA TYR A 277 21.80 -8.99 12.26
C TYR A 277 22.34 -10.20 13.02
N GLY A 278 22.14 -11.36 12.42
CA GLY A 278 22.62 -12.59 12.98
C GLY A 278 24.12 -12.64 12.99
N MET A 279 24.73 -13.27 13.99
CA MET A 279 26.18 -13.48 13.98
C MET A 279 26.69 -14.46 12.90
N SER A 280 25.77 -15.21 12.30
CA SER A 280 26.03 -16.03 11.15
C SER A 280 25.53 -15.39 9.86
N SER A 281 25.13 -14.12 9.88
CA SER A 281 24.70 -13.48 8.65
C SER A 281 25.86 -13.12 7.76
N GLU A 282 25.55 -12.84 6.51
CA GLU A 282 26.56 -12.36 5.60
C GLU A 282 27.13 -11.00 6.09
N MET A 283 26.28 -10.14 6.69
CA MET A 283 26.75 -8.86 7.26
C MET A 283 27.84 -9.06 8.32
N ALA A 284 27.59 -10.00 9.21
CA ALA A 284 28.53 -10.34 10.28
C ALA A 284 29.82 -10.97 9.77
N MET A 285 29.71 -11.86 8.80
CA MET A 285 30.88 -12.57 8.29
C MET A 285 31.71 -11.65 7.45
N LYS A 286 31.09 -10.73 6.72
CA LYS A 286 31.87 -9.69 6.08
C LYS A 286 32.65 -8.82 7.10
N LYS A 287 32.00 -8.41 8.18
CA LYS A 287 32.64 -7.62 9.21
C LYS A 287 33.83 -8.27 9.87
N TYR A 288 33.73 -9.56 10.19
CA TYR A 288 34.67 -10.22 11.09
C TYR A 288 35.41 -11.44 10.50
N ALA A 289 34.95 -11.97 9.38
CA ALA A 289 35.68 -13.02 8.68
C ALA A 289 36.10 -12.34 7.39
N GLY A 290 36.60 -13.11 6.44
CA GLY A 290 36.97 -12.50 5.15
C GLY A 290 35.80 -12.54 4.18
N GLY A 291 34.58 -12.40 4.71
CA GLY A 291 33.37 -12.74 3.97
C GLY A 291 32.93 -14.16 4.30
N VAL A 292 32.09 -14.71 3.42
CA VAL A 292 31.48 -16.05 3.57
C VAL A 292 32.32 -17.12 2.87
N ALA A 293 32.79 -18.13 3.62
CA ALA A 293 33.60 -19.22 3.04
C ALA A 293 32.74 -20.05 2.07
N GLU A 294 33.34 -20.49 0.98
CA GLU A 294 32.63 -21.15 -0.14
C GLU A 294 31.69 -22.28 0.30
N TYR A 295 32.09 -22.98 1.36
CA TYR A 295 31.35 -24.16 1.82
C TYR A 295 30.25 -23.82 2.85
N ARG A 296 30.23 -22.57 3.34
CA ARG A 296 29.24 -22.13 4.32
C ARG A 296 28.10 -21.45 3.60
N ALA A 297 26.94 -21.48 4.24
CA ALA A 297 25.82 -20.62 3.84
C ALA A 297 25.64 -19.74 5.04
N SER A 298 25.09 -18.56 4.83
CA SER A 298 24.77 -17.71 5.95
C SER A 298 23.61 -18.42 6.67
N GLU A 299 23.60 -18.33 7.98
CA GLU A 299 22.50 -18.80 8.81
C GLU A 299 21.96 -17.72 9.71
N GLY A 300 22.16 -16.46 9.28
CA GLY A 300 21.45 -15.38 9.87
C GLY A 300 21.08 -14.36 8.81
N LYS A 301 20.16 -13.47 9.20
CA LYS A 301 19.73 -12.38 8.35
C LYS A 301 19.98 -11.00 8.95
N THR A 302 19.74 -9.97 8.14
CA THR A 302 19.76 -8.57 8.60
C THR A 302 18.36 -7.96 8.58
N VAL A 303 17.99 -7.27 9.65
CA VAL A 303 16.82 -6.44 9.60
C VAL A 303 17.13 -5.00 10.08
N GLU A 304 16.22 -4.09 9.76
CA GLU A 304 16.30 -2.73 10.30
C GLU A 304 15.16 -2.62 11.28
N VAL A 305 15.51 -2.44 12.54
CA VAL A 305 14.56 -2.33 13.67
C VAL A 305 14.20 -0.86 13.83
N PRO A 306 12.91 -0.51 13.77
CA PRO A 306 12.58 0.88 14.13
C PRO A 306 13.13 1.24 15.53
N PHE A 307 13.69 2.41 15.59
CA PHE A 307 14.45 2.89 16.74
C PHE A 307 13.54 2.98 17.93
N LYS A 308 14.01 2.37 19.02
CA LYS A 308 13.24 2.23 20.28
C LYS A 308 13.55 3.24 21.37
N GLY A 309 14.61 4.03 21.22
CA GLY A 309 15.02 4.90 22.30
C GLY A 309 15.79 4.17 23.37
N ASP A 310 15.71 4.69 24.59
CA ASP A 310 16.49 4.16 25.70
C ASP A 310 16.01 2.78 26.20
N VAL A 311 16.97 1.90 26.48
CA VAL A 311 16.63 0.51 26.89
C VAL A 311 15.92 0.43 28.28
N GLU A 312 16.17 1.39 29.16
CA GLU A 312 15.54 1.36 30.50
C GLU A 312 14.04 1.11 30.40
N HIS A 313 13.38 1.69 29.42
CA HIS A 313 11.94 1.59 29.33
C HIS A 313 11.51 0.20 28.97
N THR A 314 12.32 -0.45 28.15
CA THR A 314 12.09 -1.80 27.74
C THR A 314 12.34 -2.75 28.89
N ILE A 315 13.39 -2.53 29.66
CA ILE A 315 13.64 -3.33 30.82
C ILE A 315 12.45 -3.23 31.79
N ARG A 316 11.99 -2.01 32.05
CA ARG A 316 10.84 -1.86 32.96
C ARG A 316 9.59 -2.62 32.44
N ASP A 317 9.37 -2.64 31.12
CA ASP A 317 8.21 -3.31 30.54
C ASP A 317 8.35 -4.81 30.78
N ILE A 318 9.54 -5.33 30.56
CA ILE A 318 9.79 -6.80 30.75
C ILE A 318 9.62 -7.24 32.21
N LEU A 319 10.26 -6.50 33.13
CA LEU A 319 10.21 -6.87 34.52
C LEU A 319 8.80 -6.71 35.10
N GLY A 320 8.11 -5.67 34.64
CA GLY A 320 6.74 -5.44 35.08
C GLY A 320 5.82 -6.56 34.64
N GLY A 321 6.02 -7.05 33.42
CA GLY A 321 5.24 -8.16 32.94
C GLY A 321 5.43 -9.43 33.76
N ILE A 322 6.67 -9.76 34.02
CA ILE A 322 7.02 -10.90 34.83
C ILE A 322 6.53 -10.77 36.26
N ARG A 323 6.62 -9.60 36.89
CA ARG A 323 5.97 -9.43 38.21
C ARG A 323 4.50 -9.73 38.13
N SER A 324 3.83 -9.28 37.07
CA SER A 324 2.41 -9.52 36.91
C SER A 324 2.14 -11.06 36.82
N THR A 325 2.91 -11.76 36.00
CA THR A 325 2.82 -13.24 35.92
C THR A 325 2.92 -13.88 37.31
N CYS A 326 3.90 -13.47 38.07
CA CYS A 326 4.07 -14.01 39.39
C CYS A 326 2.87 -13.73 40.29
N THR A 327 2.28 -12.53 40.23
CA THR A 327 1.16 -12.31 41.10
C THR A 327 -0.04 -13.15 40.67
N TYR A 328 -0.22 -13.33 39.37
CA TYR A 328 -1.29 -14.15 38.83
C TYR A 328 -1.23 -15.62 39.24
N VAL A 329 -0.03 -16.15 39.47
CA VAL A 329 0.08 -17.60 39.81
C VAL A 329 0.44 -17.82 41.29
N GLY A 330 0.57 -16.72 42.04
CA GLY A 330 0.84 -16.78 43.46
C GLY A 330 2.29 -16.94 43.87
N ALA A 331 3.21 -16.54 43.00
CA ALA A 331 4.62 -16.57 43.28
C ALA A 331 5.15 -15.24 43.87
N ALA A 332 5.68 -15.28 45.10
CA ALA A 332 6.24 -14.09 45.73
C ALA A 332 7.66 -13.86 45.23
N LYS A 333 8.26 -14.88 44.63
CA LYS A 333 9.64 -14.83 44.22
C LYS A 333 9.74 -15.54 42.92
N LEU A 334 10.64 -15.10 42.06
CA LEU A 334 10.81 -15.76 40.78
C LEU A 334 11.17 -17.25 40.97
N LYS A 335 11.83 -17.55 42.06
CA LYS A 335 12.18 -18.92 42.36
C LYS A 335 10.98 -19.86 42.35
N GLU A 336 9.81 -19.34 42.69
CA GLU A 336 8.59 -20.12 42.86
C GLU A 336 7.80 -20.21 41.57
N LEU A 337 8.22 -19.45 40.57
CA LEU A 337 7.37 -19.33 39.39
C LEU A 337 7.24 -20.69 38.70
N SER A 338 8.33 -21.42 38.50
CA SER A 338 8.16 -22.69 37.80
C SER A 338 7.36 -23.70 38.61
N ARG A 339 7.49 -23.72 39.93
CA ARG A 339 6.67 -24.65 40.77
C ARG A 339 5.20 -24.38 40.62
N ARG A 340 4.88 -23.11 40.40
CA ARG A 340 3.51 -22.63 40.38
C ARG A 340 2.93 -22.55 38.96
N THR A 341 3.71 -22.98 37.99
CA THR A 341 3.29 -22.91 36.61
C THR A 341 2.56 -24.17 36.17
N THR A 342 1.35 -23.99 35.65
CA THR A 342 0.59 -25.01 34.95
C THR A 342 0.26 -24.39 33.59
N PHE A 343 0.78 -25.01 32.54
CA PHE A 343 0.54 -24.53 31.19
C PHE A 343 -0.78 -25.05 30.65
N ILE A 344 -1.48 -24.19 29.91
CA ILE A 344 -2.73 -24.54 29.25
C ILE A 344 -2.37 -24.41 27.78
N ARG A 345 -2.65 -25.45 27.01
CA ARG A 345 -2.35 -25.46 25.57
C ARG A 345 -3.46 -24.78 24.83
N VAL A 346 -3.10 -23.85 23.95
CA VAL A 346 -4.08 -23.02 23.27
C VAL A 346 -4.13 -23.27 21.76
N SER B 19 0.39 -37.07 7.95
CA SER B 19 0.26 -36.30 6.64
C SER B 19 1.16 -35.08 6.59
N LEU B 20 2.44 -35.28 6.48
CA LEU B 20 3.40 -34.21 6.73
C LEU B 20 3.86 -33.48 5.51
N ASP B 21 4.00 -32.16 5.65
CA ASP B 21 4.75 -31.39 4.69
C ASP B 21 6.10 -31.02 5.29
N PHE B 22 7.00 -30.50 4.45
CA PHE B 22 8.29 -30.04 4.96
C PHE B 22 8.15 -29.11 6.15
N LYS B 23 7.23 -28.17 6.06
CA LYS B 23 7.01 -27.22 7.14
C LYS B 23 6.61 -27.83 8.47
N ASP B 24 6.20 -29.12 8.49
CA ASP B 24 5.68 -29.71 9.72
C ASP B 24 6.75 -30.34 10.61
N VAL B 25 8.01 -30.25 10.20
CA VAL B 25 9.04 -30.97 10.95
C VAL B 25 10.34 -30.19 11.00
N LEU B 26 11.20 -30.58 11.95
CA LEU B 26 12.59 -30.12 12.07
C LEU B 26 13.42 -31.38 12.27
N LEU B 27 14.69 -31.31 11.95
CA LEU B 27 15.61 -32.37 12.35
C LEU B 27 16.22 -32.09 13.73
N ARG B 28 16.31 -33.18 14.51
CA ARG B 28 16.86 -33.16 15.86
C ARG B 28 18.36 -33.23 15.71
N PRO B 29 19.09 -32.27 16.29
CA PRO B 29 20.55 -32.44 16.28
C PRO B 29 20.96 -33.62 17.16
N LYS B 30 22.17 -34.11 16.93
CA LYS B 30 22.73 -35.27 17.67
C LYS B 30 24.22 -35.13 17.83
N ARG B 31 24.76 -35.76 18.85
CA ARG B 31 26.19 -35.70 19.09
C ARG B 31 26.96 -36.12 17.83
N SER B 32 28.03 -35.38 17.52
CA SER B 32 28.95 -35.81 16.45
C SER B 32 30.40 -35.49 16.74
N THR B 33 31.26 -36.16 15.98
CA THR B 33 32.70 -35.94 15.99
C THR B 33 33.12 -35.04 14.81
N LEU B 34 32.18 -34.61 13.99
CA LEU B 34 32.50 -33.68 12.90
C LEU B 34 32.91 -32.33 13.50
N LYS B 35 33.91 -31.68 12.92
CA LYS B 35 34.35 -30.39 13.44
C LYS B 35 34.13 -29.22 12.48
N SER B 36 33.85 -29.49 11.22
CA SER B 36 33.66 -28.42 10.25
C SER B 36 32.70 -28.87 9.18
N ARG B 37 31.88 -27.92 8.73
CA ARG B 37 31.00 -28.18 7.61
C ARG B 37 31.78 -28.60 6.34
N SER B 38 33.02 -28.14 6.20
CA SER B 38 33.83 -28.50 5.02
C SER B 38 34.17 -29.99 4.98
N GLU B 39 34.16 -30.69 6.12
CA GLU B 39 34.38 -32.15 6.12
C GLU B 39 33.26 -32.96 5.47
N VAL B 40 32.08 -32.38 5.27
CA VAL B 40 30.95 -33.20 4.86
C VAL B 40 31.04 -33.52 3.40
N ASP B 41 30.89 -34.81 3.08
CA ASP B 41 30.80 -35.30 1.67
C ASP B 41 29.38 -35.34 1.14
N LEU B 42 29.03 -34.51 0.16
CA LEU B 42 27.64 -34.50 -0.34
C LEU B 42 27.42 -35.41 -1.55
N THR B 43 28.43 -36.11 -2.00
CA THR B 43 28.23 -37.03 -3.11
C THR B 43 27.57 -38.34 -2.65
N ARG B 44 26.88 -38.99 -3.58
CA ARG B 44 26.34 -40.35 -3.31
C ARG B 44 26.80 -41.26 -4.40
N SER B 45 26.91 -42.54 -4.09
CA SER B 45 27.09 -43.58 -5.11
C SER B 45 25.89 -44.47 -5.12
N PHE B 46 25.34 -44.71 -6.29
CA PHE B 46 24.17 -45.59 -6.38
C PHE B 46 24.39 -46.61 -7.42
N SER B 47 23.77 -47.77 -7.23
CA SER B 47 23.67 -48.81 -8.26
C SER B 47 22.22 -49.08 -8.57
N PHE B 48 21.84 -48.88 -9.81
CA PHE B 48 20.43 -48.86 -10.14
C PHE B 48 19.94 -50.29 -10.43
N ARG B 49 18.71 -50.57 -9.95
CA ARG B 49 18.16 -51.92 -9.93
C ARG B 49 18.06 -52.54 -11.28
N ASN B 50 17.59 -51.78 -12.26
CA ASN B 50 17.20 -52.37 -13.53
C ASN B 50 18.22 -52.12 -14.62
N SER B 51 18.72 -50.90 -14.73
CA SER B 51 19.76 -50.56 -15.72
C SER B 51 21.08 -51.18 -15.38
N LYS B 52 21.31 -51.38 -14.07
CA LYS B 52 22.57 -51.92 -13.51
C LYS B 52 23.70 -50.91 -13.58
N GLN B 53 23.41 -49.67 -13.94
CA GLN B 53 24.46 -48.70 -14.13
C GLN B 53 24.77 -48.10 -12.77
N THR B 54 25.86 -47.34 -12.70
CA THR B 54 26.27 -46.72 -11.45
C THR B 54 26.32 -45.20 -11.60
N TYR B 55 26.19 -44.53 -10.46
CA TYR B 55 26.17 -43.09 -10.35
C TYR B 55 27.06 -42.63 -9.23
N SER B 56 27.76 -41.52 -9.48
CA SER B 56 28.49 -40.83 -8.45
C SER B 56 28.28 -39.36 -8.70
N GLY B 57 27.71 -38.67 -7.72
CA GLY B 57 27.54 -37.23 -7.81
C GLY B 57 26.74 -36.69 -6.67
N VAL B 58 26.45 -35.38 -6.74
CA VAL B 58 25.61 -34.71 -5.77
C VAL B 58 24.20 -34.77 -6.29
N PRO B 59 23.31 -35.52 -5.60
CA PRO B 59 22.02 -35.90 -6.14
C PRO B 59 20.87 -34.88 -5.99
N ILE B 60 21.19 -33.68 -6.45
CA ILE B 60 20.23 -32.63 -6.66
C ILE B 60 20.09 -32.46 -8.16
N ILE B 61 18.83 -32.44 -8.62
CA ILE B 61 18.51 -32.41 -10.04
C ILE B 61 17.77 -31.14 -10.43
N ALA B 62 18.23 -30.46 -11.47
CA ALA B 62 17.43 -29.43 -12.12
C ALA B 62 16.24 -30.01 -12.84
N ALA B 63 15.07 -29.51 -12.48
CA ALA B 63 13.83 -29.90 -13.10
C ALA B 63 13.77 -29.73 -14.59
N ASN B 64 13.14 -30.68 -15.25
CA ASN B 64 12.97 -30.65 -16.67
C ASN B 64 11.93 -29.67 -17.19
N MET B 65 11.77 -28.55 -16.51
CA MET B 65 10.88 -27.48 -16.97
C MET B 65 11.67 -26.66 -17.98
N ASP B 66 10.97 -26.06 -18.96
CA ASP B 66 11.65 -25.30 -19.98
C ASP B 66 12.44 -24.11 -19.48
N THR B 67 12.12 -23.64 -18.28
CA THR B 67 12.85 -22.50 -17.72
C THR B 67 13.97 -22.90 -16.77
N VAL B 68 14.12 -24.20 -16.49
CA VAL B 68 15.08 -24.66 -15.45
C VAL B 68 16.08 -25.66 -16.05
N GLY B 69 15.60 -26.70 -16.71
CA GLY B 69 16.47 -27.67 -17.31
C GLY B 69 17.08 -27.27 -18.62
N THR B 70 17.87 -26.19 -18.59
CA THR B 70 18.46 -25.70 -19.79
C THR B 70 19.90 -26.13 -19.88
N PHE B 71 20.45 -26.01 -21.10
CA PHE B 71 21.86 -26.21 -21.31
C PHE B 71 22.77 -25.22 -20.49
N GLU B 72 22.39 -23.96 -20.38
CA GLU B 72 23.14 -23.02 -19.55
C GLU B 72 23.14 -23.45 -18.10
N MET B 73 22.01 -23.91 -17.60
CA MET B 73 21.94 -24.46 -16.26
C MET B 73 22.88 -25.65 -16.07
N ALA B 74 22.78 -26.57 -17.00
CA ALA B 74 23.57 -27.81 -16.95
C ALA B 74 25.07 -27.54 -16.83
N LYS B 75 25.54 -26.61 -17.63
CA LYS B 75 26.97 -26.29 -17.64
C LYS B 75 27.45 -25.82 -16.27
N VAL B 76 26.62 -25.08 -15.55
CA VAL B 76 27.03 -24.63 -14.23
C VAL B 76 26.90 -25.78 -13.22
N LEU B 77 25.76 -26.47 -13.21
CA LEU B 77 25.51 -27.55 -12.27
C LEU B 77 26.61 -28.63 -12.41
N CYS B 78 27.04 -28.85 -13.64
N CYS B 78 27.10 -28.86 -13.62
CA CYS B 78 28.14 -29.75 -13.93
CA CYS B 78 28.14 -29.87 -13.81
C CYS B 78 29.31 -29.48 -12.98
C CYS B 78 29.47 -29.50 -13.12
N LYS B 79 29.74 -28.22 -12.90
CA LYS B 79 30.93 -27.83 -12.12
C LYS B 79 30.88 -28.25 -10.63
N PHE B 80 29.67 -28.39 -10.11
CA PHE B 80 29.39 -28.78 -8.72
C PHE B 80 29.00 -30.25 -8.61
N SER B 81 29.06 -30.96 -9.72
CA SER B 81 28.63 -32.36 -9.76
C SER B 81 27.12 -32.59 -9.55
N LEU B 82 26.30 -31.58 -9.86
CA LEU B 82 24.83 -31.71 -9.76
C LEU B 82 24.29 -32.17 -11.13
N PHE B 83 23.01 -32.53 -11.14
CA PHE B 83 22.37 -33.24 -12.26
C PHE B 83 21.34 -32.33 -12.93
N THR B 84 21.15 -32.50 -14.23
CA THR B 84 20.15 -31.77 -14.96
C THR B 84 19.27 -32.71 -15.75
N ALA B 85 17.97 -32.62 -15.52
CA ALA B 85 16.99 -33.28 -16.41
C ALA B 85 16.63 -32.23 -17.44
N VAL B 86 17.11 -32.37 -18.65
CA VAL B 86 16.91 -31.37 -19.68
C VAL B 86 15.44 -31.40 -20.12
N HIS B 87 14.93 -30.22 -20.42
CA HIS B 87 13.57 -30.06 -20.87
C HIS B 87 13.38 -30.66 -22.26
N LYS B 88 12.14 -30.94 -22.64
CA LYS B 88 11.93 -31.68 -23.86
C LYS B 88 11.68 -30.84 -25.11
N HIS B 89 12.07 -29.59 -25.08
CA HIS B 89 11.77 -28.69 -26.19
C HIS B 89 13.00 -28.17 -26.96
N TYR B 90 14.12 -28.90 -26.91
CA TYR B 90 15.31 -28.57 -27.71
C TYR B 90 15.31 -29.51 -28.87
N SER B 91 15.82 -29.05 -29.99
CA SER B 91 15.91 -29.88 -31.19
C SER B 91 17.18 -30.73 -31.12
N LEU B 92 17.28 -31.66 -32.05
CA LEU B 92 18.43 -32.55 -32.11
C LEU B 92 19.69 -31.74 -32.32
N VAL B 93 19.60 -30.74 -33.19
CA VAL B 93 20.72 -29.91 -33.53
C VAL B 93 21.23 -29.12 -32.31
N GLN B 94 20.32 -28.61 -31.48
CA GLN B 94 20.71 -27.94 -30.26
C GLN B 94 21.40 -28.92 -29.30
N TRP B 95 20.86 -30.14 -29.22
CA TRP B 95 21.53 -31.12 -28.38
C TRP B 95 22.94 -31.46 -28.91
N GLN B 96 23.08 -31.65 -30.21
CA GLN B 96 24.38 -31.94 -30.78
C GLN B 96 25.39 -30.81 -30.55
N GLU B 97 24.93 -29.58 -30.65
CA GLU B 97 25.79 -28.42 -30.38
C GLU B 97 26.28 -28.41 -28.94
N PHE B 98 25.36 -28.63 -28.02
CA PHE B 98 25.72 -28.72 -26.63
C PHE B 98 26.73 -29.82 -26.39
N ALA B 99 26.48 -30.99 -26.96
CA ALA B 99 27.28 -32.15 -26.66
C ALA B 99 28.69 -32.01 -27.23
N GLY B 100 28.81 -31.37 -28.38
CA GLY B 100 30.10 -31.11 -28.99
C GLY B 100 30.95 -30.08 -28.25
N GLN B 101 30.32 -29.10 -27.62
CA GLN B 101 31.04 -28.10 -26.85
C GLN B 101 31.27 -28.44 -25.40
N ASN B 102 30.52 -29.40 -24.87
CA ASN B 102 30.58 -29.72 -23.44
C ASN B 102 30.63 -31.21 -23.23
N PRO B 103 31.61 -31.88 -23.88
CA PRO B 103 31.67 -33.34 -23.76
C PRO B 103 31.70 -33.89 -22.35
N ASP B 104 32.27 -33.18 -21.40
CA ASP B 104 32.34 -33.70 -20.04
C ASP B 104 31.08 -33.47 -19.19
N CYS B 105 30.14 -32.65 -19.64
CA CYS B 105 28.92 -32.38 -18.87
C CYS B 105 27.79 -33.34 -19.15
N LEU B 106 28.05 -34.34 -19.96
CA LEU B 106 27.01 -35.24 -20.45
C LEU B 106 26.68 -36.38 -19.48
N GLU B 107 27.52 -36.57 -18.45
CA GLU B 107 27.36 -37.71 -17.57
C GLU B 107 26.21 -37.50 -16.56
N HIS B 108 25.96 -36.26 -16.14
CA HIS B 108 24.83 -36.05 -15.22
C HIS B 108 23.72 -35.23 -15.89
N LEU B 109 23.31 -35.74 -17.05
CA LEU B 109 22.24 -35.20 -17.85
C LEU B 109 21.25 -36.29 -18.11
N ALA B 110 19.96 -35.96 -18.07
CA ALA B 110 18.91 -36.84 -18.56
C ALA B 110 18.19 -36.16 -19.73
N ALA B 111 17.88 -36.92 -20.79
CA ALA B 111 16.92 -36.45 -21.81
C ALA B 111 15.55 -36.86 -21.33
N SER B 112 14.60 -35.96 -21.53
CA SER B 112 13.26 -36.14 -21.00
C SER B 112 12.25 -36.43 -22.10
N SER B 113 11.17 -37.11 -21.72
CA SER B 113 10.10 -37.40 -22.66
C SER B 113 8.80 -37.66 -21.91
N GLY B 114 7.69 -37.30 -22.53
CA GLY B 114 6.39 -37.84 -22.14
C GLY B 114 6.04 -39.06 -22.98
N THR B 115 4.76 -39.42 -22.99
CA THR B 115 4.33 -40.70 -23.57
C THR B 115 3.94 -40.76 -25.04
N GLY B 116 3.77 -39.61 -25.68
CA GLY B 116 3.40 -39.56 -27.11
C GLY B 116 4.44 -40.10 -28.10
N SER B 117 4.01 -40.62 -29.23
CA SER B 117 4.97 -41.20 -30.19
C SER B 117 5.98 -40.16 -30.69
N SER B 118 5.54 -38.91 -30.84
CA SER B 118 6.43 -37.90 -31.31
C SER B 118 7.57 -37.66 -30.28
N ASP B 119 7.19 -37.55 -29.01
CA ASP B 119 8.16 -37.46 -27.90
C ASP B 119 9.10 -38.67 -27.90
N PHE B 120 8.58 -39.88 -28.07
CA PHE B 120 9.44 -41.02 -28.03
C PHE B 120 10.48 -40.96 -29.16
N GLU B 121 10.01 -40.60 -30.35
CA GLU B 121 10.87 -40.45 -31.51
C GLU B 121 11.95 -39.39 -31.28
N GLN B 122 11.61 -38.23 -30.72
CA GLN B 122 12.63 -37.19 -30.44
C GLN B 122 13.67 -37.74 -29.47
N LEU B 123 13.21 -38.40 -28.43
CA LEU B 123 14.12 -38.94 -27.42
C LEU B 123 15.04 -39.98 -28.07
N GLU B 124 14.45 -40.82 -28.90
CA GLU B 124 15.19 -41.90 -29.51
C GLU B 124 16.31 -41.34 -30.41
N GLN B 125 16.03 -40.22 -31.08
CA GLN B 125 17.04 -39.55 -31.91
C GLN B 125 18.20 -38.96 -31.12
N ILE B 126 17.86 -38.32 -30.00
CA ILE B 126 18.85 -37.77 -29.09
C ILE B 126 19.74 -38.90 -28.60
N LEU B 127 19.15 -39.97 -28.09
CA LEU B 127 19.95 -41.06 -27.50
C LEU B 127 20.84 -41.75 -28.52
N GLU B 128 20.33 -41.92 -29.74
CA GLU B 128 21.09 -42.55 -30.82
C GLU B 128 22.24 -41.67 -31.27
N ALA B 129 22.03 -40.35 -31.29
CA ALA B 129 23.07 -39.41 -31.73
C ALA B 129 24.12 -39.10 -30.66
N ILE B 130 23.72 -39.13 -29.40
CA ILE B 130 24.58 -38.79 -28.30
C ILE B 130 24.58 -39.94 -27.29
N PRO B 131 25.41 -40.97 -27.53
CA PRO B 131 25.56 -42.13 -26.65
C PRO B 131 26.01 -41.86 -25.23
N GLN B 132 26.62 -40.69 -25.02
CA GLN B 132 27.04 -40.25 -23.69
C GLN B 132 25.88 -39.95 -22.77
N VAL B 133 24.68 -39.74 -23.32
CA VAL B 133 23.49 -39.48 -22.48
C VAL B 133 22.95 -40.82 -22.06
N LYS B 134 23.04 -41.08 -20.75
CA LYS B 134 22.79 -42.41 -20.22
C LYS B 134 21.59 -42.49 -19.26
N TYR B 135 20.87 -41.38 -19.14
CA TYR B 135 19.68 -41.28 -18.31
C TYR B 135 18.54 -40.76 -19.14
N ILE B 136 17.37 -41.26 -18.81
CA ILE B 136 16.10 -40.90 -19.44
C ILE B 136 15.11 -40.51 -18.36
N CYS B 137 14.48 -39.36 -18.55
CA CYS B 137 13.46 -38.87 -17.65
C CYS B 137 12.07 -38.95 -18.31
N LEU B 138 11.30 -39.97 -17.94
CA LEU B 138 9.94 -40.13 -18.38
C LEU B 138 9.03 -39.43 -17.36
N ASP B 139 8.35 -38.38 -17.81
CA ASP B 139 7.67 -37.41 -16.98
C ASP B 139 6.23 -37.13 -17.50
N VAL B 140 5.25 -37.49 -16.70
CA VAL B 140 3.85 -37.12 -16.93
C VAL B 140 3.27 -36.57 -15.61
N ALA B 141 2.18 -35.82 -15.73
CA ALA B 141 1.44 -35.34 -14.57
C ALA B 141 0.84 -36.49 -13.81
N ASN B 142 0.32 -37.48 -14.52
CA ASN B 142 -0.37 -38.61 -13.93
C ASN B 142 0.33 -39.94 -14.20
N GLY B 143 1.22 -40.29 -13.29
CA GLY B 143 1.93 -41.57 -13.35
C GLY B 143 1.15 -42.82 -12.95
N TYR B 144 -0.11 -42.66 -12.58
CA TYR B 144 -0.96 -43.76 -12.20
C TYR B 144 -1.63 -44.45 -13.39
N SER B 145 -1.47 -43.87 -14.58
CA SER B 145 -2.05 -44.40 -15.80
C SER B 145 -1.37 -45.68 -16.26
N GLU B 146 -2.18 -46.68 -16.60
CA GLU B 146 -1.72 -47.93 -17.19
C GLU B 146 -0.95 -47.65 -18.49
N HIS B 147 -1.41 -46.67 -19.27
CA HIS B 147 -0.71 -46.20 -20.47
C HIS B 147 0.73 -45.81 -20.16
N PHE B 148 0.95 -45.07 -19.06
CA PHE B 148 2.30 -44.70 -18.63
C PHE B 148 3.11 -45.93 -18.23
N VAL B 149 2.48 -46.91 -17.56
CA VAL B 149 3.23 -48.07 -17.15
C VAL B 149 3.71 -48.83 -18.40
N GLU B 150 2.81 -49.04 -19.35
CA GLU B 150 3.16 -49.69 -20.59
C GLU B 150 4.27 -48.92 -21.32
N PHE B 151 4.28 -47.58 -21.25
CA PHE B 151 5.32 -46.76 -21.86
C PHE B 151 6.69 -47.04 -21.23
N VAL B 152 6.74 -47.06 -19.90
CA VAL B 152 7.98 -47.31 -19.20
C VAL B 152 8.53 -48.68 -19.64
N LYS B 153 7.65 -49.68 -19.74
CA LYS B 153 8.08 -51.00 -20.18
C LYS B 153 8.69 -50.97 -21.58
N ASP B 154 8.02 -50.29 -22.50
CA ASP B 154 8.51 -50.11 -23.88
C ASP B 154 9.86 -49.42 -23.95
N VAL B 155 10.04 -48.42 -23.12
CA VAL B 155 11.29 -47.67 -23.08
C VAL B 155 12.40 -48.54 -22.50
N ARG B 156 12.09 -49.34 -21.48
CA ARG B 156 13.08 -50.27 -20.91
C ARG B 156 13.47 -51.32 -21.96
N LYS B 157 12.48 -51.82 -22.72
CA LYS B 157 12.79 -52.74 -23.84
C LYS B 157 13.73 -52.14 -24.90
N ARG B 158 13.51 -50.89 -25.25
CA ARG B 158 14.27 -50.24 -26.31
C ARG B 158 15.68 -49.86 -25.83
N PHE B 159 15.79 -49.43 -24.57
CA PHE B 159 17.07 -48.95 -24.03
C PHE B 159 17.41 -49.67 -22.74
N PRO B 160 17.80 -50.93 -22.84
CA PRO B 160 17.99 -51.75 -21.65
C PRO B 160 19.12 -51.31 -20.73
N GLN B 161 20.11 -50.57 -21.23
CA GLN B 161 21.22 -50.10 -20.36
C GLN B 161 21.13 -48.63 -19.90
N HIS B 162 20.05 -47.93 -20.27
CA HIS B 162 19.87 -46.56 -19.83
C HIS B 162 19.18 -46.55 -18.47
N THR B 163 19.53 -45.62 -17.59
CA THR B 163 18.83 -45.50 -16.33
C THR B 163 17.58 -44.68 -16.55
N ILE B 164 16.43 -45.18 -16.10
CA ILE B 164 15.15 -44.55 -16.35
C ILE B 164 14.61 -43.95 -15.04
N MET B 165 14.37 -42.63 -15.04
CA MET B 165 13.55 -41.96 -14.06
C MET B 165 12.15 -41.92 -14.59
N ALA B 166 11.15 -42.26 -13.78
CA ALA B 166 9.73 -42.27 -14.22
C ALA B 166 8.82 -41.69 -13.12
N GLY B 167 8.01 -40.72 -13.47
CA GLY B 167 6.94 -40.32 -12.55
C GLY B 167 5.95 -39.43 -13.28
N ASN B 168 4.99 -38.86 -12.56
CA ASN B 168 5.00 -38.82 -11.09
C ASN B 168 3.88 -39.55 -10.41
N VAL B 169 4.22 -40.01 -9.20
CA VAL B 169 3.36 -40.72 -8.28
C VAL B 169 3.63 -40.24 -6.86
N VAL B 170 2.82 -40.65 -5.91
CA VAL B 170 3.01 -40.26 -4.50
C VAL B 170 2.82 -41.41 -3.50
N THR B 171 2.58 -42.62 -3.99
CA THR B 171 2.25 -43.77 -3.09
C THR B 171 2.98 -45.03 -3.52
N GLY B 172 3.14 -45.93 -2.57
CA GLY B 172 4.10 -47.01 -2.67
C GLY B 172 3.72 -48.11 -3.66
N GLU B 173 2.43 -48.37 -3.80
CA GLU B 173 2.01 -49.39 -4.73
C GLU B 173 2.42 -49.05 -6.17
N MET B 174 2.31 -47.78 -6.53
CA MET B 174 2.65 -47.33 -7.86
C MET B 174 4.18 -47.24 -8.01
N VAL B 175 4.88 -46.81 -6.95
CA VAL B 175 6.33 -46.88 -6.97
C VAL B 175 6.78 -48.31 -7.30
N GLU B 176 6.19 -49.28 -6.61
CA GLU B 176 6.54 -50.67 -6.84
C GLU B 176 6.25 -51.10 -8.26
N GLU B 177 5.08 -50.75 -8.76
CA GLU B 177 4.72 -51.19 -10.08
C GLU B 177 5.65 -50.59 -11.13
N LEU B 178 6.01 -49.31 -10.98
CA LEU B 178 6.88 -48.66 -11.95
C LEU B 178 8.31 -49.24 -11.94
N ILE B 179 8.85 -49.55 -10.78
CA ILE B 179 10.15 -50.25 -10.71
C ILE B 179 10.09 -51.67 -11.37
N LEU B 180 9.05 -52.44 -11.03
CA LEU B 180 8.88 -53.75 -11.55
C LEU B 180 8.70 -53.71 -13.05
N SER B 181 8.08 -52.64 -13.55
CA SER B 181 7.93 -52.40 -14.98
C SER B 181 9.19 -51.88 -15.71
N GLY B 182 10.23 -51.57 -14.95
CA GLY B 182 11.56 -51.33 -15.54
C GLY B 182 12.21 -50.00 -15.18
N ALA B 183 11.47 -49.10 -14.54
CA ALA B 183 12.05 -47.87 -14.06
C ALA B 183 13.05 -48.08 -12.94
N ASP B 184 14.12 -47.28 -12.95
CA ASP B 184 15.14 -47.35 -11.89
C ASP B 184 14.85 -46.39 -10.77
N ILE B 185 14.40 -45.19 -11.13
CA ILE B 185 14.23 -44.09 -10.19
C ILE B 185 12.84 -43.52 -10.34
N ILE B 186 12.07 -43.46 -9.26
CA ILE B 186 10.70 -42.98 -9.36
C ILE B 186 10.63 -41.53 -8.86
N LYS B 187 9.98 -40.71 -9.68
CA LYS B 187 9.78 -39.30 -9.39
C LYS B 187 8.47 -39.11 -8.61
N VAL B 188 8.61 -38.54 -7.42
CA VAL B 188 7.58 -38.47 -6.43
C VAL B 188 7.15 -37.03 -6.22
N GLY B 189 5.85 -36.81 -6.39
CA GLY B 189 5.20 -35.51 -6.14
C GLY B 189 4.03 -35.24 -7.07
N ILE B 190 2.85 -35.05 -6.51
CA ILE B 190 1.69 -34.63 -7.30
C ILE B 190 1.15 -33.38 -6.59
N GLY B 191 1.34 -32.25 -7.27
CA GLY B 191 0.91 -30.97 -6.77
C GLY B 191 1.71 -30.11 -5.79
N PRO B 192 2.91 -30.52 -5.30
CA PRO B 192 3.62 -29.65 -4.33
C PRO B 192 4.36 -28.46 -4.92
N GLY B 193 4.45 -28.41 -6.25
CA GLY B 193 5.35 -27.51 -6.93
C GLY B 193 4.96 -26.04 -6.83
N SER B 194 5.94 -25.15 -6.81
CA SER B 194 5.71 -23.72 -6.59
C SER B 194 4.78 -23.06 -7.61
N VAL B 195 4.77 -23.56 -8.86
CA VAL B 195 3.90 -22.99 -9.88
C VAL B 195 2.84 -24.00 -10.38
N CYS B 196 2.62 -25.03 -9.57
CA CYS B 196 1.56 -26.03 -9.81
C CYS B 196 0.20 -25.58 -9.23
N THR B 197 -0.88 -25.78 -9.99
CA THR B 197 -2.23 -25.54 -9.53
C THR B 197 -3.08 -26.76 -9.56
N THR B 198 -2.47 -27.92 -9.73
CA THR B 198 -3.23 -29.18 -9.76
C THR B 198 -4.14 -29.29 -8.54
N ARG B 199 -3.58 -29.04 -7.35
CA ARG B 199 -4.38 -29.13 -6.15
C ARG B 199 -5.63 -28.26 -6.14
N LYS B 200 -5.51 -27.02 -6.59
CA LYS B 200 -6.64 -26.13 -6.69
C LYS B 200 -7.64 -26.53 -7.78
N LYS B 201 -7.13 -27.14 -8.85
CA LYS B 201 -8.00 -27.45 -9.99
C LYS B 201 -8.65 -28.81 -9.87
N THR B 202 -8.03 -29.73 -9.13
CA THR B 202 -8.48 -31.14 -9.06
C THR B 202 -8.71 -31.69 -7.65
N GLY B 203 -8.11 -31.02 -6.65
CA GLY B 203 -8.19 -31.53 -5.28
C GLY B 203 -7.26 -32.70 -4.98
N VAL B 204 -6.44 -33.12 -5.96
CA VAL B 204 -5.61 -34.30 -5.85
C VAL B 204 -4.21 -33.93 -5.39
N GLY B 205 -3.67 -34.77 -4.54
CA GLY B 205 -2.35 -34.58 -4.04
C GLY B 205 -2.03 -35.44 -2.87
N TYR B 206 -0.87 -35.16 -2.28
CA TYR B 206 -0.36 -35.91 -1.16
C TYR B 206 0.76 -35.10 -0.51
N PRO B 207 0.66 -34.84 0.81
CA PRO B 207 1.73 -34.00 1.39
C PRO B 207 3.10 -34.60 1.12
N GLN B 208 4.02 -33.74 0.71
CA GLN B 208 5.24 -34.18 0.06
C GLN B 208 6.13 -34.94 1.02
N LEU B 209 6.31 -34.51 2.25
CA LEU B 209 7.23 -35.24 3.15
C LEU B 209 6.76 -36.65 3.40
N SER B 210 5.48 -36.80 3.72
CA SER B 210 4.90 -38.15 3.85
C SER B 210 5.03 -38.96 2.54
N ALA B 211 4.83 -38.32 1.38
CA ALA B 211 4.95 -39.04 0.12
C ALA B 211 6.34 -39.63 -0.01
N VAL B 212 7.33 -38.82 0.36
CA VAL B 212 8.71 -39.20 0.23
C VAL B 212 8.99 -40.38 1.17
N MET B 213 8.50 -40.32 2.41
CA MET B 213 8.82 -41.39 3.36
C MET B 213 8.22 -42.71 2.84
N GLU B 214 6.98 -42.65 2.37
CA GLU B 214 6.30 -43.88 1.93
C GLU B 214 6.95 -44.43 0.67
N CYS B 215 7.18 -43.55 -0.31
CA CYS B 215 7.69 -43.99 -1.60
C CYS B 215 9.13 -44.45 -1.49
N ALA B 216 9.90 -43.83 -0.60
CA ALA B 216 11.29 -44.24 -0.38
C ALA B 216 11.36 -45.63 0.23
N ASP B 217 10.50 -45.95 1.19
CA ASP B 217 10.45 -47.29 1.71
C ASP B 217 10.07 -48.28 0.62
N ALA B 218 9.06 -47.96 -0.18
CA ALA B 218 8.60 -48.85 -1.23
C ALA B 218 9.73 -49.06 -2.23
N ALA B 219 10.39 -47.97 -2.65
CA ALA B 219 11.48 -48.09 -3.62
C ALA B 219 12.63 -48.96 -3.07
N HIS B 220 12.98 -48.70 -1.83
CA HIS B 220 14.19 -49.25 -1.25
C HIS B 220 14.01 -50.72 -0.94
N GLY B 221 12.79 -51.12 -0.60
CA GLY B 221 12.45 -52.53 -0.49
C GLY B 221 12.86 -53.34 -1.71
N LEU B 222 12.76 -52.70 -2.89
CA LEU B 222 13.12 -53.32 -4.16
C LEU B 222 14.48 -52.91 -4.66
N LYS B 223 15.27 -52.25 -3.82
CA LYS B 223 16.59 -51.76 -4.19
C LYS B 223 16.54 -50.82 -5.39
N GLY B 224 15.39 -50.17 -5.50
CA GLY B 224 15.25 -49.00 -6.37
C GLY B 224 15.50 -47.72 -5.61
N HIS B 225 15.23 -46.59 -6.29
CA HIS B 225 15.56 -45.21 -5.82
C HIS B 225 14.41 -44.23 -6.07
N ILE B 226 14.35 -43.11 -5.32
CA ILE B 226 13.37 -42.06 -5.66
C ILE B 226 13.98 -40.66 -5.76
N ILE B 227 13.22 -39.80 -6.41
CA ILE B 227 13.45 -38.37 -6.51
C ILE B 227 12.27 -37.71 -5.85
N SER B 228 12.54 -36.86 -4.83
CA SER B 228 11.56 -35.99 -4.34
C SER B 228 11.45 -34.78 -5.29
N ASP B 229 10.31 -34.65 -5.97
CA ASP B 229 10.15 -33.64 -7.04
C ASP B 229 9.17 -32.58 -6.60
N GLY B 230 9.63 -31.34 -6.30
CA GLY B 230 8.69 -30.31 -5.95
C GLY B 230 8.59 -29.98 -4.46
N GLY B 231 8.25 -28.69 -4.23
CA GLY B 231 7.87 -28.17 -2.95
C GLY B 231 8.99 -27.74 -2.03
N CYS B 232 10.22 -27.86 -2.48
CA CYS B 232 11.34 -27.32 -1.74
C CYS B 232 11.47 -25.84 -2.06
N SER B 233 11.49 -25.00 -1.03
CA SER B 233 11.66 -23.56 -1.22
C SER B 233 12.82 -22.94 -0.44
N CYS B 234 13.52 -23.78 0.29
CA CYS B 234 14.75 -23.40 0.97
C CYS B 234 15.67 -24.63 1.08
N PRO B 235 16.97 -24.43 1.38
CA PRO B 235 17.89 -25.55 1.57
C PRO B 235 17.41 -26.52 2.64
N GLY B 236 16.78 -26.01 3.72
CA GLY B 236 16.25 -26.90 4.76
C GLY B 236 15.26 -27.93 4.25
N ASP B 237 14.41 -27.55 3.30
CA ASP B 237 13.44 -28.48 2.73
C ASP B 237 14.19 -29.57 1.97
N VAL B 238 15.26 -29.19 1.30
CA VAL B 238 16.09 -30.15 0.57
C VAL B 238 16.67 -31.18 1.54
N ALA B 239 17.20 -30.68 2.64
CA ALA B 239 17.77 -31.48 3.70
C ALA B 239 16.72 -32.45 4.27
N LYS B 240 15.50 -31.96 4.48
CA LYS B 240 14.41 -32.73 5.02
C LYS B 240 14.06 -33.84 4.05
N ALA B 241 13.99 -33.51 2.77
CA ALA B 241 13.71 -34.53 1.78
C ALA B 241 14.73 -35.68 1.76
N PHE B 242 16.01 -35.34 1.80
CA PHE B 242 17.07 -36.31 1.95
C PHE B 242 16.94 -37.09 3.29
N GLY B 243 16.60 -36.38 4.38
CA GLY B 243 16.44 -37.00 5.70
C GLY B 243 15.32 -38.06 5.74
N ALA B 244 14.29 -37.82 4.93
CA ALA B 244 13.09 -38.68 4.84
C ALA B 244 13.37 -39.85 3.93
N GLY B 245 14.55 -39.86 3.29
CA GLY B 245 14.94 -40.99 2.51
C GLY B 245 14.99 -40.79 1.01
N ALA B 246 14.73 -39.59 0.53
CA ALA B 246 14.89 -39.38 -0.89
C ALA B 246 16.33 -39.59 -1.34
N ASP B 247 16.51 -40.28 -2.45
CA ASP B 247 17.81 -40.53 -3.00
C ASP B 247 18.30 -39.28 -3.72
N PHE B 248 17.41 -38.67 -4.51
CA PHE B 248 17.63 -37.38 -5.15
C PHE B 248 16.56 -36.38 -4.78
N VAL B 249 16.86 -35.09 -4.93
CA VAL B 249 15.86 -34.03 -4.84
C VAL B 249 15.89 -33.21 -6.13
N MET B 250 14.71 -32.98 -6.74
CA MET B 250 14.58 -32.17 -7.96
C MET B 250 13.97 -30.82 -7.62
N LEU B 251 14.53 -29.79 -8.22
CA LEU B 251 14.24 -28.38 -7.89
C LEU B 251 13.84 -27.66 -9.18
N GLY B 252 12.68 -26.99 -9.15
CA GLY B 252 12.22 -26.06 -10.17
C GLY B 252 12.42 -24.61 -9.64
N GLY B 253 11.47 -24.16 -8.82
CA GLY B 253 11.46 -22.76 -8.31
C GLY B 253 12.77 -22.22 -7.78
N MET B 254 13.48 -23.03 -6.99
CA MET B 254 14.73 -22.54 -6.36
C MET B 254 15.82 -22.25 -7.40
N LEU B 255 15.68 -22.84 -8.59
CA LEU B 255 16.59 -22.62 -9.70
C LEU B 255 16.04 -21.67 -10.81
N ALA B 256 14.77 -21.32 -10.75
CA ALA B 256 14.21 -20.28 -11.62
C ALA B 256 14.79 -18.89 -11.30
N GLY B 257 14.72 -17.98 -12.26
CA GLY B 257 15.07 -16.61 -11.96
C GLY B 257 16.52 -16.22 -12.07
N HIS B 258 17.36 -17.16 -12.50
CA HIS B 258 18.79 -16.90 -12.65
C HIS B 258 19.21 -16.55 -14.08
N SER B 259 20.45 -16.13 -14.23
CA SER B 259 21.00 -15.84 -15.55
C SER B 259 20.84 -17.05 -16.46
N GLU B 260 21.11 -18.22 -15.91
CA GLU B 260 21.11 -19.51 -16.64
C GLU B 260 19.73 -20.10 -16.91
N SER B 261 18.74 -19.60 -16.17
CA SER B 261 17.36 -20.04 -16.32
C SER B 261 16.81 -19.51 -17.64
N GLY B 262 15.84 -20.21 -18.18
CA GLY B 262 14.98 -19.67 -19.18
C GLY B 262 13.99 -18.69 -18.58
N GLY B 263 13.06 -18.26 -19.40
CA GLY B 263 12.06 -17.26 -18.98
C GLY B 263 12.55 -15.90 -19.42
N GLU B 264 11.67 -15.12 -20.03
CA GLU B 264 12.04 -13.81 -20.48
C GLU B 264 12.40 -12.92 -19.31
N LEU B 265 13.43 -12.10 -19.52
CA LEU B 265 13.89 -11.12 -18.57
C LEU B 265 13.09 -9.88 -18.86
N ILE B 266 12.45 -9.35 -17.83
CA ILE B 266 11.49 -8.23 -17.95
C ILE B 266 11.96 -7.20 -16.96
N GLU B 267 12.30 -6.05 -17.49
CA GLU B 267 12.76 -4.94 -16.70
C GLU B 267 11.63 -3.94 -16.69
N ARG B 268 11.01 -3.76 -15.54
CA ARG B 268 9.81 -2.92 -15.43
C ARG B 268 9.83 -2.24 -14.06
N ASP B 269 9.43 -0.99 -14.01
CA ASP B 269 9.42 -0.25 -12.76
C ASP B 269 10.81 -0.23 -12.07
N GLY B 270 11.87 -0.20 -12.86
CA GLY B 270 13.22 -0.14 -12.29
C GLY B 270 13.75 -1.42 -11.65
N LYS B 271 13.00 -2.52 -11.77
CA LYS B 271 13.37 -3.82 -11.23
C LYS B 271 13.45 -4.84 -12.36
N LYS B 272 14.22 -5.90 -12.16
CA LYS B 272 14.35 -6.97 -13.15
C LYS B 272 13.68 -8.26 -12.64
N TYR B 273 12.98 -8.93 -13.55
CA TYR B 273 12.22 -10.12 -13.26
C TYR B 273 12.47 -11.13 -14.36
N LYS B 274 12.25 -12.40 -14.07
CA LYS B 274 12.30 -13.49 -15.08
C LYS B 274 10.99 -14.31 -14.95
N LEU B 275 10.35 -14.63 -16.10
CA LEU B 275 9.15 -15.43 -16.10
C LEU B 275 9.48 -16.83 -15.63
N PHE B 276 8.57 -17.40 -14.87
CA PHE B 276 8.67 -18.79 -14.50
C PHE B 276 7.25 -19.32 -14.49
N TYR B 277 7.02 -20.44 -15.16
CA TYR B 277 5.69 -20.92 -15.28
C TYR B 277 5.60 -22.44 -15.27
N GLY B 278 4.46 -22.94 -14.80
CA GLY B 278 4.19 -24.38 -14.86
C GLY B 278 4.13 -24.89 -16.28
N MET B 279 4.50 -26.16 -16.49
CA MET B 279 4.44 -26.74 -17.81
C MET B 279 3.03 -27.16 -18.27
N SER B 280 2.08 -27.11 -17.32
CA SER B 280 0.65 -27.28 -17.54
C SER B 280 -0.08 -25.92 -17.55
N SER B 281 0.68 -24.79 -17.48
CA SER B 281 0.05 -23.46 -17.52
C SER B 281 -0.48 -23.13 -18.88
N GLU B 282 -1.40 -22.20 -18.90
CA GLU B 282 -1.77 -21.56 -20.16
C GLU B 282 -0.55 -21.05 -20.94
N MET B 283 0.43 -20.45 -20.27
CA MET B 283 1.60 -19.88 -20.96
C MET B 283 2.38 -20.98 -21.68
N ALA B 284 2.60 -22.12 -21.00
CA ALA B 284 3.26 -23.25 -21.64
C ALA B 284 2.43 -23.86 -22.77
N MET B 285 1.13 -24.03 -22.57
CA MET B 285 0.33 -24.72 -23.57
C MET B 285 0.20 -23.85 -24.80
N LYS B 286 0.19 -22.54 -24.61
CA LYS B 286 0.19 -21.65 -25.78
C LYS B 286 1.47 -21.80 -26.63
N LYS B 287 2.60 -21.97 -25.94
CA LYS B 287 3.89 -22.15 -26.60
C LYS B 287 4.05 -23.47 -27.29
N TYR B 288 3.64 -24.54 -26.65
CA TYR B 288 3.98 -25.87 -27.12
C TYR B 288 2.82 -26.70 -27.73
N ALA B 289 1.58 -26.39 -27.38
CA ALA B 289 0.43 -27.05 -27.96
C ALA B 289 -0.31 -25.97 -28.71
N GLY B 290 -1.52 -26.26 -29.15
CA GLY B 290 -2.25 -25.25 -29.92
C GLY B 290 -2.76 -24.07 -29.09
N GLY B 291 -2.41 -24.04 -27.81
CA GLY B 291 -3.24 -23.39 -26.80
C GLY B 291 -3.79 -24.47 -25.88
N VAL B 292 -4.92 -24.19 -25.24
CA VAL B 292 -5.47 -25.13 -24.26
C VAL B 292 -6.66 -25.86 -24.86
N ALA B 293 -6.54 -27.17 -25.01
CA ALA B 293 -7.65 -28.00 -25.52
C ALA B 293 -8.90 -27.75 -24.68
N GLU B 294 -10.05 -27.76 -25.33
CA GLU B 294 -11.32 -27.42 -24.68
C GLU B 294 -11.64 -28.26 -23.45
N TYR B 295 -11.17 -29.51 -23.43
CA TYR B 295 -11.49 -30.40 -22.31
C TYR B 295 -10.50 -30.34 -21.12
N ARG B 296 -9.43 -29.58 -21.29
CA ARG B 296 -8.35 -29.45 -20.30
C ARG B 296 -8.52 -28.17 -19.54
N ALA B 297 -8.07 -28.18 -18.29
CA ALA B 297 -7.88 -26.98 -17.57
C ALA B 297 -6.36 -26.75 -17.45
N SER B 298 -5.96 -25.49 -17.37
CA SER B 298 -4.62 -25.19 -16.92
C SER B 298 -4.37 -25.79 -15.53
N GLU B 299 -3.23 -26.44 -15.30
CA GLU B 299 -2.82 -26.92 -13.96
C GLU B 299 -1.48 -26.35 -13.53
N GLY B 300 -1.17 -25.18 -14.09
CA GLY B 300 -0.03 -24.45 -13.64
C GLY B 300 -0.29 -22.96 -13.83
N LYS B 301 0.54 -22.20 -13.15
CA LYS B 301 0.50 -20.71 -13.11
C LYS B 301 1.79 -20.11 -13.61
N THR B 302 1.75 -18.78 -13.80
CA THR B 302 2.89 -17.97 -14.20
C THR B 302 3.22 -17.02 -13.05
N VAL B 303 4.51 -16.88 -12.74
CA VAL B 303 4.96 -15.83 -11.81
C VAL B 303 6.08 -15.04 -12.49
N GLU B 304 6.35 -13.84 -11.98
CA GLU B 304 7.55 -13.12 -12.34
C GLU B 304 8.47 -13.12 -11.08
N VAL B 305 9.60 -13.77 -11.19
CA VAL B 305 10.57 -13.96 -10.12
C VAL B 305 11.62 -12.83 -10.19
N PRO B 306 11.79 -12.11 -9.10
CA PRO B 306 12.85 -11.11 -9.11
C PRO B 306 14.19 -11.76 -9.49
N PHE B 307 14.91 -11.10 -10.35
CA PHE B 307 16.10 -11.62 -10.91
C PHE B 307 17.11 -11.89 -9.77
N LYS B 308 17.67 -13.10 -9.85
CA LYS B 308 18.56 -13.69 -8.87
C LYS B 308 20.05 -13.61 -9.25
N GLY B 309 20.36 -13.26 -10.49
CA GLY B 309 21.74 -13.33 -10.99
C GLY B 309 22.23 -14.74 -11.24
N ASP B 310 23.53 -14.98 -11.07
CA ASP B 310 24.17 -16.28 -11.41
C ASP B 310 23.83 -17.42 -10.48
N VAL B 311 23.46 -18.54 -11.07
CA VAL B 311 23.00 -19.66 -10.26
C VAL B 311 24.07 -20.26 -9.29
N GLU B 312 25.33 -20.12 -9.65
CA GLU B 312 26.39 -20.61 -8.79
C GLU B 312 26.21 -20.21 -7.32
N HIS B 313 25.74 -19.00 -7.09
CA HIS B 313 25.61 -18.47 -5.72
C HIS B 313 24.46 -19.18 -5.00
N THR B 314 23.40 -19.53 -5.74
CA THR B 314 22.30 -20.27 -5.17
C THR B 314 22.74 -21.72 -4.84
N ILE B 315 23.45 -22.35 -5.76
CA ILE B 315 23.98 -23.69 -5.51
C ILE B 315 24.83 -23.71 -4.22
N ARG B 316 25.68 -22.71 -4.06
CA ARG B 316 26.54 -22.68 -2.88
C ARG B 316 25.76 -22.53 -1.59
N ASP B 317 24.71 -21.71 -1.62
CA ASP B 317 23.80 -21.57 -0.47
C ASP B 317 23.09 -22.92 -0.17
N ILE B 318 22.61 -23.64 -1.19
CA ILE B 318 21.93 -24.88 -0.96
C ILE B 318 22.90 -25.90 -0.35
N LEU B 319 24.05 -26.06 -0.98
CA LEU B 319 25.00 -27.06 -0.50
C LEU B 319 25.55 -26.76 0.88
N GLY B 320 25.78 -25.50 1.20
CA GLY B 320 26.27 -25.12 2.51
C GLY B 320 25.23 -25.41 3.57
N GLY B 321 23.96 -25.23 3.20
CA GLY B 321 22.85 -25.55 4.10
C GLY B 321 22.86 -27.02 4.49
N ILE B 322 22.95 -27.85 3.47
CA ILE B 322 22.89 -29.28 3.65
C ILE B 322 24.14 -29.78 4.39
N ARG B 323 25.30 -29.21 4.12
CA ARG B 323 26.49 -29.58 4.92
C ARG B 323 26.29 -29.28 6.40
N SER B 324 25.70 -28.11 6.68
CA SER B 324 25.37 -27.72 8.04
C SER B 324 24.38 -28.74 8.68
N THR B 325 23.29 -29.08 8.01
CA THR B 325 22.40 -30.16 8.52
C THR B 325 23.20 -31.41 8.90
N CYS B 326 24.04 -31.89 7.97
CA CYS B 326 24.87 -33.05 8.23
C CYS B 326 25.74 -32.92 9.50
N THR B 327 26.42 -31.77 9.70
CA THR B 327 27.21 -31.57 10.92
C THR B 327 26.32 -31.61 12.17
N TYR B 328 25.11 -31.09 12.09
CA TYR B 328 24.23 -31.04 13.27
C TYR B 328 23.71 -32.40 13.68
N VAL B 329 23.65 -33.36 12.73
CA VAL B 329 23.13 -34.70 13.02
C VAL B 329 24.23 -35.77 13.04
N GLY B 330 25.45 -35.35 12.78
CA GLY B 330 26.61 -36.23 12.82
C GLY B 330 26.91 -37.07 11.60
N ALA B 331 26.35 -36.67 10.46
CA ALA B 331 26.55 -37.34 9.18
C ALA B 331 27.76 -36.81 8.48
N ALA B 332 28.82 -37.60 8.41
CA ALA B 332 30.02 -37.21 7.65
C ALA B 332 29.81 -37.25 6.11
N LYS B 333 28.81 -37.99 5.68
CA LYS B 333 28.48 -38.16 4.28
C LYS B 333 26.97 -38.11 4.12
N LEU B 334 26.51 -37.66 2.97
CA LEU B 334 25.07 -37.58 2.69
C LEU B 334 24.39 -38.95 2.84
N LYS B 335 25.13 -40.00 2.56
CA LYS B 335 24.63 -41.37 2.71
C LYS B 335 24.11 -41.56 4.12
N GLU B 336 24.73 -40.90 5.10
CA GLU B 336 24.39 -41.12 6.50
C GLU B 336 23.18 -40.34 6.96
N LEU B 337 22.76 -39.34 6.22
CA LEU B 337 21.80 -38.39 6.75
C LEU B 337 20.46 -39.00 7.13
N SER B 338 19.87 -39.79 6.25
CA SER B 338 18.56 -40.40 6.58
C SER B 338 18.62 -41.28 7.79
N ARG B 339 19.69 -42.04 7.92
CA ARG B 339 19.90 -42.91 9.06
C ARG B 339 19.96 -42.16 10.38
N ARG B 340 20.56 -40.97 10.31
CA ARG B 340 20.75 -40.10 11.46
C ARG B 340 19.64 -39.07 11.64
N THR B 341 18.60 -39.17 10.81
CA THR B 341 17.47 -38.25 10.89
C THR B 341 16.41 -38.76 11.85
N THR B 342 16.10 -37.90 12.82
CA THR B 342 14.97 -38.04 13.72
C THR B 342 14.16 -36.75 13.58
N PHE B 343 12.93 -36.88 13.10
CA PHE B 343 12.10 -35.71 12.87
C PHE B 343 11.32 -35.36 14.12
N ILE B 344 11.22 -34.07 14.35
CA ILE B 344 10.38 -33.56 15.40
C ILE B 344 9.24 -32.79 14.75
N ARG B 345 8.03 -33.09 15.15
CA ARG B 345 6.86 -32.42 14.63
C ARG B 345 6.73 -31.08 15.32
N VAL B 346 6.43 -30.08 14.53
CA VAL B 346 6.40 -28.70 14.94
C VAL B 346 5.02 -28.15 14.63
N THR B 347 4.51 -27.27 15.50
CA THR B 347 3.21 -26.64 15.25
C THR B 347 3.36 -25.69 14.09
N SER C 19 -9.61 -26.61 25.46
CA SER C 19 -9.00 -25.25 25.38
C SER C 19 -9.58 -24.45 24.23
N LEU C 20 -10.85 -24.16 24.33
CA LEU C 20 -11.62 -23.67 23.22
C LEU C 20 -11.78 -22.18 23.33
N ASP C 21 -11.67 -21.52 22.18
CA ASP C 21 -12.06 -20.16 22.04
C ASP C 21 -13.31 -20.11 21.19
N PHE C 22 -13.95 -18.95 21.13
CA PHE C 22 -15.20 -18.82 20.35
C PHE C 22 -14.97 -19.26 18.88
N LYS C 23 -13.81 -18.94 18.30
CA LYS C 23 -13.54 -19.30 16.91
C LYS C 23 -13.44 -20.79 16.60
N ASP C 24 -13.30 -21.62 17.64
CA ASP C 24 -13.07 -23.03 17.51
C ASP C 24 -14.36 -23.85 17.42
N VAL C 25 -15.49 -23.21 17.54
CA VAL C 25 -16.78 -23.89 17.51
C VAL C 25 -17.84 -23.23 16.62
N LEU C 26 -18.83 -24.04 16.24
CA LEU C 26 -20.10 -23.56 15.71
C LEU C 26 -21.20 -24.31 16.51
N LEU C 27 -22.38 -23.70 16.58
CA LEU C 27 -23.59 -24.35 17.10
C LEU C 27 -24.26 -25.14 16.03
N ARG C 28 -24.61 -26.38 16.37
CA ARG C 28 -25.37 -27.23 15.50
C ARG C 28 -26.82 -26.81 15.45
N PRO C 29 -27.38 -26.68 14.26
CA PRO C 29 -28.82 -26.40 14.19
C PRO C 29 -29.59 -27.62 14.62
N LYS C 30 -30.85 -27.40 14.99
CA LYS C 30 -31.73 -28.49 15.42
C LYS C 30 -33.19 -28.27 14.98
N ARG C 31 -33.97 -29.36 14.87
CA ARG C 31 -35.36 -29.28 14.46
C ARG C 31 -36.10 -28.35 15.40
N SER C 32 -37.01 -27.56 14.83
CA SER C 32 -37.59 -26.36 15.50
C SER C 32 -39.08 -26.24 15.14
N THR C 33 -39.90 -25.83 16.10
CA THR C 33 -41.25 -25.35 15.85
C THR C 33 -41.29 -23.82 15.69
N LEU C 34 -40.19 -23.13 15.94
CA LEU C 34 -40.18 -21.68 15.71
C LEU C 34 -40.40 -21.31 14.20
N LYS C 35 -41.22 -20.28 13.95
CA LYS C 35 -41.55 -19.85 12.58
C LYS C 35 -40.79 -18.56 12.19
N SER C 36 -40.52 -17.71 13.16
CA SER C 36 -39.89 -16.42 12.87
C SER C 36 -39.01 -16.03 13.99
N ARG C 37 -37.95 -15.32 13.64
CA ARG C 37 -36.99 -14.80 14.61
C ARG C 37 -37.68 -13.81 15.53
N SER C 38 -38.75 -13.19 15.06
CA SER C 38 -39.51 -12.25 15.91
C SER C 38 -40.15 -12.93 17.12
N GLU C 39 -40.38 -14.25 17.04
CA GLU C 39 -40.94 -15.03 18.14
C GLU C 39 -39.98 -15.21 19.34
N VAL C 40 -38.67 -15.00 19.15
CA VAL C 40 -37.70 -15.27 20.20
C VAL C 40 -37.69 -14.20 21.27
N ASP C 41 -37.82 -14.61 22.53
CA ASP C 41 -37.72 -13.70 23.69
C ASP C 41 -36.31 -13.71 24.27
N LEU C 42 -35.57 -12.59 24.17
CA LEU C 42 -34.21 -12.51 24.66
C LEU C 42 -34.10 -12.05 26.09
N THR C 43 -35.22 -11.77 26.74
CA THR C 43 -35.14 -11.29 28.13
C THR C 43 -35.01 -12.54 29.03
N ARG C 44 -34.30 -12.40 30.13
CA ARG C 44 -34.24 -13.44 31.16
C ARG C 44 -34.65 -12.84 32.47
N SER C 45 -35.01 -13.72 33.40
CA SER C 45 -35.16 -13.40 34.77
C SER C 45 -34.18 -14.24 35.58
N PHE C 46 -33.53 -13.61 36.53
CA PHE C 46 -32.64 -14.29 37.47
C PHE C 46 -32.98 -13.89 38.89
N SER C 47 -32.75 -14.84 39.80
CA SER C 47 -32.86 -14.62 41.20
C SER C 47 -31.48 -14.90 41.79
N PHE C 48 -30.91 -13.87 42.41
CA PHE C 48 -29.50 -13.91 42.89
C PHE C 48 -29.31 -14.53 44.26
N ARG C 49 -28.24 -15.30 44.37
CA ARG C 49 -28.01 -16.21 45.47
C ARG C 49 -27.88 -15.50 46.83
N ASN C 50 -27.09 -14.41 46.82
CA ASN C 50 -26.68 -13.73 48.04
C ASN C 50 -27.45 -12.44 48.29
N SER C 51 -27.63 -11.59 47.28
CA SER C 51 -28.47 -10.37 47.43
C SER C 51 -29.93 -10.68 47.63
N LYS C 52 -30.36 -11.85 47.11
CA LYS C 52 -31.74 -12.25 46.98
C LYS C 52 -32.58 -11.32 46.13
N GLN C 53 -31.94 -10.51 45.31
CA GLN C 53 -32.68 -9.62 44.42
C GLN C 53 -33.05 -10.35 43.13
N THR C 54 -33.95 -9.74 42.36
CA THR C 54 -34.39 -10.32 41.09
C THR C 54 -34.10 -9.37 39.96
N TYR C 55 -33.74 -9.95 38.84
CA TYR C 55 -33.37 -9.24 37.63
C TYR C 55 -34.34 -9.61 36.51
N SER C 56 -34.63 -8.66 35.64
CA SER C 56 -35.31 -8.95 34.37
C SER C 56 -34.70 -8.05 33.32
N GLY C 57 -34.24 -8.65 32.24
CA GLY C 57 -33.70 -7.85 31.13
C GLY C 57 -33.07 -8.69 30.05
N VAL C 58 -32.52 -8.03 29.04
CA VAL C 58 -31.66 -8.68 28.04
C VAL C 58 -30.23 -8.63 28.61
N PRO C 59 -29.68 -9.80 28.98
CA PRO C 59 -28.45 -9.87 29.77
C PRO C 59 -27.17 -9.62 28.98
N ILE C 60 -27.11 -8.49 28.33
CA ILE C 60 -25.91 -8.09 27.62
C ILE C 60 -25.51 -6.82 28.33
N ILE C 61 -24.24 -6.77 28.74
CA ILE C 61 -23.76 -5.63 29.59
C ILE C 61 -22.68 -4.82 28.85
N ALA C 62 -22.84 -3.48 28.82
CA ALA C 62 -21.76 -2.59 28.38
C ALA C 62 -20.70 -2.55 29.45
N ALA C 63 -19.44 -2.78 29.05
CA ALA C 63 -18.31 -2.91 29.95
C ALA C 63 -18.03 -1.60 30.64
N ASN C 64 -17.51 -1.70 31.85
CA ASN C 64 -17.18 -0.56 32.67
C ASN C 64 -15.90 0.18 32.27
N MET C 65 -15.59 0.16 31.00
CA MET C 65 -14.45 0.92 30.48
C MET C 65 -14.88 2.37 30.30
N ASP C 66 -13.95 3.32 30.46
CA ASP C 66 -14.33 4.73 30.37
C ASP C 66 -14.87 5.18 28.97
N THR C 67 -14.60 4.40 27.94
CA THR C 67 -15.11 4.64 26.62
C THR C 67 -16.38 3.88 26.25
N VAL C 68 -16.86 3.00 27.12
CA VAL C 68 -18.00 2.15 26.82
C VAL C 68 -19.14 2.33 27.88
N GLY C 69 -18.81 2.26 29.15
CA GLY C 69 -19.87 2.32 30.17
C GLY C 69 -20.18 3.76 30.53
N THR C 70 -20.73 4.49 29.57
CA THR C 70 -21.01 5.90 29.69
C THR C 70 -22.52 6.09 29.96
N PHE C 71 -22.87 7.23 30.48
CA PHE C 71 -24.29 7.54 30.64
C PHE C 71 -25.03 7.66 29.30
N GLU C 72 -24.34 8.18 28.27
CA GLU C 72 -24.96 8.23 26.93
C GLU C 72 -25.24 6.79 26.41
N MET C 73 -24.32 5.89 26.62
CA MET C 73 -24.53 4.49 26.32
C MET C 73 -25.69 3.88 27.08
N ALA C 74 -25.75 4.12 28.40
CA ALA C 74 -26.83 3.61 29.24
C ALA C 74 -28.22 4.01 28.77
N LYS C 75 -28.34 5.24 28.38
CA LYS C 75 -29.60 5.83 27.95
C LYS C 75 -30.17 5.05 26.79
N VAL C 76 -29.29 4.67 25.89
CA VAL C 76 -29.74 3.94 24.65
C VAL C 76 -29.96 2.47 25.01
N LEU C 77 -29.01 1.85 25.69
CA LEU C 77 -29.16 0.44 26.06
C LEU C 77 -30.41 0.16 26.88
N CYS C 78 -30.75 1.09 27.80
CA CYS C 78 -32.00 1.01 28.57
C CYS C 78 -33.24 0.83 27.74
N LYS C 79 -33.29 1.45 26.57
CA LYS C 79 -34.44 1.39 25.71
C LYS C 79 -34.62 -0.04 25.21
N PHE C 80 -33.53 -0.77 25.11
CA PHE C 80 -33.56 -2.20 24.68
C PHE C 80 -33.50 -3.21 25.85
N SER C 81 -33.62 -2.71 27.07
CA SER C 81 -33.50 -3.53 28.30
C SER C 81 -32.11 -4.16 28.51
N LEU C 82 -31.07 -3.60 27.89
CA LEU C 82 -29.73 -4.00 28.17
C LEU C 82 -29.15 -3.26 29.40
N PHE C 83 -28.01 -3.74 29.85
CA PHE C 83 -27.43 -3.35 31.15
C PHE C 83 -26.12 -2.56 30.94
N THR C 84 -25.82 -1.58 31.81
CA THR C 84 -24.56 -0.86 31.72
C THR C 84 -23.83 -0.91 33.08
N ALA C 85 -22.58 -1.36 33.04
CA ALA C 85 -21.67 -1.30 34.17
C ALA C 85 -21.01 0.05 33.92
N VAL C 86 -21.40 1.05 34.71
CA VAL C 86 -20.94 2.42 34.47
C VAL C 86 -19.46 2.52 34.87
N HIS C 87 -18.67 3.25 34.06
CA HIS C 87 -17.28 3.44 34.43
C HIS C 87 -17.05 4.18 35.72
N LYS C 88 -15.79 4.17 36.18
CA LYS C 88 -15.52 4.65 37.53
C LYS C 88 -14.99 6.05 37.55
N HIS C 89 -15.18 6.78 36.46
CA HIS C 89 -14.57 8.11 36.34
C HIS C 89 -15.55 9.30 36.25
N TYR C 90 -16.79 9.14 36.76
CA TYR C 90 -17.75 10.23 36.80
C TYR C 90 -17.80 10.81 38.23
N SER C 91 -18.11 12.08 38.34
CA SER C 91 -18.19 12.76 39.62
C SER C 91 -19.53 12.47 40.26
N LEU C 92 -19.63 12.74 41.56
CA LEU C 92 -20.89 12.60 42.24
C LEU C 92 -22.02 13.46 41.63
N VAL C 93 -21.72 14.68 41.26
CA VAL C 93 -22.75 15.52 40.65
C VAL C 93 -23.16 15.05 39.25
N GLN C 94 -22.24 14.49 38.50
CA GLN C 94 -22.57 13.89 37.20
C GLN C 94 -23.56 12.75 37.40
N TRP C 95 -23.30 11.90 38.39
CA TRP C 95 -24.25 10.85 38.76
C TRP C 95 -25.59 11.42 39.15
N GLN C 96 -25.60 12.42 40.01
CA GLN C 96 -26.83 13.00 40.51
C GLN C 96 -27.66 13.61 39.38
N GLU C 97 -26.96 14.26 38.47
CA GLU C 97 -27.56 14.90 37.27
C GLU C 97 -28.19 13.80 36.38
N PHE C 98 -27.43 12.77 36.10
CA PHE C 98 -27.94 11.65 35.30
C PHE C 98 -29.20 11.01 35.88
N ALA C 99 -29.16 10.74 37.18
CA ALA C 99 -30.22 10.04 37.87
C ALA C 99 -31.49 10.89 37.86
N GLY C 100 -31.30 12.19 38.09
CA GLY C 100 -32.39 13.16 38.05
C GLY C 100 -33.07 13.23 36.70
N GLN C 101 -32.28 13.14 35.62
CA GLN C 101 -32.79 13.25 34.27
C GLN C 101 -33.30 11.94 33.66
N ASN C 102 -32.85 10.82 34.20
CA ASN C 102 -33.08 9.49 33.64
C ASN C 102 -33.45 8.48 34.72
N PRO C 103 -34.53 8.75 35.47
CA PRO C 103 -34.93 7.89 36.57
C PRO C 103 -35.27 6.45 36.17
N ASP C 104 -35.74 6.23 34.95
CA ASP C 104 -36.12 4.85 34.58
C ASP C 104 -34.92 4.02 34.11
N CYS C 105 -33.77 4.67 34.00
CA CYS C 105 -32.54 4.02 33.58
C CYS C 105 -31.77 3.38 34.69
N LEU C 106 -32.11 3.75 35.91
CA LEU C 106 -31.28 3.45 37.04
C LEU C 106 -31.33 1.98 37.42
N GLU C 107 -32.40 1.28 37.03
CA GLU C 107 -32.53 -0.15 37.40
C GLU C 107 -31.63 -1.10 36.65
N HIS C 108 -31.08 -0.64 35.53
CA HIS C 108 -30.31 -1.47 34.65
C HIS C 108 -28.83 -1.05 34.65
N LEU C 109 -28.36 -0.49 35.77
CA LEU C 109 -26.99 0.02 35.88
C LEU C 109 -26.29 -0.61 37.07
N ALA C 110 -24.97 -0.72 36.97
CA ALA C 110 -24.11 -0.93 38.12
C ALA C 110 -23.14 0.23 38.26
N ALA C 111 -22.79 0.54 39.51
CA ALA C 111 -21.67 1.40 39.81
C ALA C 111 -20.45 0.50 40.11
N SER C 112 -19.28 0.94 39.64
CA SER C 112 -18.08 0.11 39.64
C SER C 112 -17.03 0.60 40.60
N SER C 113 -16.21 -0.33 41.08
CA SER C 113 -15.06 0.01 41.91
C SER C 113 -14.02 -1.08 41.79
N GLY C 114 -12.75 -0.72 41.93
CA GLY C 114 -11.70 -1.69 42.19
C GLY C 114 -11.47 -1.75 43.68
N THR C 115 -10.34 -2.30 44.09
CA THR C 115 -10.10 -2.58 45.53
C THR C 115 -9.47 -1.43 46.32
N GLY C 116 -8.93 -0.44 45.61
CA GLY C 116 -8.48 0.82 46.23
C GLY C 116 -9.47 1.53 47.18
N SER C 117 -8.94 2.07 48.27
CA SER C 117 -9.79 2.65 49.30
C SER C 117 -10.57 3.86 48.74
N SER C 118 -9.91 4.60 47.86
CA SER C 118 -10.52 5.71 47.11
C SER C 118 -11.64 5.32 46.18
N ASP C 119 -11.43 4.28 45.38
CA ASP C 119 -12.48 3.71 44.53
C ASP C 119 -13.72 3.30 45.33
N PHE C 120 -13.52 2.60 46.43
CA PHE C 120 -14.63 2.10 47.23
C PHE C 120 -15.36 3.26 47.91
N GLU C 121 -14.60 4.22 48.39
CA GLU C 121 -15.22 5.37 49.01
C GLU C 121 -16.08 6.13 47.97
N GLN C 122 -15.58 6.32 46.78
CA GLN C 122 -16.39 7.05 45.78
C GLN C 122 -17.67 6.25 45.41
N LEU C 123 -17.58 4.91 45.46
CA LEU C 123 -18.71 4.06 45.19
C LEU C 123 -19.72 4.27 46.30
N GLU C 124 -19.22 4.26 47.55
CA GLU C 124 -20.11 4.46 48.69
C GLU C 124 -20.84 5.77 48.61
N GLN C 125 -20.17 6.83 48.17
CA GLN C 125 -20.85 8.11 47.99
C GLN C 125 -21.94 8.02 46.87
N ILE C 126 -21.67 7.33 45.78
CA ILE C 126 -22.68 7.22 44.73
C ILE C 126 -23.88 6.47 45.25
N LEU C 127 -23.65 5.34 45.89
CA LEU C 127 -24.75 4.52 46.39
C LEU C 127 -25.58 5.22 47.46
N GLU C 128 -24.93 6.08 48.26
CA GLU C 128 -25.64 6.86 49.23
C GLU C 128 -26.52 7.91 48.52
N ALA C 129 -26.01 8.49 47.44
CA ALA C 129 -26.68 9.59 46.76
C ALA C 129 -27.80 9.06 45.86
N ILE C 130 -27.61 7.85 45.32
CA ILE C 130 -28.52 7.28 44.29
C ILE C 130 -29.02 5.92 44.80
N PRO C 131 -30.06 5.92 45.64
CA PRO C 131 -30.52 4.67 46.22
C PRO C 131 -31.06 3.69 45.16
N GLN C 132 -31.38 4.21 44.00
CA GLN C 132 -31.94 3.42 42.93
C GLN C 132 -30.90 2.51 42.29
N VAL C 133 -29.60 2.77 42.50
CA VAL C 133 -28.52 1.92 41.95
C VAL C 133 -28.41 0.70 42.86
N LYS C 134 -28.76 -0.47 42.35
CA LYS C 134 -28.84 -1.68 43.18
C LYS C 134 -27.87 -2.82 42.78
N TYR C 135 -26.96 -2.51 41.85
CA TYR C 135 -25.89 -3.38 41.42
C TYR C 135 -24.54 -2.72 41.61
N ILE C 136 -23.59 -3.54 42.05
CA ILE C 136 -22.22 -3.11 42.28
C ILE C 136 -21.31 -4.01 41.44
N CYS C 137 -20.41 -3.39 40.70
CA CYS C 137 -19.45 -4.10 39.87
C CYS C 137 -18.04 -3.95 40.42
N LEU C 138 -17.57 -5.02 41.04
CA LEU C 138 -16.28 -5.04 41.65
C LEU C 138 -15.32 -5.67 40.69
N ASP C 139 -14.33 -4.92 40.25
CA ASP C 139 -13.60 -5.28 39.03
C ASP C 139 -12.09 -5.06 39.27
N VAL C 140 -11.32 -6.15 39.17
CA VAL C 140 -9.88 -6.13 39.20
C VAL C 140 -9.34 -7.07 38.10
N ALA C 141 -8.12 -6.83 37.68
CA ALA C 141 -7.45 -7.65 36.73
C ALA C 141 -7.23 -9.06 37.31
N ASN C 142 -6.82 -9.15 38.58
CA ASN C 142 -6.50 -10.45 39.17
C ASN C 142 -7.43 -10.77 40.33
N GLY C 143 -8.53 -11.41 40.03
CA GLY C 143 -9.43 -11.83 41.08
C GLY C 143 -9.02 -13.08 41.84
N TYR C 144 -7.80 -13.55 41.65
CA TYR C 144 -7.28 -14.73 42.37
C TYR C 144 -6.64 -14.34 43.69
N SER C 145 -6.55 -13.04 43.93
CA SER C 145 -5.95 -12.48 45.14
C SER C 145 -6.83 -12.66 46.37
N GLU C 146 -6.24 -13.13 47.46
CA GLU C 146 -6.96 -13.23 48.74
C GLU C 146 -7.46 -11.86 49.21
N HIS C 147 -6.73 -10.81 48.85
CA HIS C 147 -7.16 -9.44 49.10
C HIS C 147 -8.51 -9.12 48.46
N PHE C 148 -8.67 -9.54 47.22
CA PHE C 148 -9.92 -9.31 46.54
C PHE C 148 -11.04 -10.10 47.15
N VAL C 149 -10.73 -11.33 47.53
CA VAL C 149 -11.72 -12.19 48.20
C VAL C 149 -12.26 -11.49 49.44
N GLU C 150 -11.35 -10.97 50.24
CA GLU C 150 -11.70 -10.28 51.46
C GLU C 150 -12.50 -9.02 51.24
N PHE C 151 -12.14 -8.29 50.20
CA PHE C 151 -12.86 -7.11 49.76
C PHE C 151 -14.33 -7.42 49.43
N VAL C 152 -14.54 -8.48 48.65
CA VAL C 152 -15.88 -8.96 48.32
C VAL C 152 -16.70 -9.23 49.60
N LYS C 153 -16.12 -9.98 50.53
CA LYS C 153 -16.79 -10.23 51.81
C LYS C 153 -17.17 -8.89 52.46
N ASP C 154 -16.24 -7.94 52.45
CA ASP C 154 -16.52 -6.64 53.08
C ASP C 154 -17.64 -5.88 52.38
N VAL C 155 -17.64 -5.89 51.07
CA VAL C 155 -18.69 -5.17 50.28
C VAL C 155 -20.05 -5.85 50.57
N ARG C 156 -20.06 -7.18 50.65
CA ARG C 156 -21.31 -7.90 50.98
C ARG C 156 -21.84 -7.48 52.36
N LYS C 157 -20.98 -7.41 53.34
CA LYS C 157 -21.36 -7.01 54.66
C LYS C 157 -21.91 -5.58 54.66
N ARG C 158 -21.27 -4.73 53.87
CA ARG C 158 -21.65 -3.33 53.81
C ARG C 158 -22.99 -3.08 53.07
N PHE C 159 -23.25 -3.87 52.03
CA PHE C 159 -24.38 -3.65 51.13
C PHE C 159 -25.13 -4.97 50.94
N PRO C 160 -25.78 -5.42 51.99
CA PRO C 160 -26.46 -6.73 52.05
C PRO C 160 -27.50 -6.95 50.98
N GLN C 161 -28.17 -5.91 50.54
CA GLN C 161 -29.23 -6.08 49.55
C GLN C 161 -28.83 -5.66 48.11
N HIS C 162 -27.57 -5.27 47.90
CA HIS C 162 -27.12 -4.96 46.56
C HIS C 162 -26.59 -6.21 45.86
N THR C 163 -26.86 -6.30 44.57
CA THR C 163 -26.32 -7.39 43.73
C THR C 163 -24.90 -7.07 43.37
N ILE C 164 -23.99 -8.00 43.66
CA ILE C 164 -22.57 -7.81 43.47
C ILE C 164 -22.06 -8.69 42.35
N MET C 165 -21.45 -8.03 41.37
CA MET C 165 -20.70 -8.67 40.25
C MET C 165 -19.26 -8.53 40.68
N ALA C 166 -18.47 -9.58 40.55
CA ALA C 166 -17.07 -9.55 40.97
C ALA C 166 -16.22 -10.39 40.02
N GLY C 167 -15.09 -9.84 39.66
CA GLY C 167 -14.14 -10.50 38.81
C GLY C 167 -12.86 -9.70 38.71
N ASN C 168 -11.87 -10.20 37.97
CA ASN C 168 -12.07 -11.32 37.05
C ASN C 168 -11.29 -12.61 37.36
N VAL C 169 -11.95 -13.74 37.03
CA VAL C 169 -11.34 -15.08 37.14
C VAL C 169 -11.65 -15.94 35.90
N VAL C 170 -11.04 -17.13 35.81
CA VAL C 170 -11.26 -18.04 34.66
C VAL C 170 -11.42 -19.50 35.04
N THR C 171 -11.41 -19.80 36.35
CA THR C 171 -11.49 -21.20 36.80
C THR C 171 -12.49 -21.38 37.94
N GLY C 172 -13.01 -22.60 38.06
CA GLY C 172 -14.13 -22.87 38.94
C GLY C 172 -13.93 -22.70 40.41
N GLU C 173 -12.72 -23.02 40.87
CA GLU C 173 -12.43 -22.95 42.28
C GLU C 173 -12.60 -21.53 42.81
N MET C 174 -12.19 -20.59 41.97
CA MET C 174 -12.22 -19.21 42.34
C MET C 174 -13.64 -18.64 42.21
N VAL C 175 -14.38 -19.10 41.21
CA VAL C 175 -15.80 -18.80 41.07
C VAL C 175 -16.55 -19.23 42.34
N GLU C 176 -16.31 -20.46 42.78
CA GLU C 176 -16.95 -20.92 44.00
C GLU C 176 -16.55 -20.07 45.22
N GLU C 177 -15.28 -19.78 45.37
CA GLU C 177 -14.84 -19.02 46.53
C GLU C 177 -15.47 -17.63 46.54
N LEU C 178 -15.51 -17.02 45.38
CA LEU C 178 -16.08 -15.66 45.25
C LEU C 178 -17.59 -15.61 45.54
N ILE C 179 -18.33 -16.62 45.07
CA ILE C 179 -19.73 -16.74 45.36
C ILE C 179 -19.99 -16.98 46.87
N LEU C 180 -19.19 -17.85 47.47
CA LEU C 180 -19.32 -18.13 48.88
C LEU C 180 -18.93 -16.99 49.78
N SER C 181 -18.07 -16.10 49.29
CA SER C 181 -17.66 -14.86 49.98
C SER C 181 -18.64 -13.72 49.83
N GLY C 182 -19.63 -13.90 48.97
CA GLY C 182 -20.76 -12.96 48.92
C GLY C 182 -21.11 -12.39 47.56
N ALA C 183 -20.29 -12.62 46.54
CA ALA C 183 -20.66 -12.18 45.18
C ALA C 183 -21.79 -13.02 44.58
N ASP C 184 -22.65 -12.34 43.84
CA ASP C 184 -23.78 -12.95 43.14
C ASP C 184 -23.41 -13.45 41.79
N ILE C 185 -22.59 -12.66 41.09
CA ILE C 185 -22.32 -12.87 39.70
C ILE C 185 -20.80 -12.67 39.51
N ILE C 186 -20.16 -13.69 38.96
CA ILE C 186 -18.71 -13.71 38.75
C ILE C 186 -18.39 -13.38 37.30
N LYS C 187 -17.47 -12.42 37.15
CA LYS C 187 -17.06 -11.91 35.84
C LYS C 187 -15.88 -12.74 35.39
N VAL C 188 -16.04 -13.43 34.25
CA VAL C 188 -15.08 -14.41 33.74
C VAL C 188 -14.29 -13.91 32.53
N GLY C 189 -12.96 -13.93 32.67
CA GLY C 189 -12.09 -13.74 31.51
C GLY C 189 -10.82 -13.02 31.94
N ILE C 190 -9.69 -13.57 31.55
CA ILE C 190 -8.43 -12.91 31.82
C ILE C 190 -7.66 -12.92 30.54
N GLY C 191 -7.50 -11.75 29.94
CA GLY C 191 -6.79 -11.61 28.68
C GLY C 191 -7.50 -11.74 27.35
N PRO C 192 -8.80 -12.04 27.30
CA PRO C 192 -9.37 -12.21 25.97
C PRO C 192 -9.79 -10.91 25.26
N GLY C 193 -9.73 -9.78 25.97
CA GLY C 193 -10.30 -8.52 25.49
C GLY C 193 -9.61 -7.99 24.27
N SER C 194 -10.34 -7.28 23.42
CA SER C 194 -9.82 -6.78 22.17
C SER C 194 -8.68 -5.79 22.35
N VAL C 195 -8.65 -5.05 23.42
CA VAL C 195 -7.50 -4.13 23.68
C VAL C 195 -6.68 -4.48 24.93
N CYS C 196 -6.78 -5.73 25.35
CA CYS C 196 -5.97 -6.32 26.38
C CYS C 196 -4.64 -6.80 25.83
N THR C 197 -3.58 -6.62 26.61
CA THR C 197 -2.30 -7.14 26.27
C THR C 197 -1.69 -7.96 27.40
N THR C 198 -2.51 -8.32 28.38
CA THR C 198 -2.09 -9.22 29.44
C THR C 198 -1.37 -10.49 28.95
N ARG C 199 -1.91 -11.12 27.93
CA ARG C 199 -1.32 -12.38 27.49
C ARG C 199 0.06 -12.17 26.92
N LYS C 200 0.23 -11.07 26.20
CA LYS C 200 1.54 -10.71 25.64
C LYS C 200 2.53 -10.30 26.69
N LYS C 201 2.06 -9.60 27.70
CA LYS C 201 2.98 -9.11 28.73
C LYS C 201 3.28 -10.12 29.85
N THR C 202 2.36 -11.04 30.07
CA THR C 202 2.49 -11.97 31.23
C THR C 202 2.43 -13.44 30.91
N GLY C 203 1.87 -13.80 29.78
CA GLY C 203 1.67 -15.18 29.40
C GLY C 203 0.47 -15.83 30.06
N VAL C 204 -0.25 -15.08 30.89
CA VAL C 204 -1.36 -15.65 31.66
C VAL C 204 -2.68 -15.49 30.93
N GLY C 205 -3.49 -16.52 31.00
CA GLY C 205 -4.84 -16.47 30.49
C GLY C 205 -5.46 -17.83 30.40
N TYR C 206 -6.57 -17.89 29.69
CA TYR C 206 -7.39 -19.10 29.59
C TYR C 206 -8.33 -18.89 28.40
N PRO C 207 -8.39 -19.88 27.51
CA PRO C 207 -9.32 -19.71 26.37
C PRO C 207 -10.75 -19.43 26.82
N GLN C 208 -11.38 -18.41 26.25
CA GLN C 208 -12.64 -17.85 26.82
C GLN C 208 -13.82 -18.83 26.82
N LEU C 209 -13.99 -19.60 25.73
CA LEU C 209 -15.14 -20.48 25.69
C LEU C 209 -15.04 -21.57 26.77
N SER C 210 -13.86 -22.16 26.91
CA SER C 210 -13.61 -23.11 27.97
C SER C 210 -13.75 -22.48 29.35
N ALA C 211 -13.25 -21.27 29.53
CA ALA C 211 -13.40 -20.54 30.81
C ALA C 211 -14.92 -20.44 31.12
N VAL C 212 -15.72 -20.10 30.12
CA VAL C 212 -17.13 -19.89 30.38
C VAL C 212 -17.81 -21.18 30.75
N MET C 213 -17.48 -22.24 30.05
CA MET C 213 -18.06 -23.55 30.33
C MET C 213 -17.80 -24.04 31.75
N GLU C 214 -16.54 -23.96 32.13
CA GLU C 214 -16.09 -24.41 33.41
C GLU C 214 -16.69 -23.56 34.56
N CYS C 215 -16.61 -22.23 34.42
CA CYS C 215 -17.07 -21.28 35.44
C CYS C 215 -18.59 -21.26 35.55
N ALA C 216 -19.28 -21.45 34.42
CA ALA C 216 -20.73 -21.60 34.45
C ALA C 216 -21.20 -22.80 35.25
N ASP C 217 -20.62 -23.96 35.00
CA ASP C 217 -20.85 -25.11 35.83
C ASP C 217 -20.61 -24.87 37.32
N ALA C 218 -19.49 -24.25 37.66
CA ALA C 218 -19.16 -23.99 39.04
C ALA C 218 -20.14 -23.04 39.69
N ALA C 219 -20.50 -21.96 39.00
CA ALA C 219 -21.46 -20.99 39.54
C ALA C 219 -22.85 -21.59 39.70
N HIS C 220 -23.31 -22.28 38.66
CA HIS C 220 -24.67 -22.81 38.66
C HIS C 220 -24.87 -23.86 39.75
N GLY C 221 -23.81 -24.61 40.06
CA GLY C 221 -23.93 -25.61 41.11
C GLY C 221 -24.25 -25.00 42.46
N LEU C 222 -23.87 -23.74 42.65
CA LEU C 222 -24.16 -22.99 43.84
C LEU C 222 -25.32 -22.02 43.71
N LYS C 223 -26.04 -22.09 42.60
CA LYS C 223 -27.14 -21.18 42.28
C LYS C 223 -26.71 -19.71 42.11
N GLY C 224 -25.44 -19.54 41.73
CA GLY C 224 -24.91 -18.28 41.32
C GLY C 224 -24.91 -18.11 39.79
N HIS C 225 -24.28 -17.02 39.31
CA HIS C 225 -24.33 -16.60 37.94
C HIS C 225 -22.99 -16.10 37.48
N ILE C 226 -22.80 -16.09 36.17
CA ILE C 226 -21.60 -15.53 35.55
C ILE C 226 -21.84 -14.55 34.41
N ILE C 227 -20.81 -13.73 34.20
CA ILE C 227 -20.66 -12.85 33.05
C ILE C 227 -19.45 -13.33 32.24
N SER C 228 -19.67 -13.60 30.95
CA SER C 228 -18.55 -13.74 30.04
C SER C 228 -18.06 -12.39 29.64
N ASP C 229 -16.88 -12.05 30.11
CA ASP C 229 -16.34 -10.71 29.94
C ASP C 229 -15.14 -10.68 28.99
N GLY C 230 -15.37 -10.19 27.78
CA GLY C 230 -14.31 -10.03 26.80
C GLY C 230 -14.29 -11.09 25.71
N GLY C 231 -13.69 -10.69 24.58
CA GLY C 231 -13.42 -11.63 23.52
C GLY C 231 -14.47 -11.77 22.46
N CYS C 232 -15.66 -11.19 22.65
CA CYS C 232 -16.68 -11.23 21.59
C CYS C 232 -16.44 -10.14 20.56
N SER C 233 -16.34 -10.52 19.28
CA SER C 233 -16.15 -9.48 18.24
C SER C 233 -17.22 -9.53 17.14
N CYS C 234 -18.17 -10.42 17.29
CA CYS C 234 -19.34 -10.46 16.45
C CYS C 234 -20.52 -11.07 17.24
N PRO C 235 -21.75 -10.90 16.77
CA PRO C 235 -22.93 -11.41 17.48
C PRO C 235 -22.89 -12.91 17.72
N GLY C 236 -22.24 -13.64 16.81
CA GLY C 236 -22.14 -15.10 16.95
C GLY C 236 -21.33 -15.52 18.15
N ASP C 237 -20.32 -14.72 18.47
CA ASP C 237 -19.50 -14.95 19.69
C ASP C 237 -20.36 -14.77 20.93
N VAL C 238 -21.23 -13.76 20.94
CA VAL C 238 -22.15 -13.51 22.05
C VAL C 238 -23.08 -14.71 22.22
N ALA C 239 -23.60 -15.22 21.09
CA ALA C 239 -24.46 -16.37 21.12
C ALA C 239 -23.74 -17.62 21.62
N LYS C 240 -22.48 -17.76 21.25
CA LYS C 240 -21.66 -18.86 21.76
C LYS C 240 -21.45 -18.80 23.25
N ALA C 241 -21.17 -17.60 23.77
CA ALA C 241 -21.06 -17.42 25.19
C ALA C 241 -22.33 -17.82 25.95
N PHE C 242 -23.48 -17.40 25.46
CA PHE C 242 -24.74 -17.76 26.10
C PHE C 242 -24.95 -19.27 25.96
N GLY C 243 -24.66 -19.85 24.78
CA GLY C 243 -24.79 -21.27 24.56
C GLY C 243 -23.92 -22.12 25.47
N ALA C 244 -22.78 -21.59 25.83
CA ALA C 244 -21.84 -22.23 26.75
C ALA C 244 -22.26 -22.11 28.22
N GLY C 245 -23.34 -21.39 28.47
CA GLY C 245 -23.90 -21.27 29.82
C GLY C 245 -23.72 -19.93 30.50
N ALA C 246 -23.13 -18.96 29.83
CA ALA C 246 -22.99 -17.61 30.44
C ALA C 246 -24.37 -17.07 30.69
N ASP C 247 -24.61 -16.56 31.90
CA ASP C 247 -25.84 -15.82 32.17
C ASP C 247 -25.93 -14.47 31.52
N PHE C 248 -24.81 -13.74 31.57
CA PHE C 248 -24.64 -12.42 30.91
C PHE C 248 -23.41 -12.44 30.01
N VAL C 249 -23.34 -11.52 29.07
CA VAL C 249 -22.18 -11.29 28.26
C VAL C 249 -21.90 -9.81 28.32
N MET C 250 -20.65 -9.49 28.61
CA MET C 250 -20.16 -8.09 28.67
C MET C 250 -19.32 -7.76 27.45
N LEU C 251 -19.61 -6.59 26.86
CA LEU C 251 -18.96 -6.14 25.65
C LEU C 251 -18.26 -4.82 25.80
N GLY C 252 -17.01 -4.78 25.35
CA GLY C 252 -16.22 -3.52 25.25
C GLY C 252 -16.15 -3.06 23.78
N GLY C 253 -15.25 -3.68 23.03
CA GLY C 253 -14.94 -3.25 21.66
C GLY C 253 -16.12 -3.21 20.72
N MET C 254 -17.05 -4.16 20.85
CA MET C 254 -18.27 -4.12 20.00
C MET C 254 -19.11 -2.89 20.27
N LEU C 255 -19.00 -2.29 21.47
CA LEU C 255 -19.72 -1.09 21.79
C LEU C 255 -18.88 0.17 21.68
N ALA C 256 -17.58 0.03 21.45
CA ALA C 256 -16.70 1.20 21.24
C ALA C 256 -16.96 1.85 19.87
N GLY C 257 -16.58 3.09 19.71
CA GLY C 257 -16.60 3.69 18.40
C GLY C 257 -17.92 4.26 17.93
N HIS C 258 -18.90 4.34 18.83
CA HIS C 258 -20.20 4.95 18.53
C HIS C 258 -20.33 6.37 19.05
N SER C 259 -21.38 7.06 18.61
CA SER C 259 -21.71 8.39 19.07
C SER C 259 -21.74 8.45 20.61
N GLU C 260 -22.30 7.40 21.23
CA GLU C 260 -22.55 7.32 22.66
C GLU C 260 -21.36 6.85 23.44
N SER C 261 -20.43 6.20 22.76
CA SER C 261 -19.17 5.79 23.35
C SER C 261 -18.35 6.99 23.79
N GLY C 262 -17.45 6.77 24.74
CA GLY C 262 -16.46 7.75 25.00
C GLY C 262 -15.31 7.62 23.99
N GLY C 263 -14.24 8.33 24.26
CA GLY C 263 -13.07 8.31 23.36
C GLY C 263 -13.11 9.53 22.47
N GLU C 264 -11.97 10.17 22.24
CA GLU C 264 -11.96 11.33 21.37
C GLU C 264 -12.37 10.94 19.94
N LEU C 265 -13.24 11.74 19.32
CA LEU C 265 -13.51 11.68 17.91
C LEU C 265 -12.42 12.42 17.14
N ILE C 266 -11.82 11.69 16.23
CA ILE C 266 -10.70 12.16 15.51
C ILE C 266 -11.03 12.06 14.01
N GLU C 267 -10.97 13.19 13.38
CA GLU C 267 -11.18 13.30 11.96
C GLU C 267 -9.85 13.52 11.28
N ARG C 268 -9.36 12.52 10.54
CA ARG C 268 -8.02 12.66 9.90
C ARG C 268 -7.97 11.90 8.60
N ASP C 269 -7.31 12.46 7.64
CA ASP C 269 -7.25 11.92 6.28
C ASP C 269 -8.61 11.56 5.71
N GLY C 270 -9.58 12.44 5.95
CA GLY C 270 -10.93 12.28 5.43
C GLY C 270 -11.82 11.25 6.11
N LYS C 271 -11.32 10.55 7.13
CA LYS C 271 -12.10 9.51 7.80
C LYS C 271 -12.29 9.90 9.27
N LYS C 272 -13.29 9.38 9.92
CA LYS C 272 -13.52 9.59 11.34
C LYS C 272 -13.23 8.32 12.13
N TYR C 273 -12.64 8.51 13.32
CA TYR C 273 -12.28 7.48 14.24
C TYR C 273 -12.63 7.90 15.67
N LYS C 274 -12.76 6.92 16.55
CA LYS C 274 -12.83 7.15 17.97
C LYS C 274 -11.76 6.36 18.65
N LEU C 275 -11.10 6.98 19.62
CA LEU C 275 -10.15 6.21 20.46
C LEU C 275 -10.83 5.16 21.30
N PHE C 276 -10.13 4.03 21.45
CA PHE C 276 -10.58 2.98 22.34
C PHE C 276 -9.34 2.35 22.94
N TYR C 277 -9.32 2.20 24.24
CA TYR C 277 -8.07 1.77 24.90
C TYR C 277 -8.33 0.96 26.15
N GLY C 278 -7.37 0.09 26.47
CA GLY C 278 -7.49 -0.74 27.66
C GLY C 278 -7.41 0.09 28.92
N MET C 279 -8.08 -0.38 29.98
CA MET C 279 -8.04 0.39 31.27
C MET C 279 -6.72 0.26 32.01
N SER C 280 -5.85 -0.66 31.58
CA SER C 280 -4.40 -0.64 32.00
C SER C 280 -3.39 -0.27 30.92
N SER C 281 -3.85 0.38 29.86
CA SER C 281 -2.98 0.98 28.88
C SER C 281 -2.25 2.16 29.42
N GLU C 282 -1.19 2.53 28.76
CA GLU C 282 -0.47 3.72 29.11
C GLU C 282 -1.41 4.94 29.00
N MET C 283 -2.24 4.97 27.97
CA MET C 283 -3.20 6.06 27.82
C MET C 283 -4.12 6.24 29.02
N ALA C 284 -4.66 5.11 29.54
CA ALA C 284 -5.53 5.15 30.72
C ALA C 284 -4.74 5.52 31.94
N MET C 285 -3.56 4.95 32.12
CA MET C 285 -2.79 5.29 33.34
C MET C 285 -2.30 6.74 33.39
N LYS C 286 -1.90 7.27 32.24
CA LYS C 286 -1.55 8.69 32.12
C LYS C 286 -2.73 9.55 32.55
N LYS C 287 -3.91 9.21 32.06
CA LYS C 287 -5.14 9.95 32.35
C LYS C 287 -5.61 9.87 33.82
N TYR C 288 -5.49 8.72 34.46
CA TYR C 288 -6.06 8.49 35.80
C TYR C 288 -5.08 8.02 36.92
N ALA C 289 -3.83 7.79 36.60
CA ALA C 289 -2.81 7.52 37.64
C ALA C 289 -1.67 8.53 37.54
N GLY C 290 -1.77 9.46 36.60
CA GLY C 290 -0.66 10.35 36.29
C GLY C 290 0.36 9.71 35.37
N GLY C 291 0.61 8.41 35.57
CA GLY C 291 1.48 7.64 34.69
C GLY C 291 1.56 6.17 35.07
N VAL C 292 2.57 5.48 34.54
CA VAL C 292 2.77 4.06 34.82
C VAL C 292 3.84 3.93 35.92
N ALA C 293 3.42 3.36 37.04
CA ALA C 293 4.29 3.19 38.19
C ALA C 293 5.44 2.27 37.77
N GLU C 294 6.60 2.50 38.36
CA GLU C 294 7.84 1.92 37.84
C GLU C 294 7.87 0.39 37.76
N TYR C 295 7.18 -0.29 38.68
CA TYR C 295 7.22 -1.77 38.80
C TYR C 295 6.12 -2.45 37.96
N ARG C 296 5.29 -1.61 37.33
CA ARG C 296 4.15 -2.05 36.51
C ARG C 296 4.45 -1.98 35.00
N ALA C 297 3.79 -2.85 34.26
CA ALA C 297 3.80 -2.76 32.82
C ALA C 297 2.38 -2.38 32.42
N SER C 298 2.23 -1.71 31.30
CA SER C 298 0.90 -1.58 30.73
C SER C 298 0.40 -2.96 30.29
N GLU C 299 -0.88 -3.25 30.47
CA GLU C 299 -1.48 -4.50 30.03
C GLU C 299 -2.70 -4.27 29.17
N GLY C 300 -2.72 -3.09 28.54
CA GLY C 300 -3.70 -2.68 27.55
C GLY C 300 -3.07 -1.85 26.46
N LYS C 301 -3.73 -1.82 25.29
CA LYS C 301 -3.28 -0.99 24.15
C LYS C 301 -4.40 0.03 23.77
N THR C 302 -4.03 0.91 22.86
CA THR C 302 -4.93 1.87 22.22
C THR C 302 -5.12 1.51 20.75
N VAL C 303 -6.34 1.66 20.26
CA VAL C 303 -6.64 1.52 18.85
C VAL C 303 -7.50 2.72 18.48
N GLU C 304 -7.52 3.04 17.19
CA GLU C 304 -8.54 3.97 16.65
C GLU C 304 -9.59 3.22 15.87
N VAL C 305 -10.82 3.27 16.35
CA VAL C 305 -11.94 2.51 15.78
C VAL C 305 -12.60 3.43 14.77
N PRO C 306 -12.76 2.96 13.55
CA PRO C 306 -13.55 3.75 12.64
C PRO C 306 -14.93 4.05 13.20
N PHE C 307 -15.34 5.31 13.09
CA PHE C 307 -16.59 5.73 13.64
C PHE C 307 -17.79 4.93 13.12
N LYS C 308 -18.64 4.48 14.07
CA LYS C 308 -19.75 3.55 13.78
C LYS C 308 -21.11 4.22 13.74
N GLY C 309 -21.22 5.44 14.24
CA GLY C 309 -22.48 6.11 14.29
C GLY C 309 -23.21 5.71 15.55
N ASP C 310 -24.53 5.79 15.49
CA ASP C 310 -25.37 5.54 16.65
C ASP C 310 -25.43 4.07 17.09
N VAL C 311 -25.29 3.84 18.39
CA VAL C 311 -25.20 2.44 18.92
C VAL C 311 -26.47 1.62 18.71
N GLU C 312 -27.64 2.27 18.61
CA GLU C 312 -28.91 1.51 18.40
C GLU C 312 -28.81 0.54 17.21
N HIS C 313 -28.09 0.95 16.16
CA HIS C 313 -27.96 0.07 15.02
C HIS C 313 -27.15 -1.16 15.33
N THR C 314 -26.13 -1.04 16.15
CA THR C 314 -25.29 -2.14 16.60
C THR C 314 -26.07 -3.05 17.54
N ILE C 315 -26.82 -2.46 18.46
CA ILE C 315 -27.67 -3.29 19.32
C ILE C 315 -28.64 -4.15 18.51
N ARG C 316 -29.32 -3.56 17.55
N ARG C 316 -29.31 -3.56 17.53
CA ARG C 316 -30.24 -4.29 16.71
CA ARG C 316 -30.25 -4.32 16.73
C ARG C 316 -29.58 -5.45 15.98
C ARG C 316 -29.58 -5.45 15.96
N ASP C 317 -28.37 -5.22 15.47
CA ASP C 317 -27.61 -6.27 14.80
C ASP C 317 -27.25 -7.44 15.75
N ILE C 318 -26.85 -7.11 16.96
CA ILE C 318 -26.42 -8.10 17.91
C ILE C 318 -27.67 -8.91 18.29
N LEU C 319 -28.75 -8.23 18.58
CA LEU C 319 -29.92 -8.94 19.09
C LEU C 319 -30.49 -9.77 17.95
N GLY C 320 -30.51 -9.20 16.76
CA GLY C 320 -30.98 -9.91 15.60
C GLY C 320 -30.20 -11.22 15.33
N GLY C 321 -28.87 -11.18 15.49
CA GLY C 321 -28.02 -12.37 15.33
C GLY C 321 -28.44 -13.45 16.31
N ILE C 322 -28.60 -13.05 17.56
CA ILE C 322 -28.93 -14.00 18.60
C ILE C 322 -30.33 -14.59 18.47
N ARG C 323 -31.31 -13.80 18.04
CA ARG C 323 -32.62 -14.36 17.76
C ARG C 323 -32.50 -15.42 16.66
N SER C 324 -31.71 -15.15 15.64
CA SER C 324 -31.44 -16.13 14.57
C SER C 324 -30.80 -17.43 15.10
N THR C 325 -29.82 -17.28 15.99
CA THR C 325 -29.27 -18.46 16.66
C THR C 325 -30.36 -19.29 17.34
N CYS C 326 -31.27 -18.62 18.00
CA CYS C 326 -32.26 -19.30 18.79
C CYS C 326 -33.19 -20.06 17.88
N THR C 327 -33.60 -19.43 16.77
CA THR C 327 -34.41 -20.13 15.82
C THR C 327 -33.71 -21.32 15.22
N TYR C 328 -32.42 -21.21 14.95
CA TYR C 328 -31.71 -22.37 14.38
C TYR C 328 -31.61 -23.59 15.28
N VAL C 329 -31.57 -23.39 16.59
CA VAL C 329 -31.46 -24.50 17.54
C VAL C 329 -32.77 -24.85 18.23
N GLY C 330 -33.82 -24.08 17.96
CA GLY C 330 -35.15 -24.44 18.49
C GLY C 330 -35.46 -23.78 19.82
N ALA C 331 -34.67 -22.79 20.18
CA ALA C 331 -34.87 -22.06 21.45
C ALA C 331 -35.89 -20.93 21.22
N ALA C 332 -37.04 -21.00 21.90
CA ALA C 332 -38.03 -19.88 21.84
C ALA C 332 -37.71 -18.75 22.76
N LYS C 333 -36.87 -19.03 23.73
CA LYS C 333 -36.44 -18.06 24.75
C LYS C 333 -34.95 -18.21 24.99
N LEU C 334 -34.30 -17.08 25.33
CA LEU C 334 -32.85 -17.15 25.61
C LEU C 334 -32.53 -18.15 26.70
N LYS C 335 -33.42 -18.32 27.69
CA LYS C 335 -33.12 -19.24 28.78
C LYS C 335 -32.97 -20.69 28.27
N GLU C 336 -33.54 -21.02 27.10
CA GLU C 336 -33.39 -22.32 26.52
C GLU C 336 -32.14 -22.55 25.69
N LEU C 337 -31.43 -21.49 25.35
CA LEU C 337 -30.31 -21.62 24.47
C LEU C 337 -29.22 -22.59 24.94
N SER C 338 -28.71 -22.43 26.17
CA SER C 338 -27.60 -23.30 26.55
C SER C 338 -28.06 -24.76 26.56
N ARG C 339 -29.29 -25.08 27.02
CA ARG C 339 -29.78 -26.47 26.99
C ARG C 339 -29.79 -27.02 25.59
N ARG C 340 -30.04 -26.15 24.60
CA ARG C 340 -30.22 -26.59 23.20
C ARG C 340 -28.98 -26.53 22.40
N THR C 341 -27.89 -26.14 23.06
CA THR C 341 -26.59 -25.95 22.38
C THR C 341 -25.73 -27.22 22.35
N THR C 342 -25.42 -27.67 21.12
CA THR C 342 -24.41 -28.67 20.86
C THR C 342 -23.36 -28.00 20.02
N PHE C 343 -22.14 -27.90 20.54
CA PHE C 343 -21.03 -27.29 19.78
C PHE C 343 -20.41 -28.31 18.88
N ILE C 344 -20.08 -27.88 17.67
CA ILE C 344 -19.27 -28.59 16.76
C ILE C 344 -17.90 -27.97 16.67
N ARG C 345 -16.87 -28.77 16.83
CA ARG C 345 -15.48 -28.30 16.71
C ARG C 345 -15.07 -28.04 15.25
N VAL C 346 -14.47 -26.89 14.99
CA VAL C 346 -14.21 -26.43 13.63
C VAL C 346 -12.70 -26.27 13.42
N SER D 19 -14.72 -33.18 11.30
CA SER D 19 -15.12 -31.73 11.20
C SER D 19 -14.37 -31.07 10.09
N LEU D 20 -14.58 -31.57 8.89
CA LEU D 20 -13.75 -31.19 7.77
C LEU D 20 -14.37 -30.13 6.86
N ASP D 21 -13.54 -29.22 6.38
CA ASP D 21 -13.87 -28.35 5.29
C ASP D 21 -13.06 -28.82 4.07
N PHE D 22 -13.39 -28.28 2.91
CA PHE D 22 -12.71 -28.69 1.67
C PHE D 22 -11.23 -28.54 1.81
N LYS D 23 -10.80 -27.48 2.50
CA LYS D 23 -9.37 -27.20 2.58
C LYS D 23 -8.55 -28.17 3.40
N ASP D 24 -9.24 -29.02 4.16
CA ASP D 24 -8.60 -29.95 5.08
C ASP D 24 -8.20 -31.27 4.44
N VAL D 25 -8.59 -31.49 3.19
CA VAL D 25 -8.31 -32.74 2.51
C VAL D 25 -7.70 -32.62 1.12
N LEU D 26 -7.10 -33.71 0.68
CA LEU D 26 -6.81 -33.93 -0.71
C LEU D 26 -7.32 -35.28 -1.11
N LEU D 27 -7.57 -35.47 -2.40
CA LEU D 27 -7.87 -36.83 -2.91
C LEU D 27 -6.61 -37.61 -3.25
N ARG D 28 -6.51 -38.84 -2.78
CA ARG D 28 -5.46 -39.72 -3.15
C ARG D 28 -5.60 -40.23 -4.59
N PRO D 29 -4.53 -40.10 -5.38
CA PRO D 29 -4.60 -40.72 -6.70
C PRO D 29 -4.53 -42.24 -6.59
N LYS D 30 -5.04 -42.91 -7.61
CA LYS D 30 -5.09 -44.38 -7.64
C LYS D 30 -4.83 -44.90 -9.03
N ARG D 31 -4.37 -46.13 -9.15
CA ARG D 31 -4.10 -46.73 -10.45
C ARG D 31 -5.33 -46.60 -11.34
N SER D 32 -5.14 -46.22 -12.61
CA SER D 32 -6.27 -46.10 -13.53
C SER D 32 -5.95 -46.57 -14.93
N THR D 33 -7.05 -46.81 -15.65
CA THR D 33 -6.99 -47.27 -17.00
C THR D 33 -7.31 -46.12 -17.96
N LEU D 34 -7.60 -44.95 -17.44
CA LEU D 34 -7.86 -43.80 -18.30
C LEU D 34 -6.55 -43.35 -19.00
N LYS D 35 -6.64 -43.04 -20.29
CA LYS D 35 -5.53 -42.50 -21.07
C LYS D 35 -5.56 -40.96 -21.18
N SER D 36 -6.76 -40.39 -21.21
CA SER D 36 -6.92 -38.97 -21.50
C SER D 36 -8.07 -38.46 -20.68
N ARG D 37 -7.99 -37.21 -20.26
CA ARG D 37 -9.09 -36.56 -19.58
C ARG D 37 -10.35 -36.46 -20.47
N SER D 38 -10.14 -36.41 -21.79
CA SER D 38 -11.25 -36.41 -22.76
C SER D 38 -12.13 -37.65 -22.72
N GLU D 39 -11.63 -38.75 -22.13
CA GLU D 39 -12.41 -39.96 -21.93
C GLU D 39 -13.48 -39.84 -20.83
N VAL D 40 -13.28 -38.92 -19.90
CA VAL D 40 -14.15 -38.85 -18.74
C VAL D 40 -15.53 -38.32 -19.11
N ASP D 41 -16.55 -39.05 -18.69
CA ASP D 41 -17.94 -38.64 -18.88
C ASP D 41 -18.46 -37.97 -17.58
N LEU D 42 -18.72 -36.67 -17.65
CA LEU D 42 -19.13 -35.93 -16.46
C LEU D 42 -20.64 -35.87 -16.24
N THR D 43 -21.41 -36.48 -17.13
CA THR D 43 -22.87 -36.56 -16.92
C THR D 43 -23.24 -37.66 -15.91
N ARG D 44 -24.40 -37.50 -15.28
CA ARG D 44 -24.95 -38.49 -14.33
C ARG D 44 -26.37 -38.72 -14.72
N SER D 45 -26.86 -39.93 -14.48
CA SER D 45 -28.27 -40.23 -14.58
C SER D 45 -28.81 -40.53 -13.19
N PHE D 46 -29.92 -39.88 -12.84
CA PHE D 46 -30.57 -40.11 -11.56
C PHE D 46 -32.01 -40.44 -11.77
N SER D 47 -32.54 -41.26 -10.88
CA SER D 47 -33.98 -41.49 -10.77
C SER D 47 -34.40 -41.02 -9.40
N PHE D 48 -35.32 -40.07 -9.36
CA PHE D 48 -35.69 -39.44 -8.09
C PHE D 48 -36.73 -40.22 -7.25
N ARG D 49 -36.55 -40.15 -5.93
CA ARG D 49 -37.25 -41.07 -5.00
C ARG D 49 -38.76 -40.87 -5.03
N ASN D 50 -39.14 -39.59 -5.00
CA ASN D 50 -40.48 -39.22 -4.78
C ASN D 50 -41.19 -38.75 -6.04
N SER D 51 -40.57 -37.89 -6.84
CA SER D 51 -41.17 -37.46 -8.12
C SER D 51 -41.26 -38.60 -9.14
N LYS D 52 -40.37 -39.57 -8.94
CA LYS D 52 -40.11 -40.65 -9.88
C LYS D 52 -39.61 -40.24 -11.25
N GLN D 53 -39.16 -39.00 -11.40
CA GLN D 53 -38.66 -38.50 -12.67
C GLN D 53 -37.21 -38.86 -12.82
N THR D 54 -36.70 -38.70 -14.02
CA THR D 54 -35.33 -39.02 -14.31
C THR D 54 -34.56 -37.78 -14.79
N TYR D 55 -33.27 -37.78 -14.47
CA TYR D 55 -32.39 -36.74 -14.83
C TYR D 55 -31.21 -37.33 -15.62
N SER D 56 -30.76 -36.59 -16.62
CA SER D 56 -29.45 -36.83 -17.22
C SER D 56 -28.78 -35.51 -17.54
N GLY D 57 -27.60 -35.28 -17.02
CA GLY D 57 -26.83 -34.07 -17.31
C GLY D 57 -25.60 -33.98 -16.44
N VAL D 58 -24.90 -32.83 -16.55
CA VAL D 58 -23.75 -32.50 -15.71
C VAL D 58 -24.28 -31.81 -14.45
N PRO D 59 -24.20 -32.48 -13.28
CA PRO D 59 -24.92 -32.06 -12.08
C PRO D 59 -24.25 -30.92 -11.29
N ILE D 60 -23.98 -29.83 -11.99
CA ILE D 60 -23.49 -28.61 -11.38
C ILE D 60 -24.55 -27.58 -11.63
N ILE D 61 -24.93 -26.88 -10.57
CA ILE D 61 -26.11 -26.03 -10.54
C ILE D 61 -25.70 -24.57 -10.26
N ALA D 62 -26.15 -23.67 -11.12
CA ALA D 62 -26.04 -22.25 -10.81
C ALA D 62 -27.00 -21.93 -9.67
N ALA D 63 -26.50 -21.29 -8.61
CA ALA D 63 -27.34 -20.93 -7.45
C ALA D 63 -28.46 -19.98 -7.80
N ASN D 64 -29.57 -20.13 -7.09
CA ASN D 64 -30.74 -19.27 -7.22
C ASN D 64 -30.56 -17.89 -6.57
N MET D 65 -29.35 -17.37 -6.57
CA MET D 65 -29.11 -15.99 -6.19
C MET D 65 -29.48 -15.08 -7.33
N ASP D 66 -29.92 -13.87 -7.01
CA ASP D 66 -30.39 -12.94 -8.08
C ASP D 66 -29.30 -12.55 -9.08
N THR D 67 -28.03 -12.63 -8.67
CA THR D 67 -26.89 -12.30 -9.53
C THR D 67 -26.29 -13.53 -10.25
N VAL D 68 -26.82 -14.71 -9.93
CA VAL D 68 -26.25 -15.93 -10.47
C VAL D 68 -27.24 -16.79 -11.29
N GLY D 69 -28.43 -17.00 -10.78
CA GLY D 69 -29.44 -17.84 -11.45
C GLY D 69 -30.27 -17.05 -12.42
N THR D 70 -29.62 -16.52 -13.44
CA THR D 70 -30.23 -15.63 -14.39
C THR D 70 -30.50 -16.38 -15.67
N PHE D 71 -31.34 -15.82 -16.50
CA PHE D 71 -31.65 -16.47 -17.77
C PHE D 71 -30.42 -16.46 -18.70
N GLU D 72 -29.59 -15.41 -18.63
CA GLU D 72 -28.38 -15.40 -19.44
C GLU D 72 -27.36 -16.50 -19.06
N MET D 73 -27.25 -16.77 -17.76
CA MET D 73 -26.45 -17.87 -17.23
C MET D 73 -27.00 -19.19 -17.72
N ALA D 74 -28.31 -19.36 -17.56
CA ALA D 74 -28.97 -20.55 -18.01
C ALA D 74 -28.71 -20.87 -19.48
N LYS D 75 -28.71 -19.86 -20.36
CA LYS D 75 -28.54 -20.12 -21.79
C LYS D 75 -27.17 -20.68 -22.11
N VAL D 76 -26.17 -20.26 -21.33
CA VAL D 76 -24.81 -20.70 -21.55
C VAL D 76 -24.66 -22.05 -20.90
N LEU D 77 -25.15 -22.20 -19.68
CA LEU D 77 -24.95 -23.47 -18.93
C LEU D 77 -25.63 -24.62 -19.65
N CYS D 78 -26.75 -24.33 -20.29
CA CYS D 78 -27.47 -25.31 -21.14
C CYS D 78 -26.58 -25.92 -22.21
N LYS D 79 -25.74 -25.11 -22.86
CA LYS D 79 -24.83 -25.63 -23.87
C LYS D 79 -23.84 -26.66 -23.30
N PHE D 80 -23.52 -26.58 -22.01
CA PHE D 80 -22.67 -27.58 -21.36
C PHE D 80 -23.44 -28.65 -20.60
N SER D 81 -24.76 -28.64 -20.73
CA SER D 81 -25.63 -29.55 -19.97
C SER D 81 -25.61 -29.36 -18.46
N LEU D 82 -25.32 -28.14 -18.00
CA LEU D 82 -25.34 -27.79 -16.59
C LEU D 82 -26.74 -27.26 -16.26
N PHE D 83 -27.01 -27.13 -14.97
CA PHE D 83 -28.33 -26.88 -14.40
C PHE D 83 -28.39 -25.46 -13.84
N THR D 84 -29.52 -24.79 -13.99
CA THR D 84 -29.72 -23.48 -13.33
C THR D 84 -30.97 -23.52 -12.43
N ALA D 85 -30.78 -23.08 -11.19
CA ALA D 85 -31.87 -22.84 -10.26
C ALA D 85 -32.15 -21.38 -10.43
N VAL D 86 -33.24 -21.06 -11.11
CA VAL D 86 -33.49 -19.64 -11.50
C VAL D 86 -33.87 -18.84 -10.23
N HIS D 87 -33.39 -17.61 -10.14
CA HIS D 87 -33.74 -16.78 -9.00
C HIS D 87 -35.27 -16.44 -8.93
N LYS D 88 -35.75 -15.96 -7.78
CA LYS D 88 -37.18 -15.85 -7.57
C LYS D 88 -37.75 -14.49 -7.89
N HIS D 89 -37.01 -13.66 -8.61
CA HIS D 89 -37.39 -12.24 -8.81
C HIS D 89 -37.64 -11.86 -10.27
N TYR D 90 -37.93 -12.84 -11.10
CA TYR D 90 -38.40 -12.58 -12.44
C TYR D 90 -39.94 -12.60 -12.48
N SER D 91 -40.53 -11.82 -13.38
CA SER D 91 -41.96 -11.85 -13.63
C SER D 91 -42.35 -13.05 -14.50
N LEU D 92 -43.64 -13.39 -14.53
CA LEU D 92 -44.13 -14.45 -15.39
C LEU D 92 -43.83 -14.11 -16.82
N VAL D 93 -44.07 -12.86 -17.19
CA VAL D 93 -43.77 -12.37 -18.52
C VAL D 93 -42.32 -12.65 -18.94
N GLN D 94 -41.38 -12.42 -18.03
CA GLN D 94 -39.97 -12.64 -18.29
C GLN D 94 -39.68 -14.11 -18.53
N TRP D 95 -40.29 -14.97 -17.70
CA TRP D 95 -40.19 -16.42 -17.89
C TRP D 95 -40.75 -16.89 -19.22
N GLN D 96 -41.90 -16.34 -19.58
CA GLN D 96 -42.52 -16.65 -20.87
C GLN D 96 -41.62 -16.19 -22.04
N GLU D 97 -41.09 -14.98 -21.95
CA GLU D 97 -40.15 -14.54 -22.98
C GLU D 97 -38.97 -15.46 -23.07
N PHE D 98 -38.38 -15.82 -21.93
CA PHE D 98 -37.22 -16.71 -21.95
C PHE D 98 -37.53 -18.06 -22.65
N ALA D 99 -38.63 -18.70 -22.21
CA ALA D 99 -39.02 -20.01 -22.68
C ALA D 99 -39.42 -20.01 -24.14
N GLY D 100 -40.04 -18.92 -24.59
CA GLY D 100 -40.32 -18.79 -26.00
C GLY D 100 -39.07 -18.73 -26.86
N GLN D 101 -38.09 -17.96 -26.42
CA GLN D 101 -36.84 -17.76 -27.15
C GLN D 101 -35.87 -18.90 -26.98
N ASN D 102 -36.05 -19.73 -25.94
CA ASN D 102 -35.08 -20.75 -25.59
C ASN D 102 -35.73 -22.06 -25.23
N PRO D 103 -36.53 -22.63 -26.16
CA PRO D 103 -37.26 -23.85 -25.86
C PRO D 103 -36.37 -25.02 -25.46
N ASP D 104 -35.11 -25.04 -25.87
CA ASP D 104 -34.29 -26.20 -25.67
C ASP D 104 -33.49 -26.14 -24.38
N CYS D 105 -33.79 -25.16 -23.53
CA CYS D 105 -33.02 -24.88 -22.30
C CYS D 105 -33.90 -24.99 -21.06
N LEU D 106 -35.07 -25.58 -21.18
CA LEU D 106 -35.99 -25.58 -20.05
C LEU D 106 -35.86 -26.86 -19.25
N GLU D 107 -35.16 -27.83 -19.81
CA GLU D 107 -34.98 -29.14 -19.20
C GLU D 107 -34.18 -29.14 -17.89
N HIS D 108 -33.15 -28.31 -17.80
CA HIS D 108 -32.37 -28.25 -16.59
C HIS D 108 -32.47 -26.89 -15.90
N LEU D 109 -33.71 -26.50 -15.66
CA LEU D 109 -34.04 -25.31 -14.87
C LEU D 109 -34.95 -25.71 -13.75
N ALA D 110 -34.77 -25.03 -12.64
CA ALA D 110 -35.73 -25.12 -11.53
C ALA D 110 -36.30 -23.73 -11.28
N ALA D 111 -37.59 -23.64 -10.99
CA ALA D 111 -38.18 -22.37 -10.49
C ALA D 111 -38.09 -22.42 -8.97
N SER D 112 -37.72 -21.30 -8.35
CA SER D 112 -37.43 -21.27 -6.94
C SER D 112 -38.55 -20.63 -6.16
N SER D 113 -38.60 -20.94 -4.86
CA SER D 113 -39.60 -20.35 -3.99
C SER D 113 -39.14 -20.47 -2.55
N GLY D 114 -39.50 -19.48 -1.73
CA GLY D 114 -39.50 -19.62 -0.28
C GLY D 114 -40.86 -20.09 0.19
N THR D 115 -41.16 -19.91 1.48
CA THR D 115 -42.38 -20.46 2.08
C THR D 115 -43.58 -19.52 2.17
N GLY D 116 -43.41 -18.25 1.81
CA GLY D 116 -44.56 -17.33 1.81
C GLY D 116 -45.67 -17.67 0.82
N SER D 117 -46.90 -17.25 1.13
CA SER D 117 -48.07 -17.39 0.22
C SER D 117 -47.82 -16.87 -1.16
N SER D 118 -47.23 -15.68 -1.22
CA SER D 118 -46.94 -14.96 -2.43
C SER D 118 -45.89 -15.67 -3.30
N ASP D 119 -44.83 -16.14 -2.66
CA ASP D 119 -43.84 -16.97 -3.31
C ASP D 119 -44.48 -18.21 -3.94
N PHE D 120 -45.33 -18.88 -3.19
CA PHE D 120 -45.96 -20.09 -3.67
C PHE D 120 -46.87 -19.82 -4.87
N GLU D 121 -47.58 -18.70 -4.82
CA GLU D 121 -48.49 -18.36 -5.90
C GLU D 121 -47.73 -18.02 -7.15
N GLN D 122 -46.64 -17.26 -7.04
CA GLN D 122 -45.84 -16.97 -8.23
C GLN D 122 -45.21 -18.23 -8.83
N LEU D 123 -44.78 -19.16 -7.97
CA LEU D 123 -44.23 -20.44 -8.39
C LEU D 123 -45.27 -21.19 -9.23
N GLU D 124 -46.46 -21.31 -8.67
CA GLU D 124 -47.60 -21.92 -9.37
C GLU D 124 -47.83 -21.36 -10.77
N GLN D 125 -47.84 -20.03 -10.86
CA GLN D 125 -48.09 -19.33 -12.11
C GLN D 125 -47.05 -19.72 -13.12
N ILE D 126 -45.79 -19.74 -12.68
CA ILE D 126 -44.70 -20.19 -13.55
C ILE D 126 -44.94 -21.61 -14.00
N LEU D 127 -45.16 -22.53 -13.06
CA LEU D 127 -45.23 -23.95 -13.40
C LEU D 127 -46.41 -24.29 -14.28
N GLU D 128 -47.55 -23.65 -14.03
CA GLU D 128 -48.75 -23.84 -14.85
C GLU D 128 -48.55 -23.34 -16.28
N ALA D 129 -47.86 -22.21 -16.43
CA ALA D 129 -47.67 -21.57 -17.74
C ALA D 129 -46.56 -22.20 -18.56
N ILE D 130 -45.57 -22.76 -17.89
CA ILE D 130 -44.41 -23.32 -18.56
C ILE D 130 -44.25 -24.75 -18.10
N PRO D 131 -45.01 -25.66 -18.72
CA PRO D 131 -45.01 -27.04 -18.29
C PRO D 131 -43.67 -27.75 -18.40
N GLN D 132 -42.78 -27.29 -19.29
CA GLN D 132 -41.50 -27.91 -19.49
C GLN D 132 -40.59 -27.75 -18.28
N VAL D 133 -40.88 -26.78 -17.42
CA VAL D 133 -40.12 -26.64 -16.17
C VAL D 133 -40.59 -27.79 -15.22
N LYS D 134 -39.71 -28.73 -14.91
CA LYS D 134 -40.10 -29.87 -14.10
C LYS D 134 -39.37 -29.97 -12.73
N TYR D 135 -38.68 -28.90 -12.32
CA TYR D 135 -37.95 -28.92 -11.06
C TYR D 135 -38.35 -27.70 -10.26
N ILE D 136 -38.35 -27.89 -8.94
CA ILE D 136 -38.73 -26.84 -8.01
C ILE D 136 -37.60 -26.70 -6.99
N CYS D 137 -37.16 -25.47 -6.76
CA CYS D 137 -36.14 -25.25 -5.77
C CYS D 137 -36.74 -24.53 -4.55
N LEU D 138 -36.99 -25.28 -3.47
CA LEU D 138 -37.56 -24.69 -2.26
C LEU D 138 -36.42 -24.33 -1.34
N ASP D 139 -36.29 -23.05 -1.01
CA ASP D 139 -35.06 -22.60 -0.43
C ASP D 139 -35.36 -21.66 0.74
N VAL D 140 -34.85 -22.03 1.92
CA VAL D 140 -34.89 -21.14 3.11
C VAL D 140 -33.56 -21.16 3.82
N ALA D 141 -33.29 -20.14 4.64
CA ALA D 141 -32.05 -20.16 5.36
C ALA D 141 -32.06 -21.28 6.37
N ASN D 142 -33.20 -21.48 7.02
CA ASN D 142 -33.38 -22.46 8.09
C ASN D 142 -34.35 -23.58 7.75
N GLY D 143 -33.79 -24.64 7.20
CA GLY D 143 -34.57 -25.82 6.83
C GLY D 143 -34.93 -26.74 7.98
N TYR D 144 -34.68 -26.31 9.23
CA TYR D 144 -34.92 -27.14 10.42
C TYR D 144 -36.29 -26.83 11.00
N SER D 145 -37.00 -25.88 10.40
CA SER D 145 -38.28 -25.48 10.93
C SER D 145 -39.39 -26.39 10.45
N GLU D 146 -40.28 -26.66 11.37
CA GLU D 146 -41.44 -27.47 11.10
C GLU D 146 -42.27 -26.80 10.01
N HIS D 147 -42.27 -25.48 10.01
CA HIS D 147 -43.01 -24.73 8.99
C HIS D 147 -42.51 -25.05 7.60
N PHE D 148 -41.20 -25.28 7.50
CA PHE D 148 -40.58 -25.56 6.23
C PHE D 148 -40.94 -26.97 5.80
N VAL D 149 -40.86 -27.90 6.74
CA VAL D 149 -41.24 -29.29 6.50
C VAL D 149 -42.66 -29.37 5.98
N GLU D 150 -43.57 -28.64 6.63
CA GLU D 150 -44.95 -28.61 6.20
C GLU D 150 -45.16 -28.03 4.82
N PHE D 151 -44.35 -27.03 4.47
CA PHE D 151 -44.45 -26.42 3.18
C PHE D 151 -44.01 -27.39 2.06
N VAL D 152 -42.96 -28.15 2.34
CA VAL D 152 -42.47 -29.18 1.43
C VAL D 152 -43.54 -30.22 1.14
N LYS D 153 -44.27 -30.64 2.20
CA LYS D 153 -45.37 -31.60 2.03
C LYS D 153 -46.39 -30.96 1.10
N ASP D 154 -46.71 -29.70 1.37
CA ASP D 154 -47.74 -28.97 0.62
C ASP D 154 -47.37 -28.93 -0.86
N VAL D 155 -46.13 -28.61 -1.14
CA VAL D 155 -45.66 -28.51 -2.51
C VAL D 155 -45.65 -29.88 -3.19
N ARG D 156 -45.18 -30.93 -2.52
CA ARG D 156 -45.27 -32.31 -3.07
C ARG D 156 -46.69 -32.68 -3.53
N LYS D 157 -47.68 -32.35 -2.71
CA LYS D 157 -49.07 -32.67 -2.95
C LYS D 157 -49.63 -31.90 -4.14
N ARG D 158 -49.25 -30.65 -4.29
CA ARG D 158 -49.73 -29.82 -5.39
C ARG D 158 -49.06 -30.20 -6.71
N PHE D 159 -47.82 -30.66 -6.65
CA PHE D 159 -47.05 -30.97 -7.85
C PHE D 159 -46.39 -32.34 -7.72
N PRO D 160 -47.19 -33.45 -7.73
CA PRO D 160 -46.65 -34.81 -7.52
C PRO D 160 -45.58 -35.29 -8.51
N GLN D 161 -45.55 -34.75 -9.72
CA GLN D 161 -44.59 -35.19 -10.73
C GLN D 161 -43.43 -34.27 -10.93
N HIS D 162 -43.37 -33.16 -10.20
CA HIS D 162 -42.16 -32.32 -10.26
C HIS D 162 -41.11 -32.81 -9.28
N THR D 163 -39.84 -32.65 -9.65
CA THR D 163 -38.76 -32.96 -8.75
C THR D 163 -38.50 -31.76 -7.83
N ILE D 164 -38.41 -32.05 -6.53
CA ILE D 164 -38.29 -31.01 -5.52
C ILE D 164 -36.93 -31.08 -4.87
N MET D 165 -36.23 -29.94 -4.98
CA MET D 165 -35.03 -29.65 -4.24
C MET D 165 -35.46 -28.78 -3.05
N ALA D 166 -34.98 -29.11 -1.86
CA ALA D 166 -35.38 -28.39 -0.64
C ALA D 166 -34.20 -28.22 0.28
N GLY D 167 -34.02 -27.05 0.87
CA GLY D 167 -32.98 -26.89 1.87
C GLY D 167 -33.15 -25.49 2.46
N ASN D 168 -32.22 -25.04 3.32
CA ASN D 168 -30.98 -25.73 3.67
C ASN D 168 -30.88 -26.39 5.05
N VAL D 169 -30.19 -27.52 5.06
CA VAL D 169 -29.86 -28.23 6.28
C VAL D 169 -28.43 -28.73 6.21
N VAL D 170 -27.91 -29.27 7.33
CA VAL D 170 -26.54 -29.78 7.40
C VAL D 170 -26.39 -31.14 8.08
N THR D 171 -27.49 -31.76 8.53
CA THR D 171 -27.37 -32.95 9.31
C THR D 171 -28.39 -34.03 8.84
N GLY D 172 -28.04 -35.29 9.07
CA GLY D 172 -28.83 -36.38 8.46
C GLY D 172 -30.26 -36.57 8.92
N GLU D 173 -30.58 -36.26 10.17
CA GLU D 173 -31.95 -36.41 10.65
C GLU D 173 -32.90 -35.53 9.86
N MET D 174 -32.46 -34.31 9.59
CA MET D 174 -33.26 -33.38 8.80
C MET D 174 -33.33 -33.75 7.30
N VAL D 175 -32.23 -34.26 6.74
CA VAL D 175 -32.25 -34.78 5.40
C VAL D 175 -33.33 -35.86 5.29
N GLU D 176 -33.35 -36.77 6.26
CA GLU D 176 -34.33 -37.86 6.18
C GLU D 176 -35.77 -37.35 6.25
N GLU D 177 -36.02 -36.48 7.23
CA GLU D 177 -37.36 -35.94 7.41
C GLU D 177 -37.86 -35.25 6.15
N LEU D 178 -36.99 -34.42 5.55
CA LEU D 178 -37.32 -33.68 4.35
C LEU D 178 -37.60 -34.65 3.16
N ILE D 179 -36.81 -35.69 3.04
CA ILE D 179 -37.06 -36.66 1.98
C ILE D 179 -38.37 -37.42 2.21
N LEU D 180 -38.56 -37.90 3.44
CA LEU D 180 -39.82 -38.51 3.80
C LEU D 180 -41.02 -37.59 3.71
N SER D 181 -40.81 -36.30 3.86
CA SER D 181 -41.87 -35.28 3.66
C SER D 181 -42.20 -34.96 2.21
N GLY D 182 -41.36 -35.42 1.29
CA GLY D 182 -41.64 -35.36 -0.14
C GLY D 182 -40.56 -34.73 -1.00
N ALA D 183 -39.51 -34.18 -0.41
CA ALA D 183 -38.43 -33.61 -1.23
C ALA D 183 -37.62 -34.70 -1.86
N ASP D 184 -37.14 -34.48 -3.08
CA ASP D 184 -36.30 -35.45 -3.78
C ASP D 184 -34.82 -35.27 -3.51
N ILE D 185 -34.43 -33.99 -3.39
CA ILE D 185 -33.01 -33.64 -3.43
C ILE D 185 -32.85 -32.59 -2.31
N ILE D 186 -31.95 -32.86 -1.38
CA ILE D 186 -31.82 -31.99 -0.21
C ILE D 186 -30.63 -31.08 -0.46
N LYS D 187 -30.85 -29.79 -0.23
CA LYS D 187 -29.82 -28.77 -0.45
C LYS D 187 -29.09 -28.59 0.88
N VAL D 188 -27.81 -28.90 0.87
CA VAL D 188 -26.96 -28.94 2.09
C VAL D 188 -25.99 -27.81 2.25
N GLY D 189 -26.07 -27.15 3.39
CA GLY D 189 -25.13 -26.08 3.70
C GLY D 189 -25.72 -24.95 4.49
N ILE D 190 -25.15 -24.69 5.66
CA ILE D 190 -25.53 -23.55 6.50
C ILE D 190 -24.32 -22.76 6.83
N GLY D 191 -24.24 -21.57 6.20
CA GLY D 191 -23.13 -20.68 6.37
C GLY D 191 -21.82 -20.84 5.61
N PRO D 192 -21.65 -21.82 4.69
CA PRO D 192 -20.34 -21.92 4.02
C PRO D 192 -20.12 -20.91 2.88
N GLY D 193 -21.18 -20.19 2.50
CA GLY D 193 -21.18 -19.40 1.30
C GLY D 193 -20.27 -18.18 1.29
N SER D 194 -19.70 -17.91 0.13
CA SER D 194 -18.73 -16.82 -0.01
C SER D 194 -19.20 -15.46 0.43
N VAL D 195 -20.51 -15.14 0.29
CA VAL D 195 -20.99 -13.84 0.75
C VAL D 195 -22.00 -14.05 1.93
N CYS D 196 -21.92 -15.20 2.58
CA CYS D 196 -22.71 -15.44 3.77
C CYS D 196 -22.05 -14.90 5.02
N THR D 197 -22.81 -14.32 5.94
CA THR D 197 -22.31 -13.94 7.24
C THR D 197 -23.09 -14.57 8.39
N THR D 198 -23.90 -15.59 8.08
CA THR D 198 -24.64 -16.35 9.11
C THR D 198 -23.75 -16.83 10.30
N ARG D 199 -22.58 -17.36 9.98
CA ARG D 199 -21.67 -17.84 11.03
C ARG D 199 -21.19 -16.72 11.96
N LYS D 200 -20.84 -15.58 11.38
CA LYS D 200 -20.46 -14.42 12.14
C LYS D 200 -21.63 -13.81 12.96
N LYS D 201 -22.84 -13.82 12.40
CA LYS D 201 -23.98 -13.23 13.11
C LYS D 201 -24.65 -14.13 14.18
N THR D 202 -24.55 -15.42 13.96
CA THR D 202 -25.32 -16.41 14.75
C THR D 202 -24.46 -17.50 15.37
N GLY D 203 -23.30 -17.73 14.80
CA GLY D 203 -22.43 -18.77 15.24
C GLY D 203 -22.87 -20.16 14.85
N VAL D 204 -23.88 -20.25 13.98
CA VAL D 204 -24.45 -21.57 13.60
C VAL D 204 -23.83 -22.01 12.30
N GLY D 205 -23.57 -23.32 12.20
CA GLY D 205 -23.07 -23.88 10.96
C GLY D 205 -22.52 -25.28 11.17
N TYR D 206 -21.89 -25.78 10.11
CA TYR D 206 -21.33 -27.11 10.08
C TYR D 206 -20.25 -27.09 8.98
N PRO D 207 -19.06 -27.64 9.28
CA PRO D 207 -18.05 -27.77 8.20
C PRO D 207 -18.62 -28.50 6.98
N GLN D 208 -18.44 -27.89 5.82
CA GLN D 208 -19.21 -28.26 4.63
C GLN D 208 -18.86 -29.67 4.12
N LEU D 209 -17.58 -30.08 4.18
CA LEU D 209 -17.26 -31.44 3.68
C LEU D 209 -17.87 -32.50 4.57
N SER D 210 -17.73 -32.32 5.89
CA SER D 210 -18.41 -33.19 6.84
C SER D 210 -19.94 -33.24 6.67
N ALA D 211 -20.55 -32.10 6.46
CA ALA D 211 -21.98 -32.02 6.23
C ALA D 211 -22.36 -32.85 4.99
N VAL D 212 -21.57 -32.73 3.92
CA VAL D 212 -21.85 -33.42 2.68
C VAL D 212 -21.75 -34.94 2.92
N MET D 213 -20.68 -35.40 3.55
CA MET D 213 -20.55 -36.82 3.83
C MET D 213 -21.71 -37.35 4.64
N GLU D 214 -22.05 -36.67 5.74
CA GLU D 214 -23.13 -37.13 6.62
C GLU D 214 -24.48 -37.13 5.88
N CYS D 215 -24.75 -36.03 5.19
CA CYS D 215 -26.02 -35.86 4.52
C CYS D 215 -26.16 -36.73 3.27
N ALA D 216 -25.08 -36.95 2.54
CA ALA D 216 -25.10 -37.89 1.45
C ALA D 216 -25.49 -39.31 1.90
N ASP D 217 -24.87 -39.76 3.00
CA ASP D 217 -25.12 -41.09 3.50
C ASP D 217 -26.55 -41.20 3.90
N ALA D 218 -27.06 -40.18 4.59
CA ALA D 218 -28.43 -40.19 5.01
C ALA D 218 -29.42 -40.25 3.85
N ALA D 219 -29.22 -39.35 2.90
CA ALA D 219 -30.08 -39.29 1.70
C ALA D 219 -30.00 -40.57 0.91
N HIS D 220 -28.79 -41.08 0.69
CA HIS D 220 -28.64 -42.29 -0.15
C HIS D 220 -29.21 -43.55 0.53
N GLY D 221 -29.20 -43.61 1.85
CA GLY D 221 -29.92 -44.66 2.56
C GLY D 221 -31.39 -44.74 2.21
N LEU D 222 -31.98 -43.61 1.79
CA LEU D 222 -33.38 -43.52 1.38
C LEU D 222 -33.60 -43.46 -0.12
N LYS D 223 -32.54 -43.68 -0.88
CA LYS D 223 -32.56 -43.51 -2.32
C LYS D 223 -32.91 -42.10 -2.77
N GLY D 224 -32.57 -41.11 -1.91
CA GLY D 224 -32.68 -39.71 -2.26
C GLY D 224 -31.34 -39.19 -2.70
N HIS D 225 -31.27 -37.86 -2.88
CA HIS D 225 -30.10 -37.18 -3.42
C HIS D 225 -29.83 -35.91 -2.65
N ILE D 226 -28.63 -35.41 -2.82
CA ILE D 226 -28.27 -34.09 -2.24
C ILE D 226 -27.54 -33.18 -3.17
N ILE D 227 -27.63 -31.89 -2.80
CA ILE D 227 -26.83 -30.79 -3.40
C ILE D 227 -25.90 -30.23 -2.31
N SER D 228 -24.61 -30.15 -2.62
CA SER D 228 -23.65 -29.44 -1.77
C SER D 228 -23.76 -27.97 -2.19
N ASP D 229 -24.24 -27.15 -1.28
CA ASP D 229 -24.61 -25.78 -1.59
C ASP D 229 -23.72 -24.82 -0.84
N GLY D 230 -22.78 -24.25 -1.55
CA GLY D 230 -21.89 -23.26 -1.02
C GLY D 230 -20.47 -23.72 -0.65
N GLY D 231 -19.55 -22.77 -0.64
CA GLY D 231 -18.23 -23.00 -0.05
C GLY D 231 -17.19 -23.42 -1.08
N CYS D 232 -17.58 -23.64 -2.34
CA CYS D 232 -16.59 -24.01 -3.34
C CYS D 232 -15.98 -22.72 -3.91
N SER D 233 -14.66 -22.64 -3.95
CA SER D 233 -13.99 -21.47 -4.55
C SER D 233 -13.00 -21.85 -5.65
N CYS D 234 -12.89 -23.14 -5.96
CA CYS D 234 -12.02 -23.62 -7.03
C CYS D 234 -12.59 -24.90 -7.52
N PRO D 235 -12.17 -25.32 -8.72
CA PRO D 235 -12.67 -26.58 -9.23
C PRO D 235 -12.36 -27.79 -8.33
N GLY D 236 -11.25 -27.74 -7.62
CA GLY D 236 -10.87 -28.79 -6.68
C GLY D 236 -11.88 -28.95 -5.60
N ASP D 237 -12.48 -27.85 -5.18
CA ASP D 237 -13.53 -27.93 -4.18
C ASP D 237 -14.77 -28.70 -4.70
N VAL D 238 -15.16 -28.38 -5.93
CA VAL D 238 -16.29 -29.02 -6.62
C VAL D 238 -16.03 -30.53 -6.64
N ALA D 239 -14.81 -30.89 -7.00
CA ALA D 239 -14.44 -32.30 -7.09
C ALA D 239 -14.48 -33.00 -5.72
N LYS D 240 -14.02 -32.32 -4.68
CA LYS D 240 -14.09 -32.80 -3.34
C LYS D 240 -15.52 -33.02 -2.89
N ALA D 241 -16.41 -32.06 -3.15
CA ALA D 241 -17.81 -32.24 -2.77
C ALA D 241 -18.42 -33.49 -3.47
N PHE D 242 -18.15 -33.63 -4.76
CA PHE D 242 -18.58 -34.84 -5.48
C PHE D 242 -17.95 -36.12 -4.87
N GLY D 243 -16.65 -36.06 -4.59
CA GLY D 243 -15.96 -37.21 -4.02
C GLY D 243 -16.52 -37.56 -2.65
N ALA D 244 -17.02 -36.58 -1.92
CA ALA D 244 -17.63 -36.84 -0.63
C ALA D 244 -19.07 -37.35 -0.70
N GLY D 245 -19.60 -37.49 -1.91
CA GLY D 245 -20.90 -38.07 -2.12
C GLY D 245 -22.02 -37.16 -2.62
N ALA D 246 -21.77 -35.85 -2.75
CA ALA D 246 -22.76 -34.93 -3.35
C ALA D 246 -23.17 -35.40 -4.76
N ASP D 247 -24.49 -35.47 -4.99
CA ASP D 247 -25.05 -35.81 -6.26
C ASP D 247 -24.89 -34.61 -7.20
N PHE D 248 -25.16 -33.41 -6.67
CA PHE D 248 -25.06 -32.14 -7.38
C PHE D 248 -24.23 -31.19 -6.57
N VAL D 249 -23.64 -30.20 -7.24
CA VAL D 249 -22.93 -29.14 -6.52
C VAL D 249 -23.48 -27.84 -7.05
N MET D 250 -23.84 -26.98 -6.12
CA MET D 250 -24.38 -25.65 -6.42
C MET D 250 -23.32 -24.59 -6.14
N LEU D 251 -23.18 -23.68 -7.11
CA LEU D 251 -22.20 -22.60 -7.11
C LEU D 251 -22.83 -21.23 -7.19
N GLY D 252 -22.41 -20.33 -6.31
CA GLY D 252 -22.74 -18.91 -6.40
C GLY D 252 -21.50 -18.12 -6.84
N GLY D 253 -20.60 -17.87 -5.89
CA GLY D 253 -19.41 -17.07 -6.11
C GLY D 253 -18.55 -17.39 -7.35
N MET D 254 -18.36 -18.68 -7.64
CA MET D 254 -17.55 -19.02 -8.79
C MET D 254 -18.24 -18.62 -10.10
N LEU D 255 -19.56 -18.45 -10.08
CA LEU D 255 -20.34 -18.03 -11.26
C LEU D 255 -20.67 -16.52 -11.28
N ALA D 256 -20.42 -15.83 -10.18
CA ALA D 256 -20.61 -14.40 -10.08
C ALA D 256 -19.53 -13.71 -10.88
N GLY D 257 -19.82 -12.48 -11.31
CA GLY D 257 -18.80 -11.60 -11.89
C GLY D 257 -18.60 -11.78 -13.36
N HIS D 258 -19.44 -12.58 -14.01
CA HIS D 258 -19.35 -12.76 -15.47
C HIS D 258 -20.32 -11.93 -16.25
N SER D 259 -20.12 -11.91 -17.54
CA SER D 259 -21.02 -11.16 -18.43
C SER D 259 -22.47 -11.52 -18.18
N GLU D 260 -22.70 -12.81 -18.02
CA GLU D 260 -24.02 -13.40 -17.90
C GLU D 260 -24.61 -13.28 -16.49
N SER D 261 -23.77 -12.94 -15.52
CA SER D 261 -24.19 -12.74 -14.14
C SER D 261 -24.98 -11.45 -14.02
N GLY D 262 -25.87 -11.39 -13.03
CA GLY D 262 -26.42 -10.13 -12.60
C GLY D 262 -25.43 -9.37 -11.76
N GLY D 263 -25.92 -8.32 -11.13
CA GLY D 263 -25.06 -7.40 -10.37
C GLY D 263 -24.57 -6.24 -11.23
N GLU D 264 -24.65 -5.03 -10.72
CA GLU D 264 -24.24 -3.87 -11.51
C GLU D 264 -22.76 -4.00 -11.93
N LEU D 265 -22.50 -3.57 -13.16
CA LEU D 265 -21.15 -3.48 -13.68
C LEU D 265 -20.67 -2.10 -13.31
N ILE D 266 -19.58 -2.06 -12.57
CA ILE D 266 -18.97 -0.85 -12.06
C ILE D 266 -17.53 -0.72 -12.60
N GLU D 267 -17.27 0.35 -13.29
CA GLU D 267 -15.93 0.65 -13.74
C GLU D 267 -15.43 1.84 -12.98
N ARG D 268 -14.43 1.60 -12.13
CA ARG D 268 -13.89 2.64 -11.27
C ARG D 268 -12.40 2.42 -11.16
N ASP D 269 -11.69 3.54 -11.14
CA ASP D 269 -10.23 3.59 -11.13
C ASP D 269 -9.66 2.67 -12.21
N GLY D 270 -10.27 2.72 -13.38
CA GLY D 270 -9.76 2.04 -14.57
C GLY D 270 -9.98 0.56 -14.61
N LYS D 271 -10.66 0.02 -13.61
CA LYS D 271 -10.93 -1.40 -13.52
C LYS D 271 -12.40 -1.69 -13.52
N LYS D 272 -12.77 -2.91 -13.90
CA LYS D 272 -14.19 -3.32 -13.95
C LYS D 272 -14.53 -4.37 -12.89
N TYR D 273 -15.68 -4.14 -12.22
CA TYR D 273 -16.22 -5.02 -11.22
C TYR D 273 -17.70 -5.27 -11.45
N LYS D 274 -18.18 -6.34 -10.82
CA LYS D 274 -19.58 -6.60 -10.70
C LYS D 274 -19.94 -6.84 -9.22
N LEU D 275 -21.07 -6.27 -8.84
CA LEU D 275 -21.62 -6.54 -7.53
C LEU D 275 -22.00 -7.99 -7.39
N PHE D 276 -21.76 -8.51 -6.19
CA PHE D 276 -22.20 -9.84 -5.82
C PHE D 276 -22.58 -9.76 -4.35
N TYR D 277 -23.77 -10.26 -3.98
CA TYR D 277 -24.26 -10.01 -2.62
C TYR D 277 -25.14 -11.15 -2.15
N GLY D 278 -25.10 -11.37 -0.85
CA GLY D 278 -25.93 -12.43 -0.23
C GLY D 278 -27.40 -12.08 -0.35
N MET D 279 -28.27 -13.09 -0.44
CA MET D 279 -29.70 -12.82 -0.51
C MET D 279 -30.30 -12.38 0.80
N SER D 280 -29.58 -12.49 1.92
CA SER D 280 -30.01 -11.81 3.16
C SER D 280 -29.10 -10.65 3.61
N SER D 281 -28.35 -10.11 2.65
CA SER D 281 -27.62 -8.88 2.83
C SER D 281 -28.60 -7.69 2.90
N GLU D 282 -28.15 -6.60 3.51
CA GLU D 282 -28.95 -5.39 3.50
C GLU D 282 -29.21 -5.01 2.04
N MET D 283 -28.24 -5.23 1.15
CA MET D 283 -28.42 -4.87 -0.25
C MET D 283 -29.61 -5.58 -0.89
N ALA D 284 -29.73 -6.87 -0.64
CA ALA D 284 -30.86 -7.67 -1.13
C ALA D 284 -32.18 -7.26 -0.45
N MET D 285 -32.16 -7.12 0.88
CA MET D 285 -33.36 -6.74 1.64
C MET D 285 -33.89 -5.35 1.29
N LYS D 286 -32.98 -4.42 1.03
CA LYS D 286 -33.35 -3.11 0.49
C LYS D 286 -34.06 -3.25 -0.85
N LYS D 287 -33.52 -4.06 -1.75
CA LYS D 287 -34.15 -4.31 -3.06
C LYS D 287 -35.50 -4.99 -2.99
N TYR D 288 -35.64 -5.97 -2.12
CA TYR D 288 -36.83 -6.86 -2.16
C TYR D 288 -37.74 -6.92 -0.92
N ALA D 289 -37.30 -6.41 0.22
CA ALA D 289 -38.18 -6.45 1.40
C ALA D 289 -38.51 -5.05 1.91
N GLY D 290 -38.11 -4.01 1.19
CA GLY D 290 -38.27 -2.63 1.67
C GLY D 290 -37.43 -2.26 2.90
N GLY D 291 -36.27 -2.91 3.03
CA GLY D 291 -35.36 -2.71 4.16
C GLY D 291 -35.22 -3.95 5.04
N VAL D 292 -34.56 -3.75 6.18
CA VAL D 292 -34.29 -4.80 7.15
C VAL D 292 -35.24 -4.68 8.36
N ALA D 293 -36.10 -5.68 8.57
CA ALA D 293 -37.02 -5.67 9.71
C ALA D 293 -36.25 -5.51 11.01
N GLU D 294 -36.83 -4.77 11.95
CA GLU D 294 -36.18 -4.39 13.23
C GLU D 294 -35.58 -5.57 14.01
N TYR D 295 -36.22 -6.75 13.95
CA TYR D 295 -35.77 -7.91 14.74
C TYR D 295 -34.78 -8.78 14.02
N ARG D 296 -34.47 -8.41 12.77
CA ARG D 296 -33.58 -9.16 11.88
C ARG D 296 -32.19 -8.53 11.91
N ALA D 297 -31.20 -9.31 11.60
CA ALA D 297 -29.92 -8.79 11.28
C ALA D 297 -29.67 -9.27 9.84
N SER D 298 -28.86 -8.56 9.09
CA SER D 298 -28.44 -9.06 7.80
C SER D 298 -27.60 -10.33 8.02
N GLU D 299 -27.71 -11.31 7.13
CA GLU D 299 -26.80 -12.44 7.21
C GLU D 299 -26.09 -12.74 5.88
N GLY D 300 -25.88 -11.69 5.09
CA GLY D 300 -25.05 -11.83 3.92
C GLY D 300 -24.34 -10.48 3.79
N LYS D 301 -23.31 -10.46 2.96
CA LYS D 301 -22.55 -9.27 2.67
C LYS D 301 -22.56 -8.98 1.19
N THR D 302 -21.99 -7.83 0.85
CA THR D 302 -21.78 -7.42 -0.55
C THR D 302 -20.28 -7.34 -0.80
N VAL D 303 -19.90 -7.80 -1.98
CA VAL D 303 -18.53 -7.66 -2.50
C VAL D 303 -18.60 -7.18 -3.92
N GLU D 304 -17.47 -6.67 -4.40
CA GLU D 304 -17.27 -6.28 -5.79
C GLU D 304 -16.23 -7.25 -6.33
N VAL D 305 -16.69 -8.05 -7.28
CA VAL D 305 -15.92 -9.05 -7.96
C VAL D 305 -15.25 -8.50 -9.22
N PRO D 306 -13.92 -8.61 -9.36
CA PRO D 306 -13.31 -8.18 -10.59
C PRO D 306 -13.93 -8.94 -11.77
N PHE D 307 -14.25 -8.17 -12.80
CA PHE D 307 -15.00 -8.69 -13.94
C PHE D 307 -14.26 -9.81 -14.58
N LYS D 308 -14.97 -10.89 -14.77
CA LYS D 308 -14.35 -12.14 -15.26
C LYS D 308 -14.60 -12.41 -16.77
N GLY D 309 -15.45 -11.64 -17.47
CA GLY D 309 -15.76 -11.93 -18.87
C GLY D 309 -16.82 -13.01 -19.02
N ASP D 310 -16.80 -13.73 -20.15
CA ASP D 310 -17.84 -14.73 -20.42
C ASP D 310 -17.69 -15.96 -19.59
N VAL D 311 -18.82 -16.42 -19.05
CA VAL D 311 -18.83 -17.59 -18.19
C VAL D 311 -18.38 -18.91 -18.83
N GLU D 312 -18.54 -19.05 -20.16
CA GLU D 312 -18.07 -20.25 -20.85
C GLU D 312 -16.64 -20.69 -20.44
N HIS D 313 -15.74 -19.71 -20.32
CA HIS D 313 -14.35 -19.98 -19.98
C HIS D 313 -14.18 -20.53 -18.55
N THR D 314 -15.02 -20.03 -17.64
CA THR D 314 -15.08 -20.55 -16.29
C THR D 314 -15.64 -22.00 -16.24
N ILE D 315 -16.71 -22.26 -16.98
CA ILE D 315 -17.28 -23.61 -17.00
C ILE D 315 -16.20 -24.57 -17.52
N ARG D 316 -15.50 -24.19 -18.59
CA ARG D 316 -14.49 -25.10 -19.18
C ARG D 316 -13.37 -25.40 -18.15
N ASP D 317 -12.98 -24.37 -17.38
CA ASP D 317 -11.99 -24.58 -16.28
C ASP D 317 -12.51 -25.55 -15.22
N ILE D 318 -13.74 -25.36 -14.78
CA ILE D 318 -14.30 -26.23 -13.78
C ILE D 318 -14.38 -27.69 -14.26
N LEU D 319 -14.98 -27.86 -15.43
CA LEU D 319 -15.14 -29.21 -15.99
C LEU D 319 -13.80 -29.89 -16.28
N GLY D 320 -12.87 -29.12 -16.84
CA GLY D 320 -11.51 -29.55 -17.04
C GLY D 320 -10.83 -30.04 -15.76
N GLY D 321 -11.05 -29.34 -14.68
CA GLY D 321 -10.47 -29.70 -13.40
C GLY D 321 -11.01 -31.06 -12.95
N ILE D 322 -12.32 -31.18 -12.99
CA ILE D 322 -12.99 -32.41 -12.56
C ILE D 322 -12.61 -33.65 -13.40
N ARG D 323 -12.47 -33.49 -14.72
CA ARG D 323 -12.03 -34.59 -15.59
C ARG D 323 -10.67 -35.05 -15.11
N SER D 324 -9.80 -34.08 -14.86
CA SER D 324 -8.47 -34.40 -14.31
C SER D 324 -8.55 -35.21 -13.01
N THR D 325 -9.40 -34.81 -12.06
CA THR D 325 -9.61 -35.51 -10.83
C THR D 325 -9.98 -36.96 -11.08
N CYS D 326 -10.97 -37.14 -11.97
CA CYS D 326 -11.39 -38.50 -12.36
C CYS D 326 -10.26 -39.35 -12.93
N THR D 327 -9.47 -38.80 -13.82
CA THR D 327 -8.36 -39.52 -14.33
C THR D 327 -7.39 -39.92 -13.21
N TYR D 328 -7.15 -39.03 -12.28
CA TYR D 328 -6.19 -39.33 -11.23
C TYR D 328 -6.66 -40.47 -10.31
N VAL D 329 -7.96 -40.62 -10.11
CA VAL D 329 -8.50 -41.67 -9.23
C VAL D 329 -9.07 -42.85 -9.95
N GLY D 330 -9.04 -42.79 -11.28
CA GLY D 330 -9.45 -43.89 -12.14
C GLY D 330 -10.94 -44.00 -12.37
N ALA D 331 -11.63 -42.86 -12.26
CA ALA D 331 -13.04 -42.73 -12.55
C ALA D 331 -13.31 -42.35 -14.01
N ALA D 332 -13.98 -43.24 -14.72
CA ALA D 332 -14.23 -43.01 -16.14
C ALA D 332 -15.49 -42.21 -16.39
N LYS D 333 -16.31 -42.13 -15.34
CA LYS D 333 -17.60 -41.50 -15.32
C LYS D 333 -17.75 -40.83 -13.96
N LEU D 334 -18.46 -39.71 -13.90
CA LEU D 334 -18.63 -39.02 -12.63
C LEU D 334 -19.24 -39.91 -11.53
N LYS D 335 -20.09 -40.85 -11.88
CA LYS D 335 -20.74 -41.76 -10.90
C LYS D 335 -19.69 -42.59 -10.16
N GLU D 336 -18.49 -42.71 -10.73
CA GLU D 336 -17.41 -43.49 -10.10
C GLU D 336 -16.54 -42.66 -9.15
N LEU D 337 -16.67 -41.35 -9.16
CA LEU D 337 -15.75 -40.52 -8.44
C LEU D 337 -15.86 -40.75 -6.92
N SER D 338 -17.07 -40.70 -6.36
CA SER D 338 -17.23 -40.85 -4.92
C SER D 338 -16.67 -42.19 -4.43
N ARG D 339 -16.99 -43.25 -5.14
CA ARG D 339 -16.58 -44.59 -4.67
C ARG D 339 -15.09 -44.87 -4.74
N ARG D 340 -14.41 -44.10 -5.61
CA ARG D 340 -12.94 -44.14 -5.75
C ARG D 340 -12.19 -43.00 -5.00
N THR D 341 -12.90 -42.26 -4.17
CA THR D 341 -12.35 -41.16 -3.41
C THR D 341 -11.88 -41.70 -2.04
N THR D 342 -10.61 -41.48 -1.74
CA THR D 342 -10.03 -41.66 -0.44
C THR D 342 -9.39 -40.33 -0.05
N PHE D 343 -9.90 -39.68 1.02
CA PHE D 343 -9.40 -38.37 1.36
C PHE D 343 -8.16 -38.53 2.24
N ILE D 344 -7.20 -37.66 2.01
CA ILE D 344 -6.02 -37.52 2.83
C ILE D 344 -6.18 -36.24 3.61
N ARG D 345 -6.02 -36.32 4.93
CA ARG D 345 -6.12 -35.14 5.79
C ARG D 345 -4.83 -34.39 5.68
N VAL D 346 -4.87 -33.07 5.51
CA VAL D 346 -3.64 -32.30 5.32
C VAL D 346 -3.55 -31.22 6.38
N SER E 19 15.99 31.06 -14.61
CA SER E 19 15.92 30.26 -13.33
C SER E 19 15.65 28.81 -13.63
N LEU E 20 16.51 28.25 -14.46
CA LEU E 20 16.26 26.96 -15.01
C LEU E 20 17.00 25.85 -14.32
N ASP E 21 16.29 24.77 -14.09
CA ASP E 21 16.85 23.49 -13.76
C ASP E 21 16.88 22.57 -15.00
N PHE E 22 17.54 21.44 -14.85
CA PHE E 22 17.68 20.46 -15.94
C PHE E 22 16.34 20.05 -16.53
N LYS E 23 15.35 19.84 -15.65
CA LYS E 23 14.04 19.43 -16.05
C LYS E 23 13.31 20.42 -16.90
N ASP E 24 13.76 21.68 -16.92
CA ASP E 24 13.01 22.73 -17.59
C ASP E 24 13.28 22.85 -19.09
N VAL E 25 14.24 22.08 -19.60
CA VAL E 25 14.65 22.28 -20.98
C VAL E 25 14.85 20.93 -21.66
N LEU E 26 14.76 20.96 -22.99
CA LEU E 26 15.24 19.95 -23.89
C LEU E 26 16.18 20.58 -24.93
N LEU E 27 17.06 19.76 -25.49
CA LEU E 27 17.86 20.12 -26.67
C LEU E 27 17.15 19.85 -27.96
N ARG E 28 17.18 20.88 -28.81
CA ARG E 28 16.64 20.81 -30.12
C ARG E 28 17.55 19.93 -31.02
N PRO E 29 16.95 18.99 -31.73
CA PRO E 29 17.77 18.34 -32.77
C PRO E 29 18.17 19.29 -33.88
N LYS E 30 19.28 18.96 -34.54
CA LYS E 30 19.82 19.74 -35.64
C LYS E 30 20.34 18.79 -36.74
N ARG E 31 20.31 19.31 -37.94
CA ARG E 31 20.84 18.65 -39.12
C ARG E 31 22.29 18.23 -38.90
N SER E 32 22.66 17.03 -39.38
CA SER E 32 24.06 16.56 -39.26
C SER E 32 24.50 15.70 -40.40
N THR E 33 25.82 15.53 -40.49
CA THR E 33 26.45 14.73 -41.53
C THR E 33 27.19 13.53 -40.95
N LEU E 34 27.03 13.29 -39.65
CA LEU E 34 27.72 12.20 -39.02
C LEU E 34 27.16 10.91 -39.59
N LYS E 35 28.06 10.06 -40.10
CA LYS E 35 27.69 8.72 -40.56
C LYS E 35 27.36 7.79 -39.42
N SER E 36 28.11 7.88 -38.32
CA SER E 36 27.88 7.03 -37.18
C SER E 36 28.03 7.79 -35.87
N ARG E 37 27.28 7.34 -34.88
CA ARG E 37 27.29 7.81 -33.51
C ARG E 37 28.59 7.53 -32.76
N SER E 38 29.33 6.56 -33.28
CA SER E 38 30.50 6.07 -32.63
C SER E 38 31.63 6.93 -33.14
N GLU E 39 31.34 7.73 -34.17
CA GLU E 39 32.21 8.81 -34.59
C GLU E 39 32.38 9.93 -33.52
N VAL E 40 31.46 10.03 -32.58
CA VAL E 40 31.53 11.15 -31.63
C VAL E 40 32.73 10.99 -30.67
N ASP E 41 33.52 12.04 -30.57
CA ASP E 41 34.62 12.14 -29.61
C ASP E 41 34.21 12.85 -28.34
N LEU E 42 34.12 12.09 -27.24
CA LEU E 42 33.74 12.65 -25.94
C LEU E 42 34.91 13.19 -25.11
N THR E 43 36.10 13.12 -25.64
CA THR E 43 37.25 13.64 -24.93
C THR E 43 37.30 15.13 -25.16
N ARG E 44 37.86 15.82 -24.18
CA ARG E 44 38.25 17.21 -24.29
C ARG E 44 39.72 17.36 -23.97
N SER E 45 40.28 18.43 -24.52
CA SER E 45 41.65 18.86 -24.30
C SER E 45 41.57 20.24 -23.74
N PHE E 46 42.07 20.41 -22.54
CA PHE E 46 42.05 21.74 -21.91
C PHE E 46 43.46 22.18 -21.55
N SER E 47 43.65 23.50 -21.50
CA SER E 47 44.86 24.10 -20.98
C SER E 47 44.41 25.06 -19.88
N PHE E 48 44.90 24.83 -18.67
CA PHE E 48 44.37 25.48 -17.46
C PHE E 48 45.07 26.85 -17.29
N ARG E 49 44.30 27.80 -16.84
CA ARG E 49 44.69 29.20 -16.87
C ARG E 49 45.88 29.52 -15.96
N ASN E 50 45.84 28.94 -14.78
CA ASN E 50 46.79 29.28 -13.72
C ASN E 50 47.89 28.23 -13.55
N SER E 51 47.55 26.96 -13.55
CA SER E 51 48.59 25.91 -13.43
C SER E 51 49.40 25.74 -14.70
N LYS E 52 48.84 26.16 -15.81
CA LYS E 52 49.45 26.00 -17.14
C LYS E 52 49.56 24.54 -17.57
N GLN E 53 48.88 23.63 -16.87
CA GLN E 53 48.93 22.21 -17.23
C GLN E 53 47.87 21.91 -18.29
N THR E 54 48.01 20.76 -18.93
CA THR E 54 47.02 20.32 -19.90
C THR E 54 46.32 19.05 -19.47
N TYR E 55 45.12 18.92 -19.99
CA TYR E 55 44.25 17.78 -19.71
C TYR E 55 43.79 17.23 -21.02
N SER E 56 43.72 15.91 -21.06
CA SER E 56 43.00 15.20 -22.12
C SER E 56 42.28 13.99 -21.50
N GLY E 57 40.96 13.94 -21.63
CA GLY E 57 40.16 12.79 -21.16
C GLY E 57 38.69 13.05 -21.35
N VAL E 58 37.84 12.21 -20.77
CA VAL E 58 36.40 12.43 -20.79
C VAL E 58 36.04 13.14 -19.49
N PRO E 59 35.52 14.38 -19.59
CA PRO E 59 35.37 15.33 -18.46
C PRO E 59 34.14 15.06 -17.60
N ILE E 60 33.97 13.80 -17.16
CA ILE E 60 33.02 13.44 -16.11
C ILE E 60 33.80 12.95 -14.88
N ILE E 61 33.43 13.49 -13.71
CA ILE E 61 34.21 13.33 -12.50
C ILE E 61 33.34 12.68 -11.44
N ALA E 62 33.86 11.61 -10.85
CA ALA E 62 33.20 11.06 -9.67
C ALA E 62 33.41 11.98 -8.47
N ALA E 63 32.33 12.30 -7.76
CA ALA E 63 32.40 13.25 -6.64
C ALA E 63 33.26 12.76 -5.51
N ASN E 64 33.87 13.69 -4.81
CA ASN E 64 34.67 13.38 -3.67
C ASN E 64 33.84 13.06 -2.41
N MET E 65 32.69 12.46 -2.57
CA MET E 65 31.95 11.93 -1.43
C MET E 65 32.56 10.61 -1.00
N ASP E 66 32.43 10.26 0.27
CA ASP E 66 33.13 9.09 0.78
C ASP E 66 32.62 7.80 0.23
N THR E 67 31.41 7.84 -0.33
CA THR E 67 30.79 6.65 -0.92
C THR E 67 30.94 6.60 -2.43
N VAL E 68 31.55 7.65 -3.02
CA VAL E 68 31.64 7.76 -4.48
C VAL E 68 33.05 7.79 -5.01
N GLY E 69 33.83 8.73 -4.46
CA GLY E 69 35.23 8.99 -4.87
C GLY E 69 36.20 8.01 -4.25
N THR E 70 35.99 6.72 -4.53
CA THR E 70 36.75 5.66 -3.97
C THR E 70 37.82 5.19 -4.96
N PHE E 71 38.81 4.50 -4.42
CA PHE E 71 39.82 3.90 -5.24
C PHE E 71 39.24 2.84 -6.18
N GLU E 72 38.23 2.09 -5.72
CA GLU E 72 37.62 1.05 -6.57
C GLU E 72 36.86 1.72 -7.73
N MET E 73 36.25 2.86 -7.42
CA MET E 73 35.60 3.69 -8.47
C MET E 73 36.60 4.15 -9.51
N ALA E 74 37.70 4.72 -9.02
CA ALA E 74 38.72 5.23 -9.92
C ALA E 74 39.31 4.19 -10.86
N LYS E 75 39.52 2.96 -10.40
CA LYS E 75 40.04 1.91 -11.19
C LYS E 75 39.19 1.64 -12.38
N VAL E 76 37.87 1.67 -12.21
CA VAL E 76 36.98 1.43 -13.34
C VAL E 76 36.90 2.68 -14.21
N LEU E 77 36.78 3.84 -13.59
CA LEU E 77 36.63 5.09 -14.35
C LEU E 77 37.85 5.34 -15.28
N CYS E 78 39.03 5.09 -14.73
N CYS E 78 39.05 5.07 -14.79
CA CYS E 78 40.30 5.07 -15.47
CA CYS E 78 40.27 5.24 -15.60
C CYS E 78 40.19 4.39 -16.83
C CYS E 78 40.27 4.36 -16.86
N LYS E 79 39.58 3.22 -16.84
CA LYS E 79 39.41 2.47 -18.09
C LYS E 79 38.64 3.23 -19.17
N PHE E 80 37.81 4.18 -18.77
CA PHE E 80 37.01 5.00 -19.69
C PHE E 80 37.54 6.41 -19.87
N SER E 81 38.72 6.67 -19.30
CA SER E 81 39.36 8.01 -19.27
C SER E 81 38.54 9.02 -18.47
N LEU E 82 37.71 8.54 -17.55
CA LEU E 82 36.99 9.45 -16.66
C LEU E 82 37.85 9.80 -15.42
N PHE E 83 37.41 10.82 -14.72
CA PHE E 83 38.13 11.43 -13.64
C PHE E 83 37.53 11.09 -12.31
N THR E 84 38.37 10.96 -11.27
CA THR E 84 37.89 10.76 -9.88
C THR E 84 38.48 11.82 -8.91
N ALA E 85 37.59 12.53 -8.23
CA ALA E 85 37.96 13.36 -7.09
C ALA E 85 37.85 12.42 -5.88
N VAL E 86 39.00 12.05 -5.33
CA VAL E 86 39.06 11.07 -4.31
C VAL E 86 38.60 11.72 -3.02
N HIS E 87 37.86 10.99 -2.21
CA HIS E 87 37.40 11.56 -0.92
C HIS E 87 38.56 11.86 0.04
N LYS E 88 38.29 12.73 1.02
CA LYS E 88 39.26 13.13 2.05
C LYS E 88 39.63 12.11 3.15
N HIS E 89 39.11 10.88 3.12
CA HIS E 89 39.14 10.03 4.31
C HIS E 89 39.92 8.73 4.11
N TYR E 90 40.95 8.81 3.26
CA TYR E 90 41.92 7.72 3.05
C TYR E 90 43.23 8.16 3.73
N SER E 91 43.94 7.19 4.28
CA SER E 91 45.23 7.44 4.87
C SER E 91 46.28 7.53 3.77
N LEU E 92 47.43 8.10 4.11
CA LEU E 92 48.58 8.09 3.22
C LEU E 92 48.96 6.67 2.81
N VAL E 93 49.02 5.78 3.80
CA VAL E 93 49.27 4.38 3.52
C VAL E 93 48.31 3.79 2.46
N GLN E 94 47.02 4.08 2.59
CA GLN E 94 46.02 3.67 1.63
C GLN E 94 46.27 4.26 0.23
N TRP E 95 46.63 5.53 0.18
CA TRP E 95 47.00 6.17 -1.07
C TRP E 95 48.22 5.49 -1.71
N GLN E 96 49.23 5.19 -0.90
CA GLN E 96 50.46 4.67 -1.43
C GLN E 96 50.22 3.28 -2.01
N GLU E 97 49.38 2.49 -1.31
CA GLU E 97 49.01 1.15 -1.78
C GLU E 97 48.31 1.23 -3.15
N PHE E 98 47.38 2.17 -3.28
CA PHE E 98 46.65 2.31 -4.53
C PHE E 98 47.55 2.76 -5.68
N ALA E 99 48.37 3.75 -5.40
CA ALA E 99 49.31 4.26 -6.38
C ALA E 99 50.28 3.16 -6.85
N GLY E 100 50.78 2.37 -5.90
CA GLY E 100 51.64 1.26 -6.20
C GLY E 100 51.01 0.20 -7.08
N GLN E 101 49.74 -0.06 -6.87
CA GLN E 101 49.06 -1.14 -7.58
C GLN E 101 48.46 -0.66 -8.88
N ASN E 102 48.32 0.65 -9.02
CA ASN E 102 47.59 1.25 -10.13
C ASN E 102 48.35 2.43 -10.70
N PRO E 103 49.58 2.19 -11.18
CA PRO E 103 50.40 3.29 -11.66
C PRO E 103 49.79 4.03 -12.86
N ASP E 104 49.00 3.33 -13.65
CA ASP E 104 48.43 3.95 -14.82
C ASP E 104 47.11 4.70 -14.63
N CYS E 105 46.63 4.82 -13.39
CA CYS E 105 45.32 5.42 -13.07
C CYS E 105 45.44 6.71 -12.30
N LEU E 106 46.63 7.29 -12.29
CA LEU E 106 46.93 8.41 -11.40
C LEU E 106 46.75 9.75 -12.06
N GLU E 107 46.64 9.77 -13.38
CA GLU E 107 46.64 11.03 -14.09
C GLU E 107 45.31 11.68 -14.08
N HIS E 108 44.22 10.96 -13.82
CA HIS E 108 42.94 11.64 -13.73
C HIS E 108 42.36 11.47 -12.34
N LEU E 109 43.16 11.82 -11.34
CA LEU E 109 42.75 11.81 -9.94
C LEU E 109 43.02 13.17 -9.32
N ALA E 110 42.13 13.62 -8.46
CA ALA E 110 42.38 14.78 -7.64
C ALA E 110 42.37 14.33 -6.18
N ALA E 111 43.28 14.88 -5.40
CA ALA E 111 43.26 14.74 -3.94
C ALA E 111 42.46 15.94 -3.40
N SER E 112 41.58 15.67 -2.43
CA SER E 112 40.66 16.66 -1.90
C SER E 112 41.01 17.15 -0.51
N SER E 113 40.58 18.38 -0.20
CA SER E 113 40.83 19.02 1.07
C SER E 113 39.80 20.10 1.30
N GLY E 114 39.36 20.27 2.55
CA GLY E 114 38.70 21.51 2.95
C GLY E 114 39.76 22.51 3.36
N THR E 115 39.39 23.50 4.18
CA THR E 115 40.29 24.59 4.55
C THR E 115 41.02 24.43 5.88
N GLY E 116 40.75 23.37 6.64
CA GLY E 116 41.43 23.22 7.93
C GLY E 116 42.90 22.87 7.84
N SER E 117 43.63 23.11 8.94
CA SER E 117 45.02 22.72 9.09
C SER E 117 45.30 21.25 8.80
N SER E 118 44.57 20.36 9.45
CA SER E 118 44.89 18.97 9.27
C SER E 118 44.49 18.49 7.88
N ASP E 119 43.46 19.11 7.31
CA ASP E 119 43.09 18.82 5.93
C ASP E 119 44.26 19.19 5.03
N PHE E 120 44.80 20.39 5.21
CA PHE E 120 45.84 20.84 4.32
C PHE E 120 47.12 20.04 4.48
N GLU E 121 47.43 19.72 5.74
CA GLU E 121 48.57 18.84 6.08
C GLU E 121 48.46 17.44 5.41
N GLN E 122 47.31 16.80 5.51
CA GLN E 122 47.12 15.50 4.91
C GLN E 122 47.24 15.59 3.40
N LEU E 123 46.70 16.65 2.79
CA LEU E 123 46.84 16.92 1.36
C LEU E 123 48.33 16.99 0.94
N GLU E 124 49.06 17.83 1.67
CA GLU E 124 50.50 17.98 1.46
C GLU E 124 51.25 16.64 1.47
N GLN E 125 50.97 15.83 2.48
CA GLN E 125 51.60 14.51 2.58
C GLN E 125 51.31 13.66 1.34
N ILE E 126 50.08 13.71 0.86
CA ILE E 126 49.69 12.91 -0.30
C ILE E 126 50.42 13.38 -1.56
N LEU E 127 50.43 14.68 -1.79
CA LEU E 127 50.98 15.23 -3.03
C LEU E 127 52.48 15.06 -3.08
N GLU E 128 53.12 15.11 -1.91
CA GLU E 128 54.57 14.86 -1.77
C GLU E 128 54.90 13.40 -1.97
N ALA E 129 54.09 12.51 -1.41
CA ALA E 129 54.37 11.06 -1.55
C ALA E 129 54.07 10.56 -2.95
N ILE E 130 53.13 11.20 -3.64
CA ILE E 130 52.66 10.69 -4.91
C ILE E 130 52.67 11.79 -5.95
N PRO E 131 53.83 12.04 -6.57
CA PRO E 131 54.01 13.16 -7.47
C PRO E 131 53.15 13.05 -8.74
N GLN E 132 52.65 11.84 -9.01
CA GLN E 132 51.77 11.58 -10.17
C GLN E 132 50.40 12.24 -10.04
N VAL E 133 50.00 12.59 -8.82
CA VAL E 133 48.72 13.26 -8.57
C VAL E 133 48.94 14.72 -8.83
N LYS E 134 48.28 15.22 -9.85
CA LYS E 134 48.52 16.56 -10.39
C LYS E 134 47.31 17.51 -10.27
N TYR E 135 46.26 17.04 -9.58
CA TYR E 135 45.06 17.81 -9.36
C TYR E 135 44.71 17.88 -7.89
N ILE E 136 44.23 19.06 -7.50
CA ILE E 136 43.79 19.33 -6.09
C ILE E 136 42.34 19.76 -6.16
N CYS E 137 41.49 19.14 -5.34
CA CYS E 137 40.12 19.57 -5.24
C CYS E 137 39.82 20.20 -3.88
N LEU E 138 39.72 21.53 -3.85
CA LEU E 138 39.40 22.29 -2.63
C LEU E 138 37.94 22.50 -2.59
N ASP E 139 37.31 21.93 -1.57
CA ASP E 139 35.87 21.70 -1.59
C ASP E 139 35.38 22.12 -0.24
N VAL E 140 34.52 23.14 -0.24
CA VAL E 140 33.76 23.58 0.93
C VAL E 140 32.27 23.71 0.54
N ALA E 141 31.40 23.59 1.52
CA ALA E 141 30.00 23.88 1.26
C ALA E 141 29.78 25.36 0.84
N ASN E 142 30.48 26.25 1.47
CA ASN E 142 30.30 27.67 1.21
C ASN E 142 31.56 28.30 0.67
N GLY E 143 31.66 28.32 -0.65
CA GLY E 143 32.78 28.97 -1.32
C GLY E 143 32.76 30.50 -1.39
N TYR E 144 31.74 31.14 -0.79
CA TYR E 144 31.59 32.61 -0.76
C TYR E 144 32.43 33.32 0.28
N SER E 145 33.10 32.57 1.15
CA SER E 145 33.85 33.21 2.24
C SER E 145 35.20 33.74 1.79
N GLU E 146 35.61 34.87 2.33
CA GLU E 146 36.93 35.40 2.04
C GLU E 146 38.01 34.41 2.57
N HIS E 147 37.69 33.68 3.62
CA HIS E 147 38.59 32.65 4.15
C HIS E 147 38.92 31.62 3.08
N PHE E 148 37.92 31.19 2.32
CA PHE E 148 38.14 30.21 1.27
C PHE E 148 38.98 30.84 0.15
N VAL E 149 38.65 32.07 -0.22
CA VAL E 149 39.48 32.75 -1.22
C VAL E 149 40.94 32.74 -0.80
N GLU E 150 41.19 33.08 0.45
CA GLU E 150 42.56 33.26 0.90
C GLU E 150 43.27 31.89 1.01
N PHE E 151 42.50 30.85 1.30
CA PHE E 151 43.02 29.49 1.34
C PHE E 151 43.45 29.07 -0.08
N VAL E 152 42.60 29.36 -1.06
CA VAL E 152 42.92 29.03 -2.48
C VAL E 152 44.24 29.70 -2.89
N LYS E 153 44.43 30.99 -2.56
CA LYS E 153 45.68 31.67 -2.82
C LYS E 153 46.91 30.95 -2.19
N ASP E 154 46.74 30.52 -0.95
CA ASP E 154 47.79 29.81 -0.21
C ASP E 154 48.13 28.48 -0.86
N VAL E 155 47.11 27.82 -1.36
CA VAL E 155 47.31 26.51 -1.98
C VAL E 155 48.04 26.74 -3.32
N ARG E 156 47.61 27.74 -4.09
CA ARG E 156 48.28 28.07 -5.37
C ARG E 156 49.75 28.35 -5.15
N LYS E 157 50.06 29.06 -4.07
CA LYS E 157 51.47 29.45 -3.78
C LYS E 157 52.31 28.22 -3.43
N ARG E 158 51.75 27.31 -2.62
CA ARG E 158 52.41 26.08 -2.21
C ARG E 158 52.60 25.10 -3.38
N PHE E 159 51.63 25.02 -4.27
CA PHE E 159 51.64 24.06 -5.35
C PHE E 159 51.40 24.71 -6.71
N PRO E 160 52.38 25.51 -7.18
CA PRO E 160 52.21 26.34 -8.39
C PRO E 160 51.95 25.60 -9.71
N GLN E 161 52.38 24.34 -9.83
CA GLN E 161 52.10 23.59 -11.05
C GLN E 161 51.00 22.58 -10.93
N HIS E 162 50.30 22.53 -9.79
CA HIS E 162 49.10 21.70 -9.67
C HIS E 162 47.84 22.42 -10.15
N THR E 163 46.98 21.67 -10.78
CA THR E 163 45.71 22.23 -11.22
C THR E 163 44.75 22.14 -10.04
N ILE E 164 44.06 23.25 -9.83
CA ILE E 164 43.24 23.49 -8.64
C ILE E 164 41.77 23.63 -9.08
N MET E 165 40.96 22.67 -8.61
CA MET E 165 39.47 22.78 -8.57
C MET E 165 39.09 23.40 -7.23
N ALA E 166 38.19 24.40 -7.26
CA ALA E 166 37.73 25.04 -6.04
C ALA E 166 36.28 25.35 -6.08
N GLY E 167 35.57 25.06 -4.99
CA GLY E 167 34.16 25.28 -4.95
C GLY E 167 33.64 25.01 -3.57
N ASN E 168 32.34 25.22 -3.35
CA ASN E 168 31.39 25.56 -4.41
C ASN E 168 30.80 26.96 -4.33
N VAL E 169 30.48 27.44 -5.52
CA VAL E 169 29.77 28.71 -5.69
C VAL E 169 28.74 28.52 -6.81
N VAL E 170 27.91 29.55 -7.07
CA VAL E 170 26.90 29.49 -8.12
C VAL E 170 26.75 30.79 -8.92
N THR E 171 27.61 31.82 -8.65
CA THR E 171 27.45 33.09 -9.31
C THR E 171 28.80 33.58 -9.88
N GLY E 172 28.70 34.38 -10.94
CA GLY E 172 29.84 34.78 -11.68
C GLY E 172 30.89 35.57 -10.94
N GLU E 173 30.48 36.45 -10.04
CA GLU E 173 31.48 37.32 -9.41
C GLU E 173 32.44 36.47 -8.56
N MET E 174 31.94 35.38 -8.01
CA MET E 174 32.81 34.50 -7.19
C MET E 174 33.66 33.60 -8.06
N VAL E 175 33.07 33.12 -9.17
CA VAL E 175 33.84 32.42 -10.16
C VAL E 175 35.08 33.24 -10.53
N GLU E 176 34.86 34.53 -10.80
CA GLU E 176 35.96 35.37 -11.21
C GLU E 176 36.98 35.57 -10.09
N GLU E 177 36.51 35.87 -8.87
CA GLU E 177 37.43 36.06 -7.76
C GLU E 177 38.25 34.78 -7.54
N LEU E 178 37.61 33.63 -7.54
CA LEU E 178 38.39 32.41 -7.29
C LEU E 178 39.42 32.12 -8.38
N ILE E 179 39.07 32.32 -9.63
CA ILE E 179 40.04 32.13 -10.71
C ILE E 179 41.19 33.17 -10.60
N LEU E 180 40.88 34.44 -10.32
CA LEU E 180 41.90 35.41 -10.20
C LEU E 180 42.70 35.30 -8.89
N SER E 181 42.24 34.46 -7.97
CA SER E 181 43.00 34.18 -6.76
C SER E 181 43.75 32.85 -6.85
N GLY E 182 43.66 32.13 -7.98
CA GLY E 182 44.53 31.01 -8.20
C GLY E 182 43.90 29.75 -8.68
N ALA E 183 42.59 29.62 -8.53
CA ALA E 183 41.92 28.37 -8.92
C ALA E 183 41.86 28.24 -10.45
N ASP E 184 42.03 27.03 -10.96
CA ASP E 184 41.86 26.76 -12.40
C ASP E 184 40.43 26.41 -12.83
N ILE E 185 39.73 25.67 -12.00
CA ILE E 185 38.44 25.14 -12.33
C ILE E 185 37.52 25.36 -11.14
N ILE E 186 36.38 25.94 -11.41
CA ILE E 186 35.46 26.30 -10.37
C ILE E 186 34.35 25.28 -10.34
N LYS E 187 34.13 24.78 -9.14
CA LYS E 187 33.06 23.81 -8.88
C LYS E 187 31.75 24.55 -8.50
N VAL E 188 30.71 24.28 -9.32
CA VAL E 188 29.47 25.03 -9.36
C VAL E 188 28.27 24.24 -8.87
N GLY E 189 27.62 24.74 -7.85
CA GLY E 189 26.39 24.11 -7.30
C GLY E 189 26.22 24.31 -5.83
N ILE E 190 25.11 24.91 -5.42
CA ILE E 190 24.75 25.01 -4.03
C ILE E 190 23.36 24.49 -3.83
N GLY E 191 23.31 23.34 -3.19
CA GLY E 191 22.09 22.62 -2.91
C GLY E 191 21.41 21.74 -3.96
N PRO E 192 22.00 21.55 -5.14
CA PRO E 192 21.25 20.75 -6.10
C PRO E 192 21.34 19.22 -5.90
N GLY E 193 22.23 18.77 -5.03
CA GLY E 193 22.57 17.37 -4.90
C GLY E 193 21.48 16.46 -4.37
N SER E 194 21.50 15.22 -4.87
CA SER E 194 20.49 14.23 -4.63
C SER E 194 20.33 13.95 -3.12
N VAL E 195 21.40 14.03 -2.32
CA VAL E 195 21.26 13.88 -0.87
C VAL E 195 21.56 15.13 -0.05
N CYS E 196 21.54 16.28 -0.72
CA CYS E 196 21.67 17.57 -0.07
C CYS E 196 20.31 17.99 0.51
N THR E 197 20.37 18.65 1.68
CA THR E 197 19.22 19.29 2.36
C THR E 197 19.43 20.77 2.60
N THR E 198 20.48 21.31 2.04
CA THR E 198 20.81 22.72 2.23
C THR E 198 19.62 23.65 1.96
N ARG E 199 18.98 23.41 0.82
CA ARG E 199 17.83 24.24 0.47
C ARG E 199 16.68 24.20 1.49
N LYS E 200 16.39 23.02 2.03
CA LYS E 200 15.36 22.89 3.03
C LYS E 200 15.78 23.48 4.37
N LYS E 201 17.05 23.32 4.73
CA LYS E 201 17.52 23.86 6.01
C LYS E 201 17.81 25.37 6.04
N THR E 202 18.16 25.93 4.88
CA THR E 202 18.66 27.32 4.77
C THR E 202 17.92 28.25 3.82
N GLY E 203 17.26 27.65 2.82
CA GLY E 203 16.62 28.36 1.75
C GLY E 203 17.54 28.91 0.67
N VAL E 204 18.85 28.60 0.77
CA VAL E 204 19.87 29.06 -0.13
C VAL E 204 20.09 28.13 -1.28
N GLY E 205 20.23 28.72 -2.47
CA GLY E 205 20.57 27.96 -3.69
C GLY E 205 20.39 28.71 -4.98
N TYR E 206 20.52 28.02 -6.11
CA TYR E 206 20.40 28.65 -7.41
C TYR E 206 20.05 27.53 -8.36
N PRO E 207 19.06 27.71 -9.21
CA PRO E 207 18.79 26.58 -10.15
C PRO E 207 20.03 26.19 -10.99
N GLN E 208 20.34 24.91 -11.04
CA GLN E 208 21.65 24.49 -11.49
C GLN E 208 21.94 24.82 -12.94
N LEU E 209 20.93 24.68 -13.81
CA LEU E 209 21.21 24.86 -15.20
C LEU E 209 21.59 26.34 -15.46
N SER E 210 20.83 27.24 -14.88
CA SER E 210 21.12 28.68 -14.90
C SER E 210 22.45 29.01 -14.24
N ALA E 211 22.76 28.35 -13.13
CA ALA E 211 24.08 28.49 -12.49
C ALA E 211 25.21 28.17 -13.44
N VAL E 212 25.07 27.01 -14.07
CA VAL E 212 26.04 26.64 -15.09
C VAL E 212 26.19 27.66 -16.21
N MET E 213 25.11 28.12 -16.78
CA MET E 213 25.23 29.09 -17.86
C MET E 213 26.01 30.32 -17.44
N GLU E 214 25.59 30.92 -16.33
CA GLU E 214 26.23 32.12 -15.76
C GLU E 214 27.68 31.90 -15.41
N CYS E 215 27.97 30.81 -14.69
CA CYS E 215 29.34 30.50 -14.20
C CYS E 215 30.30 30.12 -15.37
N ALA E 216 29.75 29.48 -16.40
CA ALA E 216 30.53 29.13 -17.58
C ALA E 216 30.98 30.43 -18.26
N ASP E 217 30.05 31.34 -18.47
CA ASP E 217 30.40 32.57 -19.14
C ASP E 217 31.46 33.36 -18.38
N ALA E 218 31.28 33.49 -17.06
CA ALA E 218 32.26 34.16 -16.21
C ALA E 218 33.61 33.48 -16.28
N ALA E 219 33.64 32.16 -16.18
CA ALA E 219 34.94 31.45 -16.20
C ALA E 219 35.64 31.55 -17.56
N HIS E 220 34.87 31.30 -18.64
CA HIS E 220 35.41 31.23 -20.00
C HIS E 220 35.94 32.59 -20.47
N GLY E 221 35.35 33.67 -19.95
CA GLY E 221 35.81 34.99 -20.17
C GLY E 221 37.22 35.23 -19.65
N LEU E 222 37.64 34.48 -18.65
CA LEU E 222 38.96 34.54 -18.06
C LEU E 222 39.85 33.40 -18.50
N LYS E 223 39.38 32.65 -19.49
CA LYS E 223 40.03 31.43 -19.98
C LYS E 223 40.20 30.36 -18.88
N GLY E 224 39.25 30.37 -17.92
CA GLY E 224 39.16 29.33 -16.88
C GLY E 224 38.09 28.31 -17.23
N HIS E 225 37.80 27.44 -16.29
CA HIS E 225 36.91 26.27 -16.48
C HIS E 225 35.98 26.10 -15.30
N ILE E 226 34.90 25.38 -15.53
CA ILE E 226 33.96 25.03 -14.46
C ILE E 226 33.56 23.53 -14.49
N ILE E 227 33.10 23.11 -13.33
CA ILE E 227 32.54 21.78 -13.07
C ILE E 227 31.11 22.03 -12.64
N SER E 228 30.19 21.46 -13.39
CA SER E 228 28.79 21.34 -12.89
C SER E 228 28.66 20.22 -11.86
N ASP E 229 28.46 20.59 -10.58
CA ASP E 229 28.53 19.66 -9.50
C ASP E 229 27.12 19.42 -8.91
N GLY E 230 26.52 18.30 -9.29
CA GLY E 230 25.33 17.83 -8.58
C GLY E 230 24.07 18.09 -9.35
N GLY E 231 23.04 17.33 -9.02
CA GLY E 231 21.74 17.52 -9.60
C GLY E 231 21.47 16.65 -10.85
N CYS E 232 22.45 15.94 -11.38
CA CYS E 232 22.21 15.07 -12.57
C CYS E 232 21.68 13.73 -12.12
N SER E 233 20.54 13.35 -12.68
CA SER E 233 19.98 12.05 -12.31
C SER E 233 19.73 11.10 -13.49
N CYS E 234 20.12 11.51 -14.68
CA CYS E 234 20.03 10.66 -15.89
C CYS E 234 21.06 11.19 -16.85
N PRO E 235 21.42 10.41 -17.89
CA PRO E 235 22.45 10.86 -18.81
C PRO E 235 22.09 12.15 -19.54
N GLY E 236 20.79 12.35 -19.74
CA GLY E 236 20.31 13.58 -20.36
C GLY E 236 20.63 14.83 -19.59
N ASP E 237 20.59 14.74 -18.27
CA ASP E 237 21.03 15.83 -17.37
C ASP E 237 22.50 16.17 -17.59
N VAL E 238 23.34 15.16 -17.65
CA VAL E 238 24.75 15.34 -17.92
C VAL E 238 24.96 16.11 -19.26
N ALA E 239 24.25 15.71 -20.30
CA ALA E 239 24.33 16.35 -21.61
C ALA E 239 23.88 17.82 -21.54
N LYS E 240 22.78 18.06 -20.80
CA LYS E 240 22.28 19.45 -20.64
C LYS E 240 23.33 20.31 -19.96
N ALA E 241 24.01 19.77 -18.96
CA ALA E 241 25.05 20.49 -18.27
C ALA E 241 26.18 20.83 -19.20
N PHE E 242 26.61 19.86 -19.98
CA PHE E 242 27.63 20.16 -20.97
C PHE E 242 27.12 21.17 -22.03
N GLY E 243 25.87 21.00 -22.45
CA GLY E 243 25.28 21.92 -23.40
C GLY E 243 25.23 23.37 -22.92
N ALA E 244 25.04 23.55 -21.63
CA ALA E 244 24.98 24.90 -20.98
C ALA E 244 26.38 25.50 -20.76
N GLY E 245 27.41 24.74 -21.11
CA GLY E 245 28.77 25.22 -21.09
C GLY E 245 29.68 24.69 -20.01
N ALA E 246 29.22 23.70 -19.25
CA ALA E 246 30.10 23.06 -18.28
C ALA E 246 31.28 22.41 -18.99
N ASP E 247 32.48 22.62 -18.49
CA ASP E 247 33.65 21.92 -19.02
C ASP E 247 33.69 20.45 -18.53
N PHE E 248 33.40 20.29 -17.25
CA PHE E 248 33.30 18.97 -16.57
C PHE E 248 31.95 18.89 -15.87
N VAL E 249 31.48 17.65 -15.61
CA VAL E 249 30.27 17.39 -14.85
C VAL E 249 30.66 16.39 -13.74
N MET E 250 30.28 16.68 -12.51
CA MET E 250 30.57 15.84 -11.39
C MET E 250 29.31 15.13 -10.91
N LEU E 251 29.44 13.81 -10.65
CA LEU E 251 28.29 12.94 -10.34
C LEU E 251 28.49 12.32 -8.97
N GLY E 252 27.47 12.46 -8.12
CA GLY E 252 27.41 11.67 -6.86
C GLY E 252 26.43 10.50 -6.97
N GLY E 253 25.12 10.79 -6.82
CA GLY E 253 24.09 9.75 -6.75
C GLY E 253 24.07 8.81 -7.95
N MET E 254 24.35 9.29 -9.15
CA MET E 254 24.41 8.41 -10.34
C MET E 254 25.50 7.31 -10.23
N LEU E 255 26.52 7.56 -9.40
CA LEU E 255 27.58 6.65 -9.15
C LEU E 255 27.50 5.88 -7.82
N ALA E 256 26.57 6.27 -6.95
CA ALA E 256 26.31 5.57 -5.70
C ALA E 256 25.62 4.24 -6.02
N GLY E 257 25.72 3.31 -5.07
CA GLY E 257 24.99 2.04 -5.09
C GLY E 257 25.56 0.93 -5.93
N HIS E 258 26.77 1.11 -6.45
CA HIS E 258 27.46 0.10 -7.25
C HIS E 258 28.42 -0.68 -6.36
N SER E 259 28.91 -1.77 -6.93
CA SER E 259 29.94 -2.58 -6.35
C SER E 259 31.14 -1.81 -5.92
N GLU E 260 31.50 -0.79 -6.71
CA GLU E 260 32.71 0.00 -6.51
C GLU E 260 32.49 1.16 -5.55
N SER E 261 31.23 1.49 -5.29
CA SER E 261 30.89 2.53 -4.34
C SER E 261 31.18 2.08 -2.93
N GLY E 262 31.42 3.04 -2.05
CA GLY E 262 31.32 2.76 -0.66
C GLY E 262 29.86 2.71 -0.20
N GLY E 263 29.67 2.74 1.09
CA GLY E 263 28.34 2.60 1.70
C GLY E 263 28.09 1.15 2.01
N GLU E 264 27.63 0.85 3.20
CA GLU E 264 27.30 -0.50 3.64
C GLU E 264 26.32 -1.15 2.66
N LEU E 265 26.57 -2.42 2.37
CA LEU E 265 25.63 -3.25 1.68
C LEU E 265 24.70 -3.81 2.74
N ILE E 266 23.41 -3.59 2.53
CA ILE E 266 22.36 -4.04 3.43
C ILE E 266 21.37 -4.92 2.66
N GLU E 267 21.15 -6.13 3.15
CA GLU E 267 20.19 -7.04 2.55
C GLU E 267 19.08 -7.19 3.56
N ARG E 268 17.93 -6.62 3.26
CA ARG E 268 16.77 -6.68 4.11
C ARG E 268 15.56 -6.96 3.20
N ASP E 269 14.63 -7.73 3.73
CA ASP E 269 13.40 -8.01 3.04
C ASP E 269 13.67 -8.64 1.68
N GLY E 270 14.68 -9.49 1.57
CA GLY E 270 15.06 -10.07 0.31
C GLY E 270 15.58 -9.16 -0.80
N LYS E 271 15.90 -7.93 -0.46
CA LYS E 271 16.47 -7.01 -1.45
C LYS E 271 17.81 -6.46 -0.94
N LYS E 272 18.64 -6.03 -1.87
CA LYS E 272 19.96 -5.45 -1.55
C LYS E 272 19.99 -3.96 -1.79
N TYR E 273 20.61 -3.25 -0.85
CA TYR E 273 20.71 -1.82 -0.88
C TYR E 273 22.13 -1.40 -0.50
N LYS E 274 22.50 -0.19 -0.89
CA LYS E 274 23.71 0.47 -0.43
C LYS E 274 23.40 1.79 0.19
N LEU E 275 24.02 2.09 1.33
CA LEU E 275 23.89 3.45 1.89
C LEU E 275 24.56 4.47 1.01
N PHE E 276 23.93 5.64 0.99
CA PHE E 276 24.44 6.81 0.27
C PHE E 276 24.02 7.98 1.10
N TYR E 277 24.95 8.87 1.39
CA TYR E 277 24.59 9.96 2.29
C TYR E 277 25.39 11.19 2.08
N GLY E 278 24.80 12.32 2.48
CA GLY E 278 25.43 13.65 2.32
C GLY E 278 26.63 13.78 3.25
N MET E 279 27.64 14.53 2.79
CA MET E 279 28.80 14.70 3.62
C MET E 279 28.57 15.69 4.75
N SER E 280 27.46 16.43 4.71
CA SER E 280 26.96 17.17 5.91
C SER E 280 25.77 16.53 6.56
N SER E 281 25.53 15.25 6.30
CA SER E 281 24.53 14.49 7.03
C SER E 281 24.98 14.15 8.44
N GLU E 282 24.01 13.87 9.32
CA GLU E 282 24.33 13.35 10.66
C GLU E 282 25.17 12.09 10.60
N MET E 283 24.87 11.24 9.64
CA MET E 283 25.61 9.99 9.47
C MET E 283 27.11 10.26 9.18
N ALA E 284 27.39 11.22 8.30
CA ALA E 284 28.81 11.61 7.94
C ALA E 284 29.45 12.28 9.16
N MET E 285 28.72 13.22 9.76
CA MET E 285 29.28 13.96 10.92
C MET E 285 29.56 13.05 12.09
N LYS E 286 28.67 12.09 12.34
CA LYS E 286 28.96 11.08 13.36
C LYS E 286 30.26 10.37 13.05
N LYS E 287 30.40 9.98 11.78
CA LYS E 287 31.53 9.21 11.31
C LYS E 287 32.85 9.96 11.41
N TYR E 288 32.88 11.24 11.07
CA TYR E 288 34.13 11.97 10.98
C TYR E 288 34.34 13.14 11.96
N ALA E 289 33.26 13.75 12.44
CA ALA E 289 33.41 14.90 13.34
C ALA E 289 33.05 14.55 14.79
N GLY E 290 32.84 13.26 15.05
CA GLY E 290 32.34 12.79 16.34
C GLY E 290 30.96 13.30 16.78
N GLY E 291 30.12 13.71 15.83
CA GLY E 291 28.75 14.15 16.13
C GLY E 291 28.45 15.47 15.43
N VAL E 292 27.22 15.97 15.65
CA VAL E 292 26.80 17.30 15.10
C VAL E 292 26.99 18.39 16.14
N ALA E 293 27.94 19.29 15.89
CA ALA E 293 28.18 20.43 16.80
C ALA E 293 26.84 21.13 17.05
N GLU E 294 26.68 21.64 18.27
CA GLU E 294 25.42 22.22 18.74
C GLU E 294 24.85 23.29 17.81
N TYR E 295 25.74 24.11 17.22
CA TYR E 295 25.31 25.28 16.47
C TYR E 295 25.04 24.96 14.99
N ARG E 296 25.27 23.71 14.59
CA ARG E 296 25.08 23.24 13.22
C ARG E 296 23.77 22.48 13.06
N ALA E 297 23.23 22.51 11.86
CA ALA E 297 22.21 21.57 11.50
C ALA E 297 22.85 20.69 10.44
N SER E 298 22.29 19.51 10.25
CA SER E 298 22.75 18.66 9.15
C SER E 298 22.20 19.30 7.92
N GLU E 299 22.96 19.25 6.85
CA GLU E 299 22.51 19.76 5.53
C GLU E 299 22.61 18.65 4.48
N GLY E 300 22.59 17.40 4.96
CA GLY E 300 22.57 16.23 4.07
C GLY E 300 21.68 15.16 4.68
N LYS E 301 21.26 14.20 3.86
CA LYS E 301 20.46 13.10 4.32
C LYS E 301 21.07 11.77 3.92
N THR E 302 20.50 10.70 4.50
CA THR E 302 20.85 9.33 4.17
C THR E 302 19.72 8.69 3.34
N VAL E 303 20.12 7.95 2.32
CA VAL E 303 19.20 7.14 1.56
C VAL E 303 19.77 5.73 1.39
N GLU E 304 18.90 4.79 1.16
CA GLU E 304 19.34 3.43 0.77
C GLU E 304 19.04 3.22 -0.71
N VAL E 305 20.08 3.08 -1.51
CA VAL E 305 19.97 2.94 -2.96
C VAL E 305 19.86 1.45 -3.31
N PRO E 306 18.81 1.03 -4.02
CA PRO E 306 18.84 -0.34 -4.48
C PRO E 306 20.14 -0.65 -5.21
N PHE E 307 20.73 -1.80 -4.89
CA PHE E 307 22.06 -2.16 -5.37
C PHE E 307 22.03 -2.27 -6.90
N LYS E 308 23.04 -1.68 -7.52
CA LYS E 308 23.13 -1.49 -8.97
C LYS E 308 24.14 -2.37 -9.67
N GLY E 309 24.99 -3.12 -8.95
CA GLY E 309 25.97 -3.99 -9.56
C GLY E 309 27.16 -3.20 -10.01
N ASP E 310 27.85 -3.65 -11.07
CA ASP E 310 29.11 -3.03 -11.48
C ASP E 310 28.90 -1.68 -12.15
N VAL E 311 29.71 -0.71 -11.75
CA VAL E 311 29.60 0.65 -12.26
C VAL E 311 29.91 0.77 -13.76
N GLU E 312 30.69 -0.17 -14.34
CA GLU E 312 30.99 -0.15 -15.77
C GLU E 312 29.71 -0.02 -16.63
N HIS E 313 28.66 -0.74 -16.27
CA HIS E 313 27.40 -0.68 -17.03
C HIS E 313 26.77 0.75 -17.02
N THR E 314 26.83 1.41 -15.88
CA THR E 314 26.36 2.79 -15.72
C THR E 314 27.21 3.79 -16.51
N ILE E 315 28.52 3.63 -16.48
CA ILE E 315 29.38 4.46 -17.30
C ILE E 315 29.03 4.33 -18.77
N ARG E 316 28.87 3.07 -19.22
CA ARG E 316 28.55 2.84 -20.62
C ARG E 316 27.22 3.48 -21.00
N ASP E 317 26.23 3.39 -20.12
CA ASP E 317 24.93 4.04 -20.34
C ASP E 317 25.09 5.58 -20.43
N ILE E 318 25.88 6.15 -19.55
CA ILE E 318 26.02 7.61 -19.57
C ILE E 318 26.68 8.09 -20.86
N LEU E 319 27.79 7.43 -21.17
CA LEU E 319 28.59 7.79 -22.33
C LEU E 319 27.77 7.60 -23.61
N GLY E 320 27.04 6.50 -23.71
CA GLY E 320 26.16 6.23 -24.86
C GLY E 320 25.10 7.30 -25.03
N GLY E 321 24.57 7.77 -23.92
CA GLY E 321 23.56 8.82 -23.92
C GLY E 321 24.11 10.10 -24.51
N ILE E 322 25.21 10.55 -23.97
CA ILE E 322 25.81 11.81 -24.46
C ILE E 322 26.28 11.70 -25.93
N ARG E 323 26.82 10.55 -26.30
CA ARG E 323 27.17 10.34 -27.66
C ARG E 323 25.95 10.55 -28.50
N SER E 324 24.80 10.02 -28.05
N SER E 324 24.80 10.03 -28.04
CA SER E 324 23.54 10.15 -28.83
CA SER E 324 23.57 10.18 -28.83
C SER E 324 23.12 11.65 -28.90
C SER E 324 23.12 11.65 -28.90
N THR E 325 23.22 12.35 -27.77
CA THR E 325 22.96 13.80 -27.77
C THR E 325 23.78 14.53 -28.82
N CYS E 326 25.06 14.22 -28.84
CA CYS E 326 25.98 14.85 -29.77
C CYS E 326 25.52 14.59 -31.21
N THR E 327 25.15 13.35 -31.54
N THR E 327 25.16 13.34 -31.50
CA THR E 327 24.70 13.04 -32.90
CA THR E 327 24.69 12.93 -32.81
C THR E 327 23.43 13.80 -33.20
C THR E 327 23.43 13.71 -33.19
N TYR E 328 22.48 13.81 -32.26
CA TYR E 328 21.22 14.51 -32.53
C TYR E 328 21.40 16.03 -32.83
N VAL E 329 22.46 16.66 -32.31
CA VAL E 329 22.66 18.09 -32.52
C VAL E 329 23.79 18.40 -33.51
N GLY E 330 24.37 17.34 -34.05
CA GLY E 330 25.41 17.43 -35.04
C GLY E 330 26.76 17.83 -34.53
N ALA E 331 27.06 17.48 -33.28
CA ALA E 331 28.39 17.70 -32.71
C ALA E 331 29.25 16.46 -32.93
N ALA E 332 30.31 16.56 -33.72
CA ALA E 332 31.19 15.39 -33.93
C ALA E 332 32.08 15.20 -32.72
N LYS E 333 32.20 16.23 -31.90
CA LYS E 333 33.06 16.23 -30.73
C LYS E 333 32.37 16.95 -29.57
N LEU E 334 32.61 16.52 -28.34
CA LEU E 334 32.01 17.17 -27.19
C LEU E 334 32.32 18.71 -27.12
N LYS E 335 33.49 19.13 -27.62
CA LYS E 335 33.82 20.54 -27.65
C LYS E 335 32.76 21.41 -28.31
N GLU E 336 32.07 20.82 -29.28
CA GLU E 336 31.11 21.57 -30.08
C GLU E 336 29.69 21.57 -29.50
N LEU E 337 29.45 20.78 -28.45
CA LEU E 337 28.09 20.51 -28.00
C LEU E 337 27.44 21.83 -27.51
N SER E 338 28.15 22.60 -26.70
N SER E 338 28.15 22.60 -26.70
CA SER E 338 27.59 23.85 -26.18
CA SER E 338 27.57 23.83 -26.14
C SER E 338 27.15 24.77 -27.32
C SER E 338 27.20 24.83 -27.25
N ARG E 339 28.03 24.96 -28.29
CA ARG E 339 27.74 25.92 -29.39
C ARG E 339 26.63 25.43 -30.30
N ARG E 340 26.34 24.11 -30.29
CA ARG E 340 25.27 23.56 -31.10
C ARG E 340 24.03 23.28 -30.26
N THR E 341 24.07 23.68 -29.01
CA THR E 341 22.93 23.51 -28.12
C THR E 341 21.95 24.69 -28.26
N THR E 342 20.68 24.38 -28.51
CA THR E 342 19.58 25.34 -28.46
C THR E 342 18.59 24.76 -27.49
N PHE E 343 18.37 25.40 -26.36
CA PHE E 343 17.48 24.83 -25.37
C PHE E 343 16.04 25.21 -25.69
N ILE E 344 15.10 24.26 -25.56
CA ILE E 344 13.71 24.57 -25.75
C ILE E 344 13.13 24.49 -24.34
N ARG E 345 12.35 25.49 -23.95
CA ARG E 345 11.77 25.49 -22.59
C ARG E 345 10.50 24.63 -22.59
N VAL E 346 10.36 23.69 -21.68
CA VAL E 346 9.22 22.75 -21.67
C VAL E 346 8.43 22.91 -20.37
N SER F 19 3.18 37.30 -6.18
CA SER F 19 2.29 36.24 -5.66
C SER F 19 3.12 35.06 -5.24
N LEU F 20 4.08 35.32 -4.36
CA LEU F 20 5.08 34.33 -4.03
C LEU F 20 4.82 33.67 -2.68
N ASP F 21 5.03 32.37 -2.63
CA ASP F 21 5.03 31.59 -1.41
C ASP F 21 6.47 31.20 -1.17
N PHE F 22 6.76 30.69 0.02
CA PHE F 22 8.15 30.33 0.35
C PHE F 22 8.75 29.38 -0.67
N LYS F 23 7.96 28.39 -1.12
CA LYS F 23 8.46 27.44 -2.13
C LYS F 23 8.88 28.02 -3.49
N ASP F 24 8.48 29.25 -3.82
CA ASP F 24 8.74 29.85 -5.10
C ASP F 24 10.10 30.53 -5.24
N VAL F 25 10.84 30.62 -4.13
CA VAL F 25 12.12 31.30 -4.09
C VAL F 25 13.24 30.54 -3.35
N LEU F 26 14.45 30.92 -3.70
CA LEU F 26 15.67 30.61 -2.94
C LEU F 26 16.36 31.94 -2.67
N LEU F 27 17.14 31.98 -1.60
CA LEU F 27 18.04 33.10 -1.32
C LEU F 27 19.34 32.95 -2.09
N ARG F 28 19.76 34.02 -2.78
CA ARG F 28 21.05 34.02 -3.47
C ARG F 28 22.23 34.07 -2.45
N PRO F 29 23.23 33.19 -2.61
CA PRO F 29 24.37 33.32 -1.72
C PRO F 29 25.15 34.61 -2.10
N LYS F 30 25.90 35.17 -1.14
CA LYS F 30 26.74 36.29 -1.40
C LYS F 30 28.01 36.20 -0.61
N ARG F 31 28.99 36.93 -1.11
CA ARG F 31 30.32 36.92 -0.59
C ARG F 31 30.30 37.37 0.88
N SER F 32 31.10 36.70 1.70
CA SER F 32 31.14 37.05 3.10
C SER F 32 32.52 36.98 3.71
N THR F 33 32.62 37.62 4.87
CA THR F 33 33.83 37.57 5.64
C THR F 33 33.62 36.76 6.94
N LEU F 34 32.55 36.00 7.00
CA LEU F 34 32.25 35.14 8.14
C LEU F 34 33.05 33.85 7.90
N LYS F 35 33.54 33.27 8.99
CA LYS F 35 34.30 32.02 8.96
C LYS F 35 33.50 30.81 9.44
N SER F 36 32.50 31.02 10.28
CA SER F 36 31.83 29.92 10.97
C SER F 36 30.41 30.30 11.25
N ARG F 37 29.53 29.34 11.07
CA ARG F 37 28.14 29.50 11.50
C ARG F 37 28.06 29.91 13.00
N SER F 38 29.07 29.58 13.79
CA SER F 38 29.05 29.90 15.23
C SER F 38 29.23 31.39 15.52
N GLU F 39 29.75 32.14 14.57
CA GLU F 39 29.91 33.59 14.71
C GLU F 39 28.58 34.36 14.65
N VAL F 40 27.57 33.77 14.04
CA VAL F 40 26.32 34.47 13.72
C VAL F 40 25.47 34.74 14.96
N ASP F 41 25.04 35.99 15.11
CA ASP F 41 24.22 36.40 16.22
C ASP F 41 22.76 36.36 15.77
N LEU F 42 21.97 35.47 16.34
CA LEU F 42 20.55 35.38 15.98
C LEU F 42 19.61 36.24 16.85
N THR F 43 20.13 36.99 17.80
CA THR F 43 19.28 37.86 18.57
C THR F 43 19.02 39.17 17.76
N ARG F 44 17.91 39.82 18.11
CA ARG F 44 17.54 41.07 17.50
C ARG F 44 17.20 41.94 18.70
N SER F 45 17.42 43.23 18.56
CA SER F 45 16.94 44.21 19.51
C SER F 45 15.94 45.10 18.78
N PHE F 46 14.75 45.29 19.36
CA PHE F 46 13.70 46.13 18.79
C PHE F 46 13.28 47.12 19.82
N SER F 47 12.77 48.25 19.33
CA SER F 47 12.11 49.27 20.17
C SER F 47 10.74 49.47 19.56
N PHE F 48 9.72 49.22 20.36
CA PHE F 48 8.35 49.22 19.87
C PHE F 48 7.69 50.58 19.80
N ARG F 49 6.91 50.77 18.74
CA ARG F 49 6.48 52.14 18.34
C ARG F 49 5.57 52.74 19.33
N ASN F 50 4.60 51.94 19.78
CA ASN F 50 3.54 52.46 20.60
C ASN F 50 3.77 52.20 22.08
N SER F 51 4.21 51.00 22.47
CA SER F 51 4.47 50.73 23.89
C SER F 51 5.73 51.42 24.41
N LYS F 52 6.66 51.70 23.49
CA LYS F 52 7.98 52.26 23.78
C LYS F 52 8.88 51.27 24.53
N GLN F 53 8.53 50.00 24.54
CA GLN F 53 9.31 49.01 25.25
C GLN F 53 10.36 48.48 24.31
N THR F 54 11.34 47.79 24.88
CA THR F 54 12.46 47.22 24.16
C THR F 54 12.48 45.71 24.31
N TYR F 55 13.00 45.04 23.28
CA TYR F 55 13.10 43.60 23.25
C TYR F 55 14.52 43.23 22.83
N SER F 56 15.01 42.14 23.41
CA SER F 56 16.20 41.49 22.96
C SER F 56 16.01 39.97 23.09
N GLY F 57 16.13 39.28 21.97
CA GLY F 57 15.91 37.85 21.98
C GLY F 57 16.02 37.30 20.59
N VAL F 58 15.79 35.99 20.44
CA VAL F 58 15.73 35.34 19.10
C VAL F 58 14.28 35.39 18.68
N PRO F 59 13.97 36.11 17.61
CA PRO F 59 12.58 36.44 17.34
C PRO F 59 11.78 35.39 16.54
N ILE F 60 11.83 34.15 17.08
CA ILE F 60 10.97 33.06 16.64
C ILE F 60 9.99 32.81 17.79
N ILE F 61 8.69 32.72 17.43
CA ILE F 61 7.59 32.60 18.39
C ILE F 61 6.80 31.31 18.24
N ALA F 62 6.59 30.60 19.35
CA ALA F 62 5.64 29.47 19.40
C ALA F 62 4.22 30.07 19.30
N ALA F 63 3.47 29.56 18.33
CA ALA F 63 2.10 29.98 18.11
C ALA F 63 1.20 29.74 19.29
N ASN F 64 0.20 30.61 19.38
CA ASN F 64 -0.70 30.59 20.50
C ASN F 64 -1.81 29.56 20.27
N MET F 65 -1.50 28.44 19.60
CA MET F 65 -2.39 27.28 19.48
C MET F 65 -2.34 26.47 20.76
N ASP F 66 -3.43 25.81 21.12
CA ASP F 66 -3.48 25.09 22.40
C ASP F 66 -2.47 23.92 22.44
N THR F 67 -1.97 23.49 21.30
CA THR F 67 -1.06 22.37 21.26
C THR F 67 0.39 22.84 21.18
N VAL F 68 0.60 24.13 20.98
CA VAL F 68 1.96 24.65 20.71
C VAL F 68 2.40 25.69 21.79
N GLY F 69 1.56 26.67 22.07
CA GLY F 69 1.87 27.70 23.04
C GLY F 69 1.62 27.28 24.46
N THR F 70 2.33 26.25 24.92
CA THR F 70 2.08 25.63 26.22
C THR F 70 3.17 26.08 27.19
N PHE F 71 2.91 25.94 28.47
CA PHE F 71 3.93 26.30 29.45
C PHE F 71 5.18 25.43 29.34
N GLU F 72 5.00 24.18 29.00
CA GLU F 72 6.15 23.29 28.87
C GLU F 72 7.01 23.70 27.69
N MET F 73 6.37 24.13 26.62
CA MET F 73 7.05 24.75 25.47
C MET F 73 7.86 25.99 25.84
N ALA F 74 7.23 26.90 26.59
CA ALA F 74 7.89 28.14 27.01
C ALA F 74 9.11 27.87 27.85
N LYS F 75 9.05 26.82 28.68
CA LYS F 75 10.20 26.49 29.55
C LYS F 75 11.45 26.15 28.72
N VAL F 76 11.26 25.44 27.64
CA VAL F 76 12.39 25.06 26.81
C VAL F 76 12.82 26.22 25.90
N LEU F 77 11.85 26.85 25.22
CA LEU F 77 12.18 27.94 24.34
C LEU F 77 12.91 29.05 25.07
N CYS F 78 12.54 29.25 26.33
CA CYS F 78 13.16 30.24 27.18
C CYS F 78 14.68 30.00 27.25
N LYS F 79 15.07 28.74 27.33
CA LYS F 79 16.49 28.41 27.44
C LYS F 79 17.28 28.85 26.23
N PHE F 80 16.60 28.97 25.08
CA PHE F 80 17.20 29.44 23.84
C PHE F 80 16.88 30.89 23.47
N SER F 81 16.28 31.64 24.38
CA SER F 81 15.83 33.00 24.15
C SER F 81 14.77 33.16 23.06
N LEU F 82 14.02 32.10 22.83
CA LEU F 82 12.85 32.17 21.95
C LEU F 82 11.59 32.59 22.74
N PHE F 83 10.58 32.99 21.99
CA PHE F 83 9.36 33.58 22.46
C PHE F 83 8.18 32.63 22.39
N THR F 84 7.28 32.75 23.37
CA THR F 84 6.07 31.95 23.39
C THR F 84 4.82 32.82 23.51
N ALA F 85 3.89 32.70 22.53
CA ALA F 85 2.55 33.27 22.63
C ALA F 85 1.70 32.21 23.30
N VAL F 86 1.41 32.39 24.60
CA VAL F 86 0.71 31.33 25.35
C VAL F 86 -0.72 31.24 24.86
N HIS F 87 -1.24 30.02 24.81
CA HIS F 87 -2.62 29.88 24.33
C HIS F 87 -3.63 30.48 25.35
N LYS F 88 -4.82 30.75 24.81
CA LYS F 88 -5.85 31.44 25.58
C LYS F 88 -6.72 30.57 26.46
N HIS F 89 -6.30 29.33 26.72
CA HIS F 89 -7.12 28.40 27.47
C HIS F 89 -6.52 27.91 28.77
N TYR F 90 -5.60 28.66 29.37
CA TYR F 90 -5.20 28.30 30.71
C TYR F 90 -5.97 29.18 31.69
N SER F 91 -6.21 28.66 32.88
CA SER F 91 -6.85 29.42 33.95
C SER F 91 -5.84 30.39 34.59
N LEU F 92 -6.37 31.35 35.34
CA LEU F 92 -5.50 32.27 36.08
C LEU F 92 -4.61 31.51 37.04
N VAL F 93 -5.16 30.53 37.76
CA VAL F 93 -4.33 29.77 38.65
C VAL F 93 -3.24 28.98 37.94
N GLN F 94 -3.50 28.45 36.76
CA GLN F 94 -2.43 27.77 36.00
C GLN F 94 -1.31 28.74 35.63
N TRP F 95 -1.66 29.95 35.18
CA TRP F 95 -0.67 30.97 34.96
C TRP F 95 0.09 31.31 36.25
N GLN F 96 -0.58 31.49 37.36
CA GLN F 96 0.12 31.87 38.59
C GLN F 96 1.08 30.80 38.99
N GLU F 97 0.68 29.54 38.81
CA GLU F 97 1.52 28.43 39.18
C GLU F 97 2.73 28.39 38.27
N PHE F 98 2.53 28.53 36.96
CA PHE F 98 3.65 28.63 36.04
C PHE F 98 4.62 29.75 36.42
N ALA F 99 4.09 30.94 36.68
CA ALA F 99 4.95 32.09 36.89
C ALA F 99 5.70 31.99 38.23
N GLY F 100 5.06 31.40 39.24
CA GLY F 100 5.69 31.15 40.54
C GLY F 100 6.88 30.21 40.35
N GLN F 101 6.72 29.18 39.54
CA GLN F 101 7.77 28.16 39.42
C GLN F 101 8.83 28.48 38.40
N ASN F 102 8.57 29.43 37.49
CA ASN F 102 9.50 29.77 36.42
C ASN F 102 9.68 31.28 36.28
N PRO F 103 10.13 31.95 37.36
CA PRO F 103 10.18 33.40 37.32
C PRO F 103 11.16 33.92 36.26
N ASP F 104 12.12 33.11 35.84
CA ASP F 104 13.05 33.52 34.80
C ASP F 104 12.57 33.33 33.36
N CYS F 105 11.37 32.80 33.14
CA CYS F 105 10.88 32.51 31.80
C CYS F 105 9.70 33.34 31.38
N LEU F 106 9.56 34.54 31.93
CA LEU F 106 8.40 35.38 31.74
C LEU F 106 8.64 36.54 30.80
N GLU F 107 9.91 36.89 30.53
CA GLU F 107 10.14 38.04 29.67
C GLU F 107 9.82 37.86 28.19
N HIS F 108 9.84 36.63 27.68
CA HIS F 108 9.48 36.45 26.26
C HIS F 108 8.25 35.59 26.13
N LEU F 109 7.21 36.04 26.81
CA LEU F 109 5.88 35.41 26.79
C LEU F 109 4.85 36.46 26.49
N ALA F 110 3.84 36.08 25.71
CA ALA F 110 2.64 36.90 25.55
C ALA F 110 1.42 36.16 26.06
N ALA F 111 0.52 36.90 26.73
CA ALA F 111 -0.80 36.43 27.07
C ALA F 111 -1.69 36.75 25.86
N SER F 112 -2.51 35.76 25.47
CA SER F 112 -3.30 35.87 24.27
C SER F 112 -4.74 36.17 24.56
N SER F 113 -5.42 36.81 23.60
CA SER F 113 -6.87 37.10 23.73
C SER F 113 -7.51 37.31 22.38
N GLY F 114 -8.77 36.88 22.25
CA GLY F 114 -9.67 37.34 21.18
C GLY F 114 -10.44 38.56 21.66
N THR F 115 -11.52 38.91 20.98
CA THR F 115 -12.18 40.20 21.19
C THR F 115 -13.39 40.13 22.12
N GLY F 116 -13.77 38.94 22.56
CA GLY F 116 -14.90 38.84 23.50
C GLY F 116 -14.66 39.48 24.86
N SER F 117 -15.70 39.95 25.53
CA SER F 117 -15.52 40.58 26.86
C SER F 117 -14.97 39.58 27.92
N SER F 118 -15.42 38.33 27.83
CA SER F 118 -14.88 37.23 28.65
C SER F 118 -13.34 37.03 28.47
N ASP F 119 -12.92 37.05 27.21
CA ASP F 119 -11.51 36.99 26.84
C ASP F 119 -10.74 38.14 27.47
N PHE F 120 -11.24 39.36 27.24
CA PHE F 120 -10.61 40.56 27.76
C PHE F 120 -10.49 40.53 29.30
N GLU F 121 -11.55 40.18 30.00
CA GLU F 121 -11.48 40.04 31.46
C GLU F 121 -10.47 39.01 31.90
N GLN F 122 -10.35 37.89 31.20
CA GLN F 122 -9.36 36.89 31.60
C GLN F 122 -7.94 37.40 31.40
N LEU F 123 -7.73 38.11 30.31
CA LEU F 123 -6.43 38.72 29.99
C LEU F 123 -6.05 39.73 31.06
N GLU F 124 -7.00 40.57 31.44
CA GLU F 124 -6.73 41.60 32.43
C GLU F 124 -6.35 40.98 33.76
N GLN F 125 -7.04 39.92 34.18
CA GLN F 125 -6.70 39.23 35.41
C GLN F 125 -5.27 38.70 35.42
N ILE F 126 -4.85 38.07 34.32
CA ILE F 126 -3.49 37.50 34.15
C ILE F 126 -2.42 38.60 34.21
N LEU F 127 -2.67 39.68 33.46
CA LEU F 127 -1.73 40.80 33.39
C LEU F 127 -1.54 41.50 34.72
N GLU F 128 -2.63 41.59 35.46
CA GLU F 128 -2.58 42.20 36.76
C GLU F 128 -1.93 41.26 37.77
N ALA F 129 -2.19 39.96 37.64
CA ALA F 129 -1.63 38.99 38.59
C ALA F 129 -0.14 38.71 38.32
N ILE F 130 0.29 38.85 37.08
CA ILE F 130 1.67 38.56 36.64
C ILE F 130 2.26 39.76 35.87
N PRO F 131 2.71 40.78 36.63
CA PRO F 131 3.18 42.01 36.01
C PRO F 131 4.42 41.85 35.14
N GLN F 132 5.06 40.69 35.25
CA GLN F 132 6.25 40.38 34.48
C GLN F 132 5.87 40.11 33.04
N VAL F 133 4.61 39.82 32.76
CA VAL F 133 4.17 39.55 31.37
C VAL F 133 3.88 40.88 30.72
N LYS F 134 4.66 41.19 29.71
CA LYS F 134 4.69 42.52 29.13
C LYS F 134 4.23 42.56 27.67
N TYR F 135 3.79 41.41 27.14
CA TYR F 135 3.32 41.32 25.78
C TYR F 135 1.91 40.76 25.78
N ILE F 136 1.10 41.25 24.82
CA ILE F 136 -0.27 40.84 24.64
C ILE F 136 -0.41 40.43 23.19
N CYS F 137 -0.95 39.23 22.99
CA CYS F 137 -1.24 38.74 21.68
C CYS F 137 -2.75 38.69 21.40
N LEU F 138 -3.20 39.68 20.64
CA LEU F 138 -4.59 39.81 20.24
C LEU F 138 -4.74 39.19 18.89
N ASP F 139 -5.53 38.10 18.83
CA ASP F 139 -5.51 37.20 17.68
C ASP F 139 -6.95 36.88 17.33
N VAL F 140 -7.29 37.18 16.08
CA VAL F 140 -8.55 36.79 15.49
C VAL F 140 -8.24 36.25 14.07
N ALA F 141 -9.12 35.39 13.55
CA ALA F 141 -8.98 34.99 12.16
C ALA F 141 -8.99 36.20 11.17
N ASN F 142 -9.85 37.18 11.41
CA ASN F 142 -10.14 38.25 10.49
C ASN F 142 -9.86 39.62 11.08
N GLY F 143 -8.60 40.05 10.98
CA GLY F 143 -8.17 41.34 11.53
C GLY F 143 -8.60 42.52 10.70
N TYR F 144 -9.38 42.31 9.66
CA TYR F 144 -9.90 43.37 8.80
C TYR F 144 -11.16 44.05 9.37
N SER F 145 -11.77 43.41 10.35
CA SER F 145 -12.99 43.94 10.94
C SER F 145 -12.76 45.23 11.76
N GLU F 146 -13.68 46.18 11.63
CA GLU F 146 -13.65 47.39 12.44
C GLU F 146 -13.74 47.10 13.96
N HIS F 147 -14.49 46.04 14.32
CA HIS F 147 -14.62 45.57 15.72
C HIS F 147 -13.26 45.23 16.32
N PHE F 148 -12.41 44.56 15.55
CA PHE F 148 -11.04 44.25 16.00
C PHE F 148 -10.19 45.52 16.18
N VAL F 149 -10.32 46.45 15.24
CA VAL F 149 -9.58 47.66 15.29
C VAL F 149 -9.93 48.39 16.55
N GLU F 150 -11.23 48.45 16.86
CA GLU F 150 -11.67 49.18 18.03
C GLU F 150 -11.21 48.49 19.33
N PHE F 151 -11.18 47.17 19.31
CA PHE F 151 -10.66 46.38 20.42
C PHE F 151 -9.20 46.61 20.67
N VAL F 152 -8.42 46.57 19.59
CA VAL F 152 -7.02 46.96 19.73
C VAL F 152 -6.87 48.32 20.45
N LYS F 153 -7.70 49.28 20.04
CA LYS F 153 -7.68 50.63 20.63
C LYS F 153 -7.96 50.60 22.14
N ASP F 154 -8.99 49.84 22.51
CA ASP F 154 -9.39 49.63 23.90
C ASP F 154 -8.27 48.99 24.73
N VAL F 155 -7.63 47.99 24.17
CA VAL F 155 -6.51 47.32 24.87
C VAL F 155 -5.33 48.28 25.07
N ARG F 156 -4.96 49.03 24.03
CA ARG F 156 -3.90 50.02 24.15
C ARG F 156 -4.21 51.04 25.27
N LYS F 157 -5.45 51.49 25.36
CA LYS F 157 -5.83 52.47 26.39
C LYS F 157 -5.68 51.87 27.80
N ARG F 158 -6.10 50.62 27.95
CA ARG F 158 -6.06 49.92 29.24
C ARG F 158 -4.65 49.54 29.69
N PHE F 159 -3.80 49.13 28.73
CA PHE F 159 -2.41 48.70 28.99
C PHE F 159 -1.42 49.48 28.14
N PRO F 160 -1.25 50.80 28.44
CA PRO F 160 -0.36 51.67 27.65
C PRO F 160 1.12 51.30 27.60
N GLN F 161 1.61 50.48 28.54
CA GLN F 161 3.04 50.14 28.56
C GLN F 161 3.31 48.72 28.07
N HIS F 162 2.23 47.98 27.75
CA HIS F 162 2.37 46.61 27.22
C HIS F 162 2.57 46.62 25.73
N THR F 163 3.35 45.68 25.24
CA THR F 163 3.56 45.59 23.82
C THR F 163 2.49 44.70 23.23
N ILE F 164 1.79 45.20 22.20
CA ILE F 164 0.66 44.52 21.63
C ILE F 164 0.96 43.97 20.22
N MET F 165 0.79 42.65 20.08
CA MET F 165 0.80 41.91 18.81
C MET F 165 -0.65 41.81 18.42
N ALA F 166 -0.96 42.09 17.15
CA ALA F 166 -2.37 42.11 16.68
C ALA F 166 -2.44 41.56 15.25
N GLY F 167 -3.37 40.65 15.05
CA GLY F 167 -3.56 40.04 13.76
C GLY F 167 -4.79 39.18 13.71
N ASN F 168 -5.10 38.63 12.53
CA ASN F 168 -4.19 38.62 11.38
C ASN F 168 -4.73 39.36 10.16
N VAL F 169 -3.82 39.87 9.38
CA VAL F 169 -4.10 40.61 8.15
C VAL F 169 -3.00 40.19 7.18
N VAL F 170 -3.17 40.57 5.92
CA VAL F 170 -2.20 40.25 4.89
C VAL F 170 -1.80 41.42 4.00
N THR F 171 -2.32 42.62 4.26
CA THR F 171 -2.08 43.71 3.35
C THR F 171 -1.72 44.96 4.11
N GLY F 172 -0.98 45.82 3.41
CA GLY F 172 -0.45 47.03 3.97
C GLY F 172 -1.39 48.01 4.62
N GLU F 173 -2.54 48.25 3.98
CA GLU F 173 -3.45 49.28 4.53
C GLU F 173 -3.91 48.92 5.92
N MET F 174 -4.08 47.62 6.17
CA MET F 174 -4.60 47.19 7.46
C MET F 174 -3.50 47.10 8.46
N VAL F 175 -2.30 46.75 7.99
CA VAL F 175 -1.14 46.84 8.87
C VAL F 175 -1.03 48.27 9.44
N GLU F 176 -1.07 49.27 8.55
CA GLU F 176 -1.03 50.66 8.99
C GLU F 176 -2.15 51.00 9.95
N GLU F 177 -3.37 50.65 9.61
CA GLU F 177 -4.47 51.01 10.47
C GLU F 177 -4.29 50.45 11.88
N LEU F 178 -3.85 49.22 11.99
CA LEU F 178 -3.70 48.57 13.27
C LEU F 178 -2.58 49.17 14.09
N ILE F 179 -1.48 49.51 13.42
CA ILE F 179 -0.39 50.22 14.11
C ILE F 179 -0.83 51.58 14.60
N LEU F 180 -1.50 52.33 13.74
CA LEU F 180 -2.01 53.65 14.14
C LEU F 180 -3.10 53.56 15.23
N SER F 181 -3.81 52.46 15.29
CA SER F 181 -4.81 52.20 16.34
C SER F 181 -4.21 51.72 17.66
N GLY F 182 -2.91 51.45 17.68
CA GLY F 182 -2.21 51.17 18.94
C GLY F 182 -1.35 49.92 18.95
N ALA F 183 -1.51 49.05 17.96
CA ALA F 183 -0.69 47.83 17.96
C ALA F 183 0.78 48.14 17.68
N ASP F 184 1.66 47.35 18.29
CA ASP F 184 3.08 47.48 18.02
C ASP F 184 3.57 46.57 16.91
N ILE F 185 3.04 45.35 16.93
CA ILE F 185 3.53 44.30 16.08
C ILE F 185 2.34 43.65 15.38
N ILE F 186 2.38 43.56 14.06
CA ILE F 186 1.23 43.02 13.32
C ILE F 186 1.48 41.61 12.89
N LYS F 187 0.50 40.75 13.13
CA LYS F 187 0.66 39.34 12.85
C LYS F 187 0.07 39.10 11.45
N VAL F 188 0.88 38.48 10.57
CA VAL F 188 0.61 38.47 9.14
C VAL F 188 0.37 37.05 8.70
N GLY F 189 -0.75 36.81 8.04
CA GLY F 189 -1.05 35.52 7.46
C GLY F 189 -2.51 35.19 7.57
N ILE F 190 -3.11 34.92 6.42
CA ILE F 190 -4.48 34.42 6.37
C ILE F 190 -4.51 33.18 5.47
N GLY F 191 -4.69 32.04 6.14
CA GLY F 191 -4.73 30.75 5.52
C GLY F 191 -3.47 30.01 5.13
N PRO F 192 -2.26 30.49 5.50
CA PRO F 192 -1.09 29.69 5.14
C PRO F 192 -0.77 28.50 6.06
N GLY F 193 -1.44 28.42 7.20
CA GLY F 193 -1.09 27.49 8.26
C GLY F 193 -1.26 26.01 7.86
N SER F 194 -0.42 25.17 8.43
CA SER F 194 -0.36 23.74 8.05
C SER F 194 -1.67 23.00 8.37
N VAL F 195 -2.42 23.44 9.37
CA VAL F 195 -3.72 22.81 9.69
C VAL F 195 -4.92 23.76 9.51
N CYS F 196 -4.69 24.81 8.74
CA CYS F 196 -5.75 25.73 8.40
C CYS F 196 -6.49 25.25 7.15
N THR F 197 -7.79 25.52 7.10
CA THR F 197 -8.60 25.19 5.92
C THR F 197 -9.40 26.39 5.42
N THR F 198 -9.10 27.59 5.93
CA THR F 198 -9.72 28.79 5.49
C THR F 198 -9.69 28.95 3.97
N ARG F 199 -8.55 28.67 3.31
CA ARG F 199 -8.54 28.82 1.86
C ARG F 199 -9.49 27.89 1.15
N LYS F 200 -9.59 26.64 1.60
CA LYS F 200 -10.56 25.72 1.01
C LYS F 200 -12.05 26.03 1.29
N LYS F 201 -12.31 26.59 2.45
CA LYS F 201 -13.65 26.94 2.87
C LYS F 201 -14.13 28.26 2.36
N THR F 202 -13.24 29.20 2.14
CA THR F 202 -13.60 30.60 1.83
C THR F 202 -12.97 31.20 0.56
N GLY F 203 -11.87 30.61 0.12
CA GLY F 203 -11.12 31.09 -1.04
C GLY F 203 -10.29 32.34 -0.78
N VAL F 204 -10.26 32.80 0.47
CA VAL F 204 -9.59 34.01 0.86
C VAL F 204 -8.17 33.70 1.33
N GLY F 205 -7.21 34.51 0.90
CA GLY F 205 -5.87 34.39 1.41
C GLY F 205 -4.93 35.33 0.66
N TYR F 206 -3.64 35.10 0.84
CA TYR F 206 -2.57 35.85 0.18
C TYR F 206 -1.29 34.99 0.32
N PRO F 207 -0.58 34.72 -0.78
CA PRO F 207 0.67 33.95 -0.65
C PRO F 207 1.57 34.61 0.35
N GLN F 208 2.09 33.80 1.25
CA GLN F 208 2.69 34.31 2.49
C GLN F 208 3.98 35.14 2.30
N LEU F 209 4.85 34.76 1.35
CA LEU F 209 6.05 35.54 1.15
C LEU F 209 5.68 36.93 0.63
N SER F 210 4.75 37.01 -0.31
CA SER F 210 4.38 38.34 -0.81
C SER F 210 3.76 39.21 0.29
N ALA F 211 2.91 38.57 1.10
CA ALA F 211 2.23 39.20 2.23
C ALA F 211 3.26 39.79 3.19
N VAL F 212 4.27 38.99 3.49
CA VAL F 212 5.35 39.45 4.40
C VAL F 212 6.07 40.66 3.83
N MET F 213 6.44 40.57 2.55
CA MET F 213 7.17 41.70 1.94
C MET F 213 6.35 42.98 2.01
N GLU F 214 5.09 42.90 1.58
CA GLU F 214 4.18 44.05 1.55
C GLU F 214 3.99 44.62 2.94
N CYS F 215 3.72 43.73 3.88
CA CYS F 215 3.38 44.13 5.24
C CYS F 215 4.58 44.63 6.03
N ALA F 216 5.73 44.03 5.80
CA ALA F 216 6.96 44.52 6.45
C ALA F 216 7.22 45.92 5.99
N ASP F 217 7.09 46.17 4.71
CA ASP F 217 7.33 47.55 4.22
C ASP F 217 6.37 48.56 4.85
N ALA F 218 5.10 48.17 4.93
CA ALA F 218 4.07 49.02 5.52
C ALA F 218 4.35 49.29 7.00
N ALA F 219 4.69 48.24 7.75
CA ALA F 219 4.96 48.40 9.18
C ALA F 219 6.22 49.24 9.42
N HIS F 220 7.25 48.94 8.67
CA HIS F 220 8.55 49.59 8.91
C HIS F 220 8.56 51.03 8.54
N GLY F 221 7.73 51.42 7.57
CA GLY F 221 7.52 52.85 7.31
C GLY F 221 6.93 53.62 8.48
N LEU F 222 6.20 52.97 9.39
CA LEU F 222 5.71 53.59 10.65
C LEU F 222 6.55 53.27 11.87
N LYS F 223 7.68 52.61 11.67
CA LYS F 223 8.57 52.15 12.74
C LYS F 223 7.91 51.12 13.66
N GLY F 224 6.98 50.37 13.05
CA GLY F 224 6.39 49.21 13.65
C GLY F 224 7.06 47.93 13.18
N HIS F 225 6.49 46.81 13.60
CA HIS F 225 7.07 45.49 13.35
C HIS F 225 5.98 44.52 12.92
N ILE F 226 6.43 43.43 12.31
CA ILE F 226 5.55 42.33 11.93
C ILE F 226 6.02 40.96 12.36
N ILE F 227 5.03 40.09 12.55
CA ILE F 227 5.22 38.61 12.65
C ILE F 227 4.72 37.94 11.38
N SER F 228 5.56 37.12 10.71
CA SER F 228 5.12 36.14 9.70
C SER F 228 4.51 34.90 10.42
N ASP F 229 3.20 34.76 10.36
CA ASP F 229 2.49 33.73 11.09
C ASP F 229 1.97 32.65 10.14
N GLY F 230 2.64 31.53 10.08
CA GLY F 230 2.09 30.41 9.38
C GLY F 230 2.86 30.09 8.10
N GLY F 231 2.80 28.82 7.73
CA GLY F 231 3.31 28.34 6.46
C GLY F 231 4.74 27.88 6.43
N CYS F 232 5.45 27.96 7.55
CA CYS F 232 6.82 27.48 7.54
C CYS F 232 6.82 26.02 7.87
N SER F 233 7.46 25.24 7.03
CA SER F 233 7.54 23.77 7.26
C SER F 233 9.00 23.24 7.34
N CYS F 234 9.99 24.12 7.20
CA CYS F 234 11.39 23.79 7.32
C CYS F 234 12.12 25.05 7.75
N PRO F 235 13.35 24.87 8.25
CA PRO F 235 14.14 26.04 8.66
C PRO F 235 14.34 27.03 7.52
N GLY F 236 14.47 26.52 6.31
CA GLY F 236 14.64 27.38 5.13
C GLY F 236 13.49 28.35 4.95
N ASP F 237 12.28 27.90 5.24
CA ASP F 237 11.10 28.79 5.21
C ASP F 237 11.19 29.98 6.20
N VAL F 238 11.62 29.66 7.41
CA VAL F 238 11.82 30.63 8.47
C VAL F 238 12.85 31.67 8.03
N ALA F 239 13.97 31.20 7.50
CA ALA F 239 14.96 32.11 6.94
C ALA F 239 14.44 33.04 5.80
N LYS F 240 13.63 32.48 4.88
CA LYS F 240 12.97 33.24 3.81
C LYS F 240 12.06 34.34 4.34
N ALA F 241 11.25 34.03 5.36
CA ALA F 241 10.40 35.04 6.02
C ALA F 241 11.25 36.17 6.63
N PHE F 242 12.29 35.84 7.39
CA PHE F 242 13.18 36.88 7.86
C PHE F 242 13.81 37.67 6.72
N GLY F 243 14.26 36.96 5.69
CA GLY F 243 14.81 37.50 4.47
C GLY F 243 13.93 38.56 3.81
N ALA F 244 12.64 38.35 3.91
CA ALA F 244 11.61 39.15 3.27
C ALA F 244 11.25 40.35 4.13
N GLY F 245 11.75 40.40 5.35
CA GLY F 245 11.60 41.54 6.23
C GLY F 245 10.78 41.27 7.48
N ALA F 246 10.39 40.02 7.72
CA ALA F 246 9.65 39.74 8.93
C ALA F 246 10.58 40.03 10.09
N ASP F 247 10.08 40.74 11.08
CA ASP F 247 10.80 40.97 12.32
C ASP F 247 10.80 39.74 13.21
N PHE F 248 9.63 39.08 13.32
CA PHE F 248 9.45 37.81 14.04
C PHE F 248 8.85 36.77 13.08
N VAL F 249 9.03 35.49 13.41
CA VAL F 249 8.35 34.38 12.71
C VAL F 249 7.70 33.49 13.74
N MET F 250 6.42 33.18 13.48
CA MET F 250 5.60 32.36 14.38
C MET F 250 5.38 31.01 13.73
N LEU F 251 5.55 30.00 14.57
CA LEU F 251 5.51 28.60 14.20
C LEU F 251 4.48 27.82 14.98
N GLY F 252 3.69 27.06 14.23
CA GLY F 252 2.77 26.08 14.77
C GLY F 252 3.21 24.66 14.51
N GLY F 253 2.94 24.14 13.29
CA GLY F 253 3.28 22.81 12.89
C GLY F 253 4.69 22.33 13.16
N MET F 254 5.68 23.16 12.89
CA MET F 254 7.07 22.75 13.21
C MET F 254 7.34 22.49 14.70
N LEU F 255 6.51 23.01 15.59
CA LEU F 255 6.63 22.81 17.03
C LEU F 255 5.61 21.85 17.61
N ALA F 256 4.66 21.46 16.80
CA ALA F 256 3.73 20.41 17.16
C ALA F 256 4.42 19.06 17.21
N GLY F 257 3.83 18.13 17.95
CA GLY F 257 4.32 16.76 17.99
C GLY F 257 5.49 16.40 18.86
N HIS F 258 5.91 17.34 19.71
CA HIS F 258 6.98 17.11 20.66
C HIS F 258 6.47 16.76 22.05
N SER F 259 7.40 16.31 22.92
CA SER F 259 7.09 16.06 24.34
C SER F 259 6.35 17.24 24.97
N GLU F 260 6.79 18.44 24.63
CA GLU F 260 6.32 19.66 25.27
C GLU F 260 5.09 20.24 24.63
N SER F 261 4.70 19.65 23.49
CA SER F 261 3.52 20.11 22.74
C SER F 261 2.31 19.57 23.48
N GLY F 262 1.16 20.23 23.35
CA GLY F 262 -0.07 19.66 23.79
C GLY F 262 -0.50 18.63 22.71
N GLY F 263 -1.73 18.17 22.82
CA GLY F 263 -2.34 17.20 21.90
C GLY F 263 -2.12 15.83 22.47
N GLU F 264 -3.12 14.97 22.36
CA GLU F 264 -3.02 13.64 22.96
C GLU F 264 -1.88 12.86 22.30
N LEU F 265 -1.10 12.18 23.13
CA LEU F 265 -0.12 11.21 22.66
C LEU F 265 -0.90 9.93 22.40
N ILE F 266 -0.80 9.41 21.19
CA ILE F 266 -1.55 8.25 20.77
C ILE F 266 -0.58 7.15 20.29
N GLU F 267 -0.54 6.00 20.94
CA GLU F 267 0.30 4.97 20.44
C GLU F 267 -0.61 3.97 19.79
N ARG F 268 -0.52 3.81 18.47
CA ARG F 268 -1.36 2.83 17.76
C ARG F 268 -0.55 2.19 16.64
N ASP F 269 -0.79 0.90 16.38
CA ASP F 269 -0.10 0.17 15.33
C ASP F 269 1.42 0.22 15.52
N GLY F 270 1.85 0.26 16.76
CA GLY F 270 3.29 0.24 17.03
C GLY F 270 4.01 1.55 16.84
N LYS F 271 3.28 2.65 16.59
CA LYS F 271 3.89 3.97 16.47
C LYS F 271 3.21 4.98 17.35
N LYS F 272 3.93 6.06 17.57
CA LYS F 272 3.50 7.15 18.45
C LYS F 272 3.22 8.40 17.62
N TYR F 273 2.06 8.95 17.86
CA TYR F 273 1.62 10.19 17.25
C TYR F 273 1.18 11.19 18.32
N LYS F 274 1.13 12.46 17.93
CA LYS F 274 0.47 13.52 18.73
C LYS F 274 -0.60 14.22 17.87
N LEU F 275 -1.76 14.47 18.48
CA LEU F 275 -2.74 15.31 17.81
C LEU F 275 -2.25 16.74 17.64
N PHE F 276 -2.67 17.31 16.50
CA PHE F 276 -2.40 18.70 16.18
C PHE F 276 -3.59 19.16 15.31
N TYR F 277 -4.18 20.29 15.71
CA TYR F 277 -5.43 20.71 15.09
C TYR F 277 -5.55 22.21 15.06
N GLY F 278 -6.27 22.70 14.07
CA GLY F 278 -6.52 24.11 13.98
C GLY F 278 -7.44 24.64 15.07
N MET F 279 -7.25 25.88 15.46
CA MET F 279 -8.10 26.45 16.52
C MET F 279 -9.53 26.77 16.07
N SER F 280 -9.79 26.61 14.77
CA SER F 280 -11.09 26.77 14.17
C SER F 280 -11.61 25.42 13.66
N SER F 281 -10.91 24.34 14.04
CA SER F 281 -11.33 22.97 13.65
C SER F 281 -12.52 22.60 14.49
N GLU F 282 -13.27 21.61 14.03
CA GLU F 282 -14.33 21.10 14.83
C GLU F 282 -13.81 20.51 16.18
N MET F 283 -12.62 19.89 16.18
CA MET F 283 -12.01 19.36 17.40
C MET F 283 -11.84 20.49 18.44
N ALA F 284 -11.33 21.63 18.00
CA ALA F 284 -11.18 22.80 18.88
C ALA F 284 -12.55 23.36 19.27
N MET F 285 -13.47 23.50 18.32
CA MET F 285 -14.74 24.14 18.72
C MET F 285 -15.57 23.29 19.70
N LYS F 286 -15.52 21.98 19.54
CA LYS F 286 -16.18 21.07 20.48
C LYS F 286 -15.56 21.21 21.88
N LYS F 287 -14.27 21.44 21.89
CA LYS F 287 -13.51 21.51 23.15
C LYS F 287 -13.83 22.83 23.86
N TYR F 288 -13.93 23.93 23.13
CA TYR F 288 -14.00 25.25 23.77
C TYR F 288 -15.24 26.11 23.49
N ALA F 289 -15.98 25.78 22.44
CA ALA F 289 -17.14 26.54 22.05
C ALA F 289 -18.39 25.73 22.27
N GLY F 290 -18.26 24.56 22.90
CA GLY F 290 -19.38 23.65 23.02
C GLY F 290 -19.98 23.18 21.68
N GLY F 291 -19.19 23.16 20.63
CA GLY F 291 -19.64 22.74 19.34
C GLY F 291 -19.46 23.78 18.24
N VAL F 292 -19.87 23.40 17.02
CA VAL F 292 -19.86 24.31 15.86
C VAL F 292 -21.22 25.01 15.70
N ALA F 293 -21.22 26.32 15.89
CA ALA F 293 -22.42 27.14 15.68
C ALA F 293 -22.93 26.93 14.26
N GLU F 294 -24.25 26.93 14.11
CA GLU F 294 -24.89 26.53 12.83
C GLU F 294 -24.45 27.36 11.63
N TYR F 295 -24.13 28.64 11.84
CA TYR F 295 -23.84 29.56 10.75
C TYR F 295 -22.36 29.56 10.38
N ARG F 296 -21.54 28.80 11.15
CA ARG F 296 -20.08 28.69 10.96
C ARG F 296 -19.71 27.42 10.21
N ALA F 297 -18.60 27.47 9.51
CA ALA F 297 -17.91 26.23 9.11
C ALA F 297 -16.62 26.14 9.88
N SER F 298 -16.17 24.90 10.07
CA SER F 298 -14.81 24.75 10.56
C SER F 298 -13.87 25.29 9.51
N GLU F 299 -12.81 25.92 9.98
CA GLU F 299 -11.79 26.44 9.11
C GLU F 299 -10.41 25.95 9.52
N GLY F 300 -10.40 24.79 10.16
CA GLY F 300 -9.19 24.12 10.55
C GLY F 300 -9.41 22.62 10.50
N LYS F 301 -8.31 21.90 10.41
CA LYS F 301 -8.35 20.43 10.44
C LYS F 301 -7.53 19.87 11.54
N THR F 302 -7.69 18.55 11.69
CA THR F 302 -6.92 17.72 12.63
C THR F 302 -5.98 16.77 11.86
N VAL F 303 -4.77 16.63 12.36
CA VAL F 303 -3.80 15.68 11.90
C VAL F 303 -3.19 14.97 13.13
N GLU F 304 -2.59 13.83 12.84
CA GLU F 304 -1.76 13.14 13.80
C GLU F 304 -0.33 13.18 13.33
N VAL F 305 0.49 13.83 14.12
CA VAL F 305 1.87 14.07 13.81
C VAL F 305 2.69 12.93 14.42
N PRO F 306 3.51 12.22 13.64
CA PRO F 306 4.44 11.24 14.22
C PRO F 306 5.26 11.91 15.30
N PHE F 307 5.37 11.26 16.44
CA PHE F 307 5.98 11.88 17.67
C PHE F 307 7.42 12.21 17.38
N LYS F 308 7.86 13.40 17.82
CA LYS F 308 9.16 13.97 17.49
C LYS F 308 10.16 13.99 18.67
N GLY F 309 9.72 13.60 19.85
CA GLY F 309 10.53 13.72 21.06
C GLY F 309 10.67 15.16 21.51
N ASP F 310 11.80 15.47 22.14
CA ASP F 310 11.99 16.72 22.90
C ASP F 310 12.23 17.85 21.94
N VAL F 311 11.54 18.96 22.15
CA VAL F 311 11.58 20.05 21.19
C VAL F 311 12.99 20.68 21.09
N GLU F 312 13.83 20.53 22.11
CA GLU F 312 15.14 21.16 22.05
C GLU F 312 15.88 20.74 20.79
N HIS F 313 15.72 19.51 20.33
CA HIS F 313 16.42 19.08 19.11
C HIS F 313 15.93 19.75 17.85
N THR F 314 14.65 20.07 17.79
CA THR F 314 14.07 20.83 16.68
C THR F 314 14.52 22.31 16.71
N ILE F 315 14.58 22.86 17.90
CA ILE F 315 15.06 24.24 18.03
C ILE F 315 16.50 24.32 17.50
N ARG F 316 17.37 23.40 17.88
CA ARG F 316 18.76 23.39 17.36
C ARG F 316 18.82 23.26 15.85
N ASP F 317 17.94 22.46 15.28
CA ASP F 317 17.93 22.25 13.83
C ASP F 317 17.51 23.58 13.17
N ILE F 318 16.51 24.25 13.73
CA ILE F 318 16.02 25.48 13.10
C ILE F 318 17.05 26.59 13.23
N LEU F 319 17.60 26.69 14.42
CA LEU F 319 18.60 27.78 14.61
C LEU F 319 19.85 27.55 13.76
N GLY F 320 20.29 26.30 13.70
CA GLY F 320 21.48 25.95 12.94
C GLY F 320 21.27 26.16 11.45
N GLY F 321 20.03 25.96 11.02
CA GLY F 321 19.65 26.27 9.64
C GLY F 321 19.84 27.73 9.29
N ILE F 322 19.27 28.59 10.12
CA ILE F 322 19.31 30.00 9.90
C ILE F 322 20.71 30.58 10.07
N ARG F 323 21.52 30.04 10.99
CA ARG F 323 22.92 30.50 11.06
C ARG F 323 23.59 30.20 9.75
N SER F 324 23.26 29.07 9.14
CA SER F 324 23.87 28.67 7.86
C SER F 324 23.40 29.63 6.73
N THR F 325 22.14 30.01 6.76
CA THR F 325 21.63 31.02 5.81
C THR F 325 22.45 32.30 5.94
N CYS F 326 22.61 32.74 7.18
CA CYS F 326 23.35 33.95 7.41
C CYS F 326 24.77 33.88 6.92
N THR F 327 25.48 32.76 7.13
CA THR F 327 26.82 32.65 6.58
C THR F 327 26.87 32.65 5.03
N TYR F 328 25.85 32.09 4.39
CA TYR F 328 25.80 32.05 2.98
C TYR F 328 25.54 33.40 2.35
N VAL F 329 24.96 34.33 3.09
CA VAL F 329 24.69 35.66 2.55
C VAL F 329 25.57 36.75 3.11
N GLY F 330 26.43 36.38 4.06
CA GLY F 330 27.38 37.27 4.71
C GLY F 330 26.79 38.13 5.81
N ALA F 331 25.71 37.66 6.41
CA ALA F 331 25.10 38.29 7.56
C ALA F 331 25.71 37.83 8.86
N ALA F 332 26.38 38.78 9.55
CA ALA F 332 26.97 38.46 10.86
C ALA F 332 25.91 38.40 11.94
N LYS F 333 24.81 39.10 11.70
CA LYS F 333 23.72 39.16 12.66
C LYS F 333 22.45 39.07 11.88
N LEU F 334 21.43 38.50 12.50
CA LEU F 334 20.13 38.39 11.89
C LEU F 334 19.51 39.72 11.39
N LYS F 335 19.79 40.84 12.07
CA LYS F 335 19.32 42.14 11.58
C LYS F 335 19.81 42.41 10.14
N GLU F 336 20.91 41.78 9.72
CA GLU F 336 21.52 42.06 8.42
C GLU F 336 20.96 41.15 7.34
N LEU F 337 20.17 40.16 7.74
CA LEU F 337 19.67 39.14 6.80
C LEU F 337 18.79 39.76 5.71
N SER F 338 17.76 40.51 6.06
CA SER F 338 16.91 41.05 5.01
C SER F 338 17.68 42.00 4.10
N ARG F 339 18.61 42.80 4.63
CA ARG F 339 19.36 43.66 3.71
C ARG F 339 20.24 42.87 2.72
N ARG F 340 20.69 41.68 3.10
CA ARG F 340 21.56 40.87 2.23
C ARG F 340 20.80 39.84 1.42
N THR F 341 19.48 39.91 1.49
CA THR F 341 18.59 38.95 0.77
C THR F 341 18.27 39.41 -0.64
N THR F 342 18.58 38.53 -1.59
CA THR F 342 18.13 38.68 -2.98
C THR F 342 17.46 37.37 -3.27
N PHE F 343 16.16 37.39 -3.51
CA PHE F 343 15.45 36.16 -3.85
C PHE F 343 15.61 35.84 -5.30
N ILE F 344 15.79 34.54 -5.57
CA ILE F 344 15.76 33.98 -6.92
C ILE F 344 14.48 33.19 -7.07
N ARG F 345 13.75 33.45 -8.15
CA ARG F 345 12.49 32.77 -8.43
C ARG F 345 12.80 31.43 -9.05
N VAL F 346 12.16 30.38 -8.54
CA VAL F 346 12.46 29.02 -9.02
C VAL F 346 11.22 28.35 -9.63
N SER G 19 6.15 25.97 -26.83
CA SER G 19 6.69 24.82 -26.13
C SER G 19 5.55 24.07 -25.50
N LEU G 20 4.49 23.96 -26.32
CA LEU G 20 3.22 23.34 -25.95
C LEU G 20 3.23 21.87 -26.16
N ASP G 21 2.69 21.19 -25.16
CA ASP G 21 2.29 19.80 -25.28
C ASP G 21 0.78 19.71 -25.27
N PHE G 22 0.26 18.53 -25.57
CA PHE G 22 -1.19 18.32 -25.69
C PHE G 22 -1.87 18.77 -24.40
N LYS G 23 -1.26 18.48 -23.26
CA LYS G 23 -1.86 18.82 -22.00
C LYS G 23 -1.99 20.30 -21.76
N ASP G 24 -1.27 21.13 -22.49
CA ASP G 24 -1.27 22.57 -22.27
C ASP G 24 -2.40 23.38 -22.86
N VAL G 25 -3.25 22.71 -23.63
CA VAL G 25 -4.34 23.39 -24.36
C VAL G 25 -5.66 22.64 -24.28
N LEU G 26 -6.74 23.38 -24.58
CA LEU G 26 -8.06 22.85 -24.92
C LEU G 26 -8.51 23.51 -26.20
N LEU G 27 -9.43 22.88 -26.88
CA LEU G 27 -10.14 23.48 -28.02
C LEU G 27 -11.33 24.28 -27.56
N ARG G 28 -11.47 25.50 -28.09
CA ARG G 28 -12.60 26.33 -27.79
C ARG G 28 -13.80 25.84 -28.58
N PRO G 29 -14.94 25.65 -27.91
CA PRO G 29 -16.11 25.36 -28.75
C PRO G 29 -16.58 26.56 -29.52
N LYS G 30 -17.38 26.30 -30.58
CA LYS G 30 -17.85 27.33 -31.53
C LYS G 30 -19.24 27.01 -32.02
N ARG G 31 -20.01 28.04 -32.38
CA ARG G 31 -21.35 27.84 -32.94
C ARG G 31 -21.28 26.74 -34.04
N SER G 32 -22.26 25.84 -34.01
CA SER G 32 -22.25 24.57 -34.82
C SER G 32 -23.64 24.37 -35.46
N THR G 33 -23.69 24.01 -36.73
CA THR G 33 -24.93 23.55 -37.32
C THR G 33 -25.07 22.03 -37.25
N LEU G 34 -24.12 21.34 -36.63
CA LEU G 34 -24.27 19.89 -36.44
C LEU G 34 -25.35 19.55 -35.41
N LYS G 35 -26.16 18.53 -35.72
CA LYS G 35 -27.21 18.05 -34.82
C LYS G 35 -26.73 16.84 -34.00
N SER G 36 -25.83 16.08 -34.55
CA SER G 36 -25.44 14.79 -34.00
C SER G 36 -24.04 14.47 -34.38
N ARG G 37 -23.36 13.83 -33.44
CA ARG G 37 -22.04 13.28 -33.67
C ARG G 37 -21.98 12.28 -34.86
N SER G 38 -23.08 11.59 -35.08
CA SER G 38 -23.22 10.66 -36.19
C SER G 38 -23.04 11.30 -37.55
N GLU G 39 -23.29 12.60 -37.66
CA GLU G 39 -23.21 13.22 -38.96
C GLU G 39 -21.79 13.67 -39.31
N VAL G 40 -20.84 13.48 -38.40
CA VAL G 40 -19.48 13.89 -38.67
C VAL G 40 -18.73 12.87 -39.58
N ASP G 41 -18.05 13.38 -40.61
CA ASP G 41 -17.28 12.52 -41.54
C ASP G 41 -15.82 12.55 -41.11
N LEU G 42 -15.35 11.41 -40.61
CA LEU G 42 -13.97 11.26 -40.16
C LEU G 42 -12.97 10.90 -41.24
N THR G 43 -13.44 10.73 -42.45
CA THR G 43 -12.53 10.43 -43.57
C THR G 43 -11.89 11.69 -44.11
N ARG G 44 -10.69 11.53 -44.67
CA ARG G 44 -9.98 12.58 -45.40
C ARG G 44 -9.59 12.04 -46.77
N SER G 45 -9.51 12.89 -47.77
CA SER G 45 -8.95 12.53 -49.04
C SER G 45 -7.72 13.40 -49.28
N PHE G 46 -6.61 12.77 -49.66
CA PHE G 46 -5.32 13.43 -49.83
C PHE G 46 -4.76 13.04 -51.19
N SER G 47 -3.98 13.95 -51.74
CA SER G 47 -3.19 13.71 -52.95
C SER G 47 -1.77 14.05 -52.59
N PHE G 48 -0.90 13.06 -52.73
CA PHE G 48 0.44 13.18 -52.21
C PHE G 48 1.37 13.88 -53.20
N ARG G 49 2.23 14.74 -52.68
CA ARG G 49 3.04 15.65 -53.46
C ARG G 49 3.88 14.92 -54.52
N ASN G 50 4.54 13.84 -54.08
CA ASN G 50 5.64 13.27 -54.84
C ASN G 50 5.29 12.00 -55.59
N SER G 51 4.61 11.09 -54.89
CA SER G 51 4.15 9.83 -55.45
C SER G 51 2.99 10.05 -56.40
N LYS G 52 2.26 11.16 -56.23
CA LYS G 52 1.09 11.48 -57.05
C LYS G 52 -0.10 10.55 -56.77
N GLN G 53 -0.02 9.73 -55.75
CA GLN G 53 -1.12 8.84 -55.42
C GLN G 53 -2.16 9.56 -54.56
N THR G 54 -3.33 8.94 -54.47
CA THR G 54 -4.41 9.48 -53.67
C THR G 54 -4.81 8.50 -52.55
N TYR G 55 -5.43 9.09 -51.53
CA TYR G 55 -5.82 8.40 -50.31
C TYR G 55 -7.21 8.83 -49.89
N SER G 56 -8.02 7.86 -49.47
CA SER G 56 -9.27 8.17 -48.76
C SER G 56 -9.44 7.20 -47.61
N GLY G 57 -9.59 7.71 -46.39
CA GLY G 57 -9.75 6.87 -45.24
C GLY G 57 -9.76 7.68 -44.00
N VAL G 58 -9.83 7.00 -42.85
CA VAL G 58 -9.74 7.69 -41.56
C VAL G 58 -8.24 7.72 -41.16
N PRO G 59 -7.63 8.92 -41.08
CA PRO G 59 -6.19 9.10 -41.02
C PRO G 59 -5.55 8.91 -39.63
N ILE G 60 -5.88 7.80 -38.99
CA ILE G 60 -5.25 7.34 -37.79
C ILE G 60 -4.48 6.04 -38.14
N ILE G 61 -3.25 5.94 -37.65
CA ILE G 61 -2.31 4.91 -38.08
C ILE G 61 -1.79 4.12 -36.89
N ALA G 62 -1.94 2.78 -36.94
CA ALA G 62 -1.24 1.97 -35.96
C ALA G 62 0.29 2.03 -36.17
N ALA G 63 1.03 2.34 -35.10
CA ALA G 63 2.49 2.41 -35.20
C ALA G 63 3.16 1.10 -35.56
N ASN G 64 4.23 1.26 -36.33
CA ASN G 64 5.04 0.15 -36.79
C ASN G 64 5.91 -0.50 -35.72
N MET G 65 5.43 -0.56 -34.49
CA MET G 65 6.06 -1.32 -33.42
C MET G 65 5.61 -2.76 -33.50
N ASP G 66 6.48 -3.62 -33.04
CA ASP G 66 6.19 -5.04 -33.17
C ASP G 66 5.01 -5.50 -32.35
N THR G 67 4.58 -4.73 -31.36
CA THR G 67 3.43 -5.08 -30.54
C THR G 67 2.14 -4.42 -31.02
N VAL G 68 2.25 -3.45 -31.91
CA VAL G 68 1.10 -2.69 -32.46
C VAL G 68 0.79 -2.92 -33.95
N GLY G 69 1.79 -2.78 -34.81
CA GLY G 69 1.57 -2.85 -36.26
C GLY G 69 1.51 -4.30 -36.71
N THR G 70 0.54 -5.04 -36.17
CA THR G 70 0.44 -6.46 -36.46
C THR G 70 -0.64 -6.71 -37.47
N PHE G 71 -0.61 -7.89 -38.07
CA PHE G 71 -1.64 -8.24 -39.03
C PHE G 71 -3.03 -8.33 -38.37
N GLU G 72 -3.10 -8.87 -37.15
CA GLU G 72 -4.37 -8.95 -36.39
C GLU G 72 -4.95 -7.55 -36.16
N MET G 73 -4.07 -6.57 -35.83
CA MET G 73 -4.47 -5.16 -35.68
C MET G 73 -5.01 -4.62 -37.02
N ALA G 74 -4.29 -4.88 -38.08
CA ALA G 74 -4.67 -4.37 -39.38
C ALA G 74 -6.02 -4.87 -39.78
N LYS G 75 -6.29 -6.13 -39.50
CA LYS G 75 -7.59 -6.68 -39.95
C LYS G 75 -8.76 -5.94 -39.24
N VAL G 76 -8.61 -5.63 -37.96
CA VAL G 76 -9.69 -4.91 -37.24
C VAL G 76 -9.75 -3.48 -37.74
N LEU G 77 -8.60 -2.80 -37.76
CA LEU G 77 -8.57 -1.35 -38.12
C LEU G 77 -9.13 -1.10 -39.54
N CYS G 78 -8.94 -2.08 -40.44
CA CYS G 78 -9.44 -2.04 -41.80
C CYS G 78 -10.96 -1.90 -41.83
N LYS G 79 -11.62 -2.63 -40.96
CA LYS G 79 -13.06 -2.51 -40.83
C LYS G 79 -13.52 -1.09 -40.51
N PHE G 80 -12.65 -0.29 -39.91
CA PHE G 80 -12.98 1.09 -39.58
C PHE G 80 -12.36 2.11 -40.52
N SER G 81 -11.69 1.63 -41.54
CA SER G 81 -11.00 2.44 -42.54
C SER G 81 -9.76 3.13 -41.98
N LEU G 82 -9.13 2.52 -40.98
CA LEU G 82 -7.91 3.05 -40.35
C LEU G 82 -6.72 2.38 -40.98
N PHE G 83 -5.54 2.90 -40.69
CA PHE G 83 -4.33 2.59 -41.42
C PHE G 83 -3.39 1.85 -40.48
N THR G 84 -2.62 0.90 -41.02
CA THR G 84 -1.59 0.20 -40.25
C THR G 84 -0.25 0.27 -40.92
N ALA G 85 0.71 0.82 -40.18
CA ALA G 85 2.12 0.74 -40.59
C ALA G 85 2.67 -0.57 -40.01
N VAL G 86 2.89 -1.58 -40.85
CA VAL G 86 3.18 -2.92 -40.38
C VAL G 86 4.58 -2.97 -39.86
N HIS G 87 4.79 -3.70 -38.76
CA HIS G 87 6.14 -3.91 -38.25
C HIS G 87 7.08 -4.65 -39.21
N LYS G 88 8.38 -4.63 -38.92
CA LYS G 88 9.37 -5.12 -39.89
C LYS G 88 9.84 -6.52 -39.59
N HIS G 89 9.08 -7.21 -38.77
CA HIS G 89 9.51 -8.53 -38.35
C HIS G 89 8.59 -9.65 -38.84
N TYR G 90 7.91 -9.45 -39.98
CA TYR G 90 7.19 -10.55 -40.62
C TYR G 90 7.98 -11.04 -41.85
N SER G 91 7.79 -12.30 -42.19
CA SER G 91 8.44 -12.90 -43.36
C SER G 91 7.68 -12.52 -44.60
N LEU G 92 8.31 -12.66 -45.76
CA LEU G 92 7.62 -12.53 -47.05
C LEU G 92 6.41 -13.41 -47.06
N VAL G 93 6.58 -14.61 -46.50
CA VAL G 93 5.55 -15.63 -46.56
C VAL G 93 4.35 -15.19 -45.71
N GLN G 94 4.64 -14.69 -44.52
CA GLN G 94 3.56 -14.15 -43.68
C GLN G 94 2.76 -13.03 -44.39
N TRP G 95 3.47 -12.12 -45.04
CA TRP G 95 2.82 -11.09 -45.88
C TRP G 95 1.92 -11.66 -46.99
N GLN G 96 2.41 -12.66 -47.72
CA GLN G 96 1.61 -13.21 -48.79
C GLN G 96 0.39 -13.95 -48.21
N GLU G 97 0.61 -14.65 -47.11
CA GLU G 97 -0.45 -15.25 -46.32
C GLU G 97 -1.55 -14.21 -45.99
N PHE G 98 -1.14 -13.02 -45.57
CA PHE G 98 -2.06 -11.99 -45.12
C PHE G 98 -2.81 -11.41 -46.33
N ALA G 99 -2.05 -11.18 -47.39
CA ALA G 99 -2.54 -10.54 -48.60
C ALA G 99 -3.58 -11.46 -49.25
N GLY G 100 -3.28 -12.75 -49.26
CA GLY G 100 -4.18 -13.73 -49.83
C GLY G 100 -5.50 -13.79 -49.07
N GLN G 101 -5.43 -13.80 -47.74
CA GLN G 101 -6.61 -14.00 -46.88
C GLN G 101 -7.43 -12.72 -46.69
N ASN G 102 -6.80 -11.56 -46.87
CA ASN G 102 -7.40 -10.28 -46.55
C ASN G 102 -7.20 -9.31 -47.70
N PRO G 103 -7.66 -9.71 -48.89
CA PRO G 103 -7.46 -8.93 -50.10
C PRO G 103 -7.95 -7.51 -49.96
N ASP G 104 -9.07 -7.28 -49.28
CA ASP G 104 -9.59 -5.93 -49.11
C ASP G 104 -8.97 -5.14 -48.00
N CYS G 105 -7.87 -5.59 -47.42
CA CYS G 105 -7.26 -4.87 -46.32
C CYS G 105 -5.88 -4.28 -46.65
N LEU G 106 -5.54 -4.24 -47.93
CA LEU G 106 -4.20 -3.88 -48.36
C LEU G 106 -3.98 -2.43 -48.71
N GLU G 107 -5.06 -1.68 -48.90
CA GLU G 107 -4.95 -0.33 -49.40
C GLU G 107 -4.49 0.61 -48.34
N HIS G 108 -4.77 0.30 -47.08
CA HIS G 108 -4.21 1.17 -45.99
C HIS G 108 -3.18 0.41 -45.10
N LEU G 109 -2.20 -0.23 -45.76
CA LEU G 109 -1.04 -0.82 -45.09
C LEU G 109 0.17 -0.13 -45.62
N ALA G 110 1.17 0.01 -44.75
CA ALA G 110 2.53 0.35 -45.17
C ALA G 110 3.51 -0.70 -44.69
N ALA G 111 4.48 -0.99 -45.54
CA ALA G 111 5.64 -1.81 -45.23
C ALA G 111 6.74 -0.86 -44.72
N SER G 112 7.43 -1.30 -43.66
CA SER G 112 8.40 -0.51 -42.92
C SER G 112 9.85 -0.95 -43.13
N SER G 113 10.75 0.03 -43.09
CA SER G 113 12.20 -0.21 -43.18
C SER G 113 13.00 0.88 -42.43
N GLY G 114 14.09 0.48 -41.79
CA GLY G 114 15.19 1.39 -41.47
C GLY G 114 16.10 1.49 -42.68
N THR G 115 17.30 2.03 -42.47
CA THR G 115 18.24 2.36 -43.54
C THR G 115 19.19 1.23 -43.86
N GLY G 116 19.24 0.21 -43.02
CA GLY G 116 20.16 -0.91 -43.28
C GLY G 116 19.86 -1.68 -44.57
N SER G 117 20.89 -2.22 -45.19
CA SER G 117 20.75 -2.97 -46.46
C SER G 117 19.78 -4.17 -46.32
N SER G 118 19.87 -4.83 -45.18
CA SER G 118 18.97 -5.92 -44.88
C SER G 118 17.48 -5.51 -44.77
N ASP G 119 17.22 -4.51 -43.96
CA ASP G 119 15.89 -3.91 -43.91
C ASP G 119 15.36 -3.59 -45.32
N PHE G 120 16.20 -2.91 -46.11
CA PHE G 120 15.77 -2.45 -47.45
C PHE G 120 15.44 -3.61 -48.38
N GLU G 121 16.30 -4.62 -48.38
CA GLU G 121 16.07 -5.81 -49.18
C GLU G 121 14.78 -6.54 -48.83
N GLN G 122 14.43 -6.60 -47.54
CA GLN G 122 13.14 -7.18 -47.10
C GLN G 122 11.98 -6.37 -47.68
N LEU G 123 12.10 -5.05 -47.53
CA LEU G 123 11.07 -4.14 -47.97
C LEU G 123 10.84 -4.35 -49.46
N GLU G 124 11.95 -4.39 -50.20
CA GLU G 124 11.92 -4.55 -51.63
C GLU G 124 11.17 -5.79 -52.02
N GLN G 125 11.50 -6.91 -51.34
CA GLN G 125 10.85 -8.19 -51.61
C GLN G 125 9.37 -8.05 -51.42
N ILE G 126 8.93 -7.50 -50.29
CA ILE G 126 7.51 -7.27 -50.04
C ILE G 126 6.86 -6.43 -51.17
N LEU G 127 7.45 -5.31 -51.51
CA LEU G 127 6.81 -4.40 -52.43
C LEU G 127 6.73 -5.02 -53.81
N GLU G 128 7.79 -5.71 -54.20
CA GLU G 128 7.77 -6.35 -55.51
C GLU G 128 6.72 -7.49 -55.62
N ALA G 129 6.55 -8.24 -54.54
CA ALA G 129 5.63 -9.36 -54.57
C ALA G 129 4.17 -8.89 -54.41
N ILE G 130 3.95 -7.77 -53.73
CA ILE G 130 2.60 -7.36 -53.38
C ILE G 130 2.28 -5.94 -53.86
N PRO G 131 1.89 -5.84 -55.14
CA PRO G 131 1.65 -4.55 -55.80
C PRO G 131 0.62 -3.69 -55.03
N GLN G 132 -0.27 -4.39 -54.32
CA GLN G 132 -1.33 -3.75 -53.57
C GLN G 132 -0.86 -2.90 -52.41
N VAL G 133 0.33 -3.18 -51.89
CA VAL G 133 0.96 -2.39 -50.84
C VAL G 133 1.63 -1.18 -51.48
N LYS G 134 1.07 -0.01 -51.27
CA LYS G 134 1.47 1.17 -52.03
C LYS G 134 2.08 2.26 -51.16
N TYR G 135 2.29 1.93 -49.88
CA TYR G 135 2.89 2.85 -48.88
C TYR G 135 4.14 2.25 -48.25
N ILE G 136 5.14 3.11 -48.01
CA ILE G 136 6.40 2.75 -47.38
C ILE G 136 6.64 3.64 -46.17
N CYS G 137 6.98 3.04 -45.03
CA CYS G 137 7.28 3.80 -43.79
C CYS G 137 8.75 3.69 -43.51
N LEU G 138 9.50 4.75 -43.81
CA LEU G 138 10.94 4.77 -43.57
C LEU G 138 11.10 5.43 -42.22
N ASP G 139 11.72 4.75 -41.29
CA ASP G 139 11.62 5.17 -39.90
C ASP G 139 13.03 5.09 -39.31
N VAL G 140 13.53 6.21 -38.79
CA VAL G 140 14.76 6.20 -37.98
C VAL G 140 14.55 7.14 -36.76
N ALA G 141 15.33 6.92 -35.72
CA ALA G 141 15.15 7.67 -34.49
C ALA G 141 15.55 9.15 -34.75
N ASN G 142 16.56 9.35 -35.61
CA ASN G 142 17.04 10.71 -35.98
C ASN G 142 16.94 11.01 -37.49
N GLY G 143 15.86 11.68 -37.89
CA GLY G 143 15.63 11.98 -39.25
C GLY G 143 16.39 13.19 -39.79
N TYR G 144 17.30 13.75 -38.97
CA TYR G 144 18.10 14.95 -39.26
C TYR G 144 19.42 14.64 -39.94
N SER G 145 19.71 13.36 -39.99
CA SER G 145 20.92 12.89 -40.57
C SER G 145 20.92 12.96 -42.09
N GLU G 146 21.98 13.47 -42.69
CA GLU G 146 22.09 13.56 -44.16
C GLU G 146 22.04 12.16 -44.81
N HIS G 147 22.52 11.14 -44.09
CA HIS G 147 22.47 9.75 -44.53
C HIS G 147 21.02 9.28 -44.68
N PHE G 148 20.14 9.72 -43.79
CA PHE G 148 18.72 9.41 -43.96
C PHE G 148 18.15 10.14 -45.17
N VAL G 149 18.56 11.41 -45.36
CA VAL G 149 18.11 12.20 -46.50
C VAL G 149 18.45 11.45 -47.81
N GLU G 150 19.68 10.95 -47.88
CA GLU G 150 20.13 10.21 -49.06
C GLU G 150 19.39 8.89 -49.24
N PHE G 151 19.01 8.25 -48.14
CA PHE G 151 18.28 6.99 -48.18
C PHE G 151 16.88 7.20 -48.72
N VAL G 152 16.22 8.23 -48.22
CA VAL G 152 14.93 8.64 -48.76
C VAL G 152 14.99 8.88 -50.29
N LYS G 153 15.97 9.63 -50.75
CA LYS G 153 16.13 9.85 -52.20
C LYS G 153 16.25 8.54 -52.95
N ASP G 154 17.02 7.60 -52.39
CA ASP G 154 17.23 6.31 -53.01
C ASP G 154 15.92 5.55 -53.15
N VAL G 155 15.15 5.55 -52.08
CA VAL G 155 13.90 4.80 -52.01
C VAL G 155 12.92 5.38 -53.04
N ARG G 156 12.83 6.71 -53.11
CA ARG G 156 11.95 7.40 -54.07
C ARG G 156 12.31 7.04 -55.48
N LYS G 157 13.60 6.98 -55.77
CA LYS G 157 14.07 6.58 -57.10
C LYS G 157 13.72 5.12 -57.40
N ARG G 158 13.85 4.26 -56.40
CA ARG G 158 13.53 2.85 -56.58
C ARG G 158 12.02 2.62 -56.73
N PHE G 159 11.23 3.41 -56.01
CA PHE G 159 9.77 3.23 -55.99
C PHE G 159 9.05 4.55 -56.27
N PRO G 160 9.10 4.99 -57.54
CA PRO G 160 8.50 6.28 -57.89
C PRO G 160 7.03 6.46 -57.65
N GLN G 161 6.25 5.36 -57.65
CA GLN G 161 4.79 5.43 -57.44
C GLN G 161 4.30 5.03 -56.05
N HIS G 162 5.19 4.64 -55.17
CA HIS G 162 4.82 4.43 -53.77
C HIS G 162 4.82 5.73 -52.99
N THR G 163 3.84 5.85 -52.12
CA THR G 163 3.78 6.95 -51.18
C THR G 163 4.74 6.66 -49.98
N ILE G 164 5.59 7.64 -49.66
CA ILE G 164 6.65 7.44 -48.70
C ILE G 164 6.42 8.28 -47.44
N MET G 165 6.26 7.60 -46.30
CA MET G 165 6.31 8.21 -44.97
C MET G 165 7.74 8.11 -44.47
N ALA G 166 8.27 9.22 -43.95
CA ALA G 166 9.66 9.27 -43.45
C ALA G 166 9.72 10.13 -42.23
N GLY G 167 10.49 9.69 -41.24
CA GLY G 167 10.76 10.48 -40.02
C GLY G 167 11.76 9.73 -39.19
N ASN G 168 12.08 10.23 -37.99
CA ASN G 168 11.29 11.29 -37.35
C ASN G 168 12.04 12.61 -37.19
N VAL G 169 11.29 13.69 -37.37
CA VAL G 169 11.79 15.05 -37.10
C VAL G 169 10.78 15.83 -36.28
N VAL G 170 11.18 17.02 -35.85
CA VAL G 170 10.30 17.89 -35.02
C VAL G 170 10.25 19.35 -35.49
N THR G 171 11.02 19.70 -36.54
CA THR G 171 11.11 21.10 -36.98
C THR G 171 10.96 21.27 -38.48
N GLY G 172 10.63 22.48 -38.93
CA GLY G 172 10.10 22.68 -40.27
C GLY G 172 11.17 22.57 -41.35
N GLU G 173 12.40 22.94 -41.02
CA GLU G 173 13.48 22.89 -42.02
C GLU G 173 13.72 21.46 -42.46
N MET G 174 13.63 20.53 -41.53
CA MET G 174 13.89 19.13 -41.88
C MET G 174 12.70 18.51 -42.59
N VAL G 175 11.50 18.95 -42.23
CA VAL G 175 10.29 18.56 -42.97
C VAL G 175 10.45 18.89 -44.44
N GLU G 176 10.80 20.15 -44.70
CA GLU G 176 11.01 20.59 -46.05
C GLU G 176 12.11 19.78 -46.77
N GLU G 177 13.23 19.56 -46.09
CA GLU G 177 14.30 18.84 -46.73
C GLU G 177 13.86 17.45 -47.16
N LEU G 178 13.10 16.81 -46.29
CA LEU G 178 12.67 15.43 -46.53
C LEU G 178 11.65 15.33 -47.63
N ILE G 179 10.70 16.28 -47.65
CA ILE G 179 9.72 16.38 -48.77
C ILE G 179 10.42 16.66 -50.09
N LEU G 180 11.39 17.58 -50.08
CA LEU G 180 12.06 17.87 -51.32
C LEU G 180 12.96 16.73 -51.81
N SER G 181 13.37 15.85 -50.89
CA SER G 181 14.19 14.70 -51.21
C SER G 181 13.37 13.47 -51.63
N GLY G 182 12.05 13.56 -51.55
CA GLY G 182 11.24 12.47 -52.04
C GLY G 182 10.08 12.01 -51.20
N ALA G 183 10.12 12.35 -49.92
CA ALA G 183 9.09 11.87 -48.98
C ALA G 183 7.77 12.60 -49.24
N ASP G 184 6.67 11.87 -49.07
CA ASP G 184 5.33 12.42 -49.25
C ASP G 184 4.79 12.93 -47.92
N ILE G 185 5.06 12.15 -46.89
CA ILE G 185 4.46 12.34 -45.57
C ILE G 185 5.52 12.31 -44.50
N ILE G 186 5.61 13.33 -43.66
CA ILE G 186 6.67 13.34 -42.66
C ILE G 186 6.17 12.97 -41.30
N LYS G 187 6.89 12.05 -40.65
CA LYS G 187 6.57 11.61 -39.29
C LYS G 187 7.26 12.54 -38.29
N VAL G 188 6.42 13.10 -37.43
CA VAL G 188 6.81 14.14 -36.52
C VAL G 188 6.73 13.65 -35.07
N GLY G 189 7.88 13.74 -34.39
CA GLY G 189 8.00 13.51 -32.98
C GLY G 189 9.28 12.89 -32.55
N ILE G 190 9.97 13.52 -31.62
CA ILE G 190 11.23 12.98 -31.04
C ILE G 190 11.05 12.99 -29.52
N GLY G 191 10.93 11.80 -28.96
CA GLY G 191 10.80 11.60 -27.56
C GLY G 191 9.46 11.71 -26.86
N PRO G 192 8.34 11.89 -27.59
CA PRO G 192 7.10 11.99 -26.88
C PRO G 192 6.47 10.64 -26.52
N GLY G 193 7.01 9.55 -27.06
CA GLY G 193 6.32 8.28 -26.98
C GLY G 193 6.23 7.68 -25.59
N SER G 194 5.09 7.05 -25.31
CA SER G 194 4.82 6.35 -24.07
C SER G 194 5.95 5.45 -23.54
N VAL G 195 6.69 4.76 -24.41
CA VAL G 195 7.80 3.91 -23.93
C VAL G 195 9.15 4.32 -24.48
N CYS G 196 9.23 5.59 -24.85
CA CYS G 196 10.45 6.20 -25.27
C CYS G 196 11.23 6.74 -24.07
N THR G 197 12.55 6.64 -24.11
CA THR G 197 13.40 7.19 -23.07
C THR G 197 14.46 8.19 -23.62
N THR G 198 14.32 8.56 -24.86
CA THR G 198 15.21 9.53 -25.53
C THR G 198 15.45 10.78 -24.66
N ARG G 199 14.40 11.35 -24.07
CA ARG G 199 14.56 12.58 -23.31
C ARG G 199 15.39 12.39 -22.08
N LYS G 200 15.17 11.25 -21.38
CA LYS G 200 15.95 10.92 -20.23
C LYS G 200 17.39 10.53 -20.56
N LYS G 201 17.57 9.81 -21.66
CA LYS G 201 18.89 9.32 -22.04
C LYS G 201 19.77 10.39 -22.73
N THR G 202 19.15 11.39 -23.37
CA THR G 202 19.92 12.32 -24.18
C THR G 202 19.56 13.77 -23.99
N GLY G 203 18.36 14.03 -23.44
CA GLY G 203 17.96 15.43 -23.24
C GLY G 203 17.34 16.04 -24.49
N VAL G 204 17.25 15.28 -25.58
CA VAL G 204 16.81 15.79 -26.84
C VAL G 204 15.32 15.59 -26.98
N GLY G 205 14.63 16.58 -27.54
CA GLY G 205 13.21 16.38 -27.86
C GLY G 205 12.52 17.67 -28.23
N TYR G 206 11.21 17.65 -28.34
CA TYR G 206 10.47 18.86 -28.67
C TYR G 206 9.02 18.64 -28.22
N PRO G 207 8.43 19.61 -27.54
CA PRO G 207 7.03 19.41 -27.20
C PRO G 207 6.17 19.16 -28.43
N GLN G 208 5.35 18.13 -28.33
CA GLN G 208 4.74 17.51 -29.50
C GLN G 208 3.70 18.38 -30.20
N LEU G 209 2.93 19.14 -29.43
CA LEU G 209 1.89 20.00 -30.04
C LEU G 209 2.57 21.14 -30.82
N SER G 210 3.58 21.76 -30.25
CA SER G 210 4.35 22.78 -30.97
C SER G 210 5.05 22.20 -32.20
N ALA G 211 5.62 21.01 -32.06
CA ALA G 211 6.22 20.32 -33.21
C ALA G 211 5.22 20.14 -34.32
N VAL G 212 4.04 19.60 -33.98
CA VAL G 212 3.00 19.44 -34.99
C VAL G 212 2.60 20.74 -35.71
N MET G 213 2.31 21.77 -34.94
CA MET G 213 1.97 23.04 -35.55
C MET G 213 3.06 23.54 -36.55
N GLU G 214 4.30 23.57 -36.12
CA GLU G 214 5.41 24.00 -36.94
C GLU G 214 5.52 23.13 -38.18
N CYS G 215 5.53 21.84 -38.00
CA CYS G 215 5.84 20.93 -39.09
C CYS G 215 4.71 20.85 -40.10
N ALA G 216 3.47 20.90 -39.62
CA ALA G 216 2.29 21.01 -40.48
C ALA G 216 2.34 22.23 -41.40
N ASP G 217 2.64 23.39 -40.84
CA ASP G 217 2.79 24.57 -41.69
C ASP G 217 3.86 24.38 -42.74
N ALA G 218 5.01 23.82 -42.36
CA ALA G 218 6.12 23.60 -43.28
C ALA G 218 5.72 22.67 -44.39
N ALA G 219 5.11 21.57 -44.01
CA ALA G 219 4.71 20.51 -44.97
C ALA G 219 3.65 21.02 -45.90
N HIS G 220 2.69 21.69 -45.32
CA HIS G 220 1.57 22.21 -46.11
C HIS G 220 1.99 23.26 -47.14
N GLY G 221 3.02 24.03 -46.81
CA GLY G 221 3.59 24.99 -47.75
C GLY G 221 4.11 24.36 -49.03
N LEU G 222 4.56 23.11 -48.98
CA LEU G 222 5.01 22.35 -50.12
C LEU G 222 3.95 21.41 -50.66
N LYS G 223 2.72 21.49 -50.15
CA LYS G 223 1.64 20.54 -50.48
C LYS G 223 1.99 19.11 -50.10
N GLY G 224 2.79 18.95 -49.05
CA GLY G 224 3.04 17.63 -48.46
C GLY G 224 2.18 17.46 -47.22
N HIS G 225 2.48 16.40 -46.43
CA HIS G 225 1.63 15.96 -45.34
C HIS G 225 2.48 15.54 -44.16
N ILE G 226 1.88 15.54 -42.98
CA ILE G 226 2.60 15.03 -41.79
C ILE G 226 1.77 14.02 -41.00
N ILE G 227 2.48 13.22 -40.21
CA ILE G 227 1.91 12.33 -39.21
C ILE G 227 2.36 12.87 -37.84
N SER G 228 1.43 13.04 -36.93
CA SER G 228 1.83 13.33 -35.51
C SER G 228 2.07 11.95 -34.89
N ASP G 229 3.35 11.64 -34.61
CA ASP G 229 3.75 10.31 -34.16
C ASP G 229 4.22 10.30 -32.71
N GLY G 230 3.32 9.83 -31.82
CA GLY G 230 3.60 9.55 -30.43
C GLY G 230 3.03 10.59 -29.49
N GLY G 231 2.90 10.16 -28.26
CA GLY G 231 2.46 11.03 -27.20
C GLY G 231 0.98 11.19 -26.96
N CYS G 232 0.14 10.62 -27.80
CA CYS G 232 -1.32 10.61 -27.53
C CYS G 232 -1.71 9.55 -26.54
N SER G 233 -2.34 9.93 -25.42
CA SER G 233 -2.78 8.89 -24.47
C SER G 233 -4.29 8.90 -24.23
N CYS G 234 -5.03 9.75 -24.95
CA CYS G 234 -6.46 9.73 -24.92
C CYS G 234 -6.99 10.26 -26.23
N PRO G 235 -8.29 10.04 -26.49
CA PRO G 235 -8.84 10.56 -27.74
C PRO G 235 -8.69 12.08 -27.94
N GLY G 236 -8.75 12.80 -26.86
CA GLY G 236 -8.57 14.25 -26.83
C GLY G 236 -7.24 14.69 -27.39
N ASP G 237 -6.17 13.96 -27.03
CA ASP G 237 -4.86 14.21 -27.61
C ASP G 237 -4.88 14.02 -29.15
N VAL G 238 -5.53 12.97 -29.63
CA VAL G 238 -5.66 12.71 -31.05
C VAL G 238 -6.40 13.86 -31.73
N ALA G 239 -7.49 14.35 -31.12
CA ALA G 239 -8.24 15.49 -31.65
C ALA G 239 -7.38 16.76 -31.67
N LYS G 240 -6.56 16.93 -30.65
CA LYS G 240 -5.69 18.11 -30.60
C LYS G 240 -4.63 18.10 -31.68
N ALA G 241 -4.06 16.94 -31.92
CA ALA G 241 -3.08 16.77 -32.99
C ALA G 241 -3.67 17.10 -34.38
N PHE G 242 -4.89 16.68 -34.63
CA PHE G 242 -5.61 17.03 -35.81
C PHE G 242 -5.88 18.52 -35.84
N GLY G 243 -6.34 19.06 -34.73
CA GLY G 243 -6.68 20.47 -34.70
C GLY G 243 -5.47 21.34 -35.01
N ALA G 244 -4.29 20.87 -34.62
CA ALA G 244 -3.01 21.58 -34.79
C ALA G 244 -2.52 21.47 -36.24
N GLY G 245 -3.18 20.62 -37.02
CA GLY G 245 -2.89 20.52 -38.46
C GLY G 245 -2.26 19.23 -38.92
N ALA G 246 -2.13 18.25 -38.04
CA ALA G 246 -1.68 16.92 -38.50
C ALA G 246 -2.66 16.30 -39.46
N ASP G 247 -2.11 15.72 -40.53
CA ASP G 247 -2.89 15.03 -41.55
C ASP G 247 -3.31 13.65 -41.07
N PHE G 248 -2.34 13.01 -40.44
CA PHE G 248 -2.47 11.70 -39.79
C PHE G 248 -2.00 11.76 -38.33
N VAL G 249 -2.53 10.85 -37.53
CA VAL G 249 -2.00 10.61 -36.18
C VAL G 249 -1.66 9.13 -36.03
N MET G 250 -0.48 8.86 -35.49
CA MET G 250 0.00 7.49 -35.27
C MET G 250 0.04 7.19 -33.78
N LEU G 251 -0.45 6.00 -33.43
CA LEU G 251 -0.67 5.59 -32.10
C LEU G 251 0.04 4.25 -31.84
N GLY G 252 0.77 4.21 -30.74
CA GLY G 252 1.41 2.99 -30.21
C GLY G 252 0.68 2.58 -28.95
N GLY G 253 0.97 3.26 -27.85
CA GLY G 253 0.45 2.85 -26.52
C GLY G 253 -1.05 2.72 -26.41
N MET G 254 -1.81 3.62 -27.07
CA MET G 254 -3.25 3.51 -27.03
C MET G 254 -3.72 2.19 -27.69
N LEU G 255 -2.93 1.66 -28.61
CA LEU G 255 -3.27 0.40 -29.25
C LEU G 255 -2.58 -0.86 -28.68
N ALA G 256 -1.59 -0.66 -27.82
CA ALA G 256 -0.93 -1.74 -27.08
C ALA G 256 -1.92 -2.38 -26.09
N GLY G 257 -1.68 -3.64 -25.73
CA GLY G 257 -2.45 -4.25 -24.65
C GLY G 257 -3.77 -4.91 -24.94
N HIS G 258 -4.05 -5.07 -26.21
CA HIS G 258 -5.31 -5.64 -26.68
C HIS G 258 -5.03 -7.05 -27.22
N SER G 259 -6.12 -7.79 -27.43
CA SER G 259 -6.10 -9.06 -28.06
C SER G 259 -5.28 -9.12 -29.36
N GLU G 260 -5.45 -8.10 -30.19
CA GLU G 260 -4.81 -8.04 -31.49
C GLU G 260 -3.37 -7.52 -31.44
N SER G 261 -2.99 -6.96 -30.30
CA SER G 261 -1.61 -6.49 -30.09
C SER G 261 -0.68 -7.66 -29.97
N GLY G 262 0.59 -7.42 -30.25
CA GLY G 262 1.63 -8.35 -29.88
C GLY G 262 1.99 -8.06 -28.43
N GLY G 263 3.09 -8.65 -27.98
CA GLY G 263 3.44 -8.58 -26.58
C GLY G 263 2.92 -9.82 -25.87
N GLU G 264 3.77 -10.47 -25.10
CA GLU G 264 3.35 -11.65 -24.38
C GLU G 264 2.21 -11.31 -23.41
N LEU G 265 1.19 -12.16 -23.40
CA LEU G 265 0.13 -12.17 -22.39
C LEU G 265 0.63 -12.85 -21.12
N ILE G 266 0.61 -12.09 -20.04
CA ILE G 266 1.14 -12.54 -18.79
C ILE G 266 0.08 -12.47 -17.71
N GLU G 267 -0.29 -13.61 -17.20
CA GLU G 267 -1.27 -13.63 -16.14
C GLU G 267 -0.52 -13.84 -14.85
N ARG G 268 -0.52 -12.84 -13.98
CA ARG G 268 0.18 -12.98 -12.72
C ARG G 268 -0.59 -12.30 -11.62
N ASP G 269 -0.57 -12.93 -10.46
CA ASP G 269 -1.30 -12.44 -9.30
C ASP G 269 -2.76 -12.15 -9.66
N GLY G 270 -3.34 -13.00 -10.48
CA GLY G 270 -4.75 -12.90 -10.73
C GLY G 270 -5.19 -11.90 -11.74
N LYS G 271 -4.23 -11.20 -12.35
CA LYS G 271 -4.54 -10.21 -13.34
C LYS G 271 -3.79 -10.53 -14.64
N LYS G 272 -4.30 -9.99 -15.73
CA LYS G 272 -3.67 -10.13 -17.05
C LYS G 272 -3.02 -8.87 -17.53
N TYR G 273 -1.86 -9.05 -18.14
CA TYR G 273 -1.02 -7.95 -18.64
C TYR G 273 -0.51 -8.34 -20.00
N LYS G 274 -0.14 -7.35 -20.78
CA LYS G 274 0.57 -7.56 -22.03
C LYS G 274 1.84 -6.73 -22.04
N LEU G 275 2.93 -7.34 -22.50
CA LEU G 275 4.16 -6.57 -22.69
C LEU G 275 3.99 -5.52 -23.79
N PHE G 276 4.65 -4.40 -23.56
CA PHE G 276 4.71 -3.32 -24.53
C PHE G 276 6.06 -2.64 -24.30
N TYR G 277 6.79 -2.43 -25.40
CA TYR G 277 8.17 -1.96 -25.28
C TYR G 277 8.63 -1.11 -26.46
N GLY G 278 9.62 -0.25 -26.19
CA GLY G 278 10.27 0.51 -27.23
C GLY G 278 11.00 -0.34 -28.25
N MET G 279 11.01 0.08 -29.50
CA MET G 279 11.81 -0.57 -30.51
C MET G 279 13.29 -0.36 -30.34
N SER G 280 13.69 0.59 -29.47
CA SER G 280 15.08 0.62 -29.06
C SER G 280 15.31 0.28 -27.60
N SER G 281 14.32 -0.35 -26.97
CA SER G 281 14.51 -0.97 -25.68
C SER G 281 15.46 -2.15 -25.74
N GLU G 282 16.07 -2.43 -24.58
CA GLU G 282 16.88 -3.64 -24.43
C GLU G 282 16.08 -4.91 -24.78
N MET G 283 14.82 -4.92 -24.41
CA MET G 283 13.91 -6.01 -24.76
C MET G 283 13.85 -6.26 -26.27
N ALA G 284 13.63 -5.18 -27.01
CA ALA G 284 13.59 -5.29 -28.49
C ALA G 284 14.95 -5.71 -29.06
N MET G 285 16.02 -5.03 -28.65
CA MET G 285 17.34 -5.36 -29.14
C MET G 285 17.73 -6.81 -28.92
N LYS G 286 17.37 -7.35 -27.76
CA LYS G 286 17.70 -8.71 -27.44
C LYS G 286 16.92 -9.63 -28.34
N LYS G 287 15.64 -9.32 -28.53
CA LYS G 287 14.73 -10.11 -29.35
C LYS G 287 15.18 -10.24 -30.80
N TYR G 288 15.75 -9.20 -31.33
CA TYR G 288 16.04 -9.10 -32.76
C TYR G 288 17.52 -8.89 -32.98
N ALA G 297 23.21 1.34 -26.61
CA ALA G 297 22.52 2.52 -26.04
C ALA G 297 21.03 2.37 -26.28
N SER G 298 20.22 2.20 -25.25
CA SER G 298 18.80 2.11 -25.55
C SER G 298 18.18 3.45 -25.31
N GLU G 299 17.15 3.70 -26.11
CA GLU G 299 16.25 4.79 -25.93
C GLU G 299 14.81 4.35 -25.79
N GLY G 300 14.60 3.15 -25.27
CA GLY G 300 13.24 2.64 -25.04
C GLY G 300 13.15 1.89 -23.74
N LYS G 301 11.94 1.76 -23.20
CA LYS G 301 11.71 0.95 -22.03
C LYS G 301 10.62 -0.13 -22.27
N THR G 302 10.47 -0.97 -21.26
CA THR G 302 9.39 -1.98 -21.22
C THR G 302 8.40 -1.63 -20.15
N VAL G 303 7.14 -1.82 -20.46
CA VAL G 303 6.10 -1.82 -19.44
C VAL G 303 5.20 -3.03 -19.60
N GLU G 304 4.39 -3.28 -18.56
CA GLU G 304 3.30 -4.25 -18.62
C GLU G 304 1.97 -3.55 -18.55
N VAL G 305 1.25 -3.64 -19.64
CA VAL G 305 -0.04 -2.99 -19.83
C VAL G 305 -1.17 -3.91 -19.35
N PRO G 306 -2.02 -3.43 -18.42
CA PRO G 306 -3.20 -4.23 -18.10
C PRO G 306 -4.01 -4.59 -19.35
N PHE G 307 -4.40 -5.85 -19.47
CA PHE G 307 -4.99 -6.35 -20.70
C PHE G 307 -6.30 -5.63 -21.00
N LYS G 308 -6.46 -5.20 -22.24
CA LYS G 308 -7.56 -4.35 -22.61
C LYS G 308 -8.65 -5.10 -23.38
N GLY G 309 -8.41 -6.31 -23.85
CA GLY G 309 -9.42 -6.99 -24.58
C GLY G 309 -9.38 -6.57 -26.02
N ASP G 310 -10.52 -6.71 -26.69
CA ASP G 310 -10.56 -6.47 -28.12
C ASP G 310 -10.42 -4.99 -28.53
N VAL G 311 -9.59 -4.75 -29.55
CA VAL G 311 -9.28 -3.37 -29.98
C VAL G 311 -10.47 -2.60 -30.57
N GLU G 312 -11.48 -3.28 -31.09
CA GLU G 312 -12.62 -2.57 -31.65
C GLU G 312 -13.23 -1.56 -30.66
N HIS G 313 -13.21 -1.90 -29.38
CA HIS G 313 -13.84 -1.03 -28.35
C HIS G 313 -13.06 0.29 -28.16
N THR G 314 -11.74 0.18 -28.23
CA THR G 314 -10.87 1.32 -28.20
C THR G 314 -11.02 2.21 -29.43
N ILE G 315 -11.08 1.60 -30.61
CA ILE G 315 -11.25 2.37 -31.80
C ILE G 315 -12.57 3.15 -31.73
N ARG G 316 -13.63 2.48 -31.27
CA ARG G 316 -14.92 3.20 -31.16
C ARG G 316 -14.81 4.37 -30.20
N ASP G 317 -14.06 4.20 -29.11
CA ASP G 317 -13.91 5.25 -28.13
C ASP G 317 -13.13 6.43 -28.74
N ILE G 318 -12.08 6.13 -29.48
CA ILE G 318 -11.25 7.17 -30.12
C ILE G 318 -12.06 7.95 -31.16
N LEU G 319 -12.71 7.24 -32.07
CA LEU G 319 -13.48 7.92 -33.10
C LEU G 319 -14.67 8.66 -32.54
N GLY G 320 -15.33 8.06 -31.55
CA GLY G 320 -16.45 8.72 -30.86
C GLY G 320 -16.05 10.05 -30.20
N GLY G 321 -14.86 10.08 -29.60
CA GLY G 321 -14.30 11.29 -29.03
C GLY G 321 -14.08 12.31 -30.10
N ILE G 322 -13.52 11.93 -31.25
CA ILE G 322 -13.17 12.92 -32.25
C ILE G 322 -14.43 13.48 -32.94
N ARG G 323 -15.44 12.63 -33.11
CA ARG G 323 -16.71 13.11 -33.65
C ARG G 323 -17.28 14.22 -32.76
N SER G 324 -17.17 13.97 -31.47
CA SER G 324 -17.68 14.92 -30.45
C SER G 324 -16.89 16.27 -30.52
N THR G 325 -15.56 16.20 -30.63
CA THR G 325 -14.75 17.43 -30.85
C THR G 325 -15.28 18.21 -32.06
N CYS G 326 -15.50 17.49 -33.17
CA CYS G 326 -15.97 18.13 -34.39
C CYS G 326 -17.32 18.81 -34.19
N THR G 327 -18.25 18.15 -33.51
CA THR G 327 -19.53 18.77 -33.24
C THR G 327 -19.39 20.01 -32.34
N TYR G 328 -18.45 19.97 -31.43
CA TYR G 328 -18.25 21.13 -30.53
C TYR G 328 -17.67 22.34 -31.26
N VAL G 329 -16.90 22.13 -32.32
CA VAL G 329 -16.27 23.25 -33.03
C VAL G 329 -16.98 23.60 -34.36
N GLY G 330 -17.98 22.80 -34.76
CA GLY G 330 -18.77 23.06 -35.96
C GLY G 330 -18.18 22.45 -37.24
N ALA G 331 -17.36 21.44 -37.08
CA ALA G 331 -16.69 20.73 -38.20
C ALA G 331 -17.51 19.54 -38.67
N ALA G 332 -18.09 19.63 -39.86
CA ALA G 332 -18.92 18.51 -40.33
C ALA G 332 -18.07 17.39 -40.85
N LYS G 333 -16.84 17.73 -41.18
CA LYS G 333 -15.86 16.83 -41.73
C LYS G 333 -14.52 17.07 -41.04
N LEU G 334 -13.76 16.01 -40.86
CA LEU G 334 -12.43 16.11 -40.31
C LEU G 334 -11.53 17.16 -41.00
N LYS G 335 -11.64 17.28 -42.31
CA LYS G 335 -10.93 18.33 -43.10
C LYS G 335 -11.09 19.73 -42.49
N GLU G 336 -12.25 19.99 -41.86
CA GLU G 336 -12.54 21.28 -41.31
C GLU G 336 -12.02 21.51 -39.88
N LEU G 337 -11.60 20.46 -39.21
CA LEU G 337 -11.24 20.58 -37.79
C LEU G 337 -10.11 21.61 -37.53
N SER G 338 -9.02 21.46 -38.27
CA SER G 338 -7.89 22.35 -38.09
C SER G 338 -8.28 23.79 -38.36
N ARG G 339 -9.09 24.03 -39.39
CA ARG G 339 -9.47 25.41 -39.67
C ARG G 339 -10.38 25.98 -38.60
N ARG G 340 -11.17 25.14 -37.94
CA ARG G 340 -12.07 25.61 -36.88
C ARG G 340 -11.48 25.54 -35.47
N THR G 341 -10.21 25.15 -35.39
CA THR G 341 -9.54 25.01 -34.10
C THR G 341 -8.93 26.35 -33.59
N THR G 342 -9.36 26.77 -32.40
CA THR G 342 -8.71 27.78 -31.60
C THR G 342 -8.32 27.16 -30.27
N PHE G 343 -7.02 27.15 -29.99
CA PHE G 343 -6.53 26.60 -28.75
C PHE G 343 -6.60 27.61 -27.63
N ILE G 344 -7.03 27.14 -26.45
CA ILE G 344 -6.99 27.92 -25.20
C ILE G 344 -5.85 27.35 -24.38
N ARG G 345 -4.92 28.20 -23.97
CA ARG G 345 -3.87 27.75 -23.04
C ARG G 345 -4.42 27.58 -21.60
N VAL G 346 -4.10 26.45 -20.97
CA VAL G 346 -4.55 26.13 -19.61
C VAL G 346 -3.37 25.90 -18.65
N THR G 347 -3.64 25.87 -17.35
CA THR G 347 -2.62 25.41 -16.36
C THR G 347 -3.00 24.11 -15.71
N SER H 19 -6.94 32.44 -18.50
CA SER H 19 -7.12 30.96 -18.55
C SER H 19 -7.13 30.43 -17.16
N LEU H 20 -8.03 30.93 -16.35
CA LEU H 20 -7.99 30.64 -14.95
C LEU H 20 -9.02 29.61 -14.52
N ASP H 21 -8.57 28.69 -13.66
CA ASP H 21 -9.43 27.83 -12.88
C ASP H 21 -9.51 28.34 -11.46
N PHE H 22 -10.43 27.77 -10.69
CA PHE H 22 -10.65 28.19 -9.31
C PHE H 22 -9.36 28.13 -8.51
N LYS H 23 -8.57 27.10 -8.75
CA LYS H 23 -7.32 26.87 -7.98
C LYS H 23 -6.27 27.94 -8.27
N ASP H 24 -6.47 28.72 -9.32
CA ASP H 24 -5.48 29.68 -9.70
C ASP H 24 -5.57 31.01 -8.93
N VAL H 25 -6.56 31.17 -8.05
CA VAL H 25 -6.78 32.44 -7.42
C VAL H 25 -7.17 32.30 -5.95
N LEU H 26 -6.93 33.42 -5.25
CA LEU H 26 -7.51 33.68 -3.95
C LEU H 26 -8.19 35.06 -3.95
N LEU H 27 -9.18 35.25 -3.08
CA LEU H 27 -9.77 36.57 -2.85
C LEU H 27 -9.00 37.34 -1.82
N ARG H 28 -8.75 38.63 -2.11
CA ARG H 28 -8.05 39.48 -1.20
C ARG H 28 -9.01 39.92 -0.09
N PRO H 29 -8.59 39.83 1.16
CA PRO H 29 -9.48 40.38 2.19
C PRO H 29 -9.44 41.91 2.19
N LYS H 30 -10.48 42.53 2.72
CA LYS H 30 -10.64 43.98 2.68
C LYS H 30 -11.28 44.46 3.98
N ARG H 31 -10.97 45.69 4.38
CA ARG H 31 -11.57 46.31 5.56
C ARG H 31 -13.09 46.13 5.57
N SER H 32 -13.65 45.65 6.69
CA SER H 32 -15.12 45.58 6.88
C SER H 32 -15.65 46.03 8.23
N THR H 33 -16.94 46.34 8.20
CA THR H 33 -17.69 46.78 9.34
C THR H 33 -18.44 45.55 9.90
N LEU H 34 -18.29 44.41 9.24
CA LEU H 34 -18.93 43.17 9.71
C LEU H 34 -18.29 42.64 11.00
N LYS H 35 -19.13 42.32 11.98
CA LYS H 35 -18.68 41.80 13.29
C LYS H 35 -18.73 40.28 13.36
N SER H 36 -19.67 39.68 12.64
CA SER H 36 -19.95 38.24 12.77
C SER H 36 -20.41 37.65 11.46
N ARG H 37 -19.98 36.43 11.19
CA ARG H 37 -20.48 35.71 10.02
C ARG H 37 -22.00 35.59 10.01
N SER H 38 -22.62 35.57 11.19
CA SER H 38 -24.11 35.43 11.26
C SER H 38 -24.85 36.67 10.71
N GLU H 39 -24.16 37.78 10.55
CA GLU H 39 -24.76 38.97 9.94
C GLU H 39 -24.94 38.87 8.42
N VAL H 40 -24.23 37.97 7.75
CA VAL H 40 -24.21 37.93 6.27
C VAL H 40 -25.46 37.33 5.74
N ASP H 41 -26.09 38.04 4.81
CA ASP H 41 -27.24 37.50 4.08
C ASP H 41 -26.85 36.86 2.73
N LEU H 42 -27.04 35.57 2.62
CA LEU H 42 -26.70 34.82 1.41
C LEU H 42 -27.86 34.72 0.42
N THR H 43 -29.00 35.34 0.70
CA THR H 43 -30.06 35.33 -0.28
C THR H 43 -29.78 36.40 -1.31
N ARG H 44 -30.32 36.17 -2.50
CA ARG H 44 -30.33 37.15 -3.57
C ARG H 44 -31.75 37.24 -4.10
N SER H 45 -32.03 38.38 -4.69
CA SER H 45 -33.24 38.64 -5.44
C SER H 45 -32.86 38.95 -6.89
N PHE H 46 -33.51 38.28 -7.82
CA PHE H 46 -33.33 38.55 -9.23
C PHE H 46 -34.67 38.77 -9.90
N SER H 47 -34.63 39.51 -11.00
CA SER H 47 -35.77 39.68 -11.94
C SER H 47 -35.29 39.24 -13.29
N PHE H 48 -35.98 38.29 -13.90
CA PHE H 48 -35.41 37.64 -15.09
C PHE H 48 -35.79 38.39 -16.37
N ARG H 49 -34.80 38.50 -17.26
CA ARG H 49 -34.95 39.32 -18.49
C ARG H 49 -36.16 38.99 -19.32
N ASN H 50 -36.39 37.71 -19.56
CA ASN H 50 -37.37 37.28 -20.53
C ASN H 50 -38.69 36.79 -19.91
N SER H 51 -38.63 35.94 -18.90
CA SER H 51 -39.83 35.48 -18.20
C SER H 51 -40.47 36.60 -17.40
N LYS H 52 -39.68 37.58 -17.00
CA LYS H 52 -40.15 38.67 -16.14
C LYS H 52 -40.53 38.20 -14.73
N GLN H 53 -40.14 37.00 -14.35
CA GLN H 53 -40.43 36.50 -13.03
C GLN H 53 -39.39 36.93 -12.04
N THR H 54 -39.70 36.80 -10.75
CA THR H 54 -38.75 37.19 -9.69
C THR H 54 -38.37 36.02 -8.79
N TYR H 55 -37.14 36.07 -8.33
CA TYR H 55 -36.54 35.00 -7.54
C TYR H 55 -36.10 35.62 -6.22
N SER H 56 -36.26 34.88 -5.13
CA SER H 56 -35.55 35.22 -3.92
C SER H 56 -35.18 33.94 -3.22
N GLY H 57 -33.89 33.76 -2.96
CA GLY H 57 -33.41 32.51 -2.36
C GLY H 57 -31.89 32.54 -2.29
N VAL H 58 -31.31 31.47 -1.77
CA VAL H 58 -29.86 31.32 -1.77
C VAL H 58 -29.50 30.64 -3.10
N PRO H 59 -28.77 31.33 -3.99
CA PRO H 59 -28.62 30.85 -5.36
C PRO H 59 -27.56 29.74 -5.62
N ILE H 60 -27.71 28.64 -4.89
CA ILE H 60 -26.92 27.44 -5.06
C ILE H 60 -27.88 26.40 -5.48
N ILE H 61 -27.53 25.70 -6.57
CA ILE H 61 -28.42 24.77 -7.20
C ILE H 61 -27.86 23.32 -7.21
N ALA H 62 -28.67 22.36 -6.75
CA ALA H 62 -28.30 20.93 -6.92
C ALA H 62 -28.47 20.57 -8.39
N ALA H 63 -27.42 20.00 -8.99
CA ALA H 63 -27.40 19.66 -10.39
C ALA H 63 -28.44 18.65 -10.73
N ASN H 64 -28.87 18.69 -11.99
CA ASN H 64 -29.89 17.81 -12.48
C ASN H 64 -29.35 16.42 -12.87
N MET H 65 -28.32 15.96 -12.17
CA MET H 65 -27.83 14.62 -12.35
C MET H 65 -28.76 13.67 -11.57
N ASP H 66 -28.91 12.45 -12.05
CA ASP H 66 -29.85 11.53 -11.43
C ASP H 66 -29.52 11.11 -10.00
N THR H 67 -28.27 11.36 -9.60
CA THR H 67 -27.80 11.05 -8.25
C THR H 67 -27.83 12.28 -7.37
N VAL H 68 -28.15 13.45 -7.93
CA VAL H 68 -28.04 14.71 -7.14
C VAL H 68 -29.36 15.43 -7.06
N GLY H 69 -29.99 15.58 -8.22
CA GLY H 69 -31.26 16.33 -8.37
C GLY H 69 -32.48 15.51 -8.01
N THR H 70 -32.50 15.05 -6.76
CA THR H 70 -33.50 14.14 -6.31
C THR H 70 -34.50 14.86 -5.43
N PHE H 71 -35.65 14.20 -5.23
CA PHE H 71 -36.70 14.71 -4.37
C PHE H 71 -36.25 14.74 -2.90
N GLU H 72 -35.47 13.76 -2.49
CA GLU H 72 -34.97 13.79 -1.13
C GLU H 72 -33.99 14.97 -0.93
N MET H 73 -33.17 15.24 -1.96
CA MET H 73 -32.28 16.38 -1.94
C MET H 73 -33.07 17.67 -1.83
N ALA H 74 -34.10 17.80 -2.64
CA ALA H 74 -34.90 19.04 -2.66
C ALA H 74 -35.53 19.36 -1.32
N LYS H 75 -36.02 18.35 -0.61
CA LYS H 75 -36.70 18.53 0.67
C LYS H 75 -35.80 19.21 1.63
N VAL H 76 -34.54 18.76 1.68
CA VAL H 76 -33.58 19.33 2.61
C VAL H 76 -33.09 20.71 2.15
N LEU H 77 -32.75 20.85 0.88
CA LEU H 77 -32.28 22.14 0.33
C LEU H 77 -33.32 23.25 0.50
N CYS H 78 -34.59 22.90 0.33
N CYS H 78 -34.60 22.92 0.36
CA CYS H 78 -35.73 23.79 0.63
CA CYS H 78 -35.66 23.91 0.58
C CYS H 78 -35.59 24.47 1.99
C CYS H 78 -35.66 24.47 2.02
N LYS H 79 -35.20 23.70 2.99
CA LYS H 79 -35.13 24.19 4.36
C LYS H 79 -34.14 25.30 4.51
N PHE H 80 -33.11 25.29 3.66
CA PHE H 80 -32.10 26.36 3.59
C PHE H 80 -32.32 27.36 2.47
N SER H 81 -33.42 27.28 1.73
CA SER H 81 -33.73 28.21 0.63
C SER H 81 -32.85 28.02 -0.60
N LEU H 82 -32.22 26.85 -0.69
CA LEU H 82 -31.48 26.43 -1.88
C LEU H 82 -32.42 25.84 -2.94
N PHE H 83 -31.85 25.70 -4.12
CA PHE H 83 -32.56 25.35 -5.37
C PHE H 83 -32.18 23.94 -5.86
N THR H 84 -33.13 23.26 -6.46
CA THR H 84 -32.94 21.93 -7.04
C THR H 84 -33.39 21.86 -8.49
N ALA H 85 -32.43 21.60 -9.40
CA ALA H 85 -32.76 21.22 -10.82
C ALA H 85 -33.00 19.70 -10.80
N VAL H 86 -34.27 19.33 -10.79
CA VAL H 86 -34.66 17.94 -10.61
C VAL H 86 -34.25 17.15 -11.86
N HIS H 87 -33.73 15.94 -11.68
CA HIS H 87 -33.34 15.12 -12.80
C HIS H 87 -34.50 14.77 -13.75
N LYS H 88 -34.17 14.34 -14.95
CA LYS H 88 -35.19 14.10 -15.99
C LYS H 88 -35.71 12.65 -16.02
N HIS H 89 -35.48 11.89 -14.95
CA HIS H 89 -35.87 10.47 -14.93
C HIS H 89 -36.89 10.07 -13.86
N TYR H 90 -37.67 11.03 -13.38
CA TYR H 90 -38.82 10.72 -12.57
C TYR H 90 -40.08 10.67 -13.42
N SER H 91 -41.00 9.82 -13.02
CA SER H 91 -42.37 9.77 -13.59
C SER H 91 -43.25 10.90 -13.09
N LEU H 92 -44.33 11.16 -13.81
CA LEU H 92 -45.31 12.14 -13.38
C LEU H 92 -45.90 11.76 -12.06
N VAL H 93 -46.19 10.48 -11.89
CA VAL H 93 -46.70 10.01 -10.62
C VAL H 93 -45.75 10.40 -9.47
N GLN H 94 -44.46 10.17 -9.67
CA GLN H 94 -43.48 10.46 -8.68
C GLN H 94 -43.45 11.96 -8.34
N TRP H 95 -43.56 12.81 -9.35
CA TRP H 95 -43.62 14.28 -9.17
C TRP H 95 -44.87 14.69 -8.40
N GLN H 96 -46.00 14.09 -8.74
CA GLN H 96 -47.24 14.39 -8.05
C GLN H 96 -47.18 14.02 -6.57
N GLU H 97 -46.56 12.89 -6.27
CA GLU H 97 -46.35 12.47 -4.88
C GLU H 97 -45.52 13.46 -4.11
N PHE H 98 -44.43 13.93 -4.73
CA PHE H 98 -43.56 14.91 -4.10
C PHE H 98 -44.31 16.21 -3.86
N ALA H 99 -45.01 16.66 -4.89
CA ALA H 99 -45.74 17.92 -4.86
C ALA H 99 -46.89 17.88 -3.83
N GLY H 100 -47.58 16.76 -3.76
CA GLY H 100 -48.60 16.57 -2.74
C GLY H 100 -48.08 16.60 -1.31
N GLN H 101 -46.96 15.93 -1.06
CA GLN H 101 -46.39 15.85 0.29
C GLN H 101 -45.54 17.05 0.67
N ASN H 102 -45.10 17.83 -0.33
CA ASN H 102 -44.15 18.93 -0.11
C ASN H 102 -44.53 20.21 -0.84
N PRO H 103 -45.75 20.70 -0.60
CA PRO H 103 -46.26 21.82 -1.35
C PRO H 103 -45.46 23.10 -1.19
N ASP H 104 -44.75 23.24 -0.08
CA ASP H 104 -43.94 24.41 0.16
C ASP H 104 -42.54 24.33 -0.49
N CYS H 105 -42.20 23.21 -1.08
CA CYS H 105 -40.90 23.00 -1.71
C CYS H 105 -40.86 23.18 -3.20
N LEU H 106 -41.92 23.70 -3.76
CA LEU H 106 -42.06 23.66 -5.19
C LEU H 106 -41.51 24.91 -5.81
N GLU H 107 -41.28 25.96 -5.01
CA GLU H 107 -40.90 27.26 -5.58
C GLU H 107 -39.47 27.35 -6.09
N HIS H 108 -38.56 26.56 -5.54
CA HIS H 108 -37.18 26.52 -6.01
C HIS H 108 -36.80 25.18 -6.61
N LEU H 109 -37.64 24.73 -7.52
CA LEU H 109 -37.44 23.55 -8.33
C LEU H 109 -37.49 23.95 -9.79
N ALA H 110 -36.62 23.31 -10.57
CA ALA H 110 -36.75 23.31 -11.99
C ALA H 110 -37.01 21.89 -12.51
N ALA H 111 -37.84 21.79 -13.51
CA ALA H 111 -37.99 20.54 -14.27
C ALA H 111 -37.04 20.61 -15.45
N SER H 112 -36.40 19.48 -15.78
CA SER H 112 -35.31 19.42 -16.77
C SER H 112 -35.72 18.68 -18.05
N SER H 113 -35.04 19.02 -19.13
CA SER H 113 -35.27 18.36 -20.42
C SER H 113 -34.06 18.59 -21.31
N GLY H 114 -33.78 17.60 -22.15
CA GLY H 114 -32.97 17.84 -23.33
C GLY H 114 -33.86 18.21 -24.52
N THR H 115 -33.34 18.05 -25.73
CA THR H 115 -34.01 18.57 -26.92
C THR H 115 -34.94 17.57 -27.62
N GLY H 116 -34.91 16.29 -27.24
CA GLY H 116 -35.75 15.27 -27.94
C GLY H 116 -37.24 15.44 -27.64
N SER H 117 -38.09 14.94 -28.55
N SER H 117 -38.07 14.95 -28.56
CA SER H 117 -39.54 15.11 -28.44
CA SER H 117 -39.52 15.09 -28.49
C SER H 117 -40.06 14.47 -27.18
C SER H 117 -40.08 14.46 -27.23
N SER H 118 -39.54 13.30 -26.87
CA SER H 118 -39.98 12.57 -25.70
C SER H 118 -39.69 13.33 -24.40
N ASP H 119 -38.49 13.88 -24.33
CA ASP H 119 -38.05 14.75 -23.22
C ASP H 119 -38.97 15.98 -23.07
N PHE H 120 -39.23 16.64 -24.17
CA PHE H 120 -40.09 17.81 -24.15
C PHE H 120 -41.53 17.47 -23.73
N GLU H 121 -42.05 16.34 -24.21
CA GLU H 121 -43.39 15.88 -23.81
C GLU H 121 -43.53 15.59 -22.32
N GLN H 122 -42.55 14.89 -21.74
CA GLN H 122 -42.50 14.70 -20.27
C GLN H 122 -42.49 16.03 -19.52
N LEU H 123 -41.67 16.96 -19.99
CA LEU H 123 -41.59 18.29 -19.40
C LEU H 123 -42.95 19.01 -19.40
N GLU H 124 -43.60 19.03 -20.56
CA GLU H 124 -44.93 19.62 -20.72
C GLU H 124 -45.91 19.02 -19.74
N GLN H 125 -45.93 17.70 -19.62
CA GLN H 125 -46.85 17.07 -18.68
C GLN H 125 -46.58 17.47 -17.23
N ILE H 126 -45.31 17.46 -16.82
CA ILE H 126 -44.95 17.90 -15.47
C ILE H 126 -45.39 19.34 -15.26
N LEU H 127 -45.04 20.23 -16.18
CA LEU H 127 -45.40 21.62 -16.04
C LEU H 127 -46.88 21.86 -16.01
N GLU H 128 -47.63 21.07 -16.78
CA GLU H 128 -49.11 21.20 -16.82
C GLU H 128 -49.75 20.66 -15.53
N ALA H 129 -49.21 19.58 -14.97
CA ALA H 129 -49.78 18.91 -13.81
C ALA H 129 -49.39 19.57 -12.47
N ILE H 130 -48.24 20.24 -12.46
CA ILE H 130 -47.67 20.81 -11.26
C ILE H 130 -47.39 22.27 -11.62
N PRO H 131 -48.45 23.08 -11.63
CA PRO H 131 -48.33 24.45 -12.05
C PRO H 131 -47.45 25.35 -11.17
N GLN H 132 -47.16 24.89 -9.95
CA GLN H 132 -46.28 25.60 -9.04
C GLN H 132 -44.80 25.57 -9.45
N VAL H 133 -44.47 24.70 -10.40
CA VAL H 133 -43.13 24.61 -10.97
C VAL H 133 -42.96 25.67 -12.07
N LYS H 134 -42.08 26.62 -11.78
CA LYS H 134 -41.99 27.86 -12.55
C LYS H 134 -40.65 28.01 -13.27
N TYR H 135 -39.81 26.99 -13.17
CA TYR H 135 -38.49 27.03 -13.78
C TYR H 135 -38.29 25.82 -14.64
N ILE H 136 -37.57 26.03 -15.74
CA ILE H 136 -37.29 24.99 -16.75
C ILE H 136 -35.78 24.91 -16.95
N CYS H 137 -35.21 23.70 -16.88
CA CYS H 137 -33.77 23.51 -17.05
C CYS H 137 -33.52 22.74 -18.35
N LEU H 138 -33.18 23.47 -19.40
CA LEU H 138 -32.88 22.92 -20.73
C LEU H 138 -31.37 22.67 -20.78
N ASP H 139 -30.98 21.40 -20.78
CA ASP H 139 -29.59 21.06 -20.52
C ASP H 139 -29.17 20.11 -21.66
N VAL H 140 -28.09 20.45 -22.36
CA VAL H 140 -27.44 19.56 -23.29
C VAL H 140 -25.91 19.71 -23.07
N ALA H 141 -25.14 18.72 -23.51
CA ALA H 141 -23.68 18.76 -23.42
C ALA H 141 -23.16 19.91 -24.30
N ASN H 142 -23.69 20.02 -25.50
CA ASN H 142 -23.23 21.01 -26.47
C ASN H 142 -24.28 22.07 -26.81
N GLY H 143 -24.25 23.15 -26.04
CA GLY H 143 -25.17 24.23 -26.23
C GLY H 143 -24.79 25.11 -27.41
N TYR H 144 -23.78 24.72 -28.22
CA TYR H 144 -23.31 25.56 -29.30
C TYR H 144 -24.06 25.24 -30.59
N SER H 145 -24.82 24.16 -30.51
CA SER H 145 -25.61 23.65 -31.63
C SER H 145 -26.80 24.56 -32.02
N GLU H 146 -26.97 24.82 -33.31
CA GLU H 146 -28.16 25.48 -33.82
C GLU H 146 -29.49 24.85 -33.38
N HIS H 147 -29.50 23.52 -33.30
CA HIS H 147 -30.68 22.76 -32.96
C HIS H 147 -31.09 23.10 -31.54
N PHE H 148 -30.11 23.32 -30.67
CA PHE H 148 -30.39 23.73 -29.30
C PHE H 148 -30.94 25.17 -29.18
N VAL H 149 -30.36 26.09 -29.94
CA VAL H 149 -30.84 27.47 -30.03
C VAL H 149 -32.30 27.49 -30.43
N GLU H 150 -32.63 26.71 -31.43
CA GLU H 150 -34.00 26.66 -31.94
C GLU H 150 -34.95 26.01 -30.98
N PHE H 151 -34.46 25.02 -30.23
CA PHE H 151 -35.23 24.42 -29.14
C PHE H 151 -35.57 25.43 -28.06
N VAL H 152 -34.57 26.22 -27.69
CA VAL H 152 -34.77 27.24 -26.66
C VAL H 152 -35.88 28.19 -27.13
N LYS H 153 -35.86 28.55 -28.42
CA LYS H 153 -36.83 29.49 -28.98
C LYS H 153 -38.22 28.92 -28.86
N ASP H 154 -38.34 27.65 -29.22
CA ASP H 154 -39.58 26.90 -29.11
C ASP H 154 -40.10 26.76 -27.69
N VAL H 155 -39.21 26.50 -26.74
CA VAL H 155 -39.66 26.34 -25.36
C VAL H 155 -40.13 27.71 -24.83
N ARG H 156 -39.44 28.78 -25.20
CA ARG H 156 -39.88 30.13 -24.85
C ARG H 156 -41.27 30.46 -25.37
N LYS H 157 -41.53 30.12 -26.63
CA LYS H 157 -42.84 30.34 -27.25
C LYS H 157 -43.95 29.60 -26.48
N ARG H 158 -43.65 28.38 -26.03
CA ARG H 158 -44.64 27.50 -25.43
C ARG H 158 -44.90 27.87 -23.98
N PHE H 159 -43.89 28.39 -23.29
CA PHE H 159 -43.98 28.73 -21.85
C PHE H 159 -43.46 30.14 -21.60
N PRO H 160 -44.19 31.14 -22.10
CA PRO H 160 -43.67 32.51 -21.99
C PRO H 160 -43.46 33.01 -20.55
N GLN H 161 -44.14 32.47 -19.55
CA GLN H 161 -43.95 33.03 -18.20
C GLN H 161 -43.07 32.17 -17.30
N HIS H 162 -42.54 31.08 -17.85
CA HIS H 162 -41.60 30.24 -17.09
C HIS H 162 -40.17 30.75 -17.24
N THR H 163 -39.39 30.64 -16.19
CA THR H 163 -38.00 31.06 -16.22
C THR H 163 -37.15 29.89 -16.76
N ILE H 164 -36.31 30.17 -17.76
CA ILE H 164 -35.61 29.15 -18.53
C ILE H 164 -34.13 29.27 -18.31
N MET H 165 -33.58 28.21 -17.75
CA MET H 165 -32.17 28.01 -17.67
C MET H 165 -31.77 27.17 -18.91
N ALA H 166 -30.68 27.55 -19.57
CA ALA H 166 -30.23 26.80 -20.75
C ALA H 166 -28.73 26.75 -20.83
N GLY H 167 -28.24 25.57 -21.14
CA GLY H 167 -26.81 25.36 -21.37
C GLY H 167 -26.50 23.98 -21.88
N ASN H 168 -25.22 23.66 -22.08
CA ASN H 168 -24.13 24.47 -21.58
C ASN H 168 -23.24 25.08 -22.66
N VAL H 169 -22.70 26.24 -22.35
CA VAL H 169 -21.77 26.96 -23.16
C VAL H 169 -20.68 27.53 -22.26
N VAL H 170 -19.62 28.09 -22.85
CA VAL H 170 -18.49 28.65 -22.07
C VAL H 170 -18.01 30.00 -22.59
N THR H 171 -18.66 30.52 -23.63
CA THR H 171 -18.22 31.80 -24.21
C THR H 171 -19.34 32.82 -24.44
N GLY H 172 -18.98 34.11 -24.48
CA GLY H 172 -20.00 35.16 -24.47
C GLY H 172 -20.91 35.27 -25.66
N GLU H 173 -20.40 35.01 -26.87
CA GLU H 173 -21.24 35.11 -28.05
C GLU H 173 -22.41 34.12 -27.93
N MET H 174 -22.18 32.96 -27.35
CA MET H 174 -23.22 31.97 -27.26
C MET H 174 -24.20 32.25 -26.09
N VAL H 175 -23.67 32.77 -24.98
CA VAL H 175 -24.50 33.32 -23.92
C VAL H 175 -25.46 34.37 -24.50
N GLU H 176 -24.94 35.35 -25.23
CA GLU H 176 -25.82 36.34 -25.85
C GLU H 176 -26.88 35.75 -26.73
N GLU H 177 -26.51 34.90 -27.67
CA GLU H 177 -27.50 34.30 -28.55
C GLU H 177 -28.58 33.54 -27.81
N LEU H 178 -28.19 32.80 -26.77
CA LEU H 178 -29.16 32.01 -26.01
C LEU H 178 -30.14 32.90 -25.26
N ILE H 179 -29.65 33.99 -24.74
CA ILE H 179 -30.51 34.93 -24.00
C ILE H 179 -31.44 35.64 -24.99
N LEU H 180 -30.87 36.04 -26.12
CA LEU H 180 -31.65 36.68 -27.19
C LEU H 180 -32.66 35.73 -27.85
N SER H 181 -32.43 34.43 -27.76
CA SER H 181 -33.37 33.43 -28.20
C SER H 181 -34.41 33.06 -27.16
N GLY H 182 -34.29 33.56 -25.93
CA GLY H 182 -35.36 33.42 -24.93
C GLY H 182 -34.94 32.88 -23.58
N ALA H 183 -33.75 32.31 -23.44
CA ALA H 183 -33.38 31.83 -22.09
C ALA H 183 -33.17 33.00 -21.15
N ASP H 184 -33.46 32.75 -19.89
CA ASP H 184 -33.16 33.74 -18.86
C ASP H 184 -31.79 33.61 -18.22
N ILE H 185 -31.40 32.36 -17.97
CA ILE H 185 -30.27 32.03 -17.14
C ILE H 185 -29.44 31.07 -17.98
N ILE H 186 -28.18 31.40 -18.24
CA ILE H 186 -27.34 30.51 -19.03
C ILE H 186 -26.42 29.72 -18.15
N LYS H 187 -26.37 28.43 -18.44
CA LYS H 187 -25.60 27.47 -17.66
C LYS H 187 -24.22 27.32 -18.33
N VAL H 188 -23.19 27.62 -17.56
CA VAL H 188 -21.82 27.77 -18.02
C VAL H 188 -20.92 26.67 -17.51
N GLY H 189 -20.30 25.94 -18.45
CA GLY H 189 -19.20 25.04 -18.15
C GLY H 189 -19.19 23.91 -19.17
N ILE H 190 -18.06 23.64 -19.80
CA ILE H 190 -17.91 22.46 -20.67
C ILE H 190 -16.68 21.75 -20.16
N GLY H 191 -16.91 20.56 -19.64
CA GLY H 191 -15.87 19.76 -19.07
C GLY H 191 -15.24 19.97 -17.70
N PRO H 192 -15.71 20.92 -16.86
CA PRO H 192 -15.09 21.06 -15.53
C PRO H 192 -15.52 20.04 -14.47
N GLY H 193 -16.56 19.24 -14.76
CA GLY H 193 -17.22 18.42 -13.74
C GLY H 193 -16.38 17.27 -13.23
N SER H 194 -16.57 17.03 -11.94
CA SER H 194 -15.81 16.04 -11.18
C SER H 194 -15.89 14.62 -11.82
N VAL H 195 -17.01 14.30 -12.48
CA VAL H 195 -17.16 12.98 -13.16
C VAL H 195 -17.27 13.07 -14.68
N CYS H 196 -16.88 14.24 -15.20
CA CYS H 196 -16.83 14.52 -16.63
C CYS H 196 -15.49 14.03 -17.21
N THR H 197 -15.58 13.38 -18.36
CA THR H 197 -14.41 13.06 -19.20
C THR H 197 -14.37 13.71 -20.58
N THR H 198 -15.26 14.68 -20.82
CA THR H 198 -15.31 15.41 -22.08
C THR H 198 -13.92 15.87 -22.49
N ARG H 199 -13.16 16.45 -21.56
CA ARG H 199 -11.87 16.98 -21.96
C ARG H 199 -10.90 15.90 -22.34
N LYS H 200 -10.91 14.74 -21.65
CA LYS H 200 -10.05 13.60 -22.07
C LYS H 200 -10.45 12.96 -23.39
N LYS H 201 -11.75 12.96 -23.66
CA LYS H 201 -12.24 12.34 -24.86
C LYS H 201 -12.22 13.22 -26.12
N THR H 202 -12.32 14.54 -25.94
CA THR H 202 -12.52 15.47 -27.06
C THR H 202 -11.51 16.63 -27.09
N GLY H 203 -10.86 16.91 -25.96
CA GLY H 203 -9.96 18.03 -25.91
C GLY H 203 -10.66 19.39 -25.83
N VAL H 204 -12.00 19.39 -25.77
CA VAL H 204 -12.78 20.63 -25.74
C VAL H 204 -13.05 21.11 -24.30
N GLY H 205 -12.90 22.40 -24.09
CA GLY H 205 -13.26 22.99 -22.79
C GLY H 205 -12.79 24.38 -22.68
N TYR H 206 -12.90 24.90 -21.44
CA TYR H 206 -12.51 26.29 -21.13
C TYR H 206 -12.37 26.31 -19.61
N PRO H 207 -11.25 26.85 -19.11
CA PRO H 207 -11.06 27.05 -17.67
C PRO H 207 -12.23 27.76 -17.02
N GLN H 208 -12.73 27.19 -15.94
CA GLN H 208 -14.07 27.53 -15.47
C GLN H 208 -14.16 28.94 -14.90
N LEU H 209 -13.14 29.40 -14.20
CA LEU H 209 -13.22 30.74 -13.61
C LEU H 209 -13.26 31.79 -14.69
N SER H 210 -12.39 31.62 -15.67
CA SER H 210 -12.39 32.45 -16.85
C SER H 210 -13.70 32.42 -17.63
N ALA H 211 -14.28 31.21 -17.79
CA ALA H 211 -15.60 31.10 -18.44
C ALA H 211 -16.64 31.89 -17.68
N VAL H 212 -16.62 31.75 -16.37
CA VAL H 212 -17.58 32.51 -15.54
C VAL H 212 -17.43 34.03 -15.72
N MET H 213 -16.20 34.53 -15.69
CA MET H 213 -15.98 35.96 -15.80
C MET H 213 -16.49 36.51 -17.12
N GLU H 214 -16.17 35.80 -18.20
CA GLU H 214 -16.52 36.23 -19.54
C GLU H 214 -18.02 36.12 -19.75
N CYS H 215 -18.59 35.00 -19.32
CA CYS H 215 -20.01 34.75 -19.54
C CYS H 215 -20.90 35.65 -18.65
N ALA H 216 -20.46 35.94 -17.45
CA ALA H 216 -21.19 36.84 -16.56
C ALA H 216 -21.27 38.23 -17.18
N ASP H 217 -20.15 38.75 -17.65
CA ASP H 217 -20.18 40.01 -18.33
C ASP H 217 -21.11 40.05 -19.53
N ALA H 218 -21.01 39.06 -20.40
CA ALA H 218 -21.95 38.91 -21.53
C ALA H 218 -23.43 38.89 -21.06
N ALA H 219 -23.74 38.03 -20.10
CA ALA H 219 -25.10 37.89 -19.61
C ALA H 219 -25.61 39.16 -18.99
N HIS H 220 -24.78 39.77 -18.16
CA HIS H 220 -25.21 40.98 -17.45
C HIS H 220 -25.40 42.18 -18.34
N GLY H 221 -24.69 42.26 -19.47
CA GLY H 221 -24.89 43.31 -20.43
C GLY H 221 -26.27 43.27 -21.06
N LEU H 222 -26.93 42.12 -21.01
CA LEU H 222 -28.27 41.98 -21.56
C LEU H 222 -29.30 41.91 -20.45
N LYS H 223 -28.89 42.15 -19.21
CA LYS H 223 -29.74 41.97 -18.03
C LYS H 223 -30.20 40.53 -17.83
N GLY H 224 -29.39 39.60 -18.32
CA GLY H 224 -29.58 38.19 -17.94
C GLY H 224 -28.67 37.74 -16.83
N HIS H 225 -28.68 36.41 -16.62
CA HIS H 225 -28.00 35.77 -15.52
C HIS H 225 -27.33 34.48 -15.98
N ILE H 226 -26.37 34.02 -15.17
CA ILE H 226 -25.69 32.76 -15.39
C ILE H 226 -25.61 31.91 -14.18
N ILE H 227 -25.44 30.62 -14.46
CA ILE H 227 -25.07 29.61 -13.50
C ILE H 227 -23.68 29.09 -13.79
N SER H 228 -22.82 29.09 -12.78
CA SER H 228 -21.52 28.39 -12.88
C SER H 228 -21.76 26.92 -12.61
N ASP H 229 -21.69 26.11 -13.66
CA ASP H 229 -22.03 24.69 -13.55
C ASP H 229 -20.76 23.78 -13.67
N GLY H 230 -20.39 23.20 -12.52
CA GLY H 230 -19.34 22.23 -12.42
C GLY H 230 -18.00 22.75 -11.92
N GLY H 231 -17.23 21.83 -11.35
CA GLY H 231 -15.84 22.14 -11.02
C GLY H 231 -15.57 22.70 -9.63
N CYS H 232 -16.64 22.87 -8.87
CA CYS H 232 -16.48 23.30 -7.47
C CYS H 232 -16.26 22.05 -6.62
N SER H 233 -15.16 22.00 -5.89
CA SER H 233 -14.97 20.83 -5.03
C SER H 233 -14.80 21.23 -3.54
N CYS H 234 -14.93 22.52 -3.26
CA CYS H 234 -14.95 23.02 -1.88
C CYS H 234 -15.77 24.31 -1.82
N PRO H 235 -16.16 24.72 -0.61
CA PRO H 235 -16.94 25.95 -0.52
C PRO H 235 -16.20 27.16 -1.05
N GLY H 236 -14.88 27.21 -0.93
CA GLY H 236 -14.14 28.36 -1.48
C GLY H 236 -14.28 28.49 -3.00
N ASP H 237 -14.41 27.36 -3.68
CA ASP H 237 -14.68 27.34 -5.12
C ASP H 237 -16.01 28.00 -5.45
N VAL H 238 -17.04 27.73 -4.61
CA VAL H 238 -18.35 28.30 -4.79
C VAL H 238 -18.29 29.80 -4.58
N ALA H 239 -17.54 30.18 -3.57
CA ALA H 239 -17.34 31.61 -3.28
C ALA H 239 -16.60 32.35 -4.41
N LYS H 240 -15.58 31.71 -4.96
CA LYS H 240 -14.83 32.23 -6.12
C LYS H 240 -15.72 32.39 -7.33
N ALA H 241 -16.60 31.45 -7.57
CA ALA H 241 -17.48 31.59 -8.73
C ALA H 241 -18.43 32.78 -8.53
N PHE H 242 -19.00 32.90 -7.32
CA PHE H 242 -19.83 34.07 -7.02
C PHE H 242 -19.03 35.36 -7.18
N GLY H 243 -17.80 35.37 -6.67
CA GLY H 243 -17.00 36.54 -6.75
C GLY H 243 -16.64 36.97 -8.14
N ALA H 244 -16.58 35.98 -9.04
CA ALA H 244 -16.35 36.19 -10.47
C ALA H 244 -17.59 36.66 -11.22
N GLY H 245 -18.75 36.63 -10.59
CA GLY H 245 -19.93 37.17 -11.21
C GLY H 245 -21.08 36.22 -11.43
N ALA H 246 -20.87 34.96 -11.15
CA ALA H 246 -21.95 33.97 -11.30
C ALA H 246 -23.11 34.37 -10.45
N ASP H 247 -24.31 34.33 -11.03
CA ASP H 247 -25.53 34.62 -10.28
C ASP H 247 -25.93 33.44 -9.38
N PHE H 248 -25.76 32.25 -9.94
CA PHE H 248 -26.01 30.97 -9.27
C PHE H 248 -24.79 30.10 -9.46
N VAL H 249 -24.64 29.11 -8.56
CA VAL H 249 -23.62 28.09 -8.65
C VAL H 249 -24.33 26.71 -8.59
N MET H 250 -23.99 25.85 -9.55
CA MET H 250 -24.56 24.49 -9.57
C MET H 250 -23.52 23.46 -9.12
N LEU H 251 -23.99 22.53 -8.31
CA LEU H 251 -23.12 21.51 -7.68
C LEU H 251 -23.61 20.12 -7.92
N GLY H 252 -22.70 19.29 -8.37
CA GLY H 252 -22.93 17.85 -8.50
C GLY H 252 -22.17 17.09 -7.38
N GLY H 253 -20.86 16.95 -7.57
CA GLY H 253 -19.99 16.10 -6.75
C GLY H 253 -20.07 16.45 -5.29
N MET H 254 -20.15 17.74 -5.01
CA MET H 254 -20.22 18.15 -3.57
C MET H 254 -21.49 17.67 -2.88
N LEU H 255 -22.54 17.44 -3.66
CA LEU H 255 -23.80 16.96 -3.10
C LEU H 255 -23.96 15.42 -3.34
N ALA H 256 -23.07 14.78 -4.05
CA ALA H 256 -23.12 13.33 -4.22
C ALA H 256 -22.72 12.61 -2.89
N GLY H 257 -23.14 11.35 -2.70
CA GLY H 257 -22.66 10.49 -1.59
C GLY H 257 -23.33 10.72 -0.24
N HIS H 258 -24.43 11.49 -0.25
CA HIS H 258 -25.24 11.68 0.93
C HIS H 258 -26.42 10.72 0.98
N SER H 259 -27.09 10.69 2.15
CA SER H 259 -28.34 9.97 2.37
C SER H 259 -29.39 10.32 1.33
N GLU H 260 -29.51 11.59 1.03
CA GLU H 260 -30.51 12.10 0.12
C GLU H 260 -30.12 11.98 -1.37
N SER H 261 -28.83 11.74 -1.61
CA SER H 261 -28.32 11.49 -2.96
C SER H 261 -28.84 10.20 -3.54
N GLY H 262 -28.95 10.17 -4.87
CA GLY H 262 -29.12 8.92 -5.57
C GLY H 262 -27.84 8.12 -5.61
N GLY H 263 -27.86 7.01 -6.30
CA GLY H 263 -26.66 6.15 -6.41
C GLY H 263 -26.75 5.01 -5.42
N GLU H 264 -26.41 3.81 -5.86
CA GLU H 264 -26.52 2.68 -4.96
C GLU H 264 -25.60 2.85 -3.78
N LEU H 265 -26.09 2.48 -2.59
CA LEU H 265 -25.25 2.39 -1.41
C LEU H 265 -24.56 1.04 -1.47
N ILE H 266 -23.24 1.06 -1.43
CA ILE H 266 -22.47 -0.17 -1.47
C ILE H 266 -21.63 -0.31 -0.20
N GLU H 267 -21.82 -1.39 0.55
CA GLU H 267 -20.99 -1.64 1.71
C GLU H 267 -20.04 -2.73 1.40
N ARG H 268 -18.75 -2.39 1.34
CA ARG H 268 -17.76 -3.36 0.97
C ARG H 268 -16.52 -3.12 1.79
N ASP H 269 -15.93 -4.23 2.18
CA ASP H 269 -14.73 -4.23 3.01
C ASP H 269 -14.88 -3.32 4.24
N GLY H 270 -16.05 -3.38 4.83
CA GLY H 270 -16.32 -2.70 6.07
C GLY H 270 -16.52 -1.20 5.96
N LYS H 271 -16.62 -0.68 4.73
CA LYS H 271 -16.86 0.75 4.46
C LYS H 271 -18.10 0.94 3.59
N LYS H 272 -18.67 2.14 3.60
CA LYS H 272 -19.88 2.47 2.84
C LYS H 272 -19.50 3.48 1.78
N TYR H 273 -20.03 3.26 0.56
CA TYR H 273 -19.87 4.16 -0.57
C TYR H 273 -21.22 4.37 -1.24
N LYS H 274 -21.31 5.46 -1.99
CA LYS H 274 -22.37 5.63 -2.97
C LYS H 274 -21.82 5.84 -4.36
N LEU H 275 -22.48 5.20 -5.33
CA LEU H 275 -22.17 5.47 -6.72
C LEU H 275 -22.50 6.92 -7.09
N PHE H 276 -21.63 7.49 -7.92
CA PHE H 276 -21.83 8.77 -8.53
C PHE H 276 -21.20 8.71 -9.93
N TYR H 277 -21.95 9.15 -10.94
CA TYR H 277 -21.52 8.92 -12.33
C TYR H 277 -22.02 10.02 -13.23
N GLY H 278 -21.27 10.22 -14.31
CA GLY H 278 -21.62 11.25 -15.29
C GLY H 278 -22.85 10.85 -16.05
N MET H 279 -23.64 11.82 -16.43
CA MET H 279 -24.82 11.52 -17.19
C MET H 279 -24.51 11.07 -18.65
N SER H 280 -23.26 11.18 -19.07
CA SER H 280 -22.85 10.56 -20.35
C SER H 280 -21.84 9.46 -20.17
N SER H 281 -21.78 8.91 -18.97
CA SER H 281 -21.00 7.72 -18.68
C SER H 281 -21.71 6.50 -19.31
N GLU H 282 -20.96 5.42 -19.47
CA GLU H 282 -21.49 4.12 -19.83
C GLU H 282 -22.54 3.63 -18.83
N MET H 283 -22.37 3.90 -17.53
CA MET H 283 -23.36 3.52 -16.54
C MET H 283 -24.67 4.20 -16.81
N ALA H 284 -24.64 5.51 -17.06
CA ALA H 284 -25.86 6.22 -17.37
C ALA H 284 -26.53 5.77 -18.70
N MET H 285 -25.77 5.62 -19.78
CA MET H 285 -26.34 5.26 -21.07
C MET H 285 -26.91 3.87 -21.02
N LYS H 286 -26.28 3.00 -20.23
CA LYS H 286 -26.82 1.61 -20.14
C LYS H 286 -28.18 1.70 -19.44
N LYS H 287 -28.29 2.64 -18.51
CA LYS H 287 -29.47 2.83 -17.68
C LYS H 287 -30.59 3.45 -18.48
N TYR H 288 -30.32 4.48 -19.27
CA TYR H 288 -31.38 5.25 -19.90
C TYR H 288 -31.43 5.20 -21.44
N ALA H 289 -30.42 4.63 -22.10
CA ALA H 289 -30.42 4.58 -23.58
C ALA H 289 -30.29 3.15 -24.10
N GLY H 290 -30.40 2.18 -23.21
CA GLY H 290 -30.15 0.78 -23.55
C GLY H 290 -28.72 0.47 -23.97
N GLY H 291 -27.79 1.40 -23.73
CA GLY H 291 -26.38 1.16 -24.06
C GLY H 291 -25.73 2.34 -24.74
N VAL H 292 -24.50 2.12 -25.23
CA VAL H 292 -23.72 3.21 -25.84
C VAL H 292 -23.80 3.02 -27.34
N ALA H 293 -24.36 4.00 -28.05
CA ALA H 293 -24.52 3.89 -29.51
C ALA H 293 -23.15 3.81 -30.19
N GLU H 294 -23.06 3.02 -31.27
CA GLU H 294 -21.79 2.72 -31.94
C GLU H 294 -20.88 3.94 -32.13
N TYR H 295 -21.47 5.10 -32.48
CA TYR H 295 -20.72 6.29 -32.87
C TYR H 295 -20.36 7.24 -31.72
N ARG H 296 -20.78 6.93 -30.49
CA ARG H 296 -20.58 7.80 -29.31
C ARG H 296 -19.46 7.23 -28.50
N ALA H 297 -18.75 8.10 -27.78
CA ALA H 297 -17.86 7.67 -26.73
C ALA H 297 -18.53 8.10 -25.44
N SER H 298 -18.24 7.39 -24.35
CA SER H 298 -18.73 7.83 -23.05
C SER H 298 -17.90 9.09 -22.74
N GLU H 299 -18.53 10.11 -22.20
CA GLU H 299 -17.85 11.31 -21.78
C GLU H 299 -18.13 11.61 -20.31
N GLY H 300 -18.41 10.55 -19.56
CA GLY H 300 -18.51 10.65 -18.10
C GLY H 300 -17.94 9.39 -17.47
N LYS H 301 -17.54 9.45 -16.21
CA LYS H 301 -17.04 8.25 -15.53
C LYS H 301 -17.88 7.96 -14.25
N THR H 302 -17.59 6.84 -13.64
CA THR H 302 -18.22 6.41 -12.40
C THR H 302 -17.18 6.43 -11.31
N VAL H 303 -17.58 6.91 -10.14
CA VAL H 303 -16.78 6.81 -8.94
C VAL H 303 -17.64 6.26 -7.78
N GLU H 304 -16.99 5.78 -6.75
CA GLU H 304 -17.68 5.40 -5.53
C GLU H 304 -17.21 6.43 -4.50
N VAL H 305 -18.16 7.22 -4.05
CA VAL H 305 -17.94 8.26 -3.04
C VAL H 305 -18.11 7.67 -1.63
N PRO H 306 -17.08 7.81 -0.76
CA PRO H 306 -17.34 7.42 0.63
C PRO H 306 -18.57 8.10 1.18
N PHE H 307 -19.43 7.32 1.81
CA PHE H 307 -20.70 7.78 2.30
C PHE H 307 -20.56 8.98 3.24
N LYS H 308 -21.31 10.04 2.95
CA LYS H 308 -21.16 11.28 3.70
C LYS H 308 -22.22 11.53 4.77
N GLY H 309 -23.30 10.75 4.81
CA GLY H 309 -24.32 10.99 5.81
C GLY H 309 -25.31 12.00 5.27
N ASP H 310 -25.95 12.75 6.16
CA ASP H 310 -27.04 13.60 5.80
C ASP H 310 -26.52 14.90 5.19
N VAL H 311 -27.19 15.37 4.15
CA VAL H 311 -26.66 16.50 3.37
C VAL H 311 -26.74 17.84 4.12
N GLU H 312 -27.62 17.93 5.10
CA GLU H 312 -27.74 19.16 5.91
C GLU H 312 -26.38 19.62 6.47
N HIS H 313 -25.53 18.67 6.85
CA HIS H 313 -24.21 19.06 7.39
C HIS H 313 -23.32 19.70 6.34
N THR H 314 -23.46 19.17 5.12
CA THR H 314 -22.70 19.67 3.99
C THR H 314 -23.20 21.07 3.59
N ILE H 315 -24.51 21.25 3.59
CA ILE H 315 -25.07 22.56 3.26
C ILE H 315 -24.59 23.62 4.27
N ARG H 316 -24.60 23.29 5.54
CA ARG H 316 -24.09 24.23 6.57
C ARG H 316 -22.61 24.52 6.39
N ASP H 317 -21.82 23.54 5.98
CA ASP H 317 -20.38 23.74 5.72
C ASP H 317 -20.23 24.71 4.55
N ILE H 318 -20.97 24.50 3.45
CA ILE H 318 -20.83 25.37 2.29
C ILE H 318 -21.27 26.76 2.63
N LEU H 319 -22.47 26.91 3.22
CA LEU H 319 -22.96 28.27 3.53
C LEU H 319 -22.05 28.99 4.54
N GLY H 320 -21.52 28.29 5.53
CA GLY H 320 -20.66 28.88 6.54
C GLY H 320 -19.38 29.38 5.94
N GLY H 321 -18.87 28.66 4.96
CA GLY H 321 -17.63 29.06 4.22
C GLY H 321 -17.84 30.38 3.47
N ILE H 322 -18.98 30.46 2.77
CA ILE H 322 -19.31 31.64 1.99
C ILE H 322 -19.62 32.83 2.89
N ARG H 323 -20.28 32.64 4.06
CA ARG H 323 -20.40 33.75 5.02
C ARG H 323 -19.04 34.30 5.42
N SER H 324 -18.13 33.37 5.65
CA SER H 324 -16.80 33.72 6.05
C SER H 324 -16.13 34.56 4.92
N THR H 325 -16.18 34.10 3.69
CA THR H 325 -15.70 34.88 2.54
C THR H 325 -16.23 36.30 2.57
N CYS H 326 -17.55 36.45 2.73
CA CYS H 326 -18.16 37.75 2.77
C CYS H 326 -17.66 38.60 3.91
N THR H 327 -17.47 38.04 5.11
CA THR H 327 -16.89 38.83 6.20
C THR H 327 -15.46 39.32 5.90
N TYR H 328 -14.70 38.51 5.20
CA TYR H 328 -13.31 38.81 4.91
C TYR H 328 -13.17 39.94 3.88
N VAL H 329 -14.14 40.05 2.95
CA VAL H 329 -14.07 41.10 1.91
C VAL H 329 -15.02 42.28 2.14
N GLY H 330 -15.79 42.23 3.24
CA GLY H 330 -16.69 43.27 3.67
C GLY H 330 -18.04 43.32 2.98
N ALA H 331 -18.50 42.18 2.50
CA ALA H 331 -19.86 42.06 1.87
C ALA H 331 -20.92 41.65 2.91
N ALA H 332 -21.90 42.50 3.17
CA ALA H 332 -22.91 42.16 4.18
C ALA H 332 -23.94 41.24 3.59
N LYS H 333 -24.00 41.21 2.25
CA LYS H 333 -24.97 40.46 1.47
C LYS H 333 -24.26 39.84 0.29
N LEU H 334 -24.71 38.70 -0.15
CA LEU H 334 -24.08 38.05 -1.30
C LEU H 334 -24.03 38.93 -2.54
N LYS H 335 -25.05 39.74 -2.74
CA LYS H 335 -25.07 40.63 -3.93
C LYS H 335 -23.85 41.59 -4.02
N GLU H 336 -23.21 41.86 -2.90
CA GLU H 336 -22.01 42.70 -2.84
C GLU H 336 -20.68 41.95 -3.09
N LEU H 337 -20.71 40.63 -3.06
CA LEU H 337 -19.48 39.84 -3.12
C LEU H 337 -18.69 40.13 -4.38
N SER H 338 -19.31 40.00 -5.56
CA SER H 338 -18.55 40.23 -6.80
C SER H 338 -17.98 41.66 -6.88
N ARG H 339 -18.74 42.66 -6.46
CA ARG H 339 -18.19 44.05 -6.47
C ARG H 339 -17.00 44.24 -5.50
N ARG H 340 -16.97 43.46 -4.43
CA ARG H 340 -15.95 43.50 -3.42
C ARG H 340 -14.81 42.52 -3.64
N THR H 341 -14.80 41.81 -4.77
CA THR H 341 -13.87 40.73 -5.05
C THR H 341 -12.69 41.24 -5.86
N THR H 342 -11.50 41.13 -5.29
CA THR H 342 -10.27 41.32 -6.00
C THR H 342 -9.50 40.00 -5.95
N PHE H 343 -9.31 39.34 -7.11
CA PHE H 343 -8.58 38.09 -7.16
C PHE H 343 -7.08 38.30 -7.13
N ILE H 344 -6.39 37.45 -6.41
CA ILE H 344 -4.93 37.43 -6.37
C ILE H 344 -4.53 36.12 -7.07
N ARG H 345 -3.62 36.16 -8.04
CA ARG H 345 -3.14 34.96 -8.72
C ARG H 345 -2.12 34.26 -7.89
N VAL H 346 -2.25 32.94 -7.79
CA VAL H 346 -1.33 32.14 -6.95
C VAL H 346 -0.50 31.15 -7.76
#